data_8V6M
#
_entry.id   8V6M
#
_cell.length_a   1.00
_cell.length_b   1.00
_cell.length_c   1.00
_cell.angle_alpha   90.00
_cell.angle_beta   90.00
_cell.angle_gamma   90.00
#
_symmetry.space_group_name_H-M   'P 1'
#
loop_
_entity.id
_entity.type
_entity.pdbx_description
1 polymer 'Transient receptor potential cation channel subfamily V member 3'
2 non-polymer '(2S)-3-(hexadecanoyloxy)-2-[(9Z)-octadec-9-enoyloxy]propyl 2-(trimethylammonio)ethyl phosphate'
3 non-polymer Tetrahydrocannabivarin
4 non-polymer 'SODIUM ION'
#
_entity_poly.entity_id   1
_entity_poly.type   'polypeptide(L)'
_entity_poly.pdbx_seq_one_letter_code
;MKAHPKEMVPLMGKRVAAPSGNPAILPEKRPAEITPTKKSAHFFLEIEGFEPNPTVAKTSPPVFSKPMDSNIRQCISGNC
DDMDSPQSPQDDVTETPSNPNSPSAQLAKEEQRRKKRRLKKRIFAAVSEGCVEELVELLVELQELCRRRHDEDVPDFLMH
KLTASDTGKTCLMKALLNINPNTKEIVRILLAFAEENDILGRFINAEYTEEAYEGQTALNIAIERRQGDIAALLIAAGAD
VNAHAKGAFFNPKYQHEGFYFGETPLALAACTNQPEIVQLLMEHEQTDITSRDSRGNNILHALVTVAEDFKTQNDFVKRM
YDMILLRSGNWELETTRNNDGLTPLQLAAKMGKAEILKYILSREIKEKRLRSLSRKFTDWAYGPVSSSLYDLTNVDTTTD
NSVLEITVYNTNIDNRHEMLTLEPLHTLLHMKWKKFAKHMFFLSFCFYFFYNITLTLVSYYRPREEEAIPHPLALTHKMG
WLQLLGRMFVLIWAMCISVKEGIAIFLLRPSDLQSILSDAWFHFVFFIQAVLVILSVFLYLFAYKEYLACLVLAMALGWA
NMLYYTRGFQSMGMYSVMIQKVILHDVLKFLFVYIVFLLGFGVALASLIEKCPKDNKDCSSYGSFSDAVLELFKLTIGLG
DLNIQQNSKYPILFLFLLITYVILTFVLLLNMLIALMGETVENVSKESERIWRLQRARTILEFEKMLPEWLRSRFRMGEL
CKVAEDDFRLCLRINEVKWTEWKTHVSFLNEDPGPVRRTADFNKIQDSSRNNSKTTLNAFEEVEEFPETSVLVPRGSAAA
WSHPQFEK
;
_entity_poly.pdbx_strand_id   A,B,C,D
#
loop_
_chem_comp.id
_chem_comp.type
_chem_comp.name
_chem_comp.formula
I8E non-polymer Tetrahydrocannabivarin 'C19 H26 O2'
NA non-polymer 'SODIUM ION' 'Na 1'
POV non-polymer '(2S)-3-(hexadecanoyloxy)-2-[(9Z)-octadec-9-enoyloxy]propyl 2-(trimethylammonio)ethyl phosphate' 'C42 H82 N O8 P'
#
# COMPACT_ATOMS: atom_id res chain seq x y z
N ARG A 117 54.40 -3.16 48.29
CA ARG A 117 53.78 -2.88 46.96
C ARG A 117 53.17 -1.47 46.88
N ARG A 118 53.69 -0.54 47.68
CA ARG A 118 53.22 0.84 47.63
C ARG A 118 53.62 1.50 46.32
N LEU A 119 54.86 1.26 45.89
CA LEU A 119 55.32 1.78 44.61
C LEU A 119 54.55 1.17 43.44
N LYS A 120 54.04 -0.06 43.62
CA LYS A 120 53.29 -0.72 42.56
C LYS A 120 51.91 -0.08 42.38
N LYS A 121 51.16 0.02 43.48
CA LYS A 121 49.79 0.53 43.41
C LYS A 121 49.75 1.97 42.93
N ARG A 122 50.78 2.75 43.26
CA ARG A 122 50.75 4.18 42.96
C ARG A 122 51.06 4.44 41.49
N ILE A 123 51.91 3.60 40.88
CA ILE A 123 52.19 3.75 39.45
C ILE A 123 50.97 3.36 38.63
N PHE A 124 50.21 2.35 39.10
CA PHE A 124 48.94 2.01 38.45
C PHE A 124 47.99 3.19 38.49
N ALA A 125 47.95 3.90 39.61
CA ALA A 125 47.13 5.11 39.70
C ALA A 125 47.71 6.23 38.83
N ALA A 126 49.00 6.18 38.52
CA ALA A 126 49.63 7.23 37.74
C ALA A 126 49.24 7.12 36.26
N VAL A 127 49.34 5.91 35.71
CA VAL A 127 48.98 5.70 34.30
C VAL A 127 47.48 5.93 34.10
N SER A 128 46.69 5.71 35.15
CA SER A 128 45.24 5.86 35.07
C SER A 128 44.83 7.29 34.74
N GLU A 129 45.21 8.23 35.61
CA GLU A 129 44.74 9.60 35.49
C GLU A 129 45.32 10.30 34.26
N GLY A 130 46.64 10.33 34.15
CA GLY A 130 47.34 11.06 33.11
C GLY A 130 48.42 11.98 33.65
N CYS A 131 48.79 11.81 34.92
CA CYS A 131 49.82 12.63 35.57
C CYS A 131 51.20 12.16 35.12
N VAL A 132 51.74 12.86 34.13
CA VAL A 132 53.04 12.47 33.58
C VAL A 132 54.15 12.85 34.53
N GLU A 133 54.05 14.02 35.18
CA GLU A 133 55.10 14.46 36.10
C GLU A 133 55.19 13.51 37.28
N GLU A 134 54.04 13.12 37.83
CA GLU A 134 54.03 12.19 38.96
C GLU A 134 54.54 10.81 38.56
N LEU A 135 54.43 10.46 37.27
CA LEU A 135 54.96 9.20 36.79
C LEU A 135 56.48 9.23 36.74
N VAL A 136 57.04 10.31 36.19
CA VAL A 136 58.50 10.43 36.07
C VAL A 136 59.15 10.46 37.44
N GLU A 137 58.43 10.94 38.46
CA GLU A 137 58.95 10.95 39.82
C GLU A 137 59.19 9.53 40.31
N LEU A 138 58.16 8.68 40.24
CA LEU A 138 58.32 7.29 40.67
C LEU A 138 59.09 6.48 39.65
N LEU A 139 59.15 6.95 38.40
CA LEU A 139 60.02 6.32 37.41
C LEU A 139 61.46 6.29 37.90
N VAL A 140 61.91 7.39 38.51
CA VAL A 140 63.26 7.44 39.04
C VAL A 140 63.39 6.52 40.24
N GLU A 141 62.37 6.48 41.09
CA GLU A 141 62.46 5.72 42.34
C GLU A 141 62.63 4.23 42.05
N LEU A 142 61.82 3.67 41.15
CA LEU A 142 62.01 2.27 40.77
C LEU A 142 63.37 2.06 40.13
N GLN A 143 63.89 3.07 39.44
CA GLN A 143 65.23 3.01 38.86
C GLN A 143 66.27 3.10 39.97
N GLU A 144 66.03 4.00 40.94
CA GLU A 144 66.95 4.12 42.07
C GLU A 144 66.86 2.91 42.98
N LEU A 145 65.65 2.35 43.12
CA LEU A 145 65.41 1.24 44.03
C LEU A 145 66.16 -0.02 43.63
N CYS A 146 65.95 -0.47 42.38
CA CYS A 146 66.33 -1.82 41.99
C CYS A 146 67.85 -2.00 41.94
N ARG A 147 68.61 -0.91 41.90
CA ARG A 147 70.05 -1.00 41.84
C ARG A 147 70.64 -1.62 43.10
N ARG A 148 70.07 -1.27 44.26
CA ARG A 148 70.56 -1.76 45.55
C ARG A 148 69.56 -2.64 46.28
N ARG A 149 68.26 -2.49 46.01
CA ARG A 149 67.23 -3.30 46.65
C ARG A 149 66.88 -4.47 45.74
N HIS A 150 67.03 -5.69 46.27
CA HIS A 150 66.69 -6.92 45.55
C HIS A 150 67.46 -7.02 44.24
N ASP A 151 68.79 -6.96 44.36
CA ASP A 151 69.69 -7.04 43.22
C ASP A 151 69.91 -8.51 42.88
N GLU A 152 70.67 -8.80 41.83
CA GLU A 152 71.07 -10.12 41.36
C GLU A 152 69.95 -10.87 40.65
N ASP A 153 68.72 -10.40 40.75
CA ASP A 153 67.63 -10.86 39.89
C ASP A 153 66.84 -9.63 39.43
N VAL A 154 67.57 -8.61 38.97
CA VAL A 154 66.97 -7.28 38.75
C VAL A 154 65.76 -7.33 37.81
N PRO A 155 65.87 -7.83 36.57
CA PRO A 155 64.74 -7.67 35.64
C PRO A 155 63.50 -8.45 36.05
N ASP A 156 63.66 -9.51 36.84
CA ASP A 156 62.50 -10.26 37.30
C ASP A 156 61.78 -9.53 38.43
N PHE A 157 62.52 -9.12 39.45
CA PHE A 157 61.90 -8.36 40.54
C PHE A 157 61.39 -7.01 40.05
N LEU A 158 62.16 -6.35 39.18
CA LEU A 158 61.70 -5.11 38.57
C LEU A 158 60.38 -5.32 37.84
N MET A 159 60.30 -6.37 37.03
CA MET A 159 59.03 -6.73 36.41
C MET A 159 57.98 -7.05 37.45
N HIS A 160 58.35 -7.78 38.50
CA HIS A 160 57.41 -8.16 39.55
C HIS A 160 56.80 -6.93 40.23
N LYS A 161 57.55 -5.82 40.26
CA LYS A 161 57.00 -4.57 40.77
C LYS A 161 56.20 -3.81 39.71
N LEU A 162 55.99 -4.42 38.53
CA LEU A 162 55.08 -3.89 37.51
C LEU A 162 53.93 -4.83 37.20
N THR A 163 54.02 -6.10 37.60
CA THR A 163 52.96 -7.07 37.37
C THR A 163 51.88 -6.89 38.44
N ALA A 164 50.64 -6.72 38.00
CA ALA A 164 49.49 -6.84 38.88
C ALA A 164 49.13 -8.31 39.01
N SER A 165 49.91 -9.05 39.80
CA SER A 165 49.76 -10.50 39.92
C SER A 165 48.35 -10.88 40.36
N ASP A 166 47.95 -12.09 39.99
CA ASP A 166 46.57 -12.60 40.02
C ASP A 166 45.77 -12.08 38.83
N THR A 167 46.37 -11.19 38.02
CA THR A 167 45.75 -10.79 36.76
C THR A 167 46.73 -10.79 35.59
N GLY A 168 48.04 -10.65 35.84
CA GLY A 168 49.00 -10.51 34.76
C GLY A 168 49.05 -9.12 34.15
N LYS A 169 48.21 -8.20 34.63
CA LYS A 169 48.11 -6.87 34.07
C LYS A 169 49.30 -6.01 34.45
N THR A 170 50.05 -5.56 33.43
CA THR A 170 51.17 -4.65 33.65
C THR A 170 50.71 -3.20 33.54
N CYS A 171 51.67 -2.28 33.69
CA CYS A 171 51.34 -0.86 33.62
C CYS A 171 50.92 -0.46 32.22
N LEU A 172 51.60 -0.99 31.20
CA LEU A 172 51.30 -0.61 29.82
C LEU A 172 49.87 -1.00 29.44
N MET A 173 49.44 -2.17 29.88
CA MET A 173 48.04 -2.57 29.68
C MET A 173 47.11 -1.61 30.41
N LYS A 174 47.40 -1.33 31.68
CA LYS A 174 46.59 -0.42 32.47
C LYS A 174 46.52 0.97 31.83
N ALA A 175 47.58 1.35 31.12
CA ALA A 175 47.60 2.66 30.47
C ALA A 175 46.61 2.71 29.31
N LEU A 176 46.60 1.68 28.47
CA LEU A 176 45.83 1.72 27.23
C LEU A 176 44.40 1.22 27.40
N LEU A 177 44.12 0.43 28.44
CA LEU A 177 42.74 0.10 28.74
C LEU A 177 41.91 1.35 29.07
N ASN A 178 42.54 2.39 29.61
CA ASN A 178 41.87 3.59 30.11
C ASN A 178 42.46 4.78 29.38
N ILE A 179 41.86 5.13 28.25
CA ILE A 179 42.41 6.17 27.40
C ILE A 179 42.00 7.53 27.92
N ASN A 180 42.94 8.47 27.87
CA ASN A 180 42.79 9.87 28.24
C ASN A 180 43.56 10.70 27.23
N PRO A 181 43.30 12.03 27.11
CA PRO A 181 43.99 12.79 26.06
C PRO A 181 45.50 12.87 26.25
N ASN A 182 45.97 12.50 27.45
CA ASN A 182 47.38 12.40 27.75
C ASN A 182 47.71 10.92 27.98
N THR A 183 47.93 10.20 26.87
CA THR A 183 48.25 8.77 26.89
C THR A 183 49.45 8.42 26.03
N LYS A 184 49.67 9.15 24.93
CA LYS A 184 50.86 8.92 24.10
C LYS A 184 52.13 9.11 24.92
N GLU A 185 52.08 10.01 25.91
CA GLU A 185 53.23 10.23 26.78
C GLU A 185 53.55 8.99 27.60
N ILE A 186 52.62 8.57 28.47
CA ILE A 186 52.92 7.60 29.52
C ILE A 186 53.41 6.28 28.94
N VAL A 187 53.01 5.97 27.71
CA VAL A 187 53.56 4.82 27.01
C VAL A 187 55.06 4.98 26.84
N ARG A 188 55.48 6.13 26.33
CA ARG A 188 56.88 6.31 25.94
C ARG A 188 57.82 6.25 27.14
N ILE A 189 57.39 6.78 28.30
CA ILE A 189 58.26 6.74 29.47
C ILE A 189 58.45 5.31 29.95
N LEU A 190 57.42 4.47 29.77
CA LEU A 190 57.55 3.07 30.18
C LEU A 190 58.36 2.27 29.17
N LEU A 191 58.30 2.65 27.89
CA LEU A 191 59.04 1.92 26.86
C LEU A 191 60.54 2.22 26.95
N ALA A 192 60.89 3.50 27.06
CA ALA A 192 62.29 3.86 27.26
C ALA A 192 62.82 3.26 28.56
N PHE A 193 61.96 3.15 29.57
CA PHE A 193 62.33 2.48 30.81
C PHE A 193 62.61 1.01 30.57
N ALA A 194 61.79 0.36 29.73
CA ALA A 194 62.01 -1.04 29.40
C ALA A 194 63.32 -1.22 28.64
N GLU A 195 63.74 -0.19 27.89
CA GLU A 195 64.97 -0.24 27.13
C GLU A 195 66.18 -0.21 28.06
N GLU A 196 66.14 0.66 29.07
CA GLU A 196 67.26 0.83 29.98
C GLU A 196 67.49 -0.42 30.81
N ASN A 197 66.47 -0.86 31.55
CA ASN A 197 66.59 -2.02 32.42
C ASN A 197 66.51 -3.34 31.65
N ASP A 198 66.30 -3.28 30.32
CA ASP A 198 66.30 -4.46 29.47
C ASP A 198 65.24 -5.48 29.90
N ILE A 199 63.98 -5.09 29.82
CA ILE A 199 62.85 -6.00 30.09
C ILE A 199 61.90 -6.02 28.90
N LEU A 200 62.32 -5.44 27.77
CA LEU A 200 61.41 -5.11 26.68
C LEU A 200 60.74 -6.35 26.10
N GLY A 201 61.39 -7.51 26.21
CA GLY A 201 60.78 -8.74 25.77
C GLY A 201 59.58 -9.11 26.59
N ARG A 202 59.80 -9.43 27.87
CA ARG A 202 58.70 -9.86 28.74
C ARG A 202 57.75 -8.72 29.05
N PHE A 203 58.22 -7.47 28.93
CA PHE A 203 57.39 -6.32 29.26
C PHE A 203 56.20 -6.22 28.31
N ILE A 204 56.44 -6.31 27.00
CA ILE A 204 55.36 -6.19 26.03
C ILE A 204 54.69 -7.54 25.81
N ASN A 205 55.47 -8.62 25.82
CA ASN A 205 54.93 -9.94 25.54
C ASN A 205 54.20 -10.55 26.73
N ALA A 206 54.10 -9.85 27.86
CA ALA A 206 53.33 -10.36 28.97
C ALA A 206 51.84 -10.42 28.60
N GLU A 207 51.14 -11.33 29.27
CA GLU A 207 49.74 -11.59 28.97
C GLU A 207 49.00 -11.79 30.29
N TYR A 208 47.67 -11.75 30.22
CA TYR A 208 46.84 -12.09 31.36
C TYR A 208 47.01 -13.56 31.71
N THR A 209 46.47 -13.99 32.85
CA THR A 209 46.72 -15.33 33.37
C THR A 209 45.42 -16.07 33.67
N GLU A 210 44.35 -15.35 33.98
CA GLU A 210 43.09 -15.99 34.33
C GLU A 210 42.42 -16.56 33.07
N GLU A 211 41.67 -17.64 33.27
CA GLU A 211 41.05 -18.36 32.16
C GLU A 211 40.01 -17.50 31.45
N ALA A 212 39.36 -16.61 32.19
CA ALA A 212 38.34 -15.73 31.60
C ALA A 212 38.97 -14.81 30.56
N TYR A 213 40.22 -14.43 30.77
CA TYR A 213 40.94 -13.53 29.87
C TYR A 213 42.39 -14.04 29.76
N GLU A 214 42.65 -14.75 28.67
CA GLU A 214 43.97 -15.27 28.38
C GLU A 214 44.44 -14.76 27.03
N GLY A 215 45.74 -14.48 26.94
CA GLY A 215 46.34 -14.10 25.67
C GLY A 215 46.22 -12.63 25.31
N GLN A 216 45.28 -11.92 25.95
CA GLN A 216 45.08 -10.51 25.66
C GLN A 216 46.34 -9.72 26.01
N THR A 217 47.04 -9.24 24.99
CA THR A 217 48.30 -8.54 25.14
C THR A 217 48.10 -7.04 24.88
N ALA A 218 49.22 -6.31 24.91
CA ALA A 218 49.18 -4.86 24.69
C ALA A 218 48.67 -4.53 23.29
N LEU A 219 49.18 -5.25 22.28
CA LEU A 219 48.76 -5.02 20.91
C LEU A 219 47.28 -5.33 20.73
N ASN A 220 46.77 -6.28 21.52
CA ASN A 220 45.35 -6.62 21.47
C ASN A 220 44.50 -5.48 22.02
N ILE A 221 45.02 -4.75 23.00
CA ILE A 221 44.25 -3.66 23.61
C ILE A 221 44.29 -2.43 22.72
N ALA A 222 45.48 -2.11 22.18
CA ALA A 222 45.64 -0.89 21.41
C ALA A 222 44.81 -0.91 20.14
N ILE A 223 44.68 -2.08 19.51
CA ILE A 223 43.93 -2.19 18.27
C ILE A 223 42.43 -2.03 18.52
N GLU A 224 41.99 -2.24 19.76
CA GLU A 224 40.57 -2.13 20.08
C GLU A 224 40.18 -0.69 20.41
N ARG A 225 41.03 0.02 21.15
CA ARG A 225 40.70 1.36 21.63
C ARG A 225 41.04 2.45 20.62
N ARG A 226 41.21 2.07 19.35
CA ARG A 226 41.33 3.03 18.24
C ARG A 226 42.58 3.91 18.32
N GLN A 227 43.51 3.59 19.21
CA GLN A 227 44.77 4.33 19.26
C GLN A 227 45.72 3.74 18.23
N GLY A 228 45.43 3.96 16.95
CA GLY A 228 46.23 3.37 15.90
C GLY A 228 47.66 3.88 15.87
N ASP A 229 47.88 5.11 16.34
CA ASP A 229 49.24 5.64 16.41
C ASP A 229 50.09 4.84 17.38
N ILE A 230 49.58 4.57 18.58
CA ILE A 230 50.35 3.82 19.57
C ILE A 230 50.59 2.40 19.09
N ALA A 231 49.71 1.87 18.24
CA ALA A 231 49.88 0.53 17.70
C ALA A 231 51.18 0.43 16.90
N ALA A 232 51.46 1.46 16.08
CA ALA A 232 52.67 1.47 15.27
C ALA A 232 53.93 1.44 16.13
N LEU A 233 53.85 2.03 17.32
CA LEU A 233 55.00 2.04 18.22
C LEU A 233 55.22 0.66 18.84
N LEU A 234 54.15 0.04 19.32
CA LEU A 234 54.29 -1.23 20.04
C LEU A 234 54.71 -2.36 19.09
N ILE A 235 54.29 -2.28 17.82
CA ILE A 235 54.70 -3.27 16.83
C ILE A 235 56.21 -3.11 16.63
N ALA A 236 56.65 -1.88 16.39
CA ALA A 236 58.06 -1.62 16.14
C ALA A 236 58.92 -1.96 17.36
N ALA A 237 58.34 -1.85 18.55
CA ALA A 237 59.08 -2.18 19.77
C ALA A 237 59.34 -3.67 19.92
N GLY A 238 58.64 -4.51 19.14
CA GLY A 238 58.86 -5.95 19.15
C GLY A 238 57.69 -6.73 19.73
N ALA A 239 56.48 -6.25 19.50
CA ALA A 239 55.29 -6.97 19.94
C ALA A 239 55.08 -8.22 19.10
N ASP A 240 54.69 -9.30 19.77
CA ASP A 240 54.42 -10.57 19.08
C ASP A 240 53.15 -10.40 18.25
N VAL A 241 53.34 -10.27 16.94
CA VAL A 241 52.26 -9.87 16.05
C VAL A 241 51.24 -11.01 15.90
N ASN A 242 51.70 -12.25 15.90
CA ASN A 242 50.81 -13.40 15.75
C ASN A 242 50.39 -13.94 17.12
N ALA A 243 49.85 -13.02 17.94
CA ALA A 243 49.38 -13.37 19.27
C ALA A 243 48.07 -14.14 19.20
N HIS A 244 47.54 -14.53 20.36
CA HIS A 244 46.31 -15.29 20.44
C HIS A 244 45.52 -14.90 21.67
N ALA A 245 44.24 -15.31 21.75
CA ALA A 245 43.43 -15.08 22.95
C ALA A 245 42.42 -16.22 23.08
N LYS A 246 42.81 -17.26 23.82
CA LYS A 246 42.02 -18.47 23.96
C LYS A 246 41.19 -18.49 25.24
N GLY A 247 40.74 -17.33 25.70
CA GLY A 247 39.97 -17.27 26.94
C GLY A 247 38.51 -17.63 26.76
N ALA A 248 37.66 -17.12 27.65
CA ALA A 248 36.22 -17.36 27.61
C ALA A 248 35.48 -16.20 26.97
N PHE A 249 35.85 -14.97 27.34
CA PHE A 249 35.31 -13.76 26.71
C PHE A 249 35.69 -13.70 25.24
N PHE A 250 36.77 -14.39 24.86
CA PHE A 250 37.28 -14.33 23.49
C PHE A 250 36.85 -15.55 22.68
N ASN A 251 36.32 -16.59 23.34
CA ASN A 251 35.61 -17.68 22.68
C ASN A 251 34.32 -18.02 23.42
N PRO A 252 33.33 -17.13 23.41
CA PRO A 252 32.02 -17.50 23.97
C PRO A 252 31.33 -18.56 23.13
N LYS A 253 30.27 -19.14 23.72
CA LYS A 253 29.39 -20.05 23.02
C LYS A 253 28.09 -19.32 22.77
N TYR A 254 27.44 -18.77 23.79
CA TYR A 254 26.24 -17.96 23.59
C TYR A 254 26.62 -16.54 23.24
N GLN A 255 25.65 -15.77 22.76
CA GLN A 255 25.88 -14.37 22.43
C GLN A 255 25.87 -13.52 23.69
N HIS A 256 26.32 -12.28 23.57
CA HIS A 256 26.52 -11.32 24.67
C HIS A 256 27.17 -11.95 25.91
N GLU A 257 28.18 -12.79 25.72
CA GLU A 257 29.23 -12.99 26.71
C GLU A 257 30.60 -12.57 26.19
N GLY A 258 30.70 -12.22 24.92
CA GLY A 258 31.93 -11.67 24.40
C GLY A 258 31.92 -11.55 22.90
N PHE A 259 33.13 -11.43 22.36
CA PHE A 259 33.35 -11.04 20.97
C PHE A 259 34.39 -11.96 20.34
N TYR A 260 34.01 -12.61 19.24
CA TYR A 260 34.88 -13.54 18.53
C TYR A 260 35.48 -12.85 17.32
N PHE A 261 36.76 -12.47 17.45
CA PHE A 261 37.47 -11.85 16.34
C PHE A 261 38.32 -12.86 15.58
N GLY A 262 38.89 -13.85 16.27
CA GLY A 262 39.62 -14.94 15.63
C GLY A 262 41.00 -15.21 16.20
N GLU A 263 41.31 -14.75 17.40
CA GLU A 263 42.57 -15.08 18.07
C GLU A 263 43.80 -14.65 17.28
N THR A 264 43.69 -13.57 16.53
CA THR A 264 44.84 -12.90 15.93
C THR A 264 44.64 -11.38 16.05
N PRO A 265 45.69 -10.59 16.33
CA PRO A 265 45.50 -9.13 16.30
C PRO A 265 45.05 -8.60 14.96
N LEU A 266 45.41 -9.31 13.88
CA LEU A 266 45.01 -8.88 12.54
C LEU A 266 43.50 -8.91 12.37
N ALA A 267 42.84 -9.92 12.95
CA ALA A 267 41.41 -10.06 12.76
C ALA A 267 40.65 -8.96 13.48
N LEU A 268 41.08 -8.60 14.68
CA LEU A 268 40.41 -7.53 15.42
C LEU A 268 40.53 -6.20 14.69
N ALA A 269 41.61 -6.02 13.95
CA ALA A 269 41.78 -4.81 13.15
C ALA A 269 40.88 -4.85 11.92
N ALA A 270 40.62 -6.04 11.37
CA ALA A 270 39.81 -6.17 10.17
C ALA A 270 38.32 -6.25 10.52
N CYS A 271 38.00 -6.98 11.58
CA CYS A 271 36.62 -7.13 12.00
C CYS A 271 36.03 -5.81 12.49
N THR A 272 36.88 -4.94 13.03
CA THR A 272 36.43 -3.67 13.61
C THR A 272 36.72 -2.50 12.67
N ASN A 273 37.00 -2.82 11.40
CA ASN A 273 37.20 -1.82 10.36
C ASN A 273 38.32 -0.83 10.69
N GLN A 274 39.55 -1.35 10.78
CA GLN A 274 40.76 -0.52 10.98
C GLN A 274 41.74 -0.80 9.84
N PRO A 275 41.40 -0.37 8.62
CA PRO A 275 42.22 -0.77 7.46
C PRO A 275 43.66 -0.28 7.53
N GLU A 276 43.90 0.87 8.16
CA GLU A 276 45.27 1.37 8.28
C GLU A 276 46.13 0.42 9.11
N ILE A 277 45.56 -0.14 10.18
CA ILE A 277 46.30 -1.08 11.01
C ILE A 277 46.42 -2.43 10.33
N VAL A 278 45.40 -2.82 9.57
CA VAL A 278 45.45 -4.10 8.86
C VAL A 278 46.56 -4.07 7.83
N GLN A 279 46.69 -2.97 7.11
CA GLN A 279 47.77 -2.83 6.13
C GLN A 279 49.14 -2.88 6.82
N LEU A 280 49.27 -2.20 7.96
CA LEU A 280 50.56 -2.13 8.64
C LEU A 280 50.94 -3.49 9.21
N LEU A 281 50.00 -4.17 9.88
CA LEU A 281 50.26 -5.52 10.36
C LEU A 281 50.57 -6.47 9.22
N MET A 282 49.89 -6.29 8.09
CA MET A 282 50.02 -7.17 6.93
C MET A 282 51.43 -7.10 6.34
N GLU A 283 51.95 -5.88 6.18
CA GLU A 283 53.26 -5.71 5.56
C GLU A 283 54.38 -6.23 6.45
N HIS A 284 54.23 -6.09 7.76
CA HIS A 284 55.28 -6.50 8.69
C HIS A 284 55.46 -8.01 8.66
N GLU A 285 56.71 -8.44 8.53
CA GLU A 285 57.03 -9.86 8.60
C GLU A 285 56.79 -10.37 10.02
N GLN A 286 56.86 -11.70 10.17
CA GLN A 286 56.36 -12.47 11.31
C GLN A 286 54.83 -12.45 11.41
N THR A 287 54.15 -11.86 10.43
CA THR A 287 52.69 -11.84 10.41
C THR A 287 52.19 -13.05 9.63
N ASP A 288 52.07 -14.20 10.29
CA ASP A 288 51.67 -15.42 9.61
C ASP A 288 50.20 -15.34 9.20
N ILE A 289 49.94 -14.98 7.95
CA ILE A 289 48.58 -14.87 7.43
C ILE A 289 47.92 -16.22 7.24
N THR A 290 48.70 -17.29 7.16
CA THR A 290 48.18 -18.65 7.07
C THR A 290 47.97 -19.28 8.44
N SER A 291 47.86 -18.46 9.49
CA SER A 291 47.71 -18.98 10.84
C SER A 291 46.33 -19.60 11.02
N ARG A 292 46.16 -20.27 12.16
CA ARG A 292 44.91 -20.94 12.50
C ARG A 292 44.65 -20.81 14.00
N ASP A 293 43.39 -20.61 14.35
CA ASP A 293 43.00 -20.33 15.73
C ASP A 293 42.58 -21.60 16.47
N SER A 294 42.01 -21.44 17.66
CA SER A 294 41.60 -22.56 18.51
C SER A 294 40.62 -23.48 17.79
N ARG A 295 39.55 -22.93 17.22
CA ARG A 295 38.58 -23.73 16.49
C ARG A 295 39.00 -23.94 15.03
N GLY A 296 40.26 -23.72 14.70
CA GLY A 296 40.80 -24.06 13.40
C GLY A 296 40.65 -23.01 12.33
N ASN A 297 39.92 -21.93 12.60
CA ASN A 297 39.68 -20.91 11.59
C ASN A 297 40.93 -20.09 11.30
N ASN A 298 41.13 -19.78 10.02
CA ASN A 298 42.12 -18.80 9.60
C ASN A 298 41.45 -17.41 9.56
N ILE A 299 42.15 -16.44 8.98
CA ILE A 299 41.67 -15.06 9.03
C ILE A 299 40.41 -14.89 8.19
N LEU A 300 40.25 -15.69 7.13
CA LEU A 300 39.11 -15.50 6.24
C LEU A 300 37.83 -16.06 6.84
N HIS A 301 37.91 -17.20 7.52
CA HIS A 301 36.73 -17.77 8.16
C HIS A 301 36.14 -16.79 9.18
N ALA A 302 37.01 -16.15 9.97
CA ALA A 302 36.54 -15.26 11.01
C ALA A 302 35.80 -14.07 10.43
N LEU A 303 36.22 -13.59 9.26
CA LEU A 303 35.51 -12.49 8.62
C LEU A 303 34.14 -12.95 8.13
N VAL A 304 34.04 -14.20 7.70
CA VAL A 304 32.74 -14.77 7.37
C VAL A 304 31.89 -14.93 8.62
N THR A 305 32.52 -15.18 9.78
CA THR A 305 31.78 -15.35 11.01
C THR A 305 31.08 -14.06 11.41
N VAL A 306 31.85 -12.98 11.60
CA VAL A 306 31.29 -11.69 12.02
C VAL A 306 30.93 -10.88 10.78
N ALA A 307 29.74 -11.12 10.24
CA ALA A 307 29.28 -10.43 9.05
C ALA A 307 27.77 -10.55 8.95
N GLU A 308 27.07 -9.43 9.10
CA GLU A 308 25.62 -9.35 9.04
C GLU A 308 25.19 -8.68 7.75
N ASP A 309 23.89 -8.43 7.59
CA ASP A 309 23.33 -7.86 6.38
C ASP A 309 23.48 -6.34 6.40
N PHE A 310 22.99 -5.69 5.34
CA PHE A 310 23.19 -4.27 5.13
C PHE A 310 22.42 -3.39 6.10
N LYS A 311 21.34 -3.92 6.69
CA LYS A 311 20.59 -3.17 7.71
C LYS A 311 21.52 -2.91 8.88
N THR A 312 22.26 -3.95 9.26
CA THR A 312 23.35 -3.92 10.21
C THR A 312 24.60 -3.69 9.36
N GLN A 313 25.76 -4.19 9.79
CA GLN A 313 27.11 -3.94 9.33
C GLN A 313 27.20 -3.60 7.84
N ASN A 314 27.81 -2.45 7.52
CA ASN A 314 27.56 -1.79 6.24
C ASN A 314 28.04 -2.59 5.03
N ASP A 315 29.35 -2.62 4.77
CA ASP A 315 29.88 -3.53 3.75
C ASP A 315 31.32 -3.96 4.00
N PHE A 316 31.95 -3.51 5.10
CA PHE A 316 33.41 -3.48 5.12
C PHE A 316 34.03 -4.87 5.18
N VAL A 317 33.27 -5.89 5.57
CA VAL A 317 33.80 -7.25 5.49
C VAL A 317 33.99 -7.65 4.04
N LYS A 318 33.06 -7.24 3.17
CA LYS A 318 33.21 -7.47 1.74
C LYS A 318 34.47 -6.79 1.21
N ARG A 319 34.79 -5.62 1.74
CA ARG A 319 35.97 -4.89 1.30
C ARG A 319 37.23 -5.48 1.93
N MET A 320 37.15 -5.90 3.19
CA MET A 320 38.32 -6.41 3.88
C MET A 320 38.57 -7.89 3.57
N TYR A 321 37.51 -8.62 3.23
CA TYR A 321 37.68 -9.98 2.71
C TYR A 321 38.42 -9.95 1.38
N ASP A 322 38.24 -8.87 0.62
CA ASP A 322 38.94 -8.69 -0.64
C ASP A 322 40.42 -8.36 -0.41
N MET A 323 40.69 -7.41 0.47
CA MET A 323 42.03 -6.86 0.64
C MET A 323 43.03 -7.94 1.04
N ILE A 324 42.62 -8.85 1.92
CA ILE A 324 43.55 -9.88 2.42
C ILE A 324 43.78 -10.92 1.34
N LEU A 325 42.75 -11.23 0.55
CA LEU A 325 42.86 -12.30 -0.44
C LEU A 325 43.68 -11.87 -1.64
N LEU A 326 43.52 -10.62 -2.07
CA LEU A 326 44.28 -10.12 -3.22
C LEU A 326 45.77 -10.17 -2.94
N ARG A 327 46.17 -9.76 -1.74
CA ARG A 327 47.59 -9.65 -1.41
C ARG A 327 48.18 -11.02 -1.09
N SER A 328 47.35 -11.96 -0.62
CA SER A 328 47.81 -13.29 -0.28
C SER A 328 48.39 -13.99 -1.51
N GLY A 329 47.71 -13.87 -2.64
CA GLY A 329 48.23 -14.35 -3.90
C GLY A 329 48.27 -15.84 -4.09
N ASN A 330 47.50 -16.61 -3.31
CA ASN A 330 47.53 -18.06 -3.39
C ASN A 330 46.16 -18.64 -3.04
N TRP A 331 45.92 -19.86 -3.53
CA TRP A 331 44.72 -20.63 -3.20
C TRP A 331 44.95 -21.46 -1.94
N GLU A 332 45.31 -20.77 -0.86
CA GLU A 332 45.67 -21.43 0.40
C GLU A 332 44.62 -21.22 1.48
N LEU A 333 44.28 -19.97 1.78
CA LEU A 333 43.37 -19.69 2.89
C LEU A 333 41.93 -20.08 2.52
N GLU A 334 41.59 -19.94 1.25
CA GLU A 334 40.26 -20.28 0.76
C GLU A 334 40.08 -21.79 0.61
N THR A 335 41.15 -22.57 0.87
CA THR A 335 41.09 -24.03 0.78
C THR A 335 41.45 -24.71 2.10
N THR A 336 41.27 -24.04 3.24
CA THR A 336 41.65 -24.58 4.54
C THR A 336 40.39 -25.04 5.28
N ARG A 337 40.44 -26.27 5.78
CA ARG A 337 39.34 -26.82 6.57
C ARG A 337 39.59 -26.59 8.05
N ASN A 338 38.66 -25.89 8.72
CA ASN A 338 38.95 -25.40 10.07
C ASN A 338 39.17 -26.52 11.09
N ASN A 339 38.12 -27.21 11.53
CA ASN A 339 38.27 -28.52 12.14
C ASN A 339 37.18 -29.49 11.70
N ASP A 340 35.98 -28.98 11.39
CA ASP A 340 34.84 -29.82 11.06
C ASP A 340 34.75 -30.04 9.55
N GLY A 341 35.76 -29.60 8.80
CA GLY A 341 35.85 -29.90 7.39
C GLY A 341 35.25 -28.82 6.50
N LEU A 342 35.37 -27.56 6.91
CA LEU A 342 34.66 -26.46 6.26
C LEU A 342 35.66 -25.40 5.79
N THR A 343 35.52 -25.00 4.54
CA THR A 343 36.22 -23.87 3.96
C THR A 343 35.47 -22.58 4.29
N PRO A 344 36.08 -21.41 4.00
CA PRO A 344 35.33 -20.15 4.22
C PRO A 344 34.08 -20.09 3.36
N LEU A 345 34.18 -20.66 2.16
CA LEU A 345 33.06 -20.73 1.23
C LEU A 345 31.91 -21.54 1.82
N GLN A 346 32.22 -22.75 2.28
CA GLN A 346 31.21 -23.61 2.89
C GLN A 346 30.70 -23.03 4.20
N LEU A 347 31.59 -22.40 4.97
CA LEU A 347 31.20 -21.80 6.24
C LEU A 347 30.20 -20.68 6.02
N ALA A 348 30.38 -19.90 4.96
CA ALA A 348 29.46 -18.83 4.62
C ALA A 348 28.09 -19.38 4.25
N ALA A 349 28.06 -20.61 3.72
CA ALA A 349 26.81 -21.21 3.28
C ALA A 349 26.01 -21.74 4.47
N LYS A 350 26.68 -22.42 5.39
CA LYS A 350 26.00 -23.05 6.52
C LYS A 350 25.38 -22.01 7.45
N MET A 351 26.15 -20.95 7.77
CA MET A 351 25.66 -19.94 8.69
C MET A 351 24.62 -19.03 8.07
N GLY A 352 24.53 -18.98 6.75
CA GLY A 352 23.50 -18.22 6.04
C GLY A 352 23.92 -16.81 5.68
N LYS A 353 25.22 -16.56 5.53
CA LYS A 353 25.71 -15.24 5.15
C LYS A 353 25.62 -15.06 3.66
N ALA A 354 24.63 -14.29 3.20
CA ALA A 354 24.33 -14.19 1.78
C ALA A 354 25.24 -13.19 1.08
N GLU A 355 25.51 -12.06 1.73
CA GLU A 355 26.28 -11.00 1.10
C GLU A 355 27.69 -11.45 0.75
N ILE A 356 28.33 -12.18 1.66
CA ILE A 356 29.69 -12.64 1.43
C ILE A 356 29.70 -13.75 0.38
N LEU A 357 28.65 -14.57 0.34
CA LEU A 357 28.60 -15.65 -0.65
C LEU A 357 28.46 -15.07 -2.05
N LYS A 358 27.73 -13.97 -2.18
CA LYS A 358 27.60 -13.30 -3.48
C LYS A 358 28.96 -12.87 -4.02
N TYR A 359 29.89 -12.56 -3.13
CA TYR A 359 31.20 -12.07 -3.56
C TYR A 359 32.14 -13.22 -3.91
N ILE A 360 32.13 -14.28 -3.11
CA ILE A 360 33.08 -15.36 -3.26
C ILE A 360 32.88 -16.04 -4.61
N LEU A 361 31.62 -16.20 -5.02
CA LEU A 361 31.34 -16.89 -6.28
C LEU A 361 31.58 -15.97 -7.47
N SER A 362 31.00 -14.78 -7.43
CA SER A 362 31.13 -13.81 -8.52
C SER A 362 32.25 -12.80 -8.23
N ARG A 363 33.47 -13.33 -8.16
CA ARG A 363 34.67 -12.54 -7.93
C ARG A 363 35.43 -12.40 -9.25
N GLU A 364 35.62 -11.16 -9.69
CA GLU A 364 36.47 -10.84 -10.84
C GLU A 364 37.62 -9.97 -10.35
N ILE A 365 38.84 -10.46 -10.52
CA ILE A 365 40.04 -9.69 -10.24
C ILE A 365 40.60 -9.30 -11.61
N LYS A 366 40.17 -8.14 -12.10
CA LYS A 366 40.51 -7.72 -13.45
C LYS A 366 42.00 -7.42 -13.59
N GLU A 367 42.62 -6.96 -12.50
CA GLU A 367 44.04 -6.65 -12.53
C GLU A 367 44.85 -7.92 -12.78
N LYS A 368 45.72 -7.88 -13.77
CA LYS A 368 46.52 -9.05 -14.13
C LYS A 368 47.51 -9.37 -13.02
N ARG A 369 48.11 -10.57 -13.10
CA ARG A 369 48.91 -11.24 -12.06
C ARG A 369 48.04 -11.82 -10.94
N LEU A 370 46.75 -11.48 -10.89
CA LEU A 370 45.83 -12.03 -9.89
C LEU A 370 44.50 -12.39 -10.54
N ARG A 371 44.46 -12.47 -11.88
CA ARG A 371 43.30 -13.03 -12.57
C ARG A 371 43.11 -14.51 -12.25
N SER A 372 44.17 -15.20 -11.85
CA SER A 372 44.06 -16.60 -11.46
C SER A 372 43.16 -16.81 -10.24
N LEU A 373 43.02 -15.77 -9.42
CA LEU A 373 42.26 -15.86 -8.17
C LEU A 373 40.78 -15.52 -8.37
N SER A 374 40.27 -15.67 -9.59
CA SER A 374 38.93 -15.25 -9.94
C SER A 374 38.03 -16.46 -10.18
N ARG A 375 36.72 -16.18 -10.27
CA ARG A 375 35.70 -17.18 -10.59
C ARG A 375 34.66 -16.56 -11.55
N LYS A 376 35.08 -15.52 -12.29
CA LYS A 376 34.22 -14.84 -13.25
C LYS A 376 34.98 -14.58 -14.55
N PHE A 377 35.58 -15.62 -15.10
CA PHE A 377 36.33 -15.44 -16.34
C PHE A 377 35.39 -15.14 -17.50
N THR A 378 35.49 -13.92 -18.02
CA THR A 378 34.72 -13.51 -19.18
C THR A 378 35.28 -14.17 -20.43
N ASP A 379 34.42 -14.94 -21.10
CA ASP A 379 34.84 -15.65 -22.31
C ASP A 379 35.07 -14.65 -23.42
N TRP A 380 34.17 -13.69 -23.54
CA TRP A 380 34.24 -12.67 -24.59
C TRP A 380 33.25 -11.55 -24.31
N ALA A 381 33.26 -10.54 -25.18
CA ALA A 381 32.33 -9.44 -25.09
C ALA A 381 32.29 -8.66 -26.40
N TYR A 382 31.10 -8.49 -26.96
CA TYR A 382 30.89 -7.70 -28.16
C TYR A 382 29.79 -6.69 -27.90
N GLY A 383 30.18 -5.52 -27.38
CA GLY A 383 29.24 -4.50 -27.03
C GLY A 383 28.44 -4.88 -25.79
N PRO A 384 27.09 -4.87 -25.86
CA PRO A 384 26.31 -5.14 -24.65
C PRO A 384 26.33 -6.61 -24.25
N VAL A 385 26.41 -7.50 -25.23
CA VAL A 385 26.34 -8.93 -25.00
C VAL A 385 27.70 -9.38 -24.51
N SER A 386 27.73 -10.25 -23.50
CA SER A 386 28.94 -10.83 -22.97
C SER A 386 28.66 -12.24 -22.47
N SER A 387 29.74 -12.99 -22.23
CA SER A 387 29.66 -14.37 -21.78
C SER A 387 30.60 -14.57 -20.61
N SER A 388 30.04 -14.86 -19.45
CA SER A 388 30.79 -14.98 -18.20
C SER A 388 30.83 -16.45 -17.79
N LEU A 389 32.03 -17.04 -17.78
CA LEU A 389 32.22 -18.44 -17.38
C LEU A 389 32.46 -18.49 -15.87
N TYR A 390 31.38 -18.66 -15.12
CA TYR A 390 31.49 -18.93 -13.70
C TYR A 390 32.11 -20.30 -13.48
N ASP A 391 32.46 -20.61 -12.24
CA ASP A 391 33.18 -21.82 -11.88
C ASP A 391 32.30 -22.70 -11.00
N LEU A 392 32.55 -24.01 -11.04
CA LEU A 392 31.78 -25.00 -10.29
C LEU A 392 32.73 -26.01 -9.64
N THR A 393 33.78 -25.49 -8.99
CA THR A 393 34.73 -26.35 -8.30
C THR A 393 34.08 -27.09 -7.14
N ASN A 394 33.56 -26.36 -6.16
CA ASN A 394 32.96 -26.93 -4.96
C ASN A 394 31.55 -26.39 -4.78
N VAL A 395 30.77 -26.37 -5.86
CA VAL A 395 29.39 -25.91 -5.87
C VAL A 395 28.47 -27.04 -6.29
N ASP A 396 28.99 -27.98 -7.07
CA ASP A 396 28.21 -29.12 -7.57
C ASP A 396 28.34 -30.27 -6.58
N THR A 397 27.44 -31.24 -6.68
CA THR A 397 27.40 -32.37 -5.75
C THR A 397 28.34 -33.51 -6.17
N THR A 398 29.31 -33.23 -7.03
CA THR A 398 30.27 -34.25 -7.44
C THR A 398 31.07 -34.76 -6.25
N THR A 399 31.55 -33.84 -5.42
CA THR A 399 32.30 -34.16 -4.22
C THR A 399 31.38 -34.25 -3.01
N ASP A 400 31.97 -34.20 -1.81
CA ASP A 400 31.22 -34.20 -0.56
C ASP A 400 30.60 -32.82 -0.33
N ASN A 401 30.17 -32.52 0.91
CA ASN A 401 29.39 -31.33 1.27
C ASN A 401 29.78 -30.06 0.52
N SER A 402 28.82 -29.48 -0.19
CA SER A 402 29.02 -28.33 -1.03
C SER A 402 27.93 -27.29 -0.76
N VAL A 403 27.98 -26.19 -1.50
CA VAL A 403 26.97 -25.14 -1.37
C VAL A 403 25.60 -25.71 -1.71
N LEU A 404 25.51 -26.45 -2.82
CA LEU A 404 24.21 -26.87 -3.32
C LEU A 404 23.58 -27.92 -2.41
N GLU A 405 24.40 -28.61 -1.62
CA GLU A 405 23.89 -29.55 -0.63
C GLU A 405 23.60 -28.84 0.69
N ILE A 406 24.51 -27.97 1.11
CA ILE A 406 24.34 -27.25 2.38
C ILE A 406 23.20 -26.25 2.26
N THR A 407 23.18 -25.48 1.17
CA THR A 407 22.19 -24.41 1.02
C THR A 407 20.77 -24.95 1.00
N VAL A 408 20.58 -26.18 0.51
CA VAL A 408 19.24 -26.72 0.32
C VAL A 408 18.80 -27.49 1.56
N TYR A 409 19.62 -28.45 1.99
CA TYR A 409 19.25 -29.39 3.05
C TYR A 409 19.40 -28.82 4.46
N ASN A 410 19.90 -27.59 4.60
CA ASN A 410 20.04 -26.98 5.92
C ASN A 410 18.69 -26.48 6.40
N THR A 411 18.51 -26.49 7.73
CA THR A 411 17.30 -26.00 8.37
C THR A 411 17.55 -25.09 9.56
N ASN A 412 18.76 -25.04 10.10
CA ASN A 412 19.07 -24.21 11.27
C ASN A 412 19.19 -22.73 10.94
N ILE A 413 19.03 -22.32 9.67
CA ILE A 413 19.03 -20.91 9.30
C ILE A 413 17.67 -20.60 8.67
N ASP A 414 17.47 -19.35 8.26
CA ASP A 414 16.16 -18.88 7.82
C ASP A 414 16.17 -18.25 6.43
N ASN A 415 17.34 -17.80 5.96
CA ASN A 415 17.46 -17.05 4.71
C ASN A 415 17.97 -17.91 3.56
N ARG A 416 17.55 -19.17 3.49
CA ARG A 416 17.96 -20.03 2.38
C ARG A 416 17.32 -19.61 1.07
N HIS A 417 16.23 -18.85 1.13
CA HIS A 417 15.58 -18.39 -0.10
C HIS A 417 16.46 -17.39 -0.85
N GLU A 418 16.99 -16.40 -0.13
CA GLU A 418 17.74 -15.32 -0.78
C GLU A 418 19.03 -15.81 -1.42
N MET A 419 19.53 -16.96 -0.95
CA MET A 419 20.82 -17.44 -1.44
C MET A 419 20.69 -18.09 -2.82
N LEU A 420 19.52 -18.67 -3.11
CA LEU A 420 19.39 -19.50 -4.30
C LEU A 420 19.20 -18.67 -5.58
N THR A 421 19.27 -17.35 -5.50
CA THR A 421 19.42 -16.51 -6.69
C THR A 421 20.86 -16.42 -7.15
N LEU A 422 21.82 -16.58 -6.24
CA LEU A 422 23.23 -16.40 -6.52
C LEU A 422 23.63 -17.43 -7.56
N GLU A 423 24.28 -16.98 -8.63
CA GLU A 423 23.94 -17.53 -9.93
C GLU A 423 25.07 -18.31 -10.60
N PRO A 424 25.73 -19.21 -9.86
CA PRO A 424 26.06 -20.51 -10.44
C PRO A 424 25.20 -21.62 -9.82
N LEU A 425 24.16 -21.24 -9.06
CA LEU A 425 23.21 -22.21 -8.52
C LEU A 425 21.91 -22.20 -9.32
N HIS A 426 21.28 -21.02 -9.45
CA HIS A 426 19.97 -20.92 -10.08
C HIS A 426 20.00 -21.46 -11.51
N THR A 427 21.04 -21.11 -12.27
CA THR A 427 21.24 -21.73 -13.57
C THR A 427 21.52 -23.23 -13.41
N LEU A 428 22.19 -23.61 -12.33
CA LEU A 428 22.56 -25.01 -12.14
C LEU A 428 21.38 -25.85 -11.68
N LEU A 429 20.45 -25.24 -10.92
CA LEU A 429 19.25 -25.96 -10.54
C LEU A 429 18.37 -26.23 -11.76
N HIS A 430 18.22 -25.21 -12.62
CA HIS A 430 17.26 -25.31 -13.71
C HIS A 430 17.68 -26.36 -14.74
N MET A 431 18.99 -26.48 -14.98
CA MET A 431 19.45 -27.40 -16.02
C MET A 431 19.34 -28.85 -15.57
N LYS A 432 19.52 -29.09 -14.26
CA LYS A 432 19.34 -30.45 -13.74
C LYS A 432 17.90 -30.92 -13.91
N TRP A 433 16.95 -29.99 -13.88
CA TRP A 433 15.54 -30.34 -14.05
C TRP A 433 15.25 -30.70 -15.50
N LYS A 434 15.69 -29.84 -16.42
CA LYS A 434 15.47 -30.08 -17.84
C LYS A 434 16.09 -31.39 -18.30
N LYS A 435 17.16 -31.83 -17.64
CA LYS A 435 17.90 -33.03 -18.08
C LYS A 435 17.24 -34.30 -17.59
N PHE A 436 17.18 -34.49 -16.27
CA PHE A 436 16.79 -35.77 -15.66
C PHE A 436 15.65 -35.67 -14.67
N ALA A 437 15.57 -34.60 -13.87
CA ALA A 437 14.65 -34.61 -12.74
C ALA A 437 13.22 -34.30 -13.18
N LYS A 438 13.05 -33.64 -14.33
CA LYS A 438 11.70 -33.45 -14.86
C LYS A 438 11.05 -34.79 -15.18
N HIS A 439 11.79 -35.67 -15.85
CA HIS A 439 11.26 -36.98 -16.19
C HIS A 439 10.99 -37.80 -14.94
N MET A 440 12.01 -37.93 -14.07
CA MET A 440 11.88 -38.78 -12.89
C MET A 440 10.75 -38.33 -11.98
N PHE A 441 10.44 -37.03 -11.99
CA PHE A 441 9.31 -36.54 -11.24
C PHE A 441 7.99 -37.01 -11.84
N PHE A 442 7.94 -37.16 -13.17
CA PHE A 442 6.73 -37.62 -13.83
C PHE A 442 6.63 -39.14 -13.82
N LEU A 443 7.76 -39.84 -13.97
CA LEU A 443 7.74 -41.29 -13.82
C LEU A 443 7.33 -41.69 -12.41
N SER A 444 7.64 -40.83 -11.44
CA SER A 444 7.11 -41.02 -10.08
C SER A 444 5.58 -40.93 -10.08
N PHE A 445 5.05 -39.88 -10.69
CA PHE A 445 3.62 -39.59 -10.62
C PHE A 445 2.81 -40.69 -11.30
N CYS A 446 3.36 -41.30 -12.35
CA CYS A 446 2.63 -42.33 -13.07
C CYS A 446 2.49 -43.59 -12.23
N PHE A 447 3.57 -43.97 -11.54
CA PHE A 447 3.51 -45.16 -10.69
C PHE A 447 2.68 -44.90 -9.45
N TYR A 448 2.84 -43.73 -8.83
CA TYR A 448 2.03 -43.40 -7.67
C TYR A 448 0.57 -43.19 -8.07
N PHE A 449 0.33 -42.83 -9.32
CA PHE A 449 -1.04 -42.84 -9.85
C PHE A 449 -1.56 -44.26 -10.00
N PHE A 450 -0.82 -45.11 -10.72
CA PHE A 450 -1.24 -46.48 -10.95
C PHE A 450 -1.38 -47.24 -9.62
N TYR A 451 -0.68 -46.81 -8.59
CA TYR A 451 -0.74 -47.47 -7.29
C TYR A 451 -2.08 -47.24 -6.62
N ASN A 452 -2.49 -45.97 -6.48
CA ASN A 452 -3.73 -45.66 -5.80
C ASN A 452 -4.93 -46.22 -6.55
N ILE A 453 -4.89 -46.17 -7.88
CA ILE A 453 -5.96 -46.75 -8.69
C ILE A 453 -6.03 -48.25 -8.44
N THR A 454 -4.87 -48.90 -8.33
CA THR A 454 -4.86 -50.32 -8.00
C THR A 454 -5.45 -50.56 -6.62
N LEU A 455 -4.97 -49.81 -5.62
CA LEU A 455 -5.48 -49.92 -4.26
C LEU A 455 -6.98 -49.58 -4.21
N THR A 456 -7.43 -48.73 -5.13
CA THR A 456 -8.82 -48.26 -5.11
C THR A 456 -9.74 -49.18 -5.89
N LEU A 457 -9.25 -49.75 -6.99
CA LEU A 457 -10.07 -50.66 -7.79
C LEU A 457 -10.11 -52.06 -7.18
N VAL A 458 -9.59 -52.23 -5.97
CA VAL A 458 -9.82 -53.42 -5.17
C VAL A 458 -10.81 -53.05 -4.07
N SER A 459 -10.70 -51.81 -3.56
CA SER A 459 -11.42 -51.41 -2.36
C SER A 459 -12.92 -51.25 -2.57
N TYR A 460 -13.36 -51.02 -3.81
CA TYR A 460 -14.77 -50.77 -4.10
C TYR A 460 -15.42 -51.93 -4.84
N TYR A 461 -14.70 -53.06 -5.00
CA TYR A 461 -15.26 -54.21 -5.68
C TYR A 461 -15.30 -55.45 -4.78
N ARG A 462 -14.22 -55.73 -4.07
CA ARG A 462 -14.16 -56.89 -3.19
C ARG A 462 -14.77 -56.59 -1.82
N PRO A 463 -14.42 -55.46 -1.14
CA PRO A 463 -15.05 -55.17 0.16
C PRO A 463 -16.55 -54.93 0.09
N ARG A 464 -17.05 -54.36 -1.01
CA ARG A 464 -18.49 -54.20 -1.20
C ARG A 464 -19.11 -55.54 -1.63
N GLU A 465 -18.99 -56.57 -0.78
CA GLU A 465 -19.67 -57.86 -0.89
C GLU A 465 -19.16 -58.68 0.29
N GLU A 466 -19.88 -59.72 0.70
CA GLU A 466 -19.37 -60.64 1.70
C GLU A 466 -19.97 -62.03 1.52
N GLU A 467 -19.13 -63.06 1.30
CA GLU A 467 -19.63 -64.43 1.20
C GLU A 467 -19.21 -65.26 2.41
N ALA A 468 -17.91 -65.56 2.52
CA ALA A 468 -17.32 -66.17 3.70
C ALA A 468 -16.14 -65.36 4.18
N ILE A 469 -15.17 -65.17 3.29
CA ILE A 469 -13.96 -64.36 3.50
C ILE A 469 -13.50 -63.87 2.14
N PRO A 470 -13.30 -62.57 1.94
CA PRO A 470 -12.40 -62.13 0.87
C PRO A 470 -10.98 -61.91 1.39
N HIS A 471 -10.00 -62.38 0.62
CA HIS A 471 -8.61 -61.99 0.80
C HIS A 471 -8.39 -60.65 0.09
N PRO A 472 -8.27 -59.50 0.80
CA PRO A 472 -8.31 -58.20 0.10
C PRO A 472 -7.17 -57.96 -0.88
N LEU A 473 -5.92 -58.04 -0.42
CA LEU A 473 -4.74 -57.71 -1.20
C LEU A 473 -3.68 -58.81 -1.15
N ALA A 474 -4.01 -59.98 -0.63
CA ALA A 474 -3.02 -61.03 -0.40
C ALA A 474 -2.65 -61.68 -1.73
N LEU A 475 -1.86 -62.76 -1.65
CA LEU A 475 -1.53 -63.58 -2.81
C LEU A 475 -2.83 -64.09 -3.44
N THR A 476 -3.08 -63.70 -4.69
CA THR A 476 -4.42 -63.78 -5.28
C THR A 476 -4.98 -65.20 -5.31
N HIS A 477 -4.27 -66.14 -5.96
CA HIS A 477 -4.57 -67.56 -5.74
C HIS A 477 -6.00 -67.95 -6.13
N LYS A 478 -6.24 -68.21 -7.43
CA LYS A 478 -7.58 -68.25 -8.06
C LYS A 478 -8.11 -66.84 -8.30
N MET A 479 -7.33 -66.08 -9.08
CA MET A 479 -7.82 -64.89 -9.79
C MET A 479 -7.14 -64.83 -11.14
N GLY A 480 -7.70 -64.03 -12.05
CA GLY A 480 -7.14 -63.89 -13.38
C GLY A 480 -5.81 -63.15 -13.40
N TRP A 481 -5.25 -62.93 -14.59
CA TRP A 481 -3.95 -62.27 -14.66
C TRP A 481 -4.05 -60.80 -14.27
N LEU A 482 -5.17 -60.14 -14.62
CA LEU A 482 -5.37 -58.72 -14.33
C LEU A 482 -5.21 -58.42 -12.85
N GLN A 483 -5.66 -59.35 -12.00
CA GLN A 483 -5.66 -59.09 -10.56
C GLN A 483 -4.34 -59.53 -9.92
N LEU A 484 -3.59 -60.41 -10.58
CA LEU A 484 -2.29 -60.83 -10.06
C LEU A 484 -1.35 -59.64 -9.99
N LEU A 485 -1.03 -59.04 -11.14
CA LEU A 485 -0.09 -57.91 -11.15
C LEU A 485 -0.66 -56.72 -10.38
N GLY A 486 -1.99 -56.65 -10.26
CA GLY A 486 -2.61 -55.66 -9.41
C GLY A 486 -2.17 -55.79 -7.97
N ARG A 487 -2.54 -56.88 -7.31
CA ARG A 487 -2.22 -57.06 -5.90
C ARG A 487 -0.71 -57.08 -5.66
N MET A 488 0.04 -57.75 -6.55
CA MET A 488 1.48 -57.88 -6.34
C MET A 488 2.18 -56.54 -6.41
N PHE A 489 1.73 -55.66 -7.31
CA PHE A 489 2.33 -54.34 -7.41
C PHE A 489 2.10 -53.52 -6.15
N VAL A 490 1.00 -53.79 -5.44
CA VAL A 490 0.67 -53.03 -4.24
C VAL A 490 1.69 -53.35 -3.16
N LEU A 491 1.88 -54.64 -2.88
CA LEU A 491 2.70 -55.05 -1.73
C LEU A 491 4.15 -54.64 -1.92
N ILE A 492 4.69 -54.82 -3.12
CA ILE A 492 6.09 -54.47 -3.38
C ILE A 492 6.29 -52.97 -3.24
N TRP A 493 5.43 -52.18 -3.88
CA TRP A 493 5.55 -50.74 -3.80
C TRP A 493 5.14 -50.22 -2.43
N ALA A 494 4.29 -50.95 -1.71
CA ALA A 494 3.94 -50.57 -0.34
C ALA A 494 5.15 -50.71 0.57
N MET A 495 5.83 -51.85 0.51
CA MET A 495 7.08 -52.02 1.24
C MET A 495 8.11 -50.99 0.78
N CYS A 496 8.06 -50.64 -0.51
CA CYS A 496 9.06 -49.76 -1.09
C CYS A 496 9.01 -48.37 -0.46
N ILE A 497 7.81 -47.80 -0.33
CA ILE A 497 7.67 -46.54 0.40
C ILE A 497 7.97 -46.76 1.88
N SER A 498 7.50 -47.88 2.42
CA SER A 498 7.63 -48.17 3.85
C SER A 498 9.09 -48.18 4.28
N VAL A 499 9.95 -48.79 3.47
CA VAL A 499 11.39 -48.72 3.74
C VAL A 499 11.88 -47.30 3.56
N LYS A 500 11.74 -46.76 2.34
CA LYS A 500 12.52 -45.60 1.90
C LYS A 500 12.32 -44.39 2.81
N GLU A 501 11.06 -43.97 2.99
CA GLU A 501 10.78 -42.82 3.82
C GLU A 501 11.36 -42.98 5.23
N GLY A 502 11.36 -44.20 5.75
CA GLY A 502 11.98 -44.49 7.04
C GLY A 502 13.42 -44.05 7.17
N ILE A 503 14.15 -43.99 6.06
CA ILE A 503 15.52 -43.48 6.08
C ILE A 503 15.42 -41.96 6.17
N ALA A 504 14.41 -41.37 5.53
CA ALA A 504 14.19 -39.93 5.66
C ALA A 504 13.72 -39.58 7.07
N ILE A 505 13.06 -40.53 7.74
CA ILE A 505 12.70 -40.38 9.15
C ILE A 505 13.99 -40.32 9.97
N PHE A 506 14.87 -41.30 9.76
CA PHE A 506 16.06 -41.45 10.59
C PHE A 506 17.03 -40.30 10.37
N LEU A 507 17.33 -39.96 9.11
CA LEU A 507 18.16 -38.80 8.84
C LEU A 507 17.32 -37.54 8.91
N LEU A 508 16.85 -37.24 10.13
CA LEU A 508 16.03 -36.07 10.43
C LEU A 508 16.63 -35.40 11.66
N ARG A 509 17.92 -35.05 11.58
CA ARG A 509 18.49 -34.12 12.55
C ARG A 509 17.51 -32.97 12.68
N PRO A 510 16.96 -32.69 13.91
CA PRO A 510 15.63 -32.08 14.01
C PRO A 510 15.39 -30.86 13.14
N SER A 511 14.53 -31.03 12.14
CA SER A 511 14.13 -29.93 11.27
C SER A 511 13.50 -28.87 12.16
N ASP A 512 14.18 -27.73 12.28
CA ASP A 512 14.04 -26.79 13.38
C ASP A 512 12.59 -26.51 13.77
N LEU A 513 11.70 -26.40 12.78
CA LEU A 513 10.30 -26.22 13.13
C LEU A 513 9.76 -27.49 13.80
N GLN A 514 9.44 -28.51 13.00
CA GLN A 514 9.10 -29.88 13.41
C GLN A 514 8.72 -30.61 12.11
N SER A 515 8.02 -31.75 12.23
CA SER A 515 7.12 -32.31 11.21
C SER A 515 6.42 -31.28 10.34
N ILE A 516 6.07 -30.15 10.95
CA ILE A 516 5.53 -28.96 10.28
C ILE A 516 6.57 -28.43 9.30
N LEU A 517 6.26 -27.30 8.66
CA LEU A 517 6.78 -26.87 7.36
C LEU A 517 8.27 -27.05 7.06
N SER A 518 8.57 -26.90 5.76
CA SER A 518 9.85 -26.96 5.05
C SER A 518 10.32 -28.34 4.58
N ASP A 519 9.85 -29.47 5.12
CA ASP A 519 9.37 -30.55 4.26
C ASP A 519 8.47 -31.57 4.94
N ALA A 520 8.70 -31.82 6.23
CA ALA A 520 8.48 -33.16 6.77
C ALA A 520 7.02 -33.48 7.03
N TRP A 521 6.11 -32.56 6.71
CA TRP A 521 4.68 -32.87 6.78
C TRP A 521 4.31 -34.00 5.83
N PHE A 522 5.06 -34.12 4.71
CA PHE A 522 4.64 -35.01 3.63
C PHE A 522 5.36 -36.35 3.67
N HIS A 523 6.57 -36.40 4.24
CA HIS A 523 7.29 -37.67 4.31
C HIS A 523 6.67 -38.61 5.32
N PHE A 524 5.89 -38.07 6.26
CA PHE A 524 5.21 -38.92 7.24
C PHE A 524 3.96 -39.55 6.63
N VAL A 525 3.12 -38.74 5.98
CA VAL A 525 1.89 -39.27 5.41
C VAL A 525 2.19 -40.29 4.32
N PHE A 526 3.29 -40.11 3.59
CA PHE A 526 3.78 -41.18 2.73
C PHE A 526 4.11 -42.41 3.57
N PHE A 527 4.82 -42.23 4.68
CA PHE A 527 5.18 -43.35 5.53
C PHE A 527 3.95 -44.00 6.13
N ILE A 528 3.04 -43.19 6.68
CA ILE A 528 1.83 -43.73 7.31
C ILE A 528 1.01 -44.49 6.28
N GLN A 529 0.91 -43.95 5.06
CA GLN A 529 0.15 -44.61 4.01
C GLN A 529 0.73 -45.99 3.71
N ALA A 530 2.06 -46.10 3.69
CA ALA A 530 2.69 -47.37 3.38
C ALA A 530 2.53 -48.36 4.53
N VAL A 531 2.58 -47.87 5.77
CA VAL A 531 2.45 -48.75 6.93
C VAL A 531 1.05 -49.34 6.99
N LEU A 532 0.03 -48.48 6.80
CA LEU A 532 -1.35 -48.93 6.99
C LEU A 532 -1.73 -50.02 5.98
N VAL A 533 -1.14 -50.00 4.79
CA VAL A 533 -1.40 -51.05 3.82
C VAL A 533 -0.81 -52.37 4.28
N ILE A 534 0.50 -52.37 4.56
CA ILE A 534 1.16 -53.61 4.96
C ILE A 534 0.69 -54.06 6.34
N LEU A 535 0.40 -53.10 7.22
CA LEU A 535 -0.16 -53.42 8.52
C LEU A 535 -1.44 -54.23 8.39
N SER A 536 -2.29 -53.88 7.43
CA SER A 536 -3.58 -54.57 7.27
C SER A 536 -3.37 -56.01 6.83
N VAL A 537 -2.51 -56.22 5.82
CA VAL A 537 -2.30 -57.56 5.27
C VAL A 537 -1.73 -58.48 6.35
N PHE A 538 -1.04 -57.91 7.35
CA PHE A 538 -0.68 -58.68 8.52
C PHE A 538 -1.86 -58.90 9.45
N LEU A 539 -2.67 -57.84 9.69
CA LEU A 539 -3.84 -58.00 10.53
C LEU A 539 -4.80 -59.05 9.98
N TYR A 540 -5.10 -58.98 8.69
CA TYR A 540 -6.04 -59.91 8.08
C TYR A 540 -5.51 -61.33 8.13
N LEU A 541 -4.20 -61.49 8.02
CA LEU A 541 -3.59 -62.82 7.95
C LEU A 541 -3.89 -63.62 9.20
N PHE A 542 -3.74 -63.02 10.38
CA PHE A 542 -3.98 -63.78 11.60
C PHE A 542 -5.45 -64.19 11.71
N ALA A 543 -6.34 -63.25 12.07
CA ALA A 543 -7.77 -63.44 11.87
C ALA A 543 -8.54 -62.15 11.65
N TYR A 544 -7.94 -61.00 11.97
CA TYR A 544 -8.70 -59.83 12.38
C TYR A 544 -9.55 -59.20 11.27
N LYS A 545 -10.73 -58.71 11.67
CA LYS A 545 -11.63 -57.97 10.80
C LYS A 545 -11.23 -56.52 10.60
N GLU A 546 -10.13 -56.06 11.19
CA GLU A 546 -9.75 -54.66 11.17
C GLU A 546 -9.12 -54.25 9.83
N TYR A 547 -9.06 -55.18 8.87
CA TYR A 547 -8.43 -54.89 7.59
C TYR A 547 -9.09 -53.73 6.86
N LEU A 548 -10.42 -53.64 6.91
CA LEU A 548 -11.13 -52.68 6.07
C LEU A 548 -10.84 -51.26 6.49
N ALA A 549 -10.81 -51.00 7.80
CA ALA A 549 -10.55 -49.64 8.29
C ALA A 549 -9.18 -49.14 7.87
N CYS A 550 -8.25 -50.05 7.59
CA CYS A 550 -6.89 -49.66 7.22
C CYS A 550 -6.79 -49.38 5.73
N LEU A 551 -7.49 -50.16 4.90
CA LEU A 551 -7.49 -49.89 3.46
C LEU A 551 -8.11 -48.54 3.14
N VAL A 552 -9.07 -48.11 3.95
CA VAL A 552 -9.85 -46.92 3.62
C VAL A 552 -9.04 -45.66 3.94
N LEU A 553 -8.33 -45.67 5.06
CA LEU A 553 -7.37 -44.60 5.31
C LEU A 553 -6.26 -44.65 4.28
N ALA A 554 -5.88 -45.84 3.84
CA ALA A 554 -4.85 -45.99 2.82
C ALA A 554 -5.27 -45.35 1.51
N MET A 555 -6.58 -45.30 1.25
CA MET A 555 -7.08 -44.55 0.10
C MET A 555 -7.05 -43.05 0.37
N ALA A 556 -7.77 -42.63 1.42
CA ALA A 556 -8.00 -41.21 1.65
C ALA A 556 -6.68 -40.48 1.88
N LEU A 557 -5.76 -41.08 2.63
CA LEU A 557 -4.42 -40.51 2.74
C LEU A 557 -3.73 -40.51 1.38
N GLY A 558 -4.00 -41.54 0.56
CA GLY A 558 -3.33 -41.64 -0.72
C GLY A 558 -3.78 -40.58 -1.70
N TRP A 559 -5.09 -40.35 -1.80
CA TRP A 559 -5.61 -39.39 -2.76
C TRP A 559 -5.19 -37.97 -2.39
N ALA A 560 -5.29 -37.62 -1.11
CA ALA A 560 -4.89 -36.29 -0.67
C ALA A 560 -3.39 -36.06 -0.85
N ASN A 561 -2.61 -37.14 -0.90
CA ASN A 561 -1.16 -37.01 -1.07
C ASN A 561 -0.76 -36.97 -2.53
N MET A 562 -1.68 -37.26 -3.46
CA MET A 562 -1.42 -36.97 -4.86
C MET A 562 -1.32 -35.47 -5.10
N LEU A 563 -1.92 -34.68 -4.20
CA LEU A 563 -1.78 -33.22 -4.23
C LEU A 563 -0.32 -32.81 -4.11
N TYR A 564 0.49 -33.64 -3.46
CA TYR A 564 1.92 -33.38 -3.33
C TYR A 564 2.58 -33.18 -4.69
N TYR A 565 2.29 -34.07 -5.64
CA TYR A 565 2.91 -34.02 -6.95
C TYR A 565 2.30 -32.91 -7.80
N THR A 566 2.51 -31.65 -7.41
CA THR A 566 2.06 -30.48 -8.15
C THR A 566 3.12 -29.40 -8.18
N ARG A 567 4.37 -29.76 -7.88
CA ARG A 567 5.42 -28.79 -7.63
C ARG A 567 6.32 -28.54 -8.84
N GLY A 568 6.36 -29.45 -9.81
CA GLY A 568 7.16 -29.27 -11.01
C GLY A 568 6.29 -28.89 -12.19
N PHE A 569 5.28 -28.05 -11.92
CA PHE A 569 4.16 -27.91 -12.83
C PHE A 569 3.63 -26.47 -12.90
N GLN A 570 4.45 -25.43 -12.73
CA GLN A 570 4.17 -24.21 -11.94
C GLN A 570 2.66 -23.91 -11.79
N SER A 571 2.22 -22.65 -11.79
CA SER A 571 1.32 -22.05 -10.81
C SER A 571 0.57 -22.95 -9.81
N MET A 572 0.13 -24.15 -10.21
CA MET A 572 -0.34 -25.14 -9.24
C MET A 572 0.64 -25.31 -8.07
N GLY A 573 1.94 -25.28 -8.32
CA GLY A 573 2.92 -25.49 -7.27
C GLY A 573 2.83 -24.46 -6.16
N MET A 574 2.65 -23.19 -6.55
CA MET A 574 2.45 -22.15 -5.54
C MET A 574 1.15 -22.34 -4.78
N TYR A 575 0.17 -23.00 -5.41
CA TYR A 575 -1.13 -23.21 -4.76
C TYR A 575 -1.05 -24.27 -3.69
N SER A 576 -0.22 -25.29 -3.90
CA SER A 576 -0.07 -26.35 -2.90
C SER A 576 0.77 -25.89 -1.71
N VAL A 577 1.44 -24.75 -1.85
CA VAL A 577 2.14 -24.13 -0.73
C VAL A 577 1.12 -23.36 0.11
N MET A 578 0.29 -22.56 -0.56
CA MET A 578 -0.63 -21.68 0.16
C MET A 578 -1.64 -22.47 0.99
N ILE A 579 -2.09 -23.61 0.47
CA ILE A 579 -2.96 -24.46 1.27
C ILE A 579 -2.24 -24.94 2.52
N GLN A 580 -0.93 -25.24 2.42
CA GLN A 580 -0.21 -25.84 3.53
C GLN A 580 0.06 -24.81 4.62
N LYS A 581 0.58 -23.65 4.25
CA LYS A 581 0.77 -22.56 5.20
C LYS A 581 -0.54 -22.09 5.83
N VAL A 582 -1.68 -22.39 5.21
CA VAL A 582 -2.98 -22.02 5.75
C VAL A 582 -3.50 -23.11 6.68
N ILE A 583 -3.29 -24.39 6.35
CA ILE A 583 -3.57 -25.43 7.35
C ILE A 583 -2.29 -25.68 8.14
N LEU A 584 -1.83 -24.64 8.83
CA LEU A 584 -0.90 -24.81 9.93
C LEU A 584 -1.02 -23.72 11.00
N HIS A 585 -1.63 -22.59 10.64
CA HIS A 585 -1.31 -21.32 11.27
C HIS A 585 -2.55 -20.58 11.77
N ASP A 586 -3.63 -20.64 10.99
CA ASP A 586 -4.84 -19.87 11.28
C ASP A 586 -6.02 -20.78 11.56
N VAL A 587 -6.22 -21.79 10.72
CA VAL A 587 -7.35 -22.70 10.90
C VAL A 587 -7.17 -23.52 12.17
N LEU A 588 -5.93 -23.93 12.47
CA LEU A 588 -5.69 -24.70 13.69
C LEU A 588 -6.12 -23.92 14.93
N LYS A 589 -5.96 -22.60 14.90
CA LYS A 589 -6.47 -21.78 15.98
C LYS A 589 -7.99 -21.82 16.01
N PHE A 590 -8.60 -21.63 14.84
CA PHE A 590 -10.05 -21.48 14.75
C PHE A 590 -10.78 -22.71 15.25
N LEU A 591 -10.28 -23.91 14.94
CA LEU A 591 -10.81 -25.12 15.55
C LEU A 591 -10.74 -25.02 17.07
N PHE A 592 -9.54 -24.80 17.60
CA PHE A 592 -9.29 -24.87 19.03
C PHE A 592 -10.21 -23.98 19.86
N VAL A 593 -10.68 -22.87 19.25
CA VAL A 593 -11.68 -22.04 19.90
C VAL A 593 -13.08 -22.46 19.47
N TYR A 594 -13.20 -23.08 18.28
CA TYR A 594 -14.50 -23.58 17.86
C TYR A 594 -14.88 -24.85 18.62
N ILE A 595 -13.88 -25.60 19.09
CA ILE A 595 -14.16 -26.76 19.94
C ILE A 595 -14.78 -26.30 21.25
N VAL A 596 -14.11 -25.37 21.95
CA VAL A 596 -14.47 -25.07 23.34
C VAL A 596 -15.86 -24.47 23.41
N PHE A 597 -16.27 -23.72 22.39
CA PHE A 597 -17.63 -23.20 22.35
C PHE A 597 -18.62 -24.33 22.07
N LEU A 598 -18.33 -25.14 21.06
CA LEU A 598 -19.19 -26.25 20.69
C LEU A 598 -19.38 -27.22 21.86
N LEU A 599 -18.27 -27.61 22.48
CA LEU A 599 -18.36 -28.48 23.65
C LEU A 599 -18.94 -27.74 24.84
N GLY A 600 -18.68 -26.43 24.92
CA GLY A 600 -19.21 -25.61 26.00
C GLY A 600 -20.70 -25.42 25.89
N PHE A 601 -21.14 -24.78 24.80
CA PHE A 601 -22.57 -24.60 24.57
C PHE A 601 -23.29 -25.91 24.35
N GLY A 602 -22.57 -26.98 24.01
CA GLY A 602 -23.18 -28.28 23.82
C GLY A 602 -23.82 -28.82 25.08
N VAL A 603 -23.12 -28.72 26.21
CA VAL A 603 -23.68 -29.19 27.47
C VAL A 603 -24.88 -28.35 27.86
N ALA A 604 -24.78 -27.03 27.70
CA ALA A 604 -25.79 -26.10 28.17
C ALA A 604 -27.16 -26.39 27.60
N LEU A 605 -27.20 -26.78 26.32
CA LEU A 605 -28.46 -27.14 25.69
C LEU A 605 -28.74 -28.64 25.82
N ALA A 606 -27.73 -29.44 26.14
CA ALA A 606 -27.93 -30.87 26.36
C ALA A 606 -28.42 -31.16 27.77
N SER A 607 -28.28 -30.19 28.68
CA SER A 607 -28.75 -30.38 30.05
C SER A 607 -30.08 -29.67 30.31
N LEU A 608 -30.32 -28.55 29.62
CA LEU A 608 -31.60 -27.86 29.79
C LEU A 608 -32.77 -28.73 29.34
N ILE A 609 -32.55 -29.57 28.34
CA ILE A 609 -33.55 -30.57 28.00
C ILE A 609 -33.79 -31.47 29.21
N GLU A 610 -35.03 -31.95 29.33
CA GLU A 610 -35.50 -32.72 30.47
C GLU A 610 -36.36 -33.84 29.92
N LYS A 611 -37.28 -34.34 30.76
CA LYS A 611 -37.95 -35.63 30.61
C LYS A 611 -38.32 -36.01 29.19
N CYS A 612 -37.90 -37.20 28.77
CA CYS A 612 -38.29 -37.78 27.50
C CYS A 612 -39.39 -38.81 27.76
N PRO A 613 -40.69 -38.44 27.67
CA PRO A 613 -41.73 -39.43 27.95
C PRO A 613 -41.70 -40.57 26.95
N LYS A 614 -41.50 -41.79 27.46
CA LYS A 614 -41.31 -42.95 26.60
C LYS A 614 -42.51 -43.20 25.69
N ASP A 615 -43.69 -42.71 26.06
CA ASP A 615 -44.82 -42.72 25.15
C ASP A 615 -44.56 -41.92 23.88
N ASN A 616 -43.66 -40.94 23.94
CA ASN A 616 -43.32 -40.05 22.83
C ASN A 616 -41.85 -40.11 22.45
N LYS A 617 -41.30 -41.30 22.21
CA LYS A 617 -39.87 -41.49 21.99
C LYS A 617 -39.32 -40.63 20.85
N ASP A 618 -37.98 -40.65 20.70
CA ASP A 618 -37.16 -39.64 20.03
C ASP A 618 -37.73 -38.26 20.33
N CYS A 619 -37.85 -37.98 21.64
CA CYS A 619 -38.54 -36.80 22.14
C CYS A 619 -37.96 -35.51 21.57
N SER A 620 -36.63 -35.48 21.40
CA SER A 620 -35.95 -34.26 21.00
C SER A 620 -34.63 -34.60 20.30
N SER A 621 -34.19 -33.70 19.43
CA SER A 621 -32.89 -33.83 18.78
C SER A 621 -31.80 -33.71 19.84
N TYR A 622 -31.81 -32.60 20.57
CA TYR A 622 -30.87 -32.45 21.69
C TYR A 622 -31.29 -33.37 22.82
N GLY A 623 -30.70 -34.57 22.87
CA GLY A 623 -30.91 -35.51 23.95
C GLY A 623 -29.66 -35.66 24.77
N SER A 624 -28.92 -36.73 24.52
CA SER A 624 -27.60 -36.88 25.10
C SER A 624 -26.65 -35.83 24.53
N PHE A 625 -25.45 -35.76 25.11
CA PHE A 625 -24.48 -34.76 24.68
C PHE A 625 -24.02 -35.02 23.25
N SER A 626 -23.97 -36.29 22.84
CA SER A 626 -23.49 -36.63 21.52
C SER A 626 -24.39 -36.04 20.44
N ASP A 627 -25.68 -35.93 20.72
CA ASP A 627 -26.61 -35.39 19.74
C ASP A 627 -26.53 -33.86 19.70
N ALA A 628 -26.20 -33.24 20.84
CA ALA A 628 -26.15 -31.78 20.88
C ALA A 628 -24.98 -31.25 20.06
N VAL A 629 -23.84 -31.95 20.09
CA VAL A 629 -22.66 -31.49 19.37
C VAL A 629 -22.92 -31.52 17.87
N LEU A 630 -23.65 -32.53 17.40
CA LEU A 630 -23.83 -32.71 15.96
C LEU A 630 -24.90 -31.76 15.43
N GLU A 631 -26.04 -31.70 16.10
CA GLU A 631 -27.12 -30.83 15.63
C GLU A 631 -26.72 -29.37 15.70
N LEU A 632 -25.72 -29.04 16.54
CA LEU A 632 -25.07 -27.74 16.42
C LEU A 632 -24.08 -27.73 15.27
N PHE A 633 -23.39 -28.86 15.04
CA PHE A 633 -22.45 -28.94 13.93
C PHE A 633 -23.14 -28.79 12.58
N LYS A 634 -24.33 -29.38 12.43
CA LYS A 634 -25.06 -29.25 11.19
C LYS A 634 -25.53 -27.81 10.98
N LEU A 635 -25.80 -27.10 12.07
CA LEU A 635 -26.20 -25.71 11.98
C LEU A 635 -25.10 -24.83 11.39
N THR A 636 -23.85 -25.06 11.78
CA THR A 636 -22.74 -24.18 11.40
C THR A 636 -22.53 -24.22 9.88
N ILE A 637 -22.53 -25.42 9.31
CA ILE A 637 -22.21 -25.61 7.89
C ILE A 637 -23.33 -25.09 7.00
N GLY A 638 -24.50 -24.83 7.57
CA GLY A 638 -25.65 -24.44 6.78
C GLY A 638 -26.48 -25.61 6.29
N LEU A 639 -26.85 -26.51 7.20
CA LEU A 639 -27.46 -27.78 6.84
C LEU A 639 -28.45 -28.20 7.92
N GLY A 640 -29.56 -28.80 7.48
CA GLY A 640 -30.49 -29.44 8.37
C GLY A 640 -31.80 -28.70 8.54
N ASP A 641 -32.36 -28.76 9.74
CA ASP A 641 -33.63 -28.11 10.06
C ASP A 641 -33.62 -27.73 11.53
N LEU A 642 -34.39 -26.70 11.87
CA LEU A 642 -34.41 -26.15 13.22
C LEU A 642 -35.84 -25.75 13.58
N ASN A 643 -36.24 -26.05 14.82
CA ASN A 643 -37.53 -25.62 15.36
C ASN A 643 -37.36 -25.43 16.86
N ILE A 644 -37.66 -24.22 17.34
CA ILE A 644 -37.44 -23.94 18.75
C ILE A 644 -38.70 -24.41 19.49
N GLN A 645 -38.81 -25.71 19.67
CA GLN A 645 -39.88 -26.35 20.42
C GLN A 645 -39.36 -27.49 21.29
N GLN A 646 -38.08 -27.85 21.12
CA GLN A 646 -37.48 -29.06 21.70
C GLN A 646 -37.73 -29.11 23.20
N ASN A 647 -38.04 -30.30 23.71
CA ASN A 647 -38.48 -30.47 25.10
C ASN A 647 -37.44 -29.93 26.06
N SER A 648 -37.76 -28.83 26.73
CA SER A 648 -36.86 -28.15 27.63
C SER A 648 -37.65 -27.53 28.77
N LYS A 649 -36.92 -27.13 29.81
CA LYS A 649 -37.49 -26.43 30.95
C LYS A 649 -37.74 -24.97 30.64
N TYR A 650 -36.88 -24.36 29.82
CA TYR A 650 -36.89 -22.94 29.54
C TYR A 650 -36.79 -22.72 28.03
N PRO A 651 -37.91 -22.62 27.31
CA PRO A 651 -37.80 -22.32 25.88
C PRO A 651 -37.26 -20.92 25.60
N ILE A 652 -37.27 -20.04 26.60
CA ILE A 652 -36.69 -18.71 26.44
C ILE A 652 -35.18 -18.76 26.63
N LEU A 653 -34.70 -19.56 27.59
CA LEU A 653 -33.26 -19.73 27.78
C LEU A 653 -32.69 -20.71 26.76
N PHE A 654 -33.50 -21.68 26.35
CA PHE A 654 -33.05 -22.70 25.40
C PHE A 654 -32.70 -22.08 24.05
N LEU A 655 -33.23 -20.89 23.76
CA LEU A 655 -32.94 -20.21 22.51
C LEU A 655 -31.79 -19.22 22.67
N PHE A 656 -31.72 -18.56 23.82
CA PHE A 656 -30.70 -17.52 24.03
C PHE A 656 -29.30 -18.12 23.94
N LEU A 657 -29.15 -19.38 24.33
CA LEU A 657 -27.87 -20.05 24.19
C LEU A 657 -27.63 -20.49 22.75
N LEU A 658 -28.70 -20.54 21.93
CA LEU A 658 -28.56 -20.96 20.54
C LEU A 658 -28.24 -19.77 19.64
N ILE A 659 -29.02 -18.69 19.73
CA ILE A 659 -28.70 -17.47 19.01
C ILE A 659 -27.33 -16.96 19.43
N THR A 660 -26.97 -17.20 20.70
CA THR A 660 -25.60 -16.99 21.15
C THR A 660 -24.61 -17.72 20.24
N TYR A 661 -24.78 -19.03 20.08
CA TYR A 661 -23.83 -19.84 19.33
C TYR A 661 -23.75 -19.41 17.87
N VAL A 662 -24.84 -18.84 17.34
CA VAL A 662 -24.81 -18.33 15.97
C VAL A 662 -23.90 -17.12 15.87
N ILE A 663 -24.09 -16.16 16.79
CA ILE A 663 -23.31 -14.94 16.76
C ILE A 663 -21.84 -15.24 17.06
N LEU A 664 -21.57 -15.85 18.21
CA LEU A 664 -20.18 -16.03 18.65
C LEU A 664 -19.37 -16.85 17.65
N THR A 665 -19.97 -17.90 17.09
CA THR A 665 -19.36 -18.58 15.96
C THR A 665 -19.08 -17.63 14.82
N PHE A 666 -20.10 -16.87 14.41
CA PHE A 666 -19.99 -15.98 13.25
C PHE A 666 -18.85 -14.99 13.38
N VAL A 667 -18.61 -14.47 14.60
CA VAL A 667 -17.58 -13.47 14.81
C VAL A 667 -16.20 -14.02 14.44
N LEU A 668 -15.91 -15.25 14.87
CA LEU A 668 -14.61 -15.85 14.57
C LEU A 668 -14.41 -16.02 13.06
N LEU A 669 -15.47 -16.42 12.36
CA LEU A 669 -15.39 -16.59 10.91
C LEU A 669 -15.00 -15.29 10.22
N LEU A 670 -15.28 -14.15 10.85
CA LEU A 670 -14.83 -12.87 10.32
C LEU A 670 -13.40 -12.59 10.76
N ASN A 671 -13.02 -13.09 11.93
CA ASN A 671 -11.62 -13.09 12.32
C ASN A 671 -10.81 -14.03 11.44
N MET A 672 -11.47 -15.02 10.84
CA MET A 672 -10.78 -15.89 9.91
C MET A 672 -10.36 -15.14 8.65
N LEU A 673 -11.34 -14.62 7.90
CA LEU A 673 -11.05 -14.05 6.59
C LEU A 673 -10.11 -12.86 6.70
N ILE A 674 -10.16 -12.13 7.82
CA ILE A 674 -9.27 -10.98 7.98
C ILE A 674 -7.87 -11.44 8.40
N ALA A 675 -7.78 -12.51 9.18
CA ALA A 675 -6.46 -12.99 9.60
C ALA A 675 -5.69 -13.57 8.42
N LEU A 676 -6.39 -14.17 7.46
CA LEU A 676 -5.75 -14.60 6.22
C LEU A 676 -5.53 -13.42 5.27
N MET A 677 -6.45 -12.46 5.28
CA MET A 677 -6.28 -11.21 4.55
C MET A 677 -5.03 -10.47 5.01
N GLY A 678 -4.80 -10.42 6.32
CA GLY A 678 -3.58 -9.85 6.85
C GLY A 678 -2.36 -10.73 6.67
N GLU A 679 -2.51 -11.89 6.03
CA GLU A 679 -1.41 -12.79 5.71
C GLU A 679 -1.09 -12.80 4.22
N THR A 680 -2.11 -12.65 3.36
CA THR A 680 -1.91 -12.86 1.93
C THR A 680 -1.34 -11.64 1.23
N VAL A 681 -1.73 -10.45 1.67
CA VAL A 681 -1.30 -9.22 1.00
C VAL A 681 0.17 -8.94 1.29
N GLU A 682 0.71 -9.56 2.34
CA GLU A 682 2.10 -9.36 2.72
C GLU A 682 3.02 -10.41 2.11
N ASN A 683 2.51 -11.63 1.91
CA ASN A 683 3.36 -12.80 1.74
C ASN A 683 3.33 -13.39 0.33
N VAL A 684 2.15 -13.67 -0.23
CA VAL A 684 1.96 -14.64 -1.33
C VAL A 684 2.91 -14.43 -2.49
N SER A 685 2.90 -13.23 -3.09
CA SER A 685 3.66 -12.98 -4.31
C SER A 685 5.15 -13.19 -4.11
N LYS A 686 5.63 -13.04 -2.88
CA LYS A 686 7.03 -13.31 -2.56
C LYS A 686 7.20 -14.63 -1.81
N GLU A 687 6.20 -15.01 -1.02
CA GLU A 687 6.34 -16.19 -0.17
C GLU A 687 6.25 -17.47 -1.00
N SER A 688 5.20 -17.60 -1.80
CA SER A 688 4.91 -18.86 -2.48
C SER A 688 5.95 -19.16 -3.57
N GLU A 689 6.24 -18.17 -4.41
CA GLU A 689 7.11 -18.38 -5.57
C GLU A 689 8.52 -18.77 -5.13
N ARG A 690 8.91 -18.36 -3.93
CA ARG A 690 10.30 -18.53 -3.50
C ARG A 690 10.51 -19.85 -2.78
N ILE A 691 9.65 -20.18 -1.82
CA ILE A 691 9.74 -21.48 -1.16
C ILE A 691 9.40 -22.59 -2.15
N TRP A 692 8.66 -22.28 -3.21
CA TRP A 692 8.45 -23.25 -4.28
C TRP A 692 9.77 -23.59 -4.97
N ARG A 693 10.58 -22.58 -5.26
CA ARG A 693 11.92 -22.82 -5.81
C ARG A 693 12.76 -23.65 -4.85
N LEU A 694 12.52 -23.47 -3.55
CA LEU A 694 13.27 -24.22 -2.54
C LEU A 694 12.94 -25.71 -2.60
N GLN A 695 11.66 -26.06 -2.40
CA GLN A 695 11.28 -27.47 -2.32
C GLN A 695 11.54 -28.17 -3.65
N ARG A 696 11.40 -27.44 -4.76
CA ARG A 696 11.77 -27.98 -6.06
C ARG A 696 13.26 -28.32 -6.12
N ALA A 697 14.09 -27.58 -5.37
CA ALA A 697 15.52 -27.85 -5.38
C ALA A 697 15.83 -29.17 -4.68
N ARG A 698 15.12 -29.45 -3.58
CA ARG A 698 15.34 -30.71 -2.88
C ARG A 698 14.95 -31.90 -3.75
N THR A 699 13.89 -31.73 -4.55
CA THR A 699 13.43 -32.80 -5.42
C THR A 699 14.48 -33.13 -6.47
N ILE A 700 15.15 -32.11 -6.99
CA ILE A 700 16.19 -32.31 -8.00
C ILE A 700 17.35 -33.10 -7.41
N LEU A 701 17.85 -32.63 -6.27
CA LEU A 701 19.03 -33.25 -5.68
C LEU A 701 18.72 -34.65 -5.15
N GLU A 702 17.54 -34.82 -4.55
CA GLU A 702 17.16 -36.12 -4.02
C GLU A 702 17.13 -37.17 -5.12
N PHE A 703 16.76 -36.77 -6.33
CA PHE A 703 16.85 -37.67 -7.48
C PHE A 703 18.31 -37.87 -7.89
N GLU A 704 19.13 -36.83 -7.78
CA GLU A 704 20.53 -36.94 -8.18
C GLU A 704 21.28 -37.85 -7.21
N LYS A 705 20.81 -37.93 -5.96
CA LYS A 705 21.39 -38.85 -4.99
C LYS A 705 21.06 -40.31 -5.36
N MET A 706 19.93 -40.52 -6.04
CA MET A 706 19.52 -41.86 -6.41
C MET A 706 20.38 -42.44 -7.52
N LEU A 707 20.74 -41.60 -8.49
CA LEU A 707 21.27 -42.04 -9.78
C LEU A 707 22.52 -42.91 -9.61
N PRO A 708 22.72 -43.95 -10.42
CA PRO A 708 23.93 -44.74 -10.30
C PRO A 708 25.16 -43.97 -10.75
N GLU A 709 26.31 -44.63 -10.65
CA GLU A 709 27.58 -43.98 -10.95
C GLU A 709 27.69 -43.60 -12.42
N TRP A 710 27.41 -44.55 -13.32
CA TRP A 710 27.61 -44.30 -14.75
C TRP A 710 26.62 -43.27 -15.28
N LEU A 711 25.39 -43.28 -14.76
CA LEU A 711 24.37 -42.37 -15.25
C LEU A 711 24.57 -40.96 -14.72
N ARG A 712 25.09 -40.84 -13.50
CA ARG A 712 25.36 -39.52 -12.94
C ARG A 712 26.47 -38.82 -13.70
N SER A 713 27.52 -39.57 -14.05
CA SER A 713 28.67 -39.01 -14.76
C SER A 713 28.27 -38.50 -16.14
N ARG A 714 27.34 -39.19 -16.78
CA ARG A 714 26.85 -38.79 -18.10
C ARG A 714 26.11 -37.46 -17.99
N PHE A 715 25.29 -37.32 -16.95
CA PHE A 715 24.48 -36.13 -16.73
C PHE A 715 25.20 -35.06 -15.92
N ARG A 716 26.50 -35.21 -15.68
CA ARG A 716 27.24 -34.17 -14.97
C ARG A 716 27.35 -32.92 -15.85
N MET A 717 27.00 -31.78 -15.26
CA MET A 717 27.08 -30.51 -15.97
C MET A 717 28.53 -30.07 -16.15
N GLY A 718 28.74 -28.99 -16.88
CA GLY A 718 30.02 -28.31 -16.93
C GLY A 718 30.72 -28.49 -18.25
N GLU A 719 31.76 -27.66 -18.43
CA GLU A 719 32.62 -27.71 -19.61
C GLU A 719 34.00 -27.21 -19.25
N LEU A 720 35.04 -27.88 -19.73
CA LEU A 720 36.40 -27.52 -19.36
C LEU A 720 36.77 -26.15 -19.90
N CYS A 721 37.79 -25.54 -19.29
CA CYS A 721 38.19 -24.17 -19.64
C CYS A 721 39.69 -24.06 -19.48
N LYS A 722 40.32 -23.25 -20.34
CA LYS A 722 41.66 -22.75 -20.08
C LYS A 722 41.55 -21.34 -19.51
N VAL A 723 41.15 -21.24 -18.24
CA VAL A 723 40.96 -19.96 -17.57
C VAL A 723 42.27 -19.19 -17.53
N ALA A 724 43.38 -19.91 -17.41
CA ALA A 724 44.70 -19.29 -17.36
C ALA A 724 45.74 -20.26 -17.93
N GLU A 725 47.02 -19.96 -17.72
CA GLU A 725 48.08 -20.81 -18.27
C GLU A 725 48.05 -22.21 -17.66
N ASP A 726 48.44 -22.32 -16.39
CA ASP A 726 48.43 -23.60 -15.67
C ASP A 726 47.19 -23.71 -14.79
N ASP A 727 46.04 -23.75 -15.45
CA ASP A 727 44.77 -23.84 -14.72
C ASP A 727 43.68 -24.35 -15.65
N PHE A 728 43.21 -25.56 -15.38
CA PHE A 728 42.01 -26.12 -16.00
C PHE A 728 40.96 -26.40 -14.93
N ARG A 729 39.75 -25.88 -15.11
CA ARG A 729 38.67 -26.08 -14.17
C ARG A 729 37.33 -26.11 -14.91
N LEU A 730 36.33 -26.73 -14.28
CA LEU A 730 35.00 -26.80 -14.85
C LEU A 730 34.39 -25.39 -14.91
N CYS A 731 33.32 -25.23 -15.68
CA CYS A 731 32.70 -23.92 -15.87
C CYS A 731 31.21 -24.10 -16.05
N LEU A 732 30.52 -22.98 -16.29
CA LEU A 732 29.12 -22.99 -16.70
C LEU A 732 28.85 -21.63 -17.35
N ARG A 733 28.60 -21.65 -18.66
CA ARG A 733 28.39 -20.41 -19.40
C ARG A 733 27.02 -19.83 -19.12
N ILE A 734 27.00 -18.53 -18.81
CA ILE A 734 25.78 -17.76 -18.63
C ILE A 734 25.91 -16.47 -19.41
N ASN A 735 25.24 -16.39 -20.56
CA ASN A 735 25.22 -15.16 -21.34
C ASN A 735 24.36 -14.12 -20.64
N GLU A 736 24.40 -12.88 -21.13
CA GLU A 736 23.60 -11.81 -20.55
C GLU A 736 23.53 -10.64 -21.52
N VAL A 737 22.71 -9.66 -21.16
CA VAL A 737 22.55 -8.43 -21.94
C VAL A 737 22.52 -7.27 -20.96
N LYS A 738 23.23 -6.20 -21.28
CA LYS A 738 23.33 -5.03 -20.41
C LYS A 738 23.62 -3.81 -21.27
N TRP A 739 22.85 -2.73 -21.05
CA TRP A 739 22.90 -1.54 -21.88
C TRP A 739 23.30 -0.28 -21.13
N THR A 740 23.03 -0.20 -19.83
CA THR A 740 23.10 1.09 -19.14
C THR A 740 24.54 1.56 -18.92
N GLU A 741 25.44 0.64 -18.60
CA GLU A 741 26.84 0.97 -18.33
C GLU A 741 27.74 0.28 -19.36
N TRP A 742 28.68 1.04 -19.92
CA TRP A 742 29.52 0.58 -21.02
C TRP A 742 30.99 0.64 -20.60
N LYS A 743 31.82 -0.12 -21.31
CA LYS A 743 33.26 -0.07 -21.10
C LYS A 743 33.95 -0.60 -22.34
N THR A 744 35.26 -0.36 -22.41
CA THR A 744 36.06 -0.73 -23.57
C THR A 744 36.63 -2.12 -23.43
N HIS A 745 35.75 -3.13 -23.31
CA HIS A 745 36.01 -4.44 -22.72
C HIS A 745 37.39 -5.00 -23.03
N VAL A 746 38.17 -5.27 -21.98
CA VAL A 746 39.58 -5.63 -22.10
C VAL A 746 39.85 -7.05 -21.61
N SER A 747 39.06 -7.51 -20.64
CA SER A 747 39.27 -8.82 -20.01
C SER A 747 38.57 -9.87 -20.85
N PHE A 748 39.33 -10.52 -21.73
CA PHE A 748 38.86 -11.59 -22.60
C PHE A 748 39.64 -12.85 -22.23
N LEU A 749 38.94 -13.98 -22.17
CA LEU A 749 39.60 -15.28 -22.12
C LEU A 749 40.00 -15.66 -23.54
N ASN A 750 39.01 -15.70 -24.43
CA ASN A 750 39.20 -15.92 -25.86
C ASN A 750 38.74 -14.68 -26.60
N GLU A 751 39.57 -14.21 -27.53
CA GLU A 751 39.34 -12.93 -28.20
C GLU A 751 38.19 -13.00 -29.20
N ASP A 752 38.00 -14.15 -29.84
CA ASP A 752 36.93 -14.34 -30.81
C ASP A 752 35.57 -14.17 -30.14
N PRO A 753 34.78 -13.11 -30.46
CA PRO A 753 33.53 -12.91 -29.71
C PRO A 753 32.38 -13.81 -30.14
N GLY A 754 32.29 -15.01 -29.55
CA GLY A 754 31.10 -15.81 -29.65
C GLY A 754 31.32 -17.31 -29.56
N PRO A 755 30.25 -18.09 -29.73
CA PRO A 755 30.38 -19.55 -29.70
C PRO A 755 31.27 -20.05 -30.83
N VAL A 756 31.61 -21.34 -30.75
CA VAL A 756 32.46 -22.00 -31.74
C VAL A 756 33.81 -21.30 -31.77
N ARG B 117 56.66 -19.56 -41.35
CA ARG B 117 55.70 -18.61 -40.73
C ARG B 117 56.15 -18.17 -39.31
N ARG B 118 57.45 -18.23 -39.06
CA ARG B 118 57.97 -17.79 -37.76
C ARG B 118 57.83 -16.28 -37.61
N LEU B 119 58.13 -15.55 -38.69
CA LEU B 119 57.96 -14.10 -38.69
C LEU B 119 56.49 -13.71 -38.55
N LYS B 120 55.59 -14.56 -39.01
CA LYS B 120 54.17 -14.28 -38.94
C LYS B 120 53.67 -14.40 -37.50
N LYS B 121 53.93 -15.54 -36.86
CA LYS B 121 53.42 -15.80 -35.52
C LYS B 121 53.98 -14.81 -34.51
N ARG B 122 55.21 -14.35 -34.72
CA ARG B 122 55.87 -13.50 -33.73
C ARG B 122 55.33 -12.07 -33.79
N ILE B 123 54.97 -11.60 -34.98
CA ILE B 123 54.38 -10.27 -35.11
C ILE B 123 52.99 -10.24 -34.49
N PHE B 124 52.25 -11.36 -34.62
CA PHE B 124 50.96 -11.46 -33.94
C PHE B 124 51.14 -11.36 -32.43
N ALA B 125 52.19 -11.99 -31.90
CA ALA B 125 52.49 -11.86 -30.48
C ALA B 125 52.97 -10.45 -30.15
N ALA B 126 53.50 -9.72 -31.12
CA ALA B 126 54.01 -8.39 -30.87
C ALA B 126 52.88 -7.38 -30.68
N VAL B 127 51.90 -7.40 -31.59
CA VAL B 127 50.76 -6.49 -31.47
C VAL B 127 49.94 -6.81 -30.23
N SER B 128 49.96 -8.06 -29.79
CA SER B 128 49.20 -8.51 -28.64
C SER B 128 49.62 -7.78 -27.37
N GLU B 129 50.88 -7.95 -26.98
CA GLU B 129 51.37 -7.44 -25.71
C GLU B 129 51.39 -5.91 -25.67
N GLY B 130 52.09 -5.30 -26.61
CA GLY B 130 52.32 -3.87 -26.63
C GLY B 130 53.77 -3.48 -26.78
N CYS B 131 54.62 -4.45 -27.15
CA CYS B 131 56.06 -4.22 -27.33
C CYS B 131 56.30 -3.53 -28.66
N VAL B 132 56.43 -2.21 -28.59
CA VAL B 132 56.62 -1.42 -29.81
C VAL B 132 58.03 -1.60 -30.36
N GLU B 133 59.04 -1.67 -29.47
CA GLU B 133 60.41 -1.82 -29.93
C GLU B 133 60.60 -3.16 -30.63
N GLU B 134 60.04 -4.22 -30.07
CA GLU B 134 60.13 -5.54 -30.67
C GLU B 134 59.37 -5.61 -31.99
N LEU B 135 58.36 -4.76 -32.17
CA LEU B 135 57.62 -4.68 -33.42
C LEU B 135 58.48 -4.04 -34.51
N VAL B 136 59.11 -2.91 -34.19
CA VAL B 136 59.93 -2.20 -35.17
C VAL B 136 61.11 -3.06 -35.61
N GLU B 137 61.57 -3.95 -34.73
CA GLU B 137 62.66 -4.86 -35.10
C GLU B 137 62.23 -5.77 -36.25
N LEU B 138 61.11 -6.48 -36.08
CA LEU B 138 60.63 -7.36 -37.13
C LEU B 138 59.99 -6.58 -38.27
N LEU B 139 59.59 -5.33 -38.00
CA LEU B 139 59.13 -4.44 -39.07
C LEU B 139 60.20 -4.31 -40.14
N VAL B 140 61.46 -4.15 -39.71
CA VAL B 140 62.56 -4.03 -40.66
C VAL B 140 62.78 -5.36 -41.36
N GLU B 141 62.68 -6.48 -40.63
CA GLU B 141 63.00 -7.77 -41.22
C GLU B 141 62.04 -8.12 -42.36
N LEU B 142 60.74 -7.94 -42.17
CA LEU B 142 59.80 -8.15 -43.26
C LEU B 142 60.07 -7.18 -44.41
N GLN B 143 60.56 -5.99 -44.09
CA GLN B 143 60.94 -5.02 -45.12
C GLN B 143 62.22 -5.48 -45.80
N GLU B 144 63.18 -5.98 -45.02
CA GLU B 144 64.43 -6.49 -45.58
C GLU B 144 64.18 -7.79 -46.34
N LEU B 145 63.25 -8.62 -45.84
CA LEU B 145 62.98 -9.93 -46.41
C LEU B 145 62.43 -9.84 -47.83
N CYS B 146 61.33 -9.10 -48.00
CA CYS B 146 60.52 -9.20 -49.20
C CYS B 146 61.23 -8.65 -50.44
N ARG B 147 62.29 -7.86 -50.23
CA ARG B 147 63.00 -7.27 -51.37
C ARG B 147 63.70 -8.34 -52.19
N ARG B 148 64.25 -9.36 -51.54
CA ARG B 148 64.98 -10.43 -52.21
C ARG B 148 64.32 -11.79 -52.08
N ARG B 149 63.53 -12.03 -51.03
CA ARG B 149 62.83 -13.28 -50.82
C ARG B 149 61.43 -13.18 -51.39
N HIS B 150 61.09 -14.07 -52.32
CA HIS B 150 59.77 -14.14 -52.92
C HIS B 150 59.39 -12.81 -53.56
N ASP B 151 60.23 -12.37 -54.48
CA ASP B 151 60.03 -11.13 -55.20
C ASP B 151 59.09 -11.40 -56.38
N GLU B 152 58.74 -10.35 -57.14
CA GLU B 152 57.91 -10.39 -58.34
C GLU B 152 56.43 -10.56 -58.06
N ASP B 153 56.07 -10.92 -56.82
CA ASP B 153 54.69 -10.84 -56.35
C ASP B 153 54.70 -10.25 -54.95
N VAL B 154 55.45 -9.15 -54.78
CA VAL B 154 55.77 -8.64 -53.43
C VAL B 154 54.53 -8.36 -52.60
N PRO B 155 53.57 -7.52 -53.03
CA PRO B 155 52.49 -7.14 -52.11
C PRO B 155 51.57 -8.29 -51.73
N ASP B 156 51.50 -9.33 -52.57
CA ASP B 156 50.66 -10.47 -52.23
C ASP B 156 51.34 -11.36 -51.20
N PHE B 157 52.59 -11.74 -51.44
CA PHE B 157 53.32 -12.55 -50.46
C PHE B 157 53.55 -11.77 -49.17
N LEU B 158 53.87 -10.47 -49.29
CA LEU B 158 53.99 -9.62 -48.11
C LEU B 158 52.71 -9.63 -47.30
N MET B 159 51.57 -9.45 -47.97
CA MET B 159 50.28 -9.58 -47.29
C MET B 159 50.10 -10.99 -46.73
N HIS B 160 50.49 -12.01 -47.50
CA HIS B 160 50.34 -13.40 -47.05
C HIS B 160 51.12 -13.66 -45.77
N LYS B 161 52.22 -12.93 -45.56
CA LYS B 161 52.94 -13.01 -44.29
C LYS B 161 52.33 -12.14 -43.20
N LEU B 162 51.16 -11.53 -43.47
CA LEU B 162 50.38 -10.82 -42.46
C LEU B 162 49.00 -11.42 -42.27
N THR B 163 48.53 -12.25 -43.20
CA THR B 163 47.21 -12.89 -43.09
C THR B 163 47.33 -14.10 -42.18
N ALA B 164 46.49 -14.15 -41.15
CA ALA B 164 46.29 -15.38 -40.39
C ALA B 164 45.28 -16.25 -41.14
N SER B 165 45.75 -16.91 -42.20
CA SER B 165 44.87 -17.67 -43.07
C SER B 165 44.11 -18.74 -42.31
N ASP B 166 42.94 -19.13 -42.84
CA ASP B 166 41.90 -19.90 -42.19
C ASP B 166 41.06 -19.03 -41.26
N THR B 167 41.45 -17.75 -41.09
CA THR B 167 40.62 -16.78 -40.38
C THR B 167 40.50 -15.45 -41.11
N GLY B 168 41.44 -15.08 -41.96
CA GLY B 168 41.46 -13.77 -42.58
C GLY B 168 41.95 -12.66 -41.67
N LYS B 169 42.30 -12.99 -40.43
CA LYS B 169 42.70 -12.00 -39.44
C LYS B 169 44.10 -11.47 -39.74
N THR B 170 44.20 -10.17 -39.97
CA THR B 170 45.49 -9.52 -40.17
C THR B 170 46.03 -8.98 -38.84
N CYS B 171 47.19 -8.34 -38.91
CA CYS B 171 47.81 -7.81 -37.70
C CYS B 171 47.00 -6.66 -37.13
N LEU B 172 46.48 -5.79 -37.99
CA LEU B 172 45.74 -4.62 -37.53
C LEU B 172 44.50 -5.02 -36.76
N MET B 173 43.80 -6.06 -37.24
CA MET B 173 42.67 -6.61 -36.50
C MET B 173 43.13 -7.16 -35.16
N LYS B 174 44.19 -7.96 -35.16
CA LYS B 174 44.74 -8.54 -33.94
C LYS B 174 45.15 -7.45 -32.95
N ALA B 175 45.56 -6.29 -33.46
CA ALA B 175 45.96 -5.19 -32.59
C ALA B 175 44.77 -4.61 -31.84
N LEU B 176 43.66 -4.37 -32.55
CA LEU B 176 42.54 -3.64 -31.97
C LEU B 176 41.54 -4.55 -31.27
N LEU B 177 41.52 -5.84 -31.59
CA LEU B 177 40.72 -6.77 -30.80
C LEU B 177 41.18 -6.82 -29.35
N ASN B 178 42.47 -6.58 -29.10
CA ASN B 178 43.08 -6.74 -27.78
C ASN B 178 43.71 -5.40 -27.40
N ILE B 179 42.91 -4.56 -26.73
CA ILE B 179 43.36 -3.21 -26.44
C ILE B 179 44.24 -3.21 -25.19
N ASN B 180 45.29 -2.41 -25.24
CA ASN B 180 46.24 -2.17 -24.16
C ASN B 180 46.58 -0.70 -24.18
N PRO B 181 47.14 -0.13 -23.08
CA PRO B 181 47.37 1.32 -23.06
C PRO B 181 48.38 1.78 -24.11
N ASN B 182 49.13 0.84 -24.69
CA ASN B 182 50.04 1.10 -25.79
C ASN B 182 49.47 0.41 -27.04
N THR B 183 48.53 1.08 -27.70
CA THR B 183 47.89 0.59 -28.92
C THR B 183 47.86 1.61 -30.04
N LYS B 184 47.77 2.91 -29.72
CA LYS B 184 47.82 3.94 -30.74
C LYS B 184 49.13 3.86 -31.54
N GLU B 185 50.20 3.42 -30.87
CA GLU B 185 51.49 3.24 -31.55
C GLU B 185 51.39 2.17 -32.63
N ILE B 186 51.14 0.92 -32.22
CA ILE B 186 51.34 -0.24 -33.10
C ILE B 186 50.49 -0.14 -34.36
N VAL B 187 49.37 0.58 -34.29
CA VAL B 187 48.59 0.87 -35.49
C VAL B 187 49.44 1.66 -36.49
N ARG B 188 50.06 2.75 -36.00
CA ARG B 188 50.74 3.67 -36.90
C ARG B 188 51.91 3.04 -37.61
N ILE B 189 52.66 2.16 -36.93
CA ILE B 189 53.81 1.52 -37.57
C ILE B 189 53.33 0.59 -38.69
N LEU B 190 52.16 -0.03 -38.53
CA LEU B 190 51.64 -0.91 -39.57
C LEU B 190 51.04 -0.10 -40.71
N LEU B 191 50.48 1.08 -40.42
CA LEU B 191 49.88 1.89 -41.48
C LEU B 191 50.95 2.53 -42.36
N ALA B 192 51.97 3.13 -41.74
CA ALA B 192 53.09 3.66 -42.51
C ALA B 192 53.78 2.56 -43.29
N PHE B 193 53.81 1.34 -42.73
CA PHE B 193 54.34 0.19 -43.45
C PHE B 193 53.49 -0.13 -44.67
N ALA B 194 52.17 -0.04 -44.52
CA ALA B 194 51.27 -0.28 -45.64
C ALA B 194 51.46 0.77 -46.73
N GLU B 195 51.86 1.98 -46.33
CA GLU B 195 52.10 3.06 -47.28
C GLU B 195 53.33 2.79 -48.13
N GLU B 196 54.41 2.32 -47.49
CA GLU B 196 55.67 2.09 -48.18
C GLU B 196 55.53 0.97 -49.20
N ASN B 197 55.12 -0.22 -48.75
CA ASN B 197 55.01 -1.38 -49.62
C ASN B 197 53.74 -1.34 -50.47
N ASP B 198 52.90 -0.32 -50.29
CA ASP B 198 51.70 -0.13 -51.10
C ASP B 198 50.76 -1.32 -51.03
N ILE B 199 50.23 -1.59 -49.84
CA ILE B 199 49.22 -2.63 -49.64
C ILE B 199 47.98 -2.05 -48.98
N LEU B 200 47.91 -0.71 -48.89
CA LEU B 200 46.95 -0.04 -48.01
C LEU B 200 45.51 -0.35 -48.38
N GLY B 201 45.26 -0.68 -49.64
CA GLY B 201 43.93 -1.07 -50.05
C GLY B 201 43.51 -2.39 -49.41
N ARG B 202 44.19 -3.48 -49.78
CA ARG B 202 43.81 -4.79 -49.28
C ARG B 202 44.13 -4.93 -47.78
N PHE B 203 45.07 -4.13 -47.28
CA PHE B 203 45.47 -4.21 -45.88
C PHE B 203 44.31 -3.87 -44.95
N ILE B 204 43.64 -2.75 -45.21
CA ILE B 204 42.53 -2.32 -44.34
C ILE B 204 41.24 -2.98 -44.78
N ASN B 205 41.04 -3.15 -46.10
CA ASN B 205 39.79 -3.69 -46.61
C ASN B 205 39.71 -5.21 -46.48
N ALA B 206 40.71 -5.86 -45.91
CA ALA B 206 40.63 -7.29 -45.69
C ALA B 206 39.54 -7.60 -44.66
N GLU B 207 39.00 -8.81 -44.75
CA GLU B 207 37.89 -9.22 -43.91
C GLU B 207 38.11 -10.67 -43.50
N TYR B 208 37.33 -11.11 -42.50
CA TYR B 208 37.34 -12.51 -42.12
C TYR B 208 36.76 -13.36 -43.26
N THR B 209 36.87 -14.68 -43.14
CA THR B 209 36.53 -15.59 -44.22
C THR B 209 35.52 -16.65 -43.79
N GLU B 210 35.52 -17.01 -42.51
CA GLU B 210 34.63 -18.06 -42.03
C GLU B 210 33.20 -17.55 -41.94
N GLU B 211 32.25 -18.46 -42.13
CA GLU B 211 30.84 -18.09 -42.18
C GLU B 211 30.35 -17.56 -40.84
N ALA B 212 30.94 -18.05 -39.75
CA ALA B 212 30.55 -17.58 -38.42
C ALA B 212 30.84 -16.09 -38.25
N TYR B 213 31.90 -15.60 -38.90
CA TYR B 213 32.32 -14.21 -38.82
C TYR B 213 32.76 -13.78 -40.21
N GLU B 214 31.85 -13.09 -40.91
CA GLU B 214 32.12 -12.57 -42.23
C GLU B 214 31.89 -11.06 -42.25
N GLY B 215 32.75 -10.35 -42.99
CA GLY B 215 32.58 -8.93 -43.18
C GLY B 215 33.17 -8.06 -42.09
N GLN B 216 33.43 -8.64 -40.92
CA GLN B 216 33.99 -7.87 -39.81
C GLN B 216 35.37 -7.33 -40.18
N THR B 217 35.45 -6.02 -40.38
CA THR B 217 36.67 -5.35 -40.82
C THR B 217 37.29 -4.58 -39.65
N ALA B 218 38.36 -3.85 -39.96
CA ALA B 218 39.06 -3.07 -38.94
C ALA B 218 38.17 -1.99 -38.37
N LEU B 219 37.46 -1.26 -39.24
CA LEU B 219 36.55 -0.22 -38.79
C LEU B 219 35.43 -0.79 -37.92
N ASN B 220 35.05 -2.03 -38.19
CA ASN B 220 34.02 -2.69 -37.39
C ASN B 220 34.53 -2.98 -35.98
N ILE B 221 35.82 -3.27 -35.85
CA ILE B 221 36.39 -3.61 -34.54
C ILE B 221 36.62 -2.33 -33.74
N ALA B 222 37.16 -1.29 -34.38
CA ALA B 222 37.54 -0.08 -33.67
C ALA B 222 36.32 0.63 -33.10
N ILE B 223 35.19 0.58 -33.82
CA ILE B 223 33.98 1.26 -33.35
C ILE B 223 33.39 0.53 -32.15
N GLU B 224 33.73 -0.74 -31.95
CA GLU B 224 33.18 -1.50 -30.84
C GLU B 224 34.00 -1.30 -29.57
N ARG B 225 35.33 -1.28 -29.70
CA ARG B 225 36.20 -1.23 -28.54
C ARG B 225 36.46 0.19 -28.05
N ARG B 226 35.60 1.14 -28.44
CA ARG B 226 35.59 2.49 -27.89
C ARG B 226 36.85 3.29 -28.20
N GLN B 227 37.71 2.80 -29.08
CA GLN B 227 38.88 3.56 -29.50
C GLN B 227 38.49 4.52 -30.61
N GLY B 228 37.71 5.54 -30.24
CA GLY B 228 37.20 6.46 -31.25
C GLY B 228 38.29 7.26 -31.94
N ASP B 229 39.41 7.48 -31.26
CA ASP B 229 40.52 8.19 -31.87
C ASP B 229 41.09 7.39 -33.04
N ILE B 230 41.34 6.10 -32.84
CA ILE B 230 41.90 5.26 -33.90
C ILE B 230 40.92 5.14 -35.06
N ALA B 231 39.62 5.27 -34.78
CA ALA B 231 38.62 5.20 -35.85
C ALA B 231 38.82 6.32 -36.86
N ALA B 232 39.11 7.53 -36.36
CA ALA B 232 39.33 8.68 -37.25
C ALA B 232 40.52 8.45 -38.17
N LEU B 233 41.51 7.69 -37.71
CA LEU B 233 42.68 7.42 -38.53
C LEU B 233 42.36 6.42 -39.63
N LEU B 234 41.65 5.34 -39.27
CA LEU B 234 41.41 4.27 -40.23
C LEU B 234 40.43 4.72 -41.32
N ILE B 235 39.51 5.62 -40.97
CA ILE B 235 38.58 6.18 -41.96
C ILE B 235 39.39 6.98 -42.95
N ALA B 236 40.24 7.89 -42.43
CA ALA B 236 41.04 8.75 -43.28
C ALA B 236 42.03 7.95 -44.13
N ALA B 237 42.46 6.79 -43.63
CA ALA B 237 43.38 5.95 -44.38
C ALA B 237 42.73 5.29 -45.58
N GLY B 238 41.40 5.29 -45.66
CA GLY B 238 40.68 4.75 -46.80
C GLY B 238 39.89 3.50 -46.48
N ALA B 239 39.36 3.41 -45.27
CA ALA B 239 38.52 2.28 -44.89
C ALA B 239 37.18 2.35 -45.60
N ASP B 240 36.70 1.20 -46.05
CA ASP B 240 35.40 1.11 -46.73
C ASP B 240 34.31 1.36 -45.69
N VAL B 241 33.74 2.56 -45.75
CA VAL B 241 32.85 3.04 -44.70
C VAL B 241 31.52 2.28 -44.73
N ASN B 242 31.04 1.93 -45.92
CA ASN B 242 29.77 1.20 -46.07
C ASN B 242 30.01 -0.30 -46.10
N ALA B 243 30.71 -0.78 -45.09
CA ALA B 243 31.02 -2.20 -44.97
C ALA B 243 29.79 -2.99 -44.54
N HIS B 244 29.93 -4.31 -44.41
CA HIS B 244 28.82 -5.18 -44.03
C HIS B 244 29.34 -6.32 -43.17
N ALA B 245 28.41 -7.06 -42.52
CA ALA B 245 28.80 -8.26 -41.76
C ALA B 245 27.62 -9.23 -41.80
N LYS B 246 27.66 -10.13 -42.80
CA LYS B 246 26.58 -11.08 -43.04
C LYS B 246 26.84 -12.46 -42.44
N GLY B 247 27.54 -12.52 -41.32
CA GLY B 247 27.86 -13.79 -40.70
C GLY B 247 26.72 -14.37 -39.88
N ALA B 248 27.06 -15.21 -38.91
CA ALA B 248 26.09 -15.84 -38.02
C ALA B 248 25.99 -15.11 -36.69
N PHE B 249 27.13 -14.75 -36.11
CA PHE B 249 27.18 -13.93 -34.90
C PHE B 249 26.57 -12.56 -35.15
N PHE B 250 26.56 -12.11 -36.41
CA PHE B 250 26.08 -10.78 -36.76
C PHE B 250 24.65 -10.80 -37.28
N ASN B 251 24.13 -11.99 -37.60
CA ASN B 251 22.70 -12.19 -37.84
C ASN B 251 22.20 -13.45 -37.13
N PRO B 252 22.16 -13.45 -35.80
CA PRO B 252 21.54 -14.58 -35.10
C PRO B 252 20.03 -14.61 -35.31
N LYS B 253 19.44 -15.75 -34.94
CA LYS B 253 17.99 -15.92 -34.93
C LYS B 253 17.55 -15.90 -33.48
N TYR B 254 18.10 -16.75 -32.62
CA TYR B 254 17.80 -16.72 -31.20
C TYR B 254 18.64 -15.67 -30.50
N GLN B 255 18.28 -15.34 -29.27
CA GLN B 255 19.04 -14.38 -28.48
C GLN B 255 20.27 -15.05 -27.88
N HIS B 256 21.19 -14.23 -27.36
CA HIS B 256 22.50 -14.65 -26.85
C HIS B 256 23.20 -15.68 -27.73
N GLU B 257 23.17 -15.48 -29.05
CA GLU B 257 24.21 -15.98 -29.94
C GLU B 257 24.93 -14.83 -30.65
N GLY B 258 24.46 -13.60 -30.50
CA GLY B 258 25.18 -12.47 -31.03
C GLY B 258 24.38 -11.20 -30.95
N PHE B 259 24.81 -10.23 -31.75
CA PHE B 259 24.37 -8.85 -31.66
C PHE B 259 24.04 -8.32 -33.05
N TYR B 260 22.80 -7.85 -33.23
CA TYR B 260 22.34 -7.33 -34.52
C TYR B 260 22.39 -5.81 -34.49
N PHE B 261 23.40 -5.25 -35.16
CA PHE B 261 23.53 -3.81 -35.27
C PHE B 261 22.97 -3.28 -36.59
N GLY B 262 23.10 -4.06 -37.67
CA GLY B 262 22.50 -3.72 -38.95
C GLY B 262 23.44 -3.75 -40.14
N GLU B 263 24.60 -4.41 -40.04
CA GLU B 263 25.50 -4.61 -41.18
C GLU B 263 25.98 -3.30 -41.80
N THR B 264 26.12 -2.27 -40.98
CA THR B 264 26.82 -1.05 -41.37
C THR B 264 27.66 -0.58 -40.18
N PRO B 265 28.89 -0.06 -40.40
CA PRO B 265 29.63 0.50 -39.26
C PRO B 265 28.91 1.66 -38.59
N LEU B 266 28.07 2.38 -39.34
CA LEU B 266 27.34 3.50 -38.78
C LEU B 266 26.36 3.04 -37.69
N ALA B 267 25.74 1.88 -37.91
CA ALA B 267 24.73 1.40 -36.96
C ALA B 267 25.37 1.01 -35.64
N LEU B 268 26.53 0.34 -35.69
CA LEU B 268 27.21 -0.07 -34.47
C LEU B 268 27.63 1.14 -33.65
N ALA B 269 27.92 2.25 -34.33
CA ALA B 269 28.27 3.48 -33.62
C ALA B 269 27.03 4.12 -33.01
N ALA B 270 25.87 3.95 -33.65
CA ALA B 270 24.63 4.57 -33.15
C ALA B 270 23.96 3.66 -32.12
N CYS B 271 23.96 2.36 -32.37
CA CYS B 271 23.32 1.42 -31.46
C CYS B 271 24.06 1.35 -30.13
N THR B 272 25.36 1.61 -30.14
CA THR B 272 26.20 1.51 -28.94
C THR B 272 26.51 2.89 -28.35
N ASN B 273 25.75 3.89 -28.80
CA ASN B 273 25.85 5.24 -28.26
C ASN B 273 27.24 5.83 -28.42
N GLN B 274 27.70 6.03 -29.65
CA GLN B 274 28.96 6.68 -29.96
C GLN B 274 28.70 7.87 -30.88
N PRO B 275 28.06 8.92 -30.36
CA PRO B 275 27.61 10.02 -31.23
C PRO B 275 28.75 10.74 -31.95
N GLU B 276 29.93 10.79 -31.34
CA GLU B 276 31.07 11.45 -31.99
C GLU B 276 31.47 10.70 -33.25
N ILE B 277 31.43 9.37 -33.22
CA ILE B 277 31.79 8.57 -34.39
C ILE B 277 30.66 8.61 -35.41
N VAL B 278 29.41 8.65 -34.94
CA VAL B 278 28.28 8.70 -35.85
C VAL B 278 28.32 10.00 -36.66
N GLN B 279 28.64 11.11 -36.00
CA GLN B 279 28.76 12.38 -36.71
C GLN B 279 29.88 12.34 -37.73
N LEU B 280 31.02 11.75 -37.35
CA LEU B 280 32.18 11.72 -38.23
C LEU B 280 31.92 10.83 -39.45
N LEU B 281 31.38 9.63 -39.20
CA LEU B 281 31.01 8.75 -40.32
C LEU B 281 29.96 9.41 -41.21
N MET B 282 29.03 10.14 -40.60
CA MET B 282 27.91 10.76 -41.31
C MET B 282 28.40 11.82 -42.28
N GLU B 283 29.33 12.67 -41.84
CA GLU B 283 29.82 13.76 -42.68
C GLU B 283 30.65 13.25 -43.86
N HIS B 284 31.40 12.18 -43.64
CA HIS B 284 32.27 11.66 -44.66
C HIS B 284 31.47 11.10 -45.84
N GLU B 285 31.84 11.51 -47.04
CA GLU B 285 31.24 10.98 -48.25
C GLU B 285 31.62 9.51 -48.41
N GLN B 286 30.96 8.85 -49.36
CA GLN B 286 30.88 7.39 -49.51
C GLN B 286 30.10 6.73 -48.39
N THR B 287 29.49 7.52 -47.50
CA THR B 287 28.67 6.97 -46.42
C THR B 287 27.22 6.90 -46.88
N ASP B 288 26.85 5.82 -47.58
CA ASP B 288 25.51 5.70 -48.12
C ASP B 288 24.50 5.48 -47.01
N ILE B 289 23.84 6.57 -46.59
CA ILE B 289 22.85 6.51 -45.52
C ILE B 289 21.56 5.82 -45.96
N THR B 290 21.32 5.74 -47.28
CA THR B 290 20.17 5.03 -47.82
C THR B 290 20.48 3.56 -48.10
N SER B 291 21.50 3.01 -47.44
CA SER B 291 21.89 1.63 -47.68
C SER B 291 20.86 0.67 -47.08
N ARG B 292 21.02 -0.61 -47.40
CA ARG B 292 20.12 -1.66 -46.95
C ARG B 292 20.91 -2.92 -46.67
N ASP B 293 20.53 -3.62 -45.60
CA ASP B 293 21.27 -4.77 -45.11
C ASP B 293 20.71 -6.09 -45.67
N SER B 294 21.17 -7.22 -45.12
CA SER B 294 20.77 -8.54 -45.59
C SER B 294 19.27 -8.73 -45.51
N ARG B 295 18.66 -8.44 -44.37
CA ARG B 295 17.21 -8.56 -44.21
C ARG B 295 16.48 -7.31 -44.67
N GLY B 296 17.14 -6.45 -45.44
CA GLY B 296 16.49 -5.33 -46.09
C GLY B 296 16.40 -4.06 -45.27
N ASN B 297 16.78 -4.10 -43.99
CA ASN B 297 16.66 -2.93 -43.13
C ASN B 297 17.69 -1.87 -43.48
N ASN B 298 17.25 -0.60 -43.43
CA ASN B 298 18.14 0.54 -43.47
C ASN B 298 18.57 0.90 -42.05
N ILE B 299 19.20 2.06 -41.90
CA ILE B 299 19.76 2.42 -40.60
C ILE B 299 18.68 2.70 -39.58
N LEU B 300 17.49 3.15 -40.01
CA LEU B 300 16.46 3.52 -39.05
C LEU B 300 15.74 2.28 -38.51
N HIS B 301 15.51 1.27 -39.35
CA HIS B 301 14.88 0.05 -38.86
C HIS B 301 15.72 -0.59 -37.75
N ALA B 302 17.04 -0.63 -37.94
CA ALA B 302 17.91 -1.29 -36.98
C ALA B 302 17.85 -0.58 -35.62
N LEU B 303 17.71 0.74 -35.62
CA LEU B 303 17.59 1.45 -34.36
C LEU B 303 16.26 1.12 -33.68
N VAL B 304 15.21 0.90 -34.47
CA VAL B 304 13.95 0.41 -33.91
C VAL B 304 14.11 -1.00 -33.39
N THR B 305 14.98 -1.81 -34.01
CA THR B 305 15.18 -3.18 -33.57
C THR B 305 15.78 -3.22 -32.17
N VAL B 306 16.96 -2.62 -31.99
CA VAL B 306 17.64 -2.63 -30.70
C VAL B 306 17.22 -1.41 -29.89
N ALA B 307 16.09 -1.54 -29.19
CA ALA B 307 15.54 -0.44 -28.39
C ALA B 307 14.56 -1.01 -27.38
N GLU B 308 14.93 -0.92 -26.10
CA GLU B 308 14.12 -1.42 -25.00
C GLU B 308 13.53 -0.23 -24.23
N ASP B 309 12.85 -0.50 -23.12
CA ASP B 309 12.17 0.51 -22.32
C ASP B 309 13.16 1.20 -21.39
N PHE B 310 12.67 2.15 -20.60
CA PHE B 310 13.50 3.02 -19.78
C PHE B 310 14.15 2.29 -18.61
N LYS B 311 13.57 1.17 -18.17
CA LYS B 311 14.18 0.36 -17.10
C LYS B 311 15.53 -0.12 -17.59
N THR B 312 15.55 -0.59 -18.83
CA THR B 312 16.73 -0.93 -19.61
C THR B 312 17.08 0.35 -20.37
N GLN B 313 17.68 0.23 -21.55
CA GLN B 313 18.33 1.25 -22.37
C GLN B 313 17.71 2.64 -22.22
N ASN B 314 18.54 3.64 -21.88
CA ASN B 314 18.06 4.87 -21.26
C ASN B 314 17.16 5.69 -22.17
N ASP B 315 17.73 6.40 -23.14
CA ASP B 315 16.91 7.06 -24.16
C ASP B 315 17.60 7.23 -25.51
N PHE B 316 18.85 6.76 -25.65
CA PHE B 316 19.70 7.33 -26.68
C PHE B 316 19.27 6.94 -28.09
N VAL B 317 18.47 5.88 -28.23
CA VAL B 317 17.91 5.57 -29.54
C VAL B 317 16.94 6.67 -29.97
N LYS B 318 16.16 7.18 -29.03
CA LYS B 318 15.28 8.32 -29.32
C LYS B 318 16.09 9.52 -29.77
N ARG B 319 17.26 9.71 -29.19
CA ARG B 319 18.11 10.85 -29.56
C ARG B 319 18.83 10.58 -30.88
N MET B 320 19.26 9.33 -31.09
CA MET B 320 20.02 9.01 -32.29
C MET B 320 19.10 8.73 -33.48
N TYR B 321 17.87 8.28 -33.21
CA TYR B 321 16.87 8.18 -34.27
C TYR B 321 16.53 9.58 -34.81
N ASP B 322 16.64 10.59 -33.95
CA ASP B 322 16.41 11.96 -34.35
C ASP B 322 17.56 12.50 -35.19
N MET B 323 18.80 12.28 -34.73
CA MET B 323 19.98 12.90 -35.33
C MET B 323 20.12 12.51 -36.80
N ILE B 324 19.87 11.24 -37.12
CA ILE B 324 20.07 10.77 -38.49
C ILE B 324 18.95 11.29 -39.38
N LEU B 325 17.74 11.41 -38.85
CA LEU B 325 16.59 11.79 -39.67
C LEU B 325 16.61 13.28 -39.99
N LEU B 326 17.01 14.10 -39.02
CA LEU B 326 17.07 15.54 -39.23
C LEU B 326 18.05 15.88 -40.36
N ARG B 327 19.21 15.23 -40.36
CA ARG B 327 20.25 15.55 -41.32
C ARG B 327 19.96 14.94 -42.69
N SER B 328 19.22 13.84 -42.72
CA SER B 328 18.89 13.17 -43.96
C SER B 328 18.09 14.09 -44.87
N GLY B 329 17.12 14.80 -44.29
CA GLY B 329 16.41 15.84 -45.02
C GLY B 329 15.43 15.36 -46.07
N ASN B 330 15.00 14.10 -46.02
CA ASN B 330 14.11 13.56 -47.04
C ASN B 330 13.20 12.50 -46.43
N TRP B 331 12.06 12.28 -47.10
CA TRP B 331 11.12 11.22 -46.75
C TRP B 331 11.49 9.92 -47.48
N GLU B 332 12.72 9.47 -47.26
CA GLU B 332 13.26 8.30 -47.95
C GLU B 332 13.40 7.10 -47.03
N LEU B 333 14.14 7.25 -45.93
CA LEU B 333 14.42 6.11 -45.07
C LEU B 333 13.19 5.69 -44.29
N GLU B 334 12.34 6.66 -43.96
CA GLU B 334 11.11 6.40 -43.22
C GLU B 334 10.03 5.80 -44.13
N THR B 335 10.31 5.68 -45.44
CA THR B 335 9.37 5.10 -46.39
C THR B 335 9.93 3.87 -47.11
N THR B 336 10.88 3.15 -46.50
CA THR B 336 11.54 2.01 -47.13
C THR B 336 10.98 0.73 -46.54
N ARG B 337 10.57 -0.20 -47.40
CA ARG B 337 10.09 -1.50 -46.97
C ARG B 337 11.22 -2.51 -46.98
N ASN B 338 11.49 -3.12 -45.82
CA ASN B 338 12.72 -3.89 -45.68
C ASN B 338 12.77 -5.12 -46.60
N ASN B 339 12.04 -6.19 -46.30
CA ASN B 339 11.69 -7.19 -47.30
C ASN B 339 10.26 -7.68 -47.17
N ASP B 340 9.70 -7.67 -45.96
CA ASP B 340 8.37 -8.20 -45.69
C ASP B 340 7.32 -7.09 -45.80
N GLY B 341 7.71 -5.90 -46.25
CA GLY B 341 6.76 -4.84 -46.52
C GLY B 341 6.55 -3.90 -45.37
N LEU B 342 7.61 -3.65 -44.59
CA LEU B 342 7.48 -2.92 -43.32
C LEU B 342 8.40 -1.70 -43.32
N THR B 343 7.84 -0.56 -42.96
CA THR B 343 8.56 0.67 -42.71
C THR B 343 9.10 0.67 -41.28
N PRO B 344 9.96 1.63 -40.92
CA PRO B 344 10.40 1.70 -39.51
C PRO B 344 9.25 1.95 -38.56
N LEU B 345 8.28 2.72 -39.04
CA LEU B 345 7.07 3.02 -38.27
C LEU B 345 6.29 1.74 -37.99
N GLN B 346 6.00 0.95 -39.03
CA GLN B 346 5.27 -0.30 -38.89
C GLN B 346 6.10 -1.31 -38.10
N LEU B 347 7.42 -1.33 -38.31
CA LEU B 347 8.28 -2.27 -37.60
C LEU B 347 8.25 -2.00 -36.11
N ALA B 348 8.21 -0.72 -35.72
CA ALA B 348 8.12 -0.35 -34.32
C ALA B 348 6.81 -0.82 -33.70
N ALA B 349 5.76 -0.92 -34.53
CA ALA B 349 4.45 -1.32 -34.04
C ALA B 349 4.38 -2.82 -33.79
N LYS B 350 4.88 -3.60 -34.74
CA LYS B 350 4.78 -5.05 -34.67
C LYS B 350 5.59 -5.61 -33.49
N MET B 351 6.82 -5.12 -33.32
CA MET B 351 7.68 -5.63 -32.27
C MET B 351 7.27 -5.14 -30.88
N GLY B 352 6.49 -4.07 -30.80
CA GLY B 352 5.95 -3.57 -29.55
C GLY B 352 6.81 -2.51 -28.88
N LYS B 353 7.60 -1.77 -29.67
CA LYS B 353 8.45 -0.72 -29.12
C LYS B 353 7.63 0.55 -28.95
N ALA B 354 7.27 0.85 -27.70
CA ALA B 354 6.33 1.95 -27.43
C ALA B 354 7.03 3.30 -27.42
N GLU B 355 8.23 3.36 -26.83
CA GLU B 355 8.93 4.63 -26.67
C GLU B 355 9.25 5.27 -28.01
N ILE B 356 9.71 4.46 -28.97
CA ILE B 356 10.07 4.98 -30.28
C ILE B 356 8.81 5.37 -31.06
N LEU B 357 7.71 4.65 -30.86
CA LEU B 357 6.47 4.98 -31.57
C LEU B 357 5.92 6.31 -31.09
N LYS B 358 6.09 6.60 -29.79
CA LYS B 358 5.67 7.89 -29.26
C LYS B 358 6.37 9.05 -29.95
N TYR B 359 7.59 8.83 -30.41
CA TYR B 359 8.37 9.89 -31.03
C TYR B 359 8.01 10.06 -32.51
N ILE B 360 7.85 8.94 -33.22
CA ILE B 360 7.65 8.97 -34.67
C ILE B 360 6.36 9.70 -34.99
N LEU B 361 5.32 9.47 -34.19
CA LEU B 361 4.03 10.10 -34.47
C LEU B 361 4.02 11.56 -34.02
N SER B 362 4.42 11.81 -32.78
CA SER B 362 4.43 13.16 -32.22
C SER B 362 5.83 13.79 -32.35
N ARG B 363 6.23 13.99 -33.61
CA ARG B 363 7.51 14.61 -33.94
C ARG B 363 7.26 16.04 -34.40
N GLU B 364 7.84 17.01 -33.69
CA GLU B 364 7.85 18.41 -34.10
C GLU B 364 9.29 18.83 -34.34
N ILE B 365 9.58 19.23 -35.58
CA ILE B 365 10.88 19.80 -35.93
C ILE B 365 10.63 21.30 -36.08
N LYS B 366 10.80 22.03 -34.98
CA LYS B 366 10.45 23.44 -34.96
C LYS B 366 11.39 24.26 -35.84
N GLU B 367 12.64 23.82 -35.96
CA GLU B 367 13.61 24.52 -36.78
C GLU B 367 13.16 24.51 -38.24
N LYS B 368 13.11 25.68 -38.86
CA LYS B 368 12.66 25.77 -40.25
C LYS B 368 13.66 25.12 -41.18
N ARG B 369 13.24 24.90 -42.44
CA ARG B 369 13.90 24.07 -43.46
C ARG B 369 13.72 22.58 -43.22
N LEU B 370 13.22 22.18 -42.05
CA LEU B 370 12.96 20.78 -41.74
C LEU B 370 11.62 20.64 -41.02
N ARG B 371 10.78 21.66 -41.07
CA ARG B 371 9.40 21.54 -40.61
C ARG B 371 8.60 20.58 -41.48
N SER B 372 9.02 20.36 -42.72
CA SER B 372 8.36 19.42 -43.60
C SER B 372 8.43 17.99 -43.07
N LEU B 373 9.44 17.69 -42.24
CA LEU B 373 9.68 16.35 -41.75
C LEU B 373 8.95 16.08 -40.44
N SER B 374 7.85 16.81 -40.18
CA SER B 374 7.14 16.75 -38.91
C SER B 374 5.78 16.08 -39.08
N ARG B 375 5.16 15.75 -37.95
CA ARG B 375 3.81 15.20 -37.89
C ARG B 375 3.04 15.84 -36.72
N LYS B 376 3.45 17.05 -36.32
CA LYS B 376 2.82 17.79 -35.23
C LYS B 376 2.66 19.25 -35.62
N PHE B 377 2.05 19.50 -36.78
CA PHE B 377 1.86 20.88 -37.22
C PHE B 377 0.85 21.59 -36.34
N THR B 378 1.33 22.57 -35.57
CA THR B 378 0.47 23.40 -34.74
C THR B 378 -0.34 24.35 -35.62
N ASP B 379 -1.65 24.22 -35.53
CA ASP B 379 -2.53 25.08 -36.33
C ASP B 379 -2.47 26.50 -35.82
N TRP B 380 -2.47 26.67 -34.51
CA TRP B 380 -2.44 27.98 -33.88
C TRP B 380 -2.17 27.84 -32.39
N ALA B 381 -2.07 28.98 -31.72
CA ALA B 381 -1.89 29.01 -30.27
C ALA B 381 -2.21 30.40 -29.72
N TYR B 382 -3.10 30.47 -28.74
CA TYR B 382 -3.44 31.71 -28.06
C TYR B 382 -3.31 31.50 -26.57
N GLY B 383 -2.10 31.72 -26.05
CA GLY B 383 -1.82 31.51 -24.66
C GLY B 383 -1.79 30.02 -24.32
N PRO B 384 -2.58 29.56 -23.33
CA PRO B 384 -2.47 28.15 -22.94
C PRO B 384 -3.10 27.20 -23.95
N VAL B 385 -4.15 27.65 -24.63
CA VAL B 385 -4.91 26.82 -25.56
C VAL B 385 -4.12 26.77 -26.86
N SER B 386 -4.04 25.58 -27.45
CA SER B 386 -3.39 25.38 -28.74
C SER B 386 -4.09 24.25 -29.48
N SER B 387 -3.79 24.16 -30.78
CA SER B 387 -4.41 23.17 -31.66
C SER B 387 -3.30 22.50 -32.47
N SER B 388 -3.11 21.20 -32.26
CA SER B 388 -2.05 20.44 -32.88
C SER B 388 -2.66 19.49 -33.91
N LEU B 389 -2.33 19.70 -35.19
CA LEU B 389 -2.82 18.85 -36.27
C LEU B 389 -1.84 17.68 -36.47
N TYR B 390 -2.12 16.58 -35.80
CA TYR B 390 -1.38 15.35 -36.05
C TYR B 390 -1.73 14.82 -37.44
N ASP B 391 -0.98 13.82 -37.89
CA ASP B 391 -1.09 13.29 -39.24
C ASP B 391 -1.60 11.85 -39.19
N LEU B 392 -2.25 11.42 -40.27
CA LEU B 392 -2.84 10.09 -40.38
C LEU B 392 -2.52 9.50 -41.76
N THR B 393 -1.26 9.59 -42.16
CA THR B 393 -0.83 9.03 -43.44
C THR B 393 -0.97 7.51 -43.46
N ASN B 394 -0.25 6.83 -42.57
CA ASN B 394 -0.24 5.37 -42.50
C ASN B 394 -0.62 4.90 -41.11
N VAL B 395 -1.67 5.50 -40.54
CA VAL B 395 -2.16 5.17 -39.21
C VAL B 395 -3.60 4.66 -39.32
N ASP B 396 -4.32 5.10 -40.34
CA ASP B 396 -5.70 4.72 -40.57
C ASP B 396 -5.74 3.47 -41.44
N THR B 397 -6.88 2.79 -41.45
CA THR B 397 -7.04 1.53 -42.19
C THR B 397 -7.42 1.75 -43.65
N THR B 398 -7.21 2.95 -44.17
CA THR B 398 -7.52 3.23 -45.58
C THR B 398 -6.67 2.35 -46.49
N THR B 399 -5.38 2.25 -46.21
CA THR B 399 -4.45 1.42 -46.96
C THR B 399 -4.32 0.04 -46.34
N ASP B 400 -3.27 -0.69 -46.73
CA ASP B 400 -2.97 -2.01 -46.17
C ASP B 400 -2.37 -1.84 -44.78
N ASN B 401 -1.72 -2.88 -44.25
CA ASN B 401 -1.25 -2.98 -42.87
C ASN B 401 -0.71 -1.69 -42.29
N SER B 402 -1.32 -1.23 -41.20
CA SER B 402 -1.00 0.03 -40.55
C SER B 402 -0.85 -0.16 -39.05
N VAL B 403 -0.61 0.93 -38.34
CA VAL B 403 -0.48 0.87 -36.88
C VAL B 403 -1.78 0.38 -36.27
N LEU B 404 -2.91 0.93 -36.73
CA LEU B 404 -4.18 0.65 -36.08
C LEU B 404 -4.62 -0.79 -36.33
N GLU B 405 -4.11 -1.40 -37.39
CA GLU B 405 -4.38 -2.82 -37.65
C GLU B 405 -3.37 -3.70 -36.94
N ILE B 406 -2.09 -3.31 -37.00
CA ILE B 406 -1.03 -4.12 -36.37
C ILE B 406 -1.15 -4.04 -34.86
N THR B 407 -1.34 -2.82 -34.32
CA THR B 407 -1.34 -2.63 -32.88
C THR B 407 -2.48 -3.39 -32.20
N VAL B 408 -3.59 -3.59 -32.91
CA VAL B 408 -4.78 -4.20 -32.31
C VAL B 408 -4.77 -5.71 -32.51
N TYR B 409 -4.61 -6.16 -33.76
CA TYR B 409 -4.78 -7.55 -34.12
C TYR B 409 -3.53 -8.40 -33.82
N ASN B 410 -2.45 -7.80 -33.35
CA ASN B 410 -1.25 -8.57 -33.02
C ASN B 410 -1.43 -9.27 -31.69
N THR B 411 -0.77 -10.42 -31.55
CA THR B 411 -0.79 -11.20 -30.32
C THR B 411 0.58 -11.69 -29.87
N ASN B 412 1.60 -11.65 -30.72
CA ASN B 412 2.94 -12.12 -30.37
C ASN B 412 3.69 -11.17 -29.44
N ILE B 413 3.12 -10.03 -29.06
CA ILE B 413 3.72 -9.12 -28.09
C ILE B 413 2.78 -9.00 -26.90
N ASP B 414 3.17 -8.21 -25.90
CA ASP B 414 2.46 -8.16 -24.62
C ASP B 414 2.04 -6.76 -24.22
N ASN B 415 2.68 -5.73 -24.77
CA ASN B 415 2.47 -4.34 -24.34
C ASN B 415 1.59 -3.57 -25.33
N ARG B 416 0.56 -4.22 -25.88
CA ARG B 416 -0.34 -3.52 -26.78
C ARG B 416 -1.22 -2.52 -26.04
N HIS B 417 -1.35 -2.66 -24.72
CA HIS B 417 -2.15 -1.72 -23.95
C HIS B 417 -1.50 -0.35 -23.91
N GLU B 418 -0.20 -0.29 -23.61
CA GLU B 418 0.48 0.98 -23.42
C GLU B 418 0.54 1.79 -24.70
N MET B 419 0.42 1.13 -25.86
CA MET B 419 0.57 1.81 -27.13
C MET B 419 -0.67 2.61 -27.48
N LEU B 420 -1.84 2.15 -27.04
CA LEU B 420 -3.10 2.72 -27.52
C LEU B 420 -3.45 4.04 -26.84
N THR B 421 -2.58 4.57 -25.97
CA THR B 421 -2.69 5.95 -25.52
C THR B 421 -2.09 6.93 -26.52
N LEU B 422 -1.12 6.48 -27.32
CA LEU B 422 -0.39 7.35 -28.23
C LEU B 422 -1.37 7.91 -29.23
N GLU B 423 -1.36 9.24 -29.40
CA GLU B 423 -2.63 9.94 -29.54
C GLU B 423 -2.84 10.57 -30.91
N PRO B 424 -2.56 9.84 -32.00
CA PRO B 424 -3.49 9.90 -33.14
C PRO B 424 -4.27 8.58 -33.26
N LEU B 425 -4.20 7.72 -32.24
CA LEU B 425 -4.99 6.50 -32.20
C LEU B 425 -6.18 6.64 -31.25
N HIS B 426 -5.91 7.00 -29.99
CA HIS B 426 -6.95 7.06 -28.97
C HIS B 426 -8.09 8.00 -29.38
N THR B 427 -7.72 9.17 -29.90
CA THR B 427 -8.73 10.05 -30.49
C THR B 427 -9.37 9.40 -31.70
N LEU B 428 -8.59 8.61 -32.46
CA LEU B 428 -9.09 8.00 -33.68
C LEU B 428 -9.99 6.80 -33.38
N LEU B 429 -9.71 6.08 -32.30
CA LEU B 429 -10.60 4.99 -31.90
C LEU B 429 -11.95 5.53 -31.45
N HIS B 430 -11.94 6.61 -30.66
CA HIS B 430 -13.16 7.09 -30.04
C HIS B 430 -14.14 7.63 -31.07
N MET B 431 -13.63 8.29 -32.10
CA MET B 431 -14.51 8.92 -33.09
C MET B 431 -15.17 7.90 -34.00
N LYS B 432 -14.46 6.80 -34.27
CA LYS B 432 -15.05 5.72 -35.07
C LYS B 432 -16.23 5.11 -34.34
N TRP B 433 -16.21 5.10 -33.02
CA TRP B 433 -17.30 4.54 -32.23
C TRP B 433 -18.52 5.46 -32.28
N LYS B 434 -18.30 6.75 -32.02
CA LYS B 434 -19.39 7.72 -32.04
C LYS B 434 -20.07 7.78 -33.39
N LYS B 435 -19.35 7.47 -34.46
CA LYS B 435 -19.89 7.61 -35.82
C LYS B 435 -20.74 6.39 -36.22
N PHE B 436 -20.12 5.21 -36.28
CA PHE B 436 -20.74 4.03 -36.87
C PHE B 436 -20.76 2.81 -35.96
N ALA B 437 -19.71 2.59 -35.17
CA ALA B 437 -19.58 1.30 -34.48
C ALA B 437 -20.45 1.23 -33.24
N LYS B 438 -20.82 2.38 -32.68
CA LYS B 438 -21.77 2.37 -31.56
C LYS B 438 -23.12 1.82 -32.00
N HIS B 439 -23.61 2.28 -33.15
CA HIS B 439 -24.88 1.79 -33.68
C HIS B 439 -24.79 0.31 -34.03
N MET B 440 -23.80 -0.06 -34.85
CA MET B 440 -23.69 -1.44 -35.33
C MET B 440 -23.53 -2.42 -34.18
N PHE B 441 -22.94 -1.98 -33.07
CA PHE B 441 -22.85 -2.84 -31.90
C PHE B 441 -24.22 -3.06 -31.27
N PHE B 442 -25.10 -2.04 -31.35
CA PHE B 442 -26.44 -2.18 -30.79
C PHE B 442 -27.38 -2.87 -31.76
N LEU B 443 -27.25 -2.61 -33.06
CA LEU B 443 -28.03 -3.36 -34.04
C LEU B 443 -27.69 -4.84 -34.00
N SER B 444 -26.44 -5.15 -33.62
CA SER B 444 -26.07 -6.54 -33.35
C SER B 444 -26.86 -7.10 -32.19
N PHE B 445 -26.90 -6.36 -31.08
CA PHE B 445 -27.50 -6.85 -29.85
C PHE B 445 -29.00 -7.08 -30.00
N CYS B 446 -29.66 -6.27 -30.82
CA CYS B 446 -31.09 -6.41 -31.00
C CYS B 446 -31.43 -7.69 -31.77
N PHE B 447 -30.65 -8.00 -32.81
CA PHE B 447 -30.89 -9.21 -33.56
C PHE B 447 -30.49 -10.45 -32.77
N TYR B 448 -29.35 -10.38 -32.08
CA TYR B 448 -28.93 -11.51 -31.24
C TYR B 448 -29.86 -11.66 -30.05
N PHE B 449 -30.52 -10.58 -29.63
CA PHE B 449 -31.59 -10.69 -28.65
C PHE B 449 -32.81 -11.37 -29.25
N PHE B 450 -33.31 -10.86 -30.37
CA PHE B 450 -34.49 -11.43 -31.01
C PHE B 450 -34.27 -12.88 -31.42
N TYR B 451 -33.00 -13.26 -31.62
CA TYR B 451 -32.69 -14.63 -32.02
C TYR B 451 -32.91 -15.61 -30.87
N ASN B 452 -32.31 -15.33 -29.71
CA ASN B 452 -32.43 -16.25 -28.58
C ASN B 452 -33.86 -16.33 -28.09
N ILE B 453 -34.59 -15.21 -28.10
CA ILE B 453 -36.00 -15.22 -27.74
C ILE B 453 -36.79 -16.09 -28.71
N THR B 454 -36.46 -16.01 -29.99
CA THR B 454 -37.09 -16.88 -30.97
C THR B 454 -36.76 -18.34 -30.69
N LEU B 455 -35.48 -18.64 -30.51
CA LEU B 455 -35.05 -20.00 -30.20
C LEU B 455 -35.66 -20.48 -28.89
N THR B 456 -35.94 -19.55 -27.98
CA THR B 456 -36.43 -19.90 -26.65
C THR B 456 -37.95 -20.02 -26.61
N LEU B 457 -38.64 -19.17 -27.37
CA LEU B 457 -40.10 -19.22 -27.40
C LEU B 457 -40.61 -20.33 -28.31
N VAL B 458 -39.72 -21.19 -28.81
CA VAL B 458 -40.08 -22.45 -29.44
C VAL B 458 -39.77 -23.56 -28.45
N SER B 459 -38.69 -23.41 -27.69
CA SER B 459 -38.16 -24.50 -26.87
C SER B 459 -39.04 -24.84 -25.67
N TYR B 460 -39.87 -23.91 -25.21
CA TYR B 460 -40.68 -24.12 -24.01
C TYR B 460 -42.16 -24.26 -24.34
N TYR B 461 -42.51 -24.33 -25.64
CA TYR B 461 -43.91 -24.49 -26.03
C TYR B 461 -44.15 -25.76 -26.84
N ARG B 462 -43.28 -26.04 -27.81
CA ARG B 462 -43.43 -27.24 -28.64
C ARG B 462 -42.79 -28.46 -27.98
N PRO B 463 -41.54 -28.40 -27.45
CA PRO B 463 -40.98 -29.58 -26.78
C PRO B 463 -41.73 -30.01 -25.53
N ARG B 464 -42.31 -29.06 -24.78
CA ARG B 464 -43.12 -29.40 -23.63
C ARG B 464 -44.51 -29.85 -24.09
N GLU B 465 -44.56 -30.94 -24.87
CA GLU B 465 -45.77 -31.67 -25.26
C GLU B 465 -45.29 -32.79 -26.19
N GLU B 466 -46.07 -33.85 -26.37
CA GLU B 466 -45.75 -34.86 -27.36
C GLU B 466 -47.01 -35.54 -27.87
N GLU B 467 -47.28 -35.47 -29.19
CA GLU B 467 -48.41 -36.17 -29.76
C GLU B 467 -47.99 -37.34 -30.63
N ALA B 468 -47.36 -37.05 -31.78
CA ALA B 468 -46.71 -38.06 -32.62
C ALA B 468 -45.28 -37.63 -32.92
N ILE B 469 -45.14 -36.44 -33.49
CA ILE B 469 -43.87 -35.81 -33.83
C ILE B 469 -44.11 -34.30 -33.85
N PRO B 470 -43.33 -33.51 -33.11
CA PRO B 470 -43.18 -32.09 -33.48
C PRO B 470 -41.96 -31.87 -34.34
N HIS B 471 -42.14 -31.06 -35.39
CA HIS B 471 -41.01 -30.50 -36.13
C HIS B 471 -40.52 -29.27 -35.38
N PRO B 472 -39.34 -29.31 -34.67
CA PRO B 472 -39.01 -28.19 -33.77
C PRO B 472 -38.80 -26.84 -34.45
N LEU B 473 -37.87 -26.78 -35.40
CA LEU B 473 -37.47 -25.53 -36.05
C LEU B 473 -37.49 -25.63 -37.58
N ALA B 474 -38.06 -26.69 -38.13
CA ALA B 474 -38.00 -26.93 -39.57
C ALA B 474 -38.94 -25.99 -40.29
N LEU B 475 -39.08 -26.20 -41.61
CA LEU B 475 -40.06 -25.47 -42.42
C LEU B 475 -41.45 -25.69 -41.82
N THR B 476 -42.09 -24.60 -41.40
CA THR B 476 -43.23 -24.67 -40.48
C THR B 476 -44.40 -25.47 -41.04
N HIS B 477 -44.94 -25.07 -42.20
CA HIS B 477 -45.82 -25.96 -42.96
C HIS B 477 -47.08 -26.37 -42.19
N LYS B 478 -48.12 -25.52 -42.20
CA LYS B 478 -49.26 -25.55 -41.25
C LYS B 478 -48.86 -24.95 -39.91
N MET B 479 -48.42 -23.69 -39.96
CA MET B 479 -48.41 -22.81 -38.80
C MET B 479 -48.77 -21.40 -39.26
N GLY B 480 -49.13 -20.54 -38.32
CA GLY B 480 -49.51 -19.17 -38.64
C GLY B 480 -48.34 -18.32 -39.10
N TRP B 481 -48.57 -17.04 -39.37
CA TRP B 481 -47.50 -16.18 -39.87
C TRP B 481 -46.47 -15.92 -38.79
N LEU B 482 -46.89 -15.80 -37.52
CA LEU B 482 -46.01 -15.50 -36.40
C LEU B 482 -44.88 -16.52 -36.30
N GLN B 483 -45.19 -17.78 -36.60
CA GLN B 483 -44.21 -18.85 -36.42
C GLN B 483 -43.36 -19.04 -37.66
N LEU B 484 -43.85 -18.59 -38.83
CA LEU B 484 -43.05 -18.68 -40.05
C LEU B 484 -41.77 -17.87 -39.93
N LEU B 485 -41.90 -16.55 -39.76
CA LEU B 485 -40.73 -15.69 -39.67
C LEU B 485 -39.90 -16.03 -38.43
N GLY B 486 -40.52 -16.62 -37.42
CA GLY B 486 -39.81 -17.13 -36.28
C GLY B 486 -38.79 -18.18 -36.67
N ARG B 487 -39.28 -19.34 -37.14
CA ARG B 487 -38.37 -20.44 -37.49
C ARG B 487 -37.41 -20.05 -38.60
N MET B 488 -37.89 -19.32 -39.60
CA MET B 488 -37.04 -18.99 -40.75
C MET B 488 -35.89 -18.08 -40.34
N PHE B 489 -36.14 -17.16 -39.41
CA PHE B 489 -35.08 -16.27 -38.95
C PHE B 489 -33.99 -17.04 -38.21
N VAL B 490 -34.36 -18.16 -37.59
CA VAL B 490 -33.41 -18.95 -36.81
C VAL B 490 -32.39 -19.57 -37.77
N LEU B 491 -32.89 -20.28 -38.78
CA LEU B 491 -32.02 -21.06 -39.65
C LEU B 491 -31.06 -20.17 -40.43
N ILE B 492 -31.56 -19.05 -40.96
CA ILE B 492 -30.72 -18.16 -41.75
C ILE B 492 -29.64 -17.54 -40.87
N TRP B 493 -30.02 -17.02 -39.71
CA TRP B 493 -29.05 -16.43 -38.80
C TRP B 493 -28.18 -17.48 -38.13
N ALA B 494 -28.69 -18.71 -38.01
CA ALA B 494 -27.88 -19.80 -37.48
C ALA B 494 -26.74 -20.14 -38.45
N MET B 495 -27.06 -20.31 -39.73
CA MET B 495 -26.04 -20.48 -40.75
C MET B 495 -25.13 -19.27 -40.80
N CYS B 496 -25.68 -18.09 -40.53
CA CYS B 496 -24.94 -16.84 -40.67
C CYS B 496 -23.78 -16.80 -39.67
N ILE B 497 -24.04 -17.13 -38.41
CA ILE B 497 -22.95 -17.23 -37.44
C ILE B 497 -22.06 -18.41 -37.79
N SER B 498 -22.67 -19.52 -38.21
CA SER B 498 -21.95 -20.76 -38.49
C SER B 498 -20.88 -20.54 -39.55
N VAL B 499 -21.23 -19.80 -40.61
CA VAL B 499 -20.22 -19.44 -41.61
C VAL B 499 -19.20 -18.50 -40.99
N LYS B 500 -19.67 -17.33 -40.54
CA LYS B 500 -18.80 -16.17 -40.32
C LYS B 500 -17.69 -16.46 -39.34
N GLU B 501 -18.04 -16.93 -38.13
CA GLU B 501 -17.03 -17.23 -37.12
C GLU B 501 -15.99 -18.21 -37.64
N GLY B 502 -16.39 -19.16 -38.47
CA GLY B 502 -15.49 -20.10 -39.10
C GLY B 502 -14.33 -19.46 -39.86
N ILE B 503 -14.54 -18.24 -40.37
CA ILE B 503 -13.45 -17.49 -41.00
C ILE B 503 -12.55 -16.97 -39.90
N ALA B 504 -13.14 -16.58 -38.77
CA ALA B 504 -12.33 -16.16 -37.61
C ALA B 504 -11.59 -17.35 -37.02
N ILE B 505 -12.13 -18.56 -37.19
CA ILE B 505 -11.42 -19.78 -36.80
C ILE B 505 -10.20 -19.92 -37.69
N PHE B 506 -10.40 -19.83 -39.01
CA PHE B 506 -9.35 -20.10 -39.97
C PHE B 506 -8.24 -19.05 -39.90
N LEU B 507 -8.61 -17.77 -39.89
CA LEU B 507 -7.61 -16.72 -39.71
C LEU B 507 -7.29 -16.58 -38.23
N LEU B 508 -6.67 -17.61 -37.67
CA LEU B 508 -6.27 -17.69 -36.26
C LEU B 508 -4.82 -18.17 -36.24
N ARG B 509 -3.93 -17.45 -36.94
CA ARG B 509 -2.50 -17.62 -36.71
C ARG B 509 -2.30 -17.62 -35.21
N PRO B 510 -1.73 -18.71 -34.61
CA PRO B 510 -2.06 -19.06 -33.21
C PRO B 510 -1.98 -17.93 -32.21
N SER B 511 -3.14 -17.51 -31.70
CA SER B 511 -3.22 -16.49 -30.68
C SER B 511 -2.43 -17.01 -29.49
N ASP B 512 -1.31 -16.36 -29.20
CA ASP B 512 -0.18 -16.91 -28.44
C ASP B 512 -0.62 -17.66 -27.19
N LEU B 513 -1.62 -17.17 -26.47
CA LEU B 513 -2.10 -17.93 -25.33
C LEU B 513 -2.78 -19.22 -25.79
N GLN B 514 -4.03 -19.13 -26.26
CA GLN B 514 -4.79 -20.18 -26.95
C GLN B 514 -6.18 -19.57 -27.19
N SER B 515 -7.18 -20.43 -27.46
CA SER B 515 -8.60 -20.19 -27.19
C SER B 515 -8.89 -19.31 -25.99
N ILE B 516 -8.07 -19.46 -24.95
CA ILE B 516 -8.05 -18.62 -23.75
C ILE B 516 -7.72 -17.19 -24.16
N LEU B 517 -7.59 -16.30 -23.16
CA LEU B 517 -7.81 -14.86 -23.26
C LEU B 517 -7.25 -14.12 -24.47
N SER B 518 -7.74 -12.88 -24.61
CA SER B 518 -7.48 -11.83 -25.59
C SER B 518 -8.30 -11.84 -26.87
N ASP B 519 -8.90 -12.95 -27.30
CA ASP B 519 -10.31 -12.89 -27.69
C ASP B 519 -11.04 -14.24 -27.73
N ALA B 520 -10.30 -15.30 -28.06
CA ALA B 520 -10.91 -16.40 -28.81
C ALA B 520 -11.77 -17.32 -27.96
N TRP B 521 -11.93 -17.02 -26.67
CA TRP B 521 -12.87 -17.77 -25.84
C TRP B 521 -14.30 -17.61 -26.35
N PHE B 522 -14.59 -16.48 -26.99
CA PHE B 522 -15.97 -16.13 -27.31
C PHE B 522 -16.34 -16.45 -28.75
N HIS B 523 -15.36 -16.46 -29.66
CA HIS B 523 -15.66 -16.77 -31.05
C HIS B 523 -15.98 -18.25 -31.23
N PHE B 524 -15.56 -19.09 -30.28
CA PHE B 524 -15.88 -20.52 -30.36
C PHE B 524 -17.31 -20.78 -29.89
N VAL B 525 -17.68 -20.24 -28.73
CA VAL B 525 -19.02 -20.47 -28.19
C VAL B 525 -20.08 -19.90 -29.13
N PHE B 526 -19.77 -18.80 -29.81
CA PHE B 526 -20.63 -18.37 -30.92
C PHE B 526 -20.69 -19.44 -31.98
N PHE B 527 -19.54 -19.99 -32.37
CA PHE B 527 -19.50 -21.02 -33.39
C PHE B 527 -20.24 -22.28 -32.93
N ILE B 528 -19.95 -22.74 -31.71
CA ILE B 528 -20.59 -23.95 -31.19
C ILE B 528 -22.09 -23.75 -31.11
N GLN B 529 -22.53 -22.56 -30.68
CA GLN B 529 -23.96 -22.29 -30.60
C GLN B 529 -24.62 -22.41 -31.96
N ALA B 530 -23.95 -21.92 -33.01
CA ALA B 530 -24.52 -21.97 -34.35
C ALA B 530 -24.53 -23.38 -34.89
N VAL B 531 -23.49 -24.16 -34.58
CA VAL B 531 -23.43 -25.53 -35.09
C VAL B 531 -24.53 -26.39 -34.45
N LEU B 532 -24.71 -26.26 -33.13
CA LEU B 532 -25.64 -27.14 -32.43
C LEU B 532 -27.07 -26.94 -32.91
N VAL B 533 -27.41 -25.73 -33.34
CA VAL B 533 -28.76 -25.48 -33.87
C VAL B 533 -28.93 -26.18 -35.21
N ILE B 534 -28.03 -25.92 -36.16
CA ILE B 534 -28.17 -26.50 -37.49
C ILE B 534 -27.89 -28.00 -37.44
N LEU B 535 -26.98 -28.43 -36.55
CA LEU B 535 -26.73 -29.86 -36.36
C LEU B 535 -28.01 -30.59 -35.99
N SER B 536 -28.84 -29.99 -35.12
CA SER B 536 -30.05 -30.65 -34.67
C SER B 536 -31.05 -30.83 -35.81
N VAL B 537 -31.27 -29.76 -36.58
CA VAL B 537 -32.25 -29.80 -37.66
C VAL B 537 -31.86 -30.85 -38.69
N PHE B 538 -30.57 -31.16 -38.79
CA PHE B 538 -30.13 -32.30 -39.59
C PHE B 538 -30.38 -33.61 -38.85
N LEU B 539 -30.08 -33.66 -37.55
CA LEU B 539 -30.35 -34.89 -36.78
C LEU B 539 -31.83 -35.25 -36.81
N TYR B 540 -32.70 -34.28 -36.56
CA TYR B 540 -34.13 -34.55 -36.51
C TYR B 540 -34.66 -35.00 -37.88
N LEU B 541 -34.07 -34.46 -38.95
CA LEU B 541 -34.55 -34.73 -40.30
C LEU B 541 -34.47 -36.21 -40.61
N PHE B 542 -33.35 -36.86 -40.30
CA PHE B 542 -33.22 -38.27 -40.62
C PHE B 542 -34.23 -39.11 -39.84
N ALA B 543 -33.96 -39.36 -38.55
CA ALA B 543 -35.00 -39.83 -37.63
C ALA B 543 -34.80 -39.39 -36.19
N TYR B 544 -33.59 -38.93 -35.84
CA TYR B 544 -33.09 -39.07 -34.48
C TYR B 544 -33.84 -38.22 -33.44
N LYS B 545 -33.98 -38.79 -32.24
CA LYS B 545 -34.56 -38.13 -31.08
C LYS B 545 -33.59 -37.19 -30.37
N GLU B 546 -32.36 -37.04 -30.87
CA GLU B 546 -31.32 -36.27 -30.19
C GLU B 546 -31.51 -34.77 -30.37
N TYR B 547 -32.58 -34.36 -31.06
CA TYR B 547 -32.80 -32.94 -31.35
C TYR B 547 -32.89 -32.11 -30.07
N LEU B 548 -33.58 -32.62 -29.04
CA LEU B 548 -33.89 -31.81 -27.87
C LEU B 548 -32.63 -31.44 -27.11
N ALA B 549 -31.70 -32.38 -26.94
CA ALA B 549 -30.48 -32.11 -26.20
C ALA B 549 -29.65 -31.00 -26.86
N CYS B 550 -29.83 -30.81 -28.17
CA CYS B 550 -29.05 -29.81 -28.88
C CYS B 550 -29.69 -28.42 -28.79
N LEU B 551 -31.02 -28.36 -28.81
CA LEU B 551 -31.70 -27.07 -28.64
C LEU B 551 -31.43 -26.48 -27.27
N VAL B 552 -31.25 -27.33 -26.27
CA VAL B 552 -31.17 -26.85 -24.89
C VAL B 552 -29.79 -26.26 -24.62
N LEU B 553 -28.75 -26.90 -25.13
CA LEU B 553 -27.43 -26.27 -25.09
C LEU B 553 -27.43 -25.02 -25.95
N ALA B 554 -28.17 -25.02 -27.05
CA ALA B 554 -28.27 -23.85 -27.91
C ALA B 554 -28.89 -22.68 -27.17
N MET B 555 -29.75 -22.95 -26.19
CA MET B 555 -30.25 -21.88 -25.32
C MET B 555 -29.20 -21.46 -24.31
N ALA B 556 -28.74 -22.41 -23.49
CA ALA B 556 -27.89 -22.08 -22.35
C ALA B 556 -26.59 -21.44 -22.80
N LEU B 557 -25.99 -21.96 -23.89
CA LEU B 557 -24.84 -21.27 -24.47
C LEU B 557 -25.24 -19.90 -25.00
N GLY B 558 -26.47 -19.78 -25.50
CA GLY B 558 -26.90 -18.52 -26.08
C GLY B 558 -27.09 -17.44 -25.03
N TRP B 559 -27.75 -17.78 -23.93
CA TRP B 559 -28.02 -16.77 -22.89
C TRP B 559 -26.73 -16.31 -22.23
N ALA B 560 -25.84 -17.25 -21.90
CA ALA B 560 -24.58 -16.88 -21.27
C ALA B 560 -23.71 -16.05 -22.21
N ASN B 561 -23.94 -16.16 -23.52
CA ASN B 561 -23.14 -15.41 -24.49
C ASN B 561 -23.73 -14.04 -24.78
N MET B 562 -24.95 -13.77 -24.31
CA MET B 562 -25.45 -12.39 -24.31
C MET B 562 -24.65 -11.52 -23.36
N LEU B 563 -24.01 -12.15 -22.36
CA LEU B 563 -23.08 -11.45 -21.48
C LEU B 563 -21.94 -10.80 -22.26
N TYR B 564 -21.60 -11.37 -23.42
CA TYR B 564 -20.56 -10.81 -24.28
C TYR B 564 -20.86 -9.36 -24.63
N TYR B 565 -22.10 -9.09 -25.04
CA TYR B 565 -22.48 -7.74 -25.46
C TYR B 565 -22.66 -6.81 -24.27
N THR B 566 -21.56 -6.52 -23.56
CA THR B 566 -21.57 -5.58 -22.44
C THR B 566 -20.34 -4.68 -22.47
N ARG B 567 -19.68 -4.59 -23.63
CA ARG B 567 -18.37 -3.97 -23.73
C ARG B 567 -18.41 -2.53 -24.23
N GLY B 568 -19.49 -2.11 -24.89
CA GLY B 568 -19.62 -0.75 -25.36
C GLY B 568 -20.56 0.04 -24.48
N PHE B 569 -20.49 -0.21 -23.17
CA PHE B 569 -21.57 0.15 -22.26
C PHE B 569 -21.06 0.60 -20.89
N GLN B 570 -19.87 1.24 -20.77
CA GLN B 570 -18.86 1.00 -19.72
C GLN B 570 -19.45 0.43 -18.42
N SER B 571 -18.95 0.78 -17.24
CA SER B 571 -18.52 -0.10 -16.15
C SER B 571 -18.92 -1.59 -16.22
N MET B 572 -20.11 -1.95 -16.72
CA MET B 572 -20.38 -3.36 -17.05
C MET B 572 -19.26 -4.00 -17.86
N GLY B 573 -18.66 -3.27 -18.80
CA GLY B 573 -17.61 -3.84 -19.64
C GLY B 573 -16.42 -4.33 -18.86
N MET B 574 -16.00 -3.56 -17.87
CA MET B 574 -14.91 -3.99 -17.00
C MET B 574 -15.32 -5.21 -16.17
N TYR B 575 -16.62 -5.37 -15.92
CA TYR B 575 -17.09 -6.49 -15.10
C TYR B 575 -17.06 -7.80 -15.88
N SER B 576 -17.32 -7.73 -17.19
CA SER B 576 -17.29 -8.93 -18.01
C SER B 576 -15.86 -9.38 -18.29
N VAL B 577 -14.87 -8.52 -18.00
CA VAL B 577 -13.47 -8.90 -18.09
C VAL B 577 -13.10 -9.65 -16.81
N MET B 578 -13.49 -9.09 -15.65
CA MET B 578 -13.07 -9.66 -14.37
C MET B 578 -13.63 -11.05 -14.17
N ILE B 579 -14.85 -11.31 -14.62
CA ILE B 579 -15.37 -12.66 -14.57
C ILE B 579 -14.53 -13.60 -15.41
N GLN B 580 -14.04 -13.13 -16.56
CA GLN B 580 -13.34 -14.02 -17.50
C GLN B 580 -11.95 -14.37 -16.98
N LYS B 581 -11.19 -13.36 -16.55
CA LYS B 581 -9.89 -13.60 -15.95
C LYS B 581 -9.98 -14.43 -14.67
N VAL B 582 -11.17 -14.48 -14.05
CA VAL B 582 -11.36 -15.28 -12.84
C VAL B 582 -11.75 -16.71 -13.20
N ILE B 583 -12.59 -16.90 -14.23
CA ILE B 583 -12.79 -18.27 -14.72
C ILE B 583 -11.76 -18.52 -15.82
N LEU B 584 -10.48 -18.47 -15.44
CA LEU B 584 -9.42 -19.08 -16.23
C LEU B 584 -8.23 -19.53 -15.38
N HIS B 585 -8.11 -18.99 -14.16
CA HIS B 585 -6.81 -18.83 -13.52
C HIS B 585 -6.79 -19.41 -12.11
N ASP B 586 -7.87 -19.22 -11.36
CA ASP B 586 -7.93 -19.59 -9.96
C ASP B 586 -8.98 -20.69 -9.72
N VAL B 587 -10.17 -20.50 -10.28
CA VAL B 587 -11.24 -21.48 -10.06
C VAL B 587 -10.89 -22.79 -10.76
N LEU B 588 -10.26 -22.74 -11.93
CA LEU B 588 -9.88 -23.96 -12.62
C LEU B 588 -8.95 -24.80 -11.77
N LYS B 589 -8.08 -24.15 -10.98
CA LYS B 589 -7.26 -24.89 -10.02
C LYS B 589 -8.13 -25.52 -8.95
N PHE B 590 -9.04 -24.72 -8.38
CA PHE B 590 -9.81 -25.14 -7.22
C PHE B 590 -10.66 -26.37 -7.53
N LEU B 591 -11.27 -26.42 -8.72
CA LEU B 591 -11.92 -27.65 -9.16
C LEU B 591 -10.96 -28.82 -9.12
N PHE B 592 -9.84 -28.69 -9.84
CA PHE B 592 -8.91 -29.80 -10.07
C PHE B 592 -8.43 -30.44 -8.77
N VAL B 593 -8.38 -29.67 -7.69
CA VAL B 593 -8.08 -30.23 -6.37
C VAL B 593 -9.37 -30.60 -5.64
N TYR B 594 -10.48 -29.95 -6.00
CA TYR B 594 -11.76 -30.31 -5.39
C TYR B 594 -12.29 -31.62 -5.98
N ILE B 595 -11.89 -31.95 -7.22
CA ILE B 595 -12.25 -33.23 -7.79
C ILE B 595 -11.56 -34.36 -7.02
N VAL B 596 -10.24 -34.26 -6.87
CA VAL B 596 -9.46 -35.40 -6.38
C VAL B 596 -9.85 -35.76 -4.95
N PHE B 597 -10.21 -34.76 -4.15
CA PHE B 597 -10.71 -35.04 -2.80
C PHE B 597 -12.08 -35.67 -2.86
N LEU B 598 -12.99 -35.09 -3.64
CA LEU B 598 -14.35 -35.60 -3.78
C LEU B 598 -14.34 -37.04 -4.29
N LEU B 599 -13.60 -37.29 -5.36
CA LEU B 599 -13.48 -38.65 -5.88
C LEU B 599 -12.68 -39.53 -4.93
N GLY B 600 -11.72 -38.94 -4.23
CA GLY B 600 -10.91 -39.67 -3.27
C GLY B 600 -11.70 -40.07 -2.05
N PHE B 601 -12.19 -39.09 -1.29
CA PHE B 601 -13.03 -39.37 -0.14
C PHE B 601 -14.33 -40.04 -0.51
N GLY B 602 -14.75 -39.94 -1.78
CA GLY B 602 -15.98 -40.58 -2.23
C GLY B 602 -15.93 -42.08 -2.12
N VAL B 603 -14.82 -42.69 -2.54
CA VAL B 603 -14.68 -44.14 -2.44
C VAL B 603 -14.64 -44.57 -0.99
N ALA B 604 -13.90 -43.83 -0.15
CA ALA B 604 -13.64 -44.21 1.22
C ALA B 604 -14.91 -44.40 2.01
N LEU B 605 -15.91 -43.54 1.75
CA LEU B 605 -17.20 -43.67 2.42
C LEU B 605 -18.17 -44.53 1.61
N ALA B 606 -17.87 -44.74 0.32
CA ALA B 606 -18.70 -45.60 -0.51
C ALA B 606 -18.34 -47.07 -0.34
N SER B 607 -17.17 -47.35 0.24
CA SER B 607 -16.75 -48.73 0.46
C SER B 607 -16.93 -49.16 1.92
N LEU B 608 -16.80 -48.21 2.86
CA LEU B 608 -17.01 -48.54 4.26
C LEU B 608 -18.44 -49.00 4.52
N ILE B 609 -19.40 -48.47 3.77
CA ILE B 609 -20.75 -49.01 3.81
C ILE B 609 -20.72 -50.47 3.38
N GLU B 610 -21.63 -51.25 3.96
CA GLU B 610 -21.67 -52.69 3.79
C GLU B 610 -23.15 -53.07 3.65
N LYS B 611 -23.48 -54.32 3.98
CA LYS B 611 -24.70 -55.02 3.58
C LYS B 611 -25.96 -54.16 3.57
N CYS B 612 -26.67 -54.16 2.45
CA CYS B 612 -27.97 -53.53 2.32
C CYS B 612 -29.04 -54.61 2.43
N PRO B 613 -29.60 -54.88 3.63
CA PRO B 613 -30.61 -55.94 3.73
C PRO B 613 -31.85 -55.60 2.91
N LYS B 614 -32.16 -56.45 1.92
CA LYS B 614 -33.24 -56.18 0.98
C LYS B 614 -34.59 -56.01 1.68
N ASP B 615 -34.75 -56.56 2.88
CA ASP B 615 -35.93 -56.26 3.69
C ASP B 615 -36.02 -54.78 4.04
N ASN B 616 -34.91 -54.05 4.05
CA ASN B 616 -34.84 -52.64 4.40
C ASN B 616 -34.26 -51.78 3.29
N LYS B 617 -34.80 -51.89 2.07
CA LYS B 617 -34.24 -51.23 0.88
C LYS B 617 -34.07 -49.72 1.06
N ASP B 618 -33.42 -49.08 0.08
CA ASP B 618 -32.74 -47.77 0.16
C ASP B 618 -32.07 -47.66 1.53
N CYS B 619 -31.21 -48.65 1.82
CA CYS B 619 -30.63 -48.83 3.13
C CYS B 619 -29.86 -47.59 3.58
N SER B 620 -29.20 -46.92 2.64
CA SER B 620 -28.32 -45.80 2.96
C SER B 620 -28.20 -44.86 1.77
N SER B 621 -27.92 -43.59 2.05
CA SER B 621 -27.63 -42.62 1.01
C SER B 621 -26.34 -43.00 0.30
N TYR B 622 -25.25 -43.13 1.08
CA TYR B 622 -24.00 -43.61 0.52
C TYR B 622 -24.13 -45.09 0.20
N GLY B 623 -24.47 -45.41 -1.05
CA GLY B 623 -24.52 -46.79 -1.52
C GLY B 623 -23.43 -47.02 -2.54
N SER B 624 -23.80 -46.99 -3.81
CA SER B 624 -22.80 -47.02 -4.87
C SER B 624 -21.99 -45.72 -4.85
N PHE B 625 -20.94 -45.70 -5.67
CA PHE B 625 -20.05 -44.55 -5.71
C PHE B 625 -20.77 -43.31 -6.22
N SER B 626 -21.71 -43.51 -7.15
CA SER B 626 -22.43 -42.38 -7.73
C SER B 626 -23.20 -41.59 -6.68
N ASP B 627 -23.70 -42.29 -5.66
CA ASP B 627 -24.47 -41.62 -4.61
C ASP B 627 -23.54 -40.90 -3.64
N ALA B 628 -22.33 -41.43 -3.44
CA ALA B 628 -21.41 -40.83 -2.48
C ALA B 628 -20.91 -39.48 -2.98
N VAL B 629 -20.68 -39.36 -4.29
CA VAL B 629 -20.16 -38.11 -4.84
C VAL B 629 -21.19 -37.00 -4.69
N LEU B 630 -22.47 -37.33 -4.85
CA LEU B 630 -23.50 -36.30 -4.85
C LEU B 630 -23.86 -35.87 -3.43
N GLU B 631 -24.07 -36.85 -2.55
CA GLU B 631 -24.44 -36.52 -1.17
C GLU B 631 -23.31 -35.80 -0.46
N LEU B 632 -22.07 -35.95 -0.96
CA LEU B 632 -20.99 -35.04 -0.55
C LEU B 632 -21.10 -33.71 -1.27
N PHE B 633 -21.51 -33.74 -2.54
CA PHE B 633 -21.67 -32.50 -3.31
C PHE B 633 -22.75 -31.61 -2.71
N LYS B 634 -23.86 -32.20 -2.25
CA LYS B 634 -24.92 -31.41 -1.64
C LYS B 634 -24.45 -30.81 -0.32
N LEU B 635 -23.55 -31.50 0.38
CA LEU B 635 -23.00 -30.99 1.63
C LEU B 635 -22.20 -29.71 1.42
N THR B 636 -21.41 -29.64 0.36
CA THR B 636 -20.48 -28.51 0.15
C THR B 636 -21.27 -27.21 -0.06
N ILE B 637 -22.30 -27.26 -0.89
CA ILE B 637 -23.06 -26.07 -1.25
C ILE B 637 -23.90 -25.55 -0.09
N GLY B 638 -24.07 -26.35 0.95
CA GLY B 638 -24.95 -25.99 2.04
C GLY B 638 -26.38 -26.43 1.83
N LEU B 639 -26.60 -27.69 1.51
CA LEU B 639 -27.90 -28.18 1.08
C LEU B 639 -28.08 -29.62 1.52
N GLY B 640 -29.31 -29.95 1.91
CA GLY B 640 -29.71 -31.31 2.17
C GLY B 640 -29.91 -31.65 3.63
N ASP B 641 -29.56 -32.88 4.01
CA ASP B 641 -29.71 -33.35 5.37
C ASP B 641 -28.63 -34.38 5.65
N LEU B 642 -28.26 -34.52 6.92
CA LEU B 642 -27.16 -35.39 7.33
C LEU B 642 -27.52 -36.07 8.64
N ASN B 643 -27.21 -37.37 8.75
CA ASN B 643 -27.37 -38.13 9.99
C ASN B 643 -26.30 -39.21 10.01
N ILE B 644 -25.46 -39.19 11.04
CA ILE B 644 -24.37 -40.15 11.09
C ILE B 644 -24.91 -41.44 11.71
N GLN B 645 -25.65 -42.18 10.89
CA GLN B 645 -26.19 -43.49 11.24
C GLN B 645 -26.07 -44.48 10.09
N GLN B 646 -25.67 -44.00 8.90
CA GLN B 646 -25.70 -44.76 7.66
C GLN B 646 -25.00 -46.09 7.81
N ASN B 647 -25.59 -47.14 7.23
CA ASN B 647 -25.14 -48.52 7.45
C ASN B 647 -23.68 -48.67 7.07
N SER B 648 -22.82 -48.86 8.07
CA SER B 648 -21.39 -48.96 7.88
C SER B 648 -20.81 -49.93 8.89
N LYS B 649 -19.56 -50.32 8.65
CA LYS B 649 -18.82 -51.18 9.55
C LYS B 649 -18.26 -50.39 10.73
N TYR B 650 -17.91 -49.14 10.51
CA TYR B 650 -17.22 -48.30 11.49
C TYR B 650 -17.91 -46.94 11.55
N PRO B 651 -18.90 -46.75 12.43
CA PRO B 651 -19.48 -45.41 12.54
C PRO B 651 -18.52 -44.38 13.09
N ILE B 652 -17.42 -44.82 13.72
CA ILE B 652 -16.40 -43.90 14.20
C ILE B 652 -15.47 -43.48 13.06
N LEU B 653 -15.13 -44.42 12.18
CA LEU B 653 -14.31 -44.09 11.02
C LEU B 653 -15.15 -43.46 9.92
N PHE B 654 -16.42 -43.85 9.85
CA PHE B 654 -17.31 -43.32 8.80
C PHE B 654 -17.54 -41.83 8.96
N LEU B 655 -17.29 -41.29 10.16
CA LEU B 655 -17.45 -39.86 10.39
C LEU B 655 -16.13 -39.12 10.25
N PHE B 656 -15.02 -39.76 10.67
CA PHE B 656 -13.73 -39.09 10.62
C PHE B 656 -13.34 -38.71 9.20
N LEU B 657 -13.77 -39.52 8.22
CA LEU B 657 -13.53 -39.18 6.83
C LEU B 657 -14.50 -38.11 6.34
N LEU B 658 -15.59 -37.89 7.08
CA LEU B 658 -16.57 -36.87 6.68
C LEU B 658 -16.22 -35.51 7.25
N ILE B 659 -15.96 -35.43 8.56
CA ILE B 659 -15.47 -34.19 9.16
C ILE B 659 -14.16 -33.79 8.50
N THR B 660 -13.36 -34.77 8.09
CA THR B 660 -12.20 -34.51 7.24
C THR B 660 -12.61 -33.70 6.01
N TYR B 661 -13.58 -34.20 5.25
CA TYR B 661 -13.95 -33.57 3.98
C TYR B 661 -14.49 -32.16 4.21
N VAL B 662 -15.08 -31.90 5.39
CA VAL B 662 -15.55 -30.55 5.70
C VAL B 662 -14.38 -29.61 5.86
N ILE B 663 -13.40 -30.02 6.66
CA ILE B 663 -12.24 -29.16 6.93
C ILE B 663 -11.43 -28.96 5.66
N LEU B 664 -10.97 -30.06 5.04
CA LEU B 664 -10.03 -29.96 3.92
C LEU B 664 -10.65 -29.17 2.77
N THR B 665 -11.92 -29.40 2.48
CA THR B 665 -12.64 -28.53 1.54
C THR B 665 -12.57 -27.08 1.99
N PHE B 666 -12.94 -26.82 3.25
CA PHE B 666 -13.02 -25.45 3.77
C PHE B 666 -11.72 -24.69 3.61
N VAL B 667 -10.59 -25.38 3.81
CA VAL B 667 -9.28 -24.71 3.75
C VAL B 667 -9.04 -24.12 2.36
N LEU B 668 -9.37 -24.87 1.31
CA LEU B 668 -9.15 -24.38 -0.05
C LEU B 668 -10.01 -23.15 -0.33
N LEU B 669 -11.26 -23.15 0.17
CA LEU B 669 -12.15 -22.01 -0.03
C LEU B 669 -11.56 -20.74 0.58
N LEU B 670 -10.68 -20.88 1.57
CA LEU B 670 -9.97 -19.72 2.11
C LEU B 670 -8.75 -19.40 1.27
N ASN B 671 -8.16 -20.43 0.65
CA ASN B 671 -7.14 -20.21 -0.36
C ASN B 671 -7.75 -19.57 -1.60
N MET B 672 -9.06 -19.76 -1.81
CA MET B 672 -9.72 -19.10 -2.92
C MET B 672 -9.77 -17.59 -2.72
N LEU B 673 -10.43 -17.14 -1.66
CA LEU B 673 -10.70 -15.72 -1.49
C LEU B 673 -9.41 -14.92 -1.36
N ILE B 674 -8.36 -15.54 -0.81
CA ILE B 674 -7.09 -14.84 -0.68
C ILE B 674 -6.33 -14.83 -2.01
N ALA B 675 -6.46 -15.89 -2.81
CA ALA B 675 -5.76 -15.92 -4.09
C ALA B 675 -6.34 -14.90 -5.05
N LEU B 676 -7.65 -14.65 -4.96
CA LEU B 676 -8.26 -13.58 -5.74
C LEU B 676 -7.99 -12.22 -5.11
N MET B 677 -7.93 -12.18 -3.77
CA MET B 677 -7.51 -10.98 -3.05
C MET B 677 -6.12 -10.55 -3.45
N GLY B 678 -5.19 -11.51 -3.56
CA GLY B 678 -3.86 -11.22 -4.07
C GLY B 678 -3.80 -10.97 -5.56
N GLU B 679 -4.94 -11.00 -6.25
CA GLU B 679 -5.04 -10.70 -7.67
C GLU B 679 -5.73 -9.35 -7.92
N THR B 680 -6.70 -9.00 -7.09
CA THR B 680 -7.55 -7.84 -7.40
C THR B 680 -6.92 -6.52 -6.98
N VAL B 681 -6.17 -6.52 -5.87
CA VAL B 681 -5.60 -5.28 -5.35
C VAL B 681 -4.44 -4.83 -6.23
N GLU B 682 -3.88 -5.75 -7.03
CA GLU B 682 -2.76 -5.42 -7.91
C GLU B 682 -3.23 -5.01 -9.30
N ASN B 683 -4.35 -5.58 -9.76
CA ASN B 683 -4.66 -5.60 -11.20
C ASN B 683 -5.84 -4.71 -11.59
N VAL B 684 -6.99 -4.84 -10.92
CA VAL B 684 -8.30 -4.43 -11.46
C VAL B 684 -8.32 -3.02 -12.02
N SER B 685 -7.97 -2.02 -11.20
CA SER B 685 -8.10 -0.63 -11.59
C SER B 685 -7.27 -0.29 -12.83
N LYS B 686 -6.20 -1.05 -13.06
CA LYS B 686 -5.39 -0.88 -14.26
C LYS B 686 -5.64 -1.99 -15.28
N GLU B 687 -5.96 -3.19 -14.80
CA GLU B 687 -6.10 -4.33 -15.71
C GLU B 687 -7.38 -4.23 -16.52
N SER B 688 -8.51 -4.05 -15.85
CA SER B 688 -9.81 -4.14 -16.51
C SER B 688 -10.03 -2.98 -17.48
N GLU B 689 -9.77 -1.76 -17.02
CA GLU B 689 -10.08 -0.57 -17.82
C GLU B 689 -9.26 -0.54 -19.11
N ARG B 690 -8.10 -1.19 -19.10
CA ARG B 690 -7.17 -1.07 -20.22
C ARG B 690 -7.42 -2.14 -21.28
N ILE B 691 -7.54 -3.40 -20.86
CA ILE B 691 -7.88 -4.45 -21.81
C ILE B 691 -9.30 -4.26 -22.34
N TRP B 692 -10.14 -3.53 -21.59
CA TRP B 692 -11.45 -3.17 -22.11
C TRP B 692 -11.31 -2.24 -23.32
N ARG B 693 -10.42 -1.25 -23.22
CA ARG B 693 -10.14 -0.38 -24.36
C ARG B 693 -9.60 -1.20 -25.53
N LEU B 694 -8.86 -2.27 -25.23
CA LEU B 694 -8.31 -3.13 -26.28
C LEU B 694 -9.42 -3.83 -27.05
N GLN B 695 -10.23 -4.65 -26.36
CA GLN B 695 -11.22 -5.46 -27.05
C GLN B 695 -12.26 -4.57 -27.73
N ARG B 696 -12.55 -3.42 -27.14
CA ARG B 696 -13.41 -2.44 -27.79
C ARG B 696 -12.81 -1.96 -29.10
N ALA B 697 -11.48 -1.92 -29.19
CA ALA B 697 -10.83 -1.48 -30.42
C ALA B 697 -11.04 -2.49 -31.55
N ARG B 698 -10.97 -3.78 -31.21
CA ARG B 698 -11.18 -4.81 -32.23
C ARG B 698 -12.61 -4.76 -32.76
N THR B 699 -13.56 -4.45 -31.88
CA THR B 699 -14.96 -4.37 -32.29
C THR B 699 -15.17 -3.24 -33.29
N ILE B 700 -14.49 -2.11 -33.08
CA ILE B 700 -14.62 -0.97 -33.99
C ILE B 700 -14.09 -1.35 -35.37
N LEU B 701 -12.86 -1.88 -35.41
CA LEU B 701 -12.23 -2.17 -36.69
C LEU B 701 -12.92 -3.31 -37.40
N GLU B 702 -13.34 -4.34 -36.66
CA GLU B 702 -14.02 -5.47 -37.27
C GLU B 702 -15.29 -5.04 -37.97
N PHE B 703 -15.97 -4.02 -37.43
CA PHE B 703 -17.10 -3.43 -38.14
C PHE B 703 -16.64 -2.62 -39.35
N GLU B 704 -15.50 -1.94 -39.22
CA GLU B 704 -15.01 -1.12 -40.32
C GLU B 704 -14.56 -2.01 -41.49
N LYS B 705 -14.15 -3.25 -41.19
CA LYS B 705 -13.82 -4.20 -42.24
C LYS B 705 -15.07 -4.65 -42.98
N MET B 706 -16.22 -4.63 -42.32
CA MET B 706 -17.47 -5.05 -42.94
C MET B 706 -17.97 -4.06 -43.98
N LEU B 707 -17.83 -2.77 -43.68
CA LEU B 707 -18.53 -1.70 -44.38
C LEU B 707 -18.24 -1.73 -45.87
N PRO B 708 -19.21 -1.43 -46.74
CA PRO B 708 -18.93 -1.40 -48.17
C PRO B 708 -18.05 -0.22 -48.53
N GLU B 709 -17.73 -0.13 -49.83
CA GLU B 709 -16.81 0.88 -50.31
C GLU B 709 -17.37 2.29 -50.14
N TRP B 710 -18.60 2.50 -50.59
CA TRP B 710 -19.17 3.85 -50.59
C TRP B 710 -19.43 4.35 -49.17
N LEU B 711 -19.82 3.43 -48.28
CA LEU B 711 -20.15 3.84 -46.91
C LEU B 711 -18.89 4.08 -46.09
N ARG B 712 -17.83 3.33 -46.37
CA ARG B 712 -16.56 3.54 -45.66
C ARG B 712 -15.97 4.90 -46.00
N SER B 713 -16.03 5.28 -47.28
CA SER B 713 -15.45 6.53 -47.74
C SER B 713 -16.17 7.72 -47.11
N ARG B 714 -17.48 7.60 -46.92
CA ARG B 714 -18.27 8.64 -46.30
C ARG B 714 -17.84 8.84 -44.85
N PHE B 715 -17.62 7.72 -44.15
CA PHE B 715 -17.25 7.75 -42.74
C PHE B 715 -15.75 7.83 -42.51
N ARG B 716 -14.96 8.06 -43.57
CA ARG B 716 -13.53 8.23 -43.39
C ARG B 716 -13.24 9.51 -42.62
N MET B 717 -12.41 9.39 -41.58
CA MET B 717 -12.02 10.54 -40.77
C MET B 717 -11.05 11.43 -41.53
N GLY B 718 -10.71 12.58 -40.95
CA GLY B 718 -9.63 13.40 -41.42
C GLY B 718 -10.10 14.68 -42.08
N GLU B 719 -9.13 15.58 -42.26
CA GLU B 719 -9.36 16.86 -42.93
C GLU B 719 -8.07 17.32 -43.60
N LEU B 720 -8.16 17.84 -44.82
CA LEU B 720 -6.98 18.21 -45.56
C LEU B 720 -6.27 19.38 -44.89
N CYS B 721 -4.99 19.54 -45.21
CA CYS B 721 -4.16 20.56 -44.58
C CYS B 721 -3.14 21.07 -45.59
N LYS B 722 -2.81 22.35 -45.50
CA LYS B 722 -1.61 22.89 -46.13
C LYS B 722 -0.51 22.98 -45.08
N VAL B 723 0.06 21.83 -44.72
CA VAL B 723 1.10 21.76 -43.69
C VAL B 723 2.31 22.57 -44.12
N ALA B 724 2.58 22.59 -45.43
CA ALA B 724 3.72 23.34 -45.96
C ALA B 724 3.40 23.79 -47.38
N GLU B 725 4.41 24.24 -48.11
CA GLU B 725 4.19 24.74 -49.47
C GLU B 725 3.70 23.63 -50.39
N ASP B 726 4.59 22.70 -50.75
CA ASP B 726 4.25 21.57 -51.62
C ASP B 726 3.98 20.33 -50.77
N ASP B 727 2.93 20.39 -49.96
CA ASP B 727 2.59 19.26 -49.10
C ASP B 727 1.14 19.38 -48.65
N PHE B 728 0.31 18.46 -49.14
CA PHE B 728 -1.05 18.26 -48.65
C PHE B 728 -1.19 16.85 -48.08
N ARG B 729 -1.67 16.76 -46.84
CA ARG B 729 -1.86 15.47 -46.18
C ARG B 729 -3.05 15.54 -45.23
N LEU B 730 -3.61 14.37 -44.92
CA LEU B 730 -4.73 14.29 -43.99
C LEU B 730 -4.28 14.71 -42.60
N CYS B 731 -5.23 14.99 -41.70
CA CYS B 731 -4.90 15.45 -40.36
C CYS B 731 -5.96 14.95 -39.40
N LEU B 732 -5.83 15.35 -38.14
CA LEU B 732 -6.85 15.14 -37.12
C LEU B 732 -6.58 16.15 -36.00
N ARG B 733 -7.49 17.10 -35.85
CA ARG B 733 -7.31 18.16 -34.86
C ARG B 733 -7.57 17.64 -33.45
N ILE B 734 -6.62 17.93 -32.55
CA ILE B 734 -6.77 17.63 -31.13
C ILE B 734 -6.37 18.89 -30.35
N ASN B 735 -7.36 19.59 -29.81
CA ASN B 735 -7.10 20.74 -28.97
C ASN B 735 -6.56 20.29 -27.62
N GLU B 736 -6.10 21.23 -26.81
CA GLU B 736 -5.58 20.89 -25.48
C GLU B 736 -5.48 22.17 -24.65
N VAL B 737 -5.15 21.97 -23.37
CA VAL B 737 -4.97 23.06 -22.42
C VAL B 737 -3.73 22.74 -21.60
N LYS B 738 -2.89 23.75 -21.38
CA LYS B 738 -1.63 23.57 -20.65
C LYS B 738 -1.25 24.91 -20.03
N TRP B 739 -0.92 24.89 -18.74
CA TRP B 739 -0.67 26.09 -17.97
C TRP B 739 0.73 26.18 -17.39
N THR B 740 1.39 25.05 -17.11
CA THR B 740 2.58 25.06 -16.28
C THR B 740 3.80 25.65 -17.00
N GLU B 741 3.94 25.34 -18.30
CA GLU B 741 5.08 25.81 -19.08
C GLU B 741 4.58 26.70 -20.22
N TRP B 742 5.24 27.85 -20.39
CA TRP B 742 4.81 28.88 -21.33
C TRP B 742 5.90 29.14 -22.35
N LYS B 743 5.52 29.72 -23.48
CA LYS B 743 6.48 30.12 -24.51
C LYS B 743 5.84 31.18 -25.38
N THR B 744 6.67 31.85 -26.17
CA THR B 744 6.24 32.96 -27.01
C THR B 744 5.82 32.46 -28.39
N HIS B 745 4.80 31.60 -28.42
CA HIS B 745 4.51 30.66 -29.51
C HIS B 745 4.77 31.21 -30.91
N VAL B 746 5.65 30.54 -31.65
CA VAL B 746 6.16 31.04 -32.93
C VAL B 746 5.77 30.13 -34.08
N SER B 747 5.60 28.84 -33.82
CA SER B 747 5.33 27.85 -34.86
C SER B 747 3.82 27.81 -35.08
N PHE B 748 3.36 28.54 -36.08
CA PHE B 748 1.95 28.61 -36.48
C PHE B 748 1.85 28.08 -37.91
N LEU B 749 0.83 27.27 -38.17
CA LEU B 749 0.45 26.94 -39.54
C LEU B 749 -0.35 28.09 -40.11
N ASN B 750 -1.46 28.41 -39.43
CA ASN B 750 -2.30 29.56 -39.73
C ASN B 750 -2.26 30.51 -38.55
N GLU B 751 -2.05 31.80 -38.85
CA GLU B 751 -1.82 32.80 -37.81
C GLU B 751 -3.08 33.14 -37.03
N ASP B 752 -4.23 33.09 -37.67
CA ASP B 752 -5.50 33.38 -37.03
C ASP B 752 -5.78 32.38 -35.92
N PRO B 753 -5.78 32.78 -34.63
CA PRO B 753 -5.94 31.78 -33.57
C PRO B 753 -7.36 31.29 -33.35
N GLY B 754 -7.78 30.26 -34.10
CA GLY B 754 -8.98 29.54 -33.78
C GLY B 754 -9.69 28.92 -34.98
N PRO B 755 -10.85 28.30 -34.72
CA PRO B 755 -11.62 27.71 -35.81
C PRO B 755 -12.07 28.75 -36.82
N VAL B 756 -12.61 28.28 -37.94
CA VAL B 756 -13.08 29.13 -39.02
C VAL B 756 -11.93 29.99 -39.53
N ARG C 117 -3.65 47.43 -55.12
CA ARG C 117 -3.26 46.97 -53.76
C ARG C 117 -1.93 46.17 -53.78
N ARG C 118 -1.08 46.44 -54.76
CA ARG C 118 0.22 45.78 -54.84
C ARG C 118 1.12 46.25 -53.69
N LEU C 119 1.10 47.56 -53.42
CA LEU C 119 1.86 48.11 -52.31
C LEU C 119 1.34 47.58 -50.98
N LYS C 120 0.06 47.25 -50.90
CA LYS C 120 -0.53 46.75 -49.67
C LYS C 120 -0.05 45.33 -49.37
N LYS C 121 -0.20 44.43 -50.34
CA LYS C 121 0.13 43.03 -50.13
C LYS C 121 1.61 42.84 -49.85
N ARG C 122 2.46 43.69 -50.44
CA ARG C 122 3.90 43.49 -50.33
C ARG C 122 4.42 43.95 -48.97
N ILE C 123 3.79 44.98 -48.38
CA ILE C 123 4.19 45.43 -47.04
C ILE C 123 3.77 44.39 -46.01
N PHE C 124 2.63 43.74 -46.23
CA PHE C 124 2.23 42.63 -45.36
C PHE C 124 3.26 41.52 -45.40
N ALA C 125 3.78 41.22 -46.59
CA ALA C 125 4.85 40.24 -46.70
C ALA C 125 6.15 40.76 -46.09
N ALA C 126 6.31 42.07 -45.98
CA ALA C 126 7.54 42.63 -45.44
C ALA C 126 7.60 42.46 -43.93
N VAL C 127 6.52 42.82 -43.23
CA VAL C 127 6.48 42.67 -41.78
C VAL C 127 6.56 41.20 -41.39
N SER C 128 6.08 40.32 -42.27
CA SER C 128 6.06 38.89 -41.99
C SER C 128 7.45 38.32 -41.79
N GLU C 129 8.29 38.43 -42.82
CA GLU C 129 9.60 37.80 -42.82
C GLU C 129 10.54 38.42 -41.80
N GLY C 130 10.75 39.73 -41.90
CA GLY C 130 11.72 40.44 -41.08
C GLY C 130 12.67 41.31 -41.88
N CYS C 131 12.36 41.52 -43.16
CA CYS C 131 13.19 42.32 -44.06
C CYS C 131 12.97 43.80 -43.77
N VAL C 132 13.87 44.36 -42.97
CA VAL C 132 13.74 45.76 -42.58
C VAL C 132 14.11 46.68 -43.73
N GLU C 133 15.14 46.33 -44.50
CA GLU C 133 15.56 47.16 -45.62
C GLU C 133 14.46 47.24 -46.67
N GLU C 134 13.85 46.10 -46.98
CA GLU C 134 12.76 46.07 -47.96
C GLU C 134 11.54 46.83 -47.47
N LEU C 135 11.38 46.94 -46.15
CA LEU C 135 10.28 47.71 -45.58
C LEU C 135 10.52 49.20 -45.77
N VAL C 136 11.73 49.66 -45.47
CA VAL C 136 12.04 51.09 -45.58
C VAL C 136 11.94 51.53 -47.03
N GLU C 137 12.17 50.63 -47.98
CA GLU C 137 12.03 50.96 -49.38
C GLU C 137 10.60 51.34 -49.72
N LEU C 138 9.65 50.46 -49.38
CA LEU C 138 8.25 50.76 -49.65
C LEU C 138 7.70 51.77 -48.65
N LEU C 139 8.36 51.93 -47.51
CA LEU C 139 8.00 53.00 -46.58
C LEU C 139 8.08 54.35 -47.27
N VAL C 140 9.12 54.55 -48.07
CA VAL C 140 9.26 55.80 -48.81
C VAL C 140 8.18 55.90 -49.89
N GLU C 141 7.89 54.79 -50.56
CA GLU C 141 6.97 54.83 -51.69
C GLU C 141 5.57 55.25 -51.25
N LEU C 142 5.06 54.66 -50.16
CA LEU C 142 3.77 55.09 -49.63
C LEU C 142 3.82 56.55 -49.18
N GLN C 143 4.99 57.00 -48.72
CA GLN C 143 5.18 58.39 -48.35
C GLN C 143 5.25 59.26 -49.61
N GLU C 144 5.94 58.78 -50.64
CA GLU C 144 6.01 59.49 -51.90
C GLU C 144 4.66 59.47 -52.62
N LEU C 145 3.94 58.35 -52.49
CA LEU C 145 2.68 58.15 -53.20
C LEU C 145 1.60 59.12 -52.75
N CYS C 146 1.33 59.15 -51.44
CA CYS C 146 0.11 59.78 -50.94
C CYS C 146 0.13 61.30 -51.10
N ARG C 147 1.30 61.88 -51.31
CA ARG C 147 1.40 63.33 -51.46
C ARG C 147 0.68 63.82 -52.70
N ARG C 148 0.77 63.06 -53.80
CA ARG C 148 0.16 63.44 -55.07
C ARG C 148 -0.95 62.49 -55.52
N ARG C 149 -0.92 61.23 -55.08
CA ARG C 149 -1.94 60.25 -55.44
C ARG C 149 -2.99 60.20 -54.34
N HIS C 150 -4.25 60.45 -54.72
CA HIS C 150 -5.38 60.40 -53.80
C HIS C 150 -5.18 61.34 -52.62
N ASP C 151 -4.97 62.61 -52.95
CA ASP C 151 -4.78 63.66 -51.96
C ASP C 151 -6.14 64.13 -51.47
N GLU C 152 -6.15 65.06 -50.50
CA GLU C 152 -7.34 65.70 -49.94
C GLU C 152 -8.11 64.82 -48.97
N ASP C 153 -7.81 63.52 -48.94
CA ASP C 153 -8.27 62.64 -47.88
C ASP C 153 -7.10 61.75 -47.46
N VAL C 154 -5.93 62.37 -47.27
CA VAL C 154 -4.68 61.61 -47.13
C VAL C 154 -4.72 60.57 -46.03
N PRO C 155 -5.01 60.91 -44.76
CA PRO C 155 -4.86 59.90 -43.70
C PRO C 155 -5.84 58.75 -43.81
N ASP C 156 -6.99 58.95 -44.48
CA ASP C 156 -7.94 57.86 -44.64
C ASP C 156 -7.47 56.90 -45.73
N PHE C 157 -7.13 57.43 -46.91
CA PHE C 157 -6.63 56.57 -47.98
C PHE C 157 -5.30 55.94 -47.60
N LEU C 158 -4.43 56.71 -46.95
CA LEU C 158 -3.17 56.17 -46.45
C LEU C 158 -3.43 55.00 -45.51
N MET C 159 -4.36 55.17 -44.57
CA MET C 159 -4.77 54.06 -43.71
C MET C 159 -5.37 52.93 -44.53
N HIS C 160 -6.20 53.27 -45.53
CA HIS C 160 -6.85 52.26 -46.36
C HIS C 160 -5.82 51.41 -47.09
N LYS C 161 -4.64 51.97 -47.39
CA LYS C 161 -3.57 51.19 -47.96
C LYS C 161 -2.77 50.43 -46.90
N LEU C 162 -3.21 50.46 -45.64
CA LEU C 162 -2.65 49.63 -44.57
C LEU C 162 -3.67 48.68 -43.97
N THR C 163 -4.96 48.90 -44.21
CA THR C 163 -6.01 48.03 -43.69
C THR C 163 -6.12 46.81 -44.60
N ALA C 164 -6.05 45.62 -44.00
CA ALA C 164 -6.44 44.39 -44.68
C ALA C 164 -7.96 44.25 -44.55
N SER C 165 -8.70 45.01 -45.36
CA SER C 165 -10.15 45.06 -45.25
C SER C 165 -10.76 43.68 -45.41
N ASP C 166 -11.96 43.50 -44.83
CA ASP C 166 -12.63 42.22 -44.59
C ASP C 166 -12.04 41.52 -43.37
N THR C 167 -10.97 42.08 -42.78
CA THR C 167 -10.46 41.58 -41.50
C THR C 167 -10.15 42.70 -40.52
N GLY C 168 -9.90 43.93 -40.97
CA GLY C 168 -9.47 45.00 -40.09
C GLY C 168 -8.01 44.92 -39.68
N LYS C 169 -7.30 43.90 -40.15
CA LYS C 169 -5.91 43.67 -39.76
C LYS C 169 -4.98 44.69 -40.42
N THR C 170 -4.29 45.48 -39.60
CA THR C 170 -3.30 46.42 -40.10
C THR C 170 -1.91 45.77 -40.11
N CYS C 171 -0.91 46.56 -40.52
CA CYS C 171 0.45 46.04 -40.60
C CYS C 171 1.01 45.74 -39.21
N LEU C 172 0.72 46.62 -38.25
CA LEU C 172 1.27 46.46 -36.90
C LEU C 172 0.77 45.16 -36.26
N MET C 173 -0.51 44.85 -36.46
CA MET C 173 -1.03 43.56 -36.01
C MET C 173 -0.32 42.41 -36.71
N LYS C 174 -0.21 42.50 -38.04
CA LYS C 174 0.46 41.46 -38.82
C LYS C 174 1.91 41.28 -38.36
N ALA C 175 2.53 42.36 -37.87
CA ALA C 175 3.91 42.27 -37.41
C ALA C 175 4.02 41.44 -36.13
N LEU C 176 3.12 41.70 -35.17
CA LEU C 176 3.27 41.09 -33.85
C LEU C 176 2.57 39.74 -33.73
N LEU C 177 1.60 39.45 -34.59
CA LEU C 177 1.06 38.10 -34.64
C LEU C 177 2.13 37.07 -35.01
N ASN C 178 3.14 37.47 -35.78
CA ASN C 178 4.15 36.56 -36.32
C ASN C 178 5.52 37.07 -35.85
N ILE C 179 5.95 36.57 -34.70
CA ILE C 179 7.17 37.08 -34.09
C ILE C 179 8.38 36.41 -34.72
N ASN C 180 9.42 37.20 -34.94
CA ASN C 180 10.72 36.79 -35.46
C ASN C 180 11.78 37.57 -34.69
N PRO C 181 13.06 37.13 -34.71
CA PRO C 181 14.06 37.83 -33.88
C PRO C 181 14.30 39.27 -34.32
N ASN C 182 13.82 39.63 -35.51
CA ASN C 182 13.85 41.00 -36.02
C ASN C 182 12.40 41.50 -36.08
N THR C 183 11.89 41.97 -34.95
CA THR C 183 10.53 42.50 -34.82
C THR C 183 10.47 43.83 -34.10
N LYS C 184 11.38 44.09 -33.16
CA LYS C 184 11.42 45.39 -32.50
C LYS C 184 11.64 46.51 -33.52
N GLU C 185 12.37 46.20 -34.59
CA GLU C 185 12.60 47.17 -35.65
C GLU C 185 11.29 47.56 -36.34
N ILE C 186 10.65 46.59 -37.00
CA ILE C 186 9.57 46.89 -37.95
C ILE C 186 8.42 47.64 -37.28
N VAL C 187 8.26 47.46 -35.97
CA VAL C 187 7.30 48.25 -35.21
C VAL C 187 7.67 49.72 -35.30
N ARG C 188 8.94 50.04 -35.01
CA ARG C 188 9.35 51.44 -34.87
C ARG C 188 9.22 52.20 -36.18
N ILE C 189 9.50 51.56 -37.32
CA ILE C 189 9.40 52.26 -38.59
C ILE C 189 7.94 52.58 -38.90
N LEU C 190 7.01 51.73 -38.46
CA LEU C 190 5.60 52.00 -38.69
C LEU C 190 5.07 53.05 -37.71
N LEU C 191 5.63 53.10 -36.50
CA LEU C 191 5.17 54.07 -35.52
C LEU C 191 5.63 55.47 -35.87
N ALA C 192 6.92 55.63 -36.20
CA ALA C 192 7.41 56.92 -36.66
C ALA C 192 6.70 57.36 -37.93
N PHE C 193 6.32 56.39 -38.76
CA PHE C 193 5.53 56.69 -39.94
C PHE C 193 4.15 57.22 -39.56
N ALA C 194 3.55 56.62 -38.53
CA ALA C 194 2.25 57.08 -38.05
C ALA C 194 2.35 58.49 -37.49
N GLU C 195 3.52 58.84 -36.95
CA GLU C 195 3.75 60.17 -36.38
C GLU C 195 3.79 61.22 -37.49
N GLU C 196 4.49 60.93 -38.58
CA GLU C 196 4.66 61.88 -39.66
C GLU C 196 3.33 62.18 -40.35
N ASN C 197 2.66 61.14 -40.85
CA ASN C 197 1.41 61.32 -41.57
C ASN C 197 0.22 61.53 -40.63
N ASP C 198 0.46 61.49 -39.31
CA ASP C 198 -0.58 61.78 -38.32
C ASP C 198 -1.77 60.83 -38.45
N ILE C 199 -1.54 59.54 -38.23
CA ILE C 199 -2.61 58.54 -38.20
C ILE C 199 -2.57 57.76 -36.89
N LEU C 200 -1.78 58.24 -35.92
CA LEU C 200 -1.40 57.44 -34.76
C LEU C 200 -2.61 57.05 -33.93
N GLY C 201 -3.67 57.83 -33.98
CA GLY C 201 -4.90 57.48 -33.28
C GLY C 201 -5.54 56.24 -33.87
N ARG C 202 -6.01 56.33 -35.11
CA ARG C 202 -6.71 55.21 -35.73
C ARG C 202 -5.75 54.06 -36.05
N PHE C 203 -4.46 54.37 -36.17
CA PHE C 203 -3.47 53.34 -36.52
C PHE C 203 -3.39 52.27 -35.42
N ILE C 204 -3.25 52.71 -34.16
CA ILE C 204 -3.12 51.75 -33.06
C ILE C 204 -4.49 51.32 -32.57
N ASN C 205 -5.46 52.25 -32.56
CA ASN C 205 -6.77 51.94 -32.02
C ASN C 205 -7.65 51.16 -32.99
N ALA C 206 -7.14 50.81 -34.17
CA ALA C 206 -7.90 49.98 -35.08
C ALA C 206 -8.10 48.58 -34.48
N GLU C 207 -9.17 47.93 -34.91
CA GLU C 207 -9.56 46.63 -34.38
C GLU C 207 -10.05 45.76 -35.53
N TYR C 208 -10.17 44.47 -35.26
CA TYR C 208 -10.78 43.56 -36.22
C TYR C 208 -12.25 43.89 -36.38
N THR C 209 -12.91 43.27 -37.36
CA THR C 209 -14.27 43.64 -37.75
C THR C 209 -15.21 42.45 -37.73
N GLU C 210 -14.69 41.24 -37.97
CA GLU C 210 -15.53 40.06 -38.03
C GLU C 210 -15.98 39.64 -36.64
N GLU C 211 -17.17 39.04 -36.56
CA GLU C 211 -17.77 38.68 -35.29
C GLU C 211 -16.94 37.63 -34.55
N ALA C 212 -16.27 36.76 -35.30
CA ALA C 212 -15.45 35.72 -34.69
C ALA C 212 -14.31 36.33 -33.88
N TYR C 213 -13.81 37.49 -34.33
CA TYR C 213 -12.69 38.18 -33.68
C TYR C 213 -13.00 39.68 -33.71
N GLU C 214 -13.50 40.18 -32.60
CA GLU C 214 -13.81 41.60 -32.44
C GLU C 214 -13.05 42.16 -31.25
N GLY C 215 -12.59 43.39 -31.40
CA GLY C 215 -11.95 44.11 -30.31
C GLY C 215 -10.47 43.82 -30.12
N GLN C 216 -9.98 42.72 -30.70
CA GLN C 216 -8.58 42.35 -30.58
C GLN C 216 -7.71 43.42 -31.21
N THR C 217 -6.99 44.17 -30.38
CA THR C 217 -6.16 45.29 -30.82
C THR C 217 -4.69 44.92 -30.73
N ALA C 218 -3.83 45.89 -31.02
CA ALA C 218 -2.39 45.67 -30.98
C ALA C 218 -1.92 45.31 -29.58
N LEU C 219 -2.39 46.05 -28.58
CA LEU C 219 -2.01 45.79 -27.20
C LEU C 219 -2.48 44.40 -26.76
N ASN C 220 -3.59 43.93 -27.34
CA ASN C 220 -4.09 42.60 -27.03
C ASN C 220 -3.17 41.52 -27.58
N ILE C 221 -2.54 41.80 -28.72
CA ILE C 221 -1.65 40.81 -29.36
C ILE C 221 -0.31 40.78 -28.64
N ALA C 222 0.23 41.97 -28.34
CA ALA C 222 1.56 42.06 -27.77
C ALA C 222 1.63 41.41 -26.39
N ILE C 223 0.56 41.54 -25.61
CA ILE C 223 0.55 40.98 -24.26
C ILE C 223 0.49 39.46 -24.31
N GLU C 224 0.04 38.89 -25.43
CA GLU C 224 -0.08 37.44 -25.53
C GLU C 224 1.23 36.81 -25.98
N ARG C 225 1.92 37.44 -26.94
CA ARG C 225 3.12 36.85 -27.54
C ARG C 225 4.38 37.16 -26.74
N ARG C 226 4.23 37.55 -25.47
CA ARG C 226 5.35 37.68 -24.54
C ARG C 226 6.35 38.76 -24.91
N GLN C 227 6.03 39.61 -25.89
CA GLN C 227 6.90 40.72 -26.23
C GLN C 227 6.60 41.88 -25.29
N GLY C 228 6.97 41.73 -24.02
CA GLY C 228 6.66 42.74 -23.03
C GLY C 228 7.33 44.07 -23.29
N ASP C 229 8.50 44.04 -23.94
CA ASP C 229 9.18 45.29 -24.28
C ASP C 229 8.35 46.13 -25.26
N ILE C 230 7.84 45.51 -26.32
CA ILE C 230 7.05 46.24 -27.31
C ILE C 230 5.76 46.74 -26.68
N ALA C 231 5.26 46.07 -25.64
CA ALA C 231 4.05 46.51 -24.97
C ALA C 231 4.24 47.90 -24.36
N ALA C 232 5.39 48.12 -23.74
CA ALA C 232 5.68 49.41 -23.14
C ALA C 232 5.69 50.53 -24.16
N LEU C 233 6.06 50.22 -25.40
CA LEU C 233 6.10 51.22 -26.45
C LEU C 233 4.68 51.57 -26.91
N LEU C 234 3.85 50.54 -27.13
CA LEU C 234 2.52 50.78 -27.68
C LEU C 234 1.61 51.47 -26.68
N ILE C 235 1.82 51.21 -25.39
CA ILE C 235 1.07 51.89 -24.34
C ILE C 235 1.44 53.37 -24.39
N ALA C 236 2.74 53.65 -24.39
CA ALA C 236 3.20 55.04 -24.39
C ALA C 236 2.80 55.77 -25.66
N ALA C 237 2.64 55.03 -26.77
CA ALA C 237 2.23 55.65 -28.02
C ALA C 237 0.78 56.09 -28.01
N GLY C 238 -0.01 55.64 -27.03
CA GLY C 238 -1.40 56.05 -26.89
C GLY C 238 -2.40 54.95 -27.18
N ALA C 239 -2.05 53.72 -26.83
CA ALA C 239 -2.96 52.60 -27.00
C ALA C 239 -4.09 52.69 -25.97
N ASP C 240 -5.30 52.37 -26.42
CA ASP C 240 -6.47 52.38 -25.54
C ASP C 240 -6.34 51.22 -24.55
N VAL C 241 -5.99 51.56 -23.32
CA VAL C 241 -5.60 50.57 -22.34
C VAL C 241 -6.81 49.76 -21.88
N ASN C 242 -7.98 50.38 -21.79
CA ASN C 242 -9.19 49.70 -21.36
C ASN C 242 -9.98 49.18 -22.56
N ALA C 243 -9.28 48.41 -23.40
CA ALA C 243 -9.88 47.83 -24.59
C ALA C 243 -10.79 46.66 -24.22
N HIS C 244 -11.41 46.05 -25.23
CA HIS C 244 -12.32 44.93 -25.00
C HIS C 244 -12.22 43.94 -26.16
N ALA C 245 -12.80 42.74 -25.98
CA ALA C 245 -12.86 41.76 -27.06
C ALA C 245 -14.12 40.91 -26.88
N LYS C 246 -15.20 41.35 -27.53
CA LYS C 246 -16.51 40.74 -27.38
C LYS C 246 -16.83 39.75 -28.51
N GLY C 247 -15.83 39.07 -29.06
CA GLY C 247 -16.04 38.16 -30.15
C GLY C 247 -16.55 36.80 -29.71
N ALA C 248 -16.29 35.77 -30.52
CA ALA C 248 -16.70 34.41 -30.24
C ALA C 248 -15.55 33.59 -29.66
N PHE C 249 -14.36 33.72 -30.24
CA PHE C 249 -13.16 33.10 -29.70
C PHE C 249 -12.83 33.65 -28.32
N PHE C 250 -13.29 34.86 -28.02
CA PHE C 250 -12.98 35.54 -26.76
C PHE C 250 -14.10 35.39 -25.74
N ASN C 251 -15.28 34.94 -26.17
CA ASN C 251 -16.34 34.50 -25.27
C ASN C 251 -16.95 33.18 -25.76
N PRO C 252 -16.21 32.08 -25.72
CA PRO C 252 -16.81 30.78 -26.02
C PRO C 252 -17.81 30.36 -24.94
N LYS C 253 -18.59 29.34 -25.30
CA LYS C 253 -19.50 28.70 -24.35
C LYS C 253 -18.90 27.35 -24.00
N TYR C 254 -18.61 26.50 -24.98
CA TYR C 254 -17.93 25.23 -24.71
C TYR C 254 -16.43 25.45 -24.61
N GLN C 255 -15.73 24.44 -24.10
CA GLN C 255 -14.28 24.50 -23.99
C GLN C 255 -13.64 24.21 -25.34
N HIS C 256 -12.34 24.49 -25.45
CA HIS C 256 -11.55 24.40 -26.68
C HIS C 256 -12.27 24.96 -27.92
N GLU C 257 -12.94 26.10 -27.77
CA GLU C 257 -13.16 27.03 -28.87
C GLU C 257 -12.49 28.37 -28.63
N GLY C 258 -11.94 28.60 -27.45
CA GLY C 258 -11.16 29.79 -27.20
C GLY C 258 -10.83 29.96 -25.74
N PHE C 259 -10.47 31.19 -25.41
CA PHE C 259 -9.86 31.54 -24.14
C PHE C 259 -10.53 32.78 -23.56
N TYR C 260 -11.04 32.64 -22.33
CA TYR C 260 -11.75 33.72 -21.65
C TYR C 260 -10.81 34.37 -20.64
N PHE C 261 -10.30 35.55 -21.01
CA PHE C 261 -9.43 36.32 -20.11
C PHE C 261 -10.20 37.39 -19.36
N GLY C 262 -11.21 37.99 -20.00
CA GLY C 262 -12.09 38.96 -19.34
C GLY C 262 -12.26 40.28 -20.05
N GLU C 263 -11.96 40.37 -21.35
CA GLU C 263 -12.22 41.55 -22.16
C GLU C 263 -11.53 42.80 -21.62
N THR C 264 -10.36 42.63 -21.01
CA THR C 264 -9.47 43.74 -20.69
C THR C 264 -8.03 43.31 -20.97
N PRO C 265 -7.17 44.19 -21.52
CA PRO C 265 -5.76 43.79 -21.66
C PRO C 265 -5.09 43.45 -20.34
N LEU C 266 -5.57 44.04 -19.24
CA LEU C 266 -5.00 43.77 -17.93
C LEU C 266 -5.19 42.32 -17.52
N ALA C 267 -6.35 41.75 -17.86
CA ALA C 267 -6.64 40.38 -17.45
C ALA C 267 -5.76 39.38 -18.17
N LEU C 268 -5.54 39.60 -19.48
CA LEU C 268 -4.70 38.69 -20.24
C LEU C 268 -3.26 38.70 -19.72
N ALA C 269 -2.83 39.84 -19.18
CA ALA C 269 -1.51 39.92 -18.57
C ALA C 269 -1.47 39.22 -17.22
N ALA C 270 -2.59 39.21 -16.50
CA ALA C 270 -2.63 38.59 -15.18
C ALA C 270 -2.94 37.10 -15.29
N CYS C 271 -3.86 36.75 -16.18
CA CYS C 271 -4.26 35.35 -16.36
C CYS C 271 -3.11 34.53 -16.92
N THR C 272 -2.22 35.15 -17.70
CA THR C 272 -1.12 34.46 -18.37
C THR C 272 0.20 34.69 -17.64
N ASN C 273 0.12 35.19 -16.40
CA ASN C 273 1.28 35.36 -15.55
C ASN C 273 2.33 36.29 -16.17
N GLN C 274 1.98 37.56 -16.37
CA GLN C 274 2.90 38.58 -16.86
C GLN C 274 2.93 39.73 -15.86
N PRO C 275 3.48 39.51 -14.67
CA PRO C 275 3.38 40.53 -13.61
C PRO C 275 4.03 41.85 -13.95
N GLU C 276 5.08 41.84 -14.77
CA GLU C 276 5.72 43.09 -15.15
C GLU C 276 4.78 43.97 -15.97
N ILE C 277 4.00 43.35 -16.86
CA ILE C 277 3.04 44.11 -17.67
C ILE C 277 1.84 44.52 -16.84
N VAL C 278 1.44 43.66 -15.88
CA VAL C 278 0.31 43.98 -15.03
C VAL C 278 0.63 45.21 -14.19
N GLN C 279 1.84 45.27 -13.65
CA GLN C 279 2.25 46.44 -12.88
C GLN C 279 2.27 47.70 -13.75
N LEU C 280 2.78 47.58 -14.98
CA LEU C 280 2.90 48.74 -15.85
C LEU C 280 1.53 49.24 -16.28
N LEU C 281 0.65 48.33 -16.70
CA LEU C 281 -0.72 48.72 -17.04
C LEU C 281 -1.43 49.31 -15.83
N MET C 282 -1.17 48.77 -14.65
CA MET C 282 -1.84 49.17 -13.42
C MET C 282 -1.51 50.62 -13.05
N GLU C 283 -0.23 50.99 -13.16
CA GLU C 283 0.22 52.31 -12.76
C GLU C 283 -0.30 53.38 -13.73
N HIS C 284 -0.39 53.03 -15.01
CA HIS C 284 -0.80 54.00 -16.03
C HIS C 284 -2.25 54.40 -15.83
N GLU C 285 -2.50 55.70 -15.82
CA GLU C 285 -3.86 56.22 -15.76
C GLU C 285 -4.61 55.87 -17.05
N GLN C 286 -5.92 56.11 -17.02
CA GLN C 286 -6.91 55.58 -17.97
C GLN C 286 -7.09 54.07 -17.83
N THR C 287 -6.45 53.44 -16.84
CA THR C 287 -6.61 52.01 -16.61
C THR C 287 -7.75 51.80 -15.61
N ASP C 288 -8.98 51.76 -16.08
CA ASP C 288 -10.13 51.63 -15.20
C ASP C 288 -10.18 50.23 -14.59
N ILE C 289 -9.66 50.10 -13.37
CA ILE C 289 -9.64 48.82 -12.67
C ILE C 289 -11.03 48.40 -12.20
N THR C 290 -11.97 49.33 -12.09
CA THR C 290 -13.35 49.02 -11.75
C THR C 290 -14.20 48.74 -12.99
N SER C 291 -13.58 48.36 -14.10
CA SER C 291 -14.31 48.12 -15.33
C SER C 291 -15.11 46.83 -15.22
N ARG C 292 -15.96 46.60 -16.22
CA ARG C 292 -16.82 45.44 -16.28
C ARG C 292 -16.96 44.97 -17.72
N ASP C 293 -16.98 43.65 -17.91
CA ASP C 293 -16.96 43.04 -19.23
C ASP C 293 -18.37 42.72 -19.73
N SER C 294 -18.46 41.98 -20.82
CA SER C 294 -19.74 41.63 -21.44
C SER C 294 -20.66 40.90 -20.47
N ARG C 295 -20.16 39.86 -19.82
CA ARG C 295 -20.95 39.11 -18.85
C ARG C 295 -20.89 39.74 -17.46
N GLY C 296 -20.47 40.99 -17.36
CA GLY C 296 -20.54 41.73 -16.13
C GLY C 296 -19.37 41.58 -15.18
N ASN C 297 -18.43 40.68 -15.48
CA ASN C 297 -17.32 40.42 -14.59
C ASN C 297 -16.31 41.57 -14.61
N ASN C 298 -15.79 41.89 -13.43
CA ASN C 298 -14.64 42.76 -13.29
C ASN C 298 -13.35 41.92 -13.35
N ILE C 299 -12.22 42.54 -13.01
CA ILE C 299 -10.94 41.86 -13.16
C ILE C 299 -10.81 40.71 -12.16
N LEU C 300 -11.45 40.80 -11.01
CA LEU C 300 -11.26 39.77 -9.99
C LEU C 300 -12.07 38.52 -10.30
N HIS C 301 -13.29 38.69 -10.83
CA HIS C 301 -14.08 37.52 -11.21
C HIS C 301 -13.35 36.68 -12.25
N ALA C 302 -12.74 37.32 -13.24
CA ALA C 302 -12.07 36.59 -14.30
C ALA C 302 -10.91 35.77 -13.78
N LEU C 303 -10.22 36.27 -12.76
CA LEU C 303 -9.13 35.50 -12.17
C LEU C 303 -9.68 34.29 -11.43
N VAL C 304 -10.85 34.43 -10.82
CA VAL C 304 -11.53 33.28 -10.23
C VAL C 304 -11.98 32.31 -11.30
N THR C 305 -12.31 32.80 -12.48
CA THR C 305 -12.76 31.94 -13.57
C THR C 305 -11.64 31.01 -14.03
N VAL C 306 -10.53 31.58 -14.48
CA VAL C 306 -9.40 30.79 -14.97
C VAL C 306 -8.45 30.49 -13.82
N ALA C 307 -8.76 29.43 -13.07
CA ALA C 307 -7.95 29.03 -11.92
C ALA C 307 -8.25 27.58 -11.58
N GLU C 308 -7.26 26.72 -11.76
CA GLU C 308 -7.36 25.28 -11.51
C GLU C 308 -6.54 24.94 -10.26
N ASP C 309 -6.45 23.65 -9.94
CA ASP C 309 -5.77 23.18 -8.75
C ASP C 309 -4.27 23.09 -8.99
N PHE C 310 -3.53 22.66 -7.97
CA PHE C 310 -2.07 22.69 -7.98
C PHE C 310 -1.46 21.67 -8.93
N LYS C 311 -2.20 20.61 -9.28
CA LYS C 311 -1.72 19.63 -10.26
C LYS C 311 -1.52 20.35 -11.58
N THR C 312 -2.51 21.17 -11.93
CA THR C 312 -2.50 22.12 -13.03
C THR C 312 -1.99 23.42 -12.41
N GLN C 313 -2.40 24.57 -12.95
CA GLN C 313 -1.90 25.93 -12.73
C GLN C 313 -1.34 26.16 -11.33
N ASN C 314 -0.08 26.63 -11.25
CA ASN C 314 0.73 26.46 -10.06
C ASN C 314 0.19 27.20 -8.84
N ASP C 315 0.36 28.52 -8.78
CA ASP C 315 -0.30 29.32 -7.74
C ASP C 315 -0.59 30.76 -8.14
N PHE C 316 -0.25 31.16 -9.38
CA PHE C 316 -0.02 32.58 -9.62
C PHE C 316 -1.32 33.39 -9.59
N VAL C 317 -2.47 32.74 -9.72
CA VAL C 317 -3.73 33.46 -9.55
C VAL C 317 -3.87 33.91 -8.09
N LYS C 318 -3.46 33.05 -7.16
CA LYS C 318 -3.46 33.43 -5.76
C LYS C 318 -2.55 34.63 -5.52
N ARG C 319 -1.44 34.69 -6.24
CA ARG C 319 -0.51 35.81 -6.08
C ARG C 319 -1.02 37.05 -6.81
N MET C 320 -1.64 36.86 -7.98
CA MET C 320 -2.10 37.99 -8.77
C MET C 320 -3.46 38.49 -8.29
N TYR C 321 -4.26 37.60 -7.70
CA TYR C 321 -5.50 38.03 -7.05
C TYR C 321 -5.17 38.93 -5.85
N ASP C 322 -4.03 38.70 -5.23
CA ASP C 322 -3.57 39.53 -4.13
C ASP C 322 -3.09 40.90 -4.61
N MET C 323 -2.26 40.91 -5.66
CA MET C 323 -1.58 42.13 -6.10
C MET C 323 -2.58 43.21 -6.49
N ILE C 324 -3.66 42.83 -7.18
CA ILE C 324 -4.62 43.81 -7.66
C ILE C 324 -5.46 44.34 -6.49
N LEU C 325 -5.76 43.48 -5.52
CA LEU C 325 -6.65 43.87 -4.44
C LEU C 325 -5.94 44.77 -3.44
N LEU C 326 -4.66 44.49 -3.15
CA LEU C 326 -3.90 45.31 -2.21
C LEU C 326 -3.81 46.75 -2.70
N ARG C 327 -3.54 46.92 -4.00
CA ARG C 327 -3.32 48.25 -4.56
C ARG C 327 -4.64 48.99 -4.77
N SER C 328 -5.71 48.25 -4.98
CA SER C 328 -7.02 48.86 -5.21
C SER C 328 -7.45 49.67 -4.01
N GLY C 329 -7.25 49.13 -2.81
CA GLY C 329 -7.45 49.89 -1.59
C GLY C 329 -8.89 50.16 -1.21
N ASN C 330 -9.85 49.42 -1.76
CA ASN C 330 -11.26 49.67 -1.49
C ASN C 330 -12.05 48.37 -1.53
N TRP C 331 -13.21 48.38 -0.86
CA TRP C 331 -14.15 47.26 -0.91
C TRP C 331 -15.13 47.45 -2.06
N GLU C 332 -14.58 47.57 -3.28
CA GLU C 332 -15.37 47.84 -4.47
C GLU C 332 -15.47 46.63 -5.39
N LEU C 333 -14.33 46.08 -5.81
CA LEU C 333 -14.34 45.00 -6.79
C LEU C 333 -14.84 43.71 -6.17
N GLU C 334 -14.56 43.52 -4.87
CA GLU C 334 -14.98 42.33 -4.15
C GLU C 334 -16.46 42.39 -3.79
N THR C 335 -17.13 43.52 -4.09
CA THR C 335 -18.55 43.68 -3.81
C THR C 335 -19.37 43.96 -5.06
N THR C 336 -18.92 43.53 -6.23
CA THR C 336 -19.59 43.81 -7.50
C THR C 336 -20.32 42.56 -7.97
N ARG C 337 -21.59 42.71 -8.31
CA ARG C 337 -22.38 41.61 -8.84
C ARG C 337 -22.35 41.63 -10.37
N ASN C 338 -21.90 40.53 -10.97
CA ASN C 338 -21.58 40.56 -12.40
C ASN C 338 -22.80 40.80 -13.28
N ASN C 339 -23.68 39.82 -13.46
CA ASN C 339 -25.04 40.07 -13.91
C ASN C 339 -26.06 39.20 -13.19
N ASP C 340 -25.67 38.00 -12.77
CA ASP C 340 -26.58 37.04 -12.16
C ASP C 340 -26.58 37.18 -10.63
N GLY C 341 -25.90 38.21 -10.12
CA GLY C 341 -25.97 38.53 -8.71
C GLY C 341 -24.86 37.90 -7.89
N LEU C 342 -23.67 37.77 -8.47
CA LEU C 342 -22.58 37.01 -7.87
C LEU C 342 -21.35 37.89 -7.72
N THR C 343 -20.77 37.88 -6.52
CA THR C 343 -19.49 38.47 -6.21
C THR C 343 -18.37 37.51 -6.58
N PRO C 344 -17.10 37.95 -6.56
CA PRO C 344 -16.00 37.02 -6.82
C PRO C 344 -15.96 35.90 -5.80
N LEU C 345 -16.32 36.23 -4.56
CA LEU C 345 -16.39 35.27 -3.47
C LEU C 345 -17.42 34.19 -3.77
N GLN C 346 -18.64 34.60 -4.10
CA GLN C 346 -19.71 33.65 -4.44
C GLN C 346 -19.38 32.90 -5.72
N LEU C 347 -18.78 33.59 -6.69
CA LEU C 347 -18.44 32.94 -7.95
C LEU C 347 -17.43 31.82 -7.73
N ALA C 348 -16.48 32.03 -6.83
CA ALA C 348 -15.49 31.01 -6.50
C ALA C 348 -16.15 29.80 -5.86
N ALA C 349 -17.27 30.02 -5.17
CA ALA C 349 -17.96 28.94 -4.48
C ALA C 349 -18.75 28.08 -5.45
N LYS C 350 -19.48 28.71 -6.36
CA LYS C 350 -20.35 27.99 -7.29
C LYS C 350 -19.55 27.10 -8.23
N MET C 351 -18.47 27.66 -8.79
CA MET C 351 -17.68 26.91 -9.77
C MET C 351 -16.82 25.83 -9.12
N GLY C 352 -16.58 25.92 -7.81
CA GLY C 352 -15.85 24.90 -7.07
C GLY C 352 -14.37 25.15 -6.97
N LYS C 353 -13.94 26.41 -7.04
CA LYS C 353 -12.52 26.74 -6.94
C LYS C 353 -12.13 26.82 -5.47
N ALA C 354 -11.43 25.79 -4.99
CA ALA C 354 -11.16 25.68 -3.55
C ALA C 354 -9.96 26.53 -3.14
N GLU C 355 -8.91 26.54 -3.97
CA GLU C 355 -7.67 27.21 -3.60
C GLU C 355 -7.89 28.71 -3.42
N ILE C 356 -8.66 29.33 -4.32
CA ILE C 356 -8.92 30.76 -4.22
C ILE C 356 -9.84 31.07 -3.06
N LEU C 357 -10.77 30.16 -2.75
CA LEU C 357 -11.68 30.40 -1.63
C LEU C 357 -10.92 30.36 -0.31
N LYS C 358 -9.91 29.50 -0.21
CA LYS C 358 -9.07 29.45 0.98
C LYS C 358 -8.40 30.79 1.25
N TYR C 359 -8.11 31.55 0.20
CA TYR C 359 -7.39 32.82 0.36
C TYR C 359 -8.36 33.95 0.71
N ILE C 360 -9.52 33.99 0.07
CA ILE C 360 -10.44 35.10 0.21
C ILE C 360 -10.93 35.18 1.65
N LEU C 361 -11.19 34.02 2.27
CA LEU C 361 -11.70 34.01 3.63
C LEU C 361 -10.59 34.27 4.64
N SER C 362 -9.49 33.52 4.54
CA SER C 362 -8.36 33.65 5.45
C SER C 362 -7.29 34.57 4.86
N ARG C 363 -7.66 35.84 4.69
CA ARG C 363 -6.76 36.86 4.18
C ARG C 363 -6.33 37.76 5.33
N GLU C 364 -5.02 37.82 5.58
CA GLU C 364 -4.43 38.75 6.53
C GLU C 364 -3.51 39.69 5.76
N ILE C 365 -3.82 40.98 5.81
CA ILE C 365 -2.95 42.03 5.24
C ILE C 365 -2.30 42.69 6.46
N LYS C 366 -1.13 42.17 6.84
CA LYS C 366 -0.47 42.61 8.07
C LYS C 366 0.02 44.05 7.93
N GLU C 367 0.39 44.44 6.71
CA GLU C 367 0.87 45.80 6.48
C GLU C 367 -0.22 46.81 6.77
N LYS C 368 0.07 47.79 7.61
CA LYS C 368 -0.92 48.79 7.99
C LYS C 368 -1.29 49.66 6.80
N ARG C 369 -2.38 50.42 6.94
CA ARG C 369 -3.08 51.17 5.89
C ARG C 369 -3.93 50.27 5.00
N LEU C 370 -3.77 48.94 5.10
CA LEU C 370 -4.57 47.99 4.34
C LEU C 370 -4.99 46.82 5.23
N ARG C 371 -4.88 46.96 6.55
CA ARG C 371 -5.46 46.01 7.47
C ARG C 371 -6.99 45.99 7.39
N SER C 372 -7.60 47.08 6.92
CA SER C 372 -9.04 47.13 6.75
C SER C 372 -9.53 46.12 5.72
N LEU C 373 -8.66 45.72 4.79
CA LEU C 373 -9.04 44.82 3.70
C LEU C 373 -8.85 43.35 4.07
N SER C 374 -8.89 43.03 5.37
CA SER C 374 -8.59 41.69 5.86
C SER C 374 -9.84 41.02 6.39
N ARG C 375 -9.73 39.70 6.63
CA ARG C 375 -10.78 38.89 7.24
C ARG C 375 -10.16 37.92 8.25
N LYS C 376 -8.98 38.28 8.78
CA LYS C 376 -8.26 37.45 9.76
C LYS C 376 -7.72 38.33 10.88
N PHE C 377 -8.58 39.15 11.47
CA PHE C 377 -8.13 40.02 12.55
C PHE C 377 -7.77 39.21 13.79
N THR C 378 -6.48 39.20 14.12
CA THR C 378 -6.00 38.54 15.32
C THR C 378 -6.39 39.35 16.55
N ASP C 379 -7.15 38.71 17.42
CA ASP C 379 -7.61 39.38 18.64
C ASP C 379 -6.43 39.60 19.57
N TRP C 380 -5.57 38.59 19.70
CA TRP C 380 -4.42 38.66 20.58
C TRP C 380 -3.48 37.48 20.30
N ALA C 381 -2.36 37.47 21.02
CA ALA C 381 -1.41 36.36 20.93
C ALA C 381 -0.46 36.40 22.11
N TYR C 382 -0.35 35.28 22.81
CA TYR C 382 0.59 35.11 23.92
C TYR C 382 1.40 33.85 23.70
N GLY C 383 2.51 34.01 22.97
CA GLY C 383 3.34 32.88 22.63
C GLY C 383 2.68 31.99 21.60
N PRO C 384 2.53 30.67 21.87
CA PRO C 384 1.99 29.79 20.83
C PRO C 384 0.49 29.96 20.63
N VAL C 385 -0.22 30.30 21.69
CA VAL C 385 -1.68 30.41 21.67
C VAL C 385 -2.02 31.76 21.05
N SER C 386 -3.02 31.76 20.17
CA SER C 386 -3.51 32.98 19.55
C SER C 386 -5.01 32.83 19.28
N SER C 387 -5.64 33.97 18.98
CA SER C 387 -7.09 34.04 18.75
C SER C 387 -7.33 34.83 17.48
N SER C 388 -7.86 34.17 16.46
CA SER C 388 -8.09 34.78 15.15
C SER C 388 -9.59 34.97 14.93
N LEU C 389 -10.01 36.23 14.82
CA LEU C 389 -11.41 36.56 14.58
C LEU C 389 -11.67 36.61 13.08
N TYR C 390 -12.09 35.46 12.53
CA TYR C 390 -12.55 35.44 11.15
C TYR C 390 -13.86 36.22 11.03
N ASP C 391 -14.29 36.43 9.80
CA ASP C 391 -15.45 37.27 9.50
C ASP C 391 -16.55 36.42 8.88
N LEU C 392 -17.81 36.86 9.07
CA LEU C 392 -18.99 36.16 8.57
C LEU C 392 -19.95 37.15 7.93
N THR C 393 -19.42 38.01 7.07
CA THR C 393 -20.25 38.98 6.36
C THR C 393 -21.23 38.30 5.42
N ASN C 394 -20.72 37.55 4.43
CA ASN C 394 -21.54 36.89 3.44
C ASN C 394 -21.22 35.39 3.40
N VAL C 395 -21.13 34.78 4.58
CA VAL C 395 -20.84 33.36 4.72
C VAL C 395 -22.00 32.67 5.43
N ASP C 396 -22.75 33.42 6.25
CA ASP C 396 -23.88 32.89 6.99
C ASP C 396 -25.14 33.05 6.15
N THR C 397 -26.19 32.33 6.53
CA THR C 397 -27.45 32.33 5.77
C THR C 397 -28.38 33.47 6.18
N THR C 398 -27.85 34.49 6.85
CA THR C 398 -28.68 35.64 7.25
C THR C 398 -29.25 36.34 6.02
N THR C 399 -28.42 36.57 5.01
CA THR C 399 -28.82 37.19 3.76
C THR C 399 -29.21 36.14 2.73
N ASP C 400 -29.27 36.56 1.46
CA ASP C 400 -29.56 35.66 0.34
C ASP C 400 -28.31 34.83 0.04
N ASN C 401 -28.26 34.20 -1.15
CA ASN C 401 -27.25 33.21 -1.55
C ASN C 401 -25.85 33.50 -1.04
N SER C 402 -25.30 32.57 -0.27
CA SER C 402 -24.00 32.71 0.36
C SER C 402 -23.17 31.46 0.12
N VAL C 403 -21.96 31.44 0.70
CA VAL C 403 -21.09 30.28 0.58
C VAL C 403 -21.76 29.06 1.20
N LEU C 404 -22.32 29.23 2.39
CA LEU C 404 -22.82 28.09 3.14
C LEU C 404 -24.07 27.50 2.48
N GLU C 405 -24.77 28.31 1.67
CA GLU C 405 -25.90 27.81 0.91
C GLU C 405 -25.45 27.24 -0.44
N ILE C 406 -24.53 27.95 -1.11
CA ILE C 406 -24.05 27.51 -2.41
C ILE C 406 -23.20 26.26 -2.26
N THR C 407 -22.28 26.28 -1.29
CA THR C 407 -21.32 25.17 -1.14
C THR C 407 -22.03 23.86 -0.82
N VAL C 408 -23.18 23.92 -0.16
CA VAL C 408 -23.86 22.71 0.30
C VAL C 408 -24.86 22.23 -0.74
N TYR C 409 -25.76 23.11 -1.17
CA TYR C 409 -26.88 22.74 -2.02
C TYR C 409 -26.51 22.63 -3.49
N ASN C 410 -25.27 22.92 -3.87
CA ASN C 410 -24.87 22.79 -5.26
C ASN C 410 -24.61 21.33 -5.60
N THR C 411 -24.85 20.99 -6.87
CA THR C 411 -24.61 19.64 -7.37
C THR C 411 -23.86 19.60 -8.70
N ASN C 412 -23.76 20.71 -9.43
CA ASN C 412 -23.09 20.73 -10.72
C ASN C 412 -21.56 20.67 -10.62
N ILE C 413 -20.98 20.63 -9.41
CA ILE C 413 -19.55 20.47 -9.23
C ILE C 413 -19.32 19.18 -8.45
N ASP C 414 -18.06 18.86 -8.17
CA ASP C 414 -17.69 17.56 -7.61
C ASP C 414 -16.86 17.66 -6.33
N ASN C 415 -16.21 18.80 -6.11
CA ASN C 415 -15.27 18.98 -5.00
C ASN C 415 -15.87 19.75 -3.84
N ARG C 416 -17.15 19.53 -3.54
CA ARG C 416 -17.77 20.21 -2.41
C ARG C 416 -17.24 19.69 -1.08
N HIS C 417 -16.64 18.51 -1.07
CA HIS C 417 -16.08 17.97 0.17
C HIS C 417 -14.87 18.78 0.63
N GLU C 418 -13.94 19.06 -0.28
CA GLU C 418 -12.69 19.71 0.10
C GLU C 418 -12.93 21.14 0.60
N MET C 419 -14.05 21.74 0.21
CA MET C 419 -14.29 23.14 0.56
C MET C 419 -14.73 23.29 2.02
N LEU C 420 -15.41 22.27 2.56
CA LEU C 420 -16.06 22.41 3.86
C LEU C 420 -15.07 22.28 5.02
N THR C 421 -13.77 22.14 4.76
CA THR C 421 -12.76 22.32 5.79
C THR C 421 -12.42 23.79 6.01
N LEU C 422 -12.59 24.63 4.99
CA LEU C 422 -12.19 26.02 5.03
C LEU C 422 -12.99 26.70 6.13
N GLU C 423 -12.31 27.42 7.02
CA GLU C 423 -12.70 27.32 8.42
C GLU C 423 -13.22 28.64 9.00
N PRO C 424 -14.12 29.32 8.30
CA PRO C 424 -15.27 29.91 8.99
C PRO C 424 -16.56 29.15 8.66
N LEU C 425 -16.43 27.97 8.03
CA LEU C 425 -17.58 27.11 7.77
C LEU C 425 -17.62 25.94 8.75
N HIS C 426 -16.52 25.17 8.81
CA HIS C 426 -16.50 23.94 9.62
C HIS C 426 -16.80 24.25 11.08
N THR C 427 -16.21 25.31 11.62
CA THR C 427 -16.60 25.77 12.95
C THR C 427 -18.05 26.24 12.95
N LEU C 428 -18.51 26.81 11.84
CA LEU C 428 -19.86 27.36 11.78
C LEU C 428 -20.90 26.26 11.62
N LEU C 429 -20.55 25.17 10.94
CA LEU C 429 -21.46 24.03 10.84
C LEU C 429 -21.64 23.37 12.20
N HIS C 430 -20.54 23.19 12.93
CA HIS C 430 -20.58 22.42 14.16
C HIS C 430 -21.40 23.11 15.24
N MET C 431 -21.33 24.43 15.31
CA MET C 431 -22.01 25.16 16.37
C MET C 431 -23.51 25.21 16.13
N LYS C 432 -23.92 25.24 14.86
CA LYS C 432 -25.35 25.20 14.55
C LYS C 432 -25.97 23.88 15.01
N TRP C 433 -25.19 22.80 15.00
CA TRP C 433 -25.68 21.50 15.42
C TRP C 433 -25.85 21.46 16.93
N LYS C 434 -24.82 21.88 17.66
CA LYS C 434 -24.85 21.89 19.11
C LYS C 434 -25.99 22.76 19.64
N LYS C 435 -26.40 23.78 18.90
CA LYS C 435 -27.41 24.73 19.38
C LYS C 435 -28.82 24.21 19.16
N PHE C 436 -29.21 24.00 17.89
CA PHE C 436 -30.60 23.73 17.54
C PHE C 436 -30.80 22.47 16.72
N ALA C 437 -29.88 22.13 15.81
CA ALA C 437 -30.17 21.07 14.84
C ALA C 437 -29.98 19.68 15.44
N LYS C 438 -29.19 19.57 16.51
CA LYS C 438 -29.08 18.29 17.20
C LYS C 438 -30.43 17.89 17.80
N HIS C 439 -31.09 18.84 18.46
CA HIS C 439 -32.40 18.55 19.05
C HIS C 439 -33.43 18.24 17.98
N MET C 440 -33.57 19.13 16.99
CA MET C 440 -34.59 18.99 15.97
C MET C 440 -34.42 17.69 15.18
N PHE C 441 -33.18 17.20 15.07
CA PHE C 441 -32.97 15.91 14.44
C PHE C 441 -33.51 14.78 15.29
N PHE C 442 -33.45 14.93 16.62
CA PHE C 442 -33.96 13.90 17.51
C PHE C 442 -35.46 14.02 17.71
N LEU C 443 -35.98 15.24 17.78
CA LEU C 443 -37.43 15.42 17.84
C LEU C 443 -38.08 14.89 16.57
N SER C 444 -37.35 14.92 15.45
CA SER C 444 -37.81 14.26 14.24
C SER C 444 -37.91 12.76 14.44
N PHE C 445 -36.85 12.16 14.99
CA PHE C 445 -36.76 10.71 15.10
C PHE C 445 -37.83 10.16 16.03
N CYS C 446 -38.20 10.92 17.06
CA CYS C 446 -39.20 10.46 18.01
C CYS C 446 -40.58 10.40 17.38
N PHE C 447 -40.93 11.41 16.58
CA PHE C 447 -42.23 11.42 15.92
C PHE C 447 -42.26 10.40 14.79
N TYR C 448 -41.19 10.30 14.02
CA TYR C 448 -41.14 9.32 12.95
C TYR C 448 -41.06 7.90 13.53
N PHE C 449 -40.55 7.78 14.76
CA PHE C 449 -40.64 6.51 15.47
C PHE C 449 -42.08 6.22 15.88
N PHE C 450 -42.71 7.17 16.59
CA PHE C 450 -44.08 6.98 17.06
C PHE C 450 -45.05 6.78 15.89
N TYR C 451 -44.68 7.28 14.71
CA TYR C 451 -45.54 7.14 13.54
C TYR C 451 -45.58 5.70 13.06
N ASN C 452 -44.41 5.10 12.82
CA ASN C 452 -44.36 3.74 12.28
C ASN C 452 -44.95 2.75 13.28
N ILE C 453 -44.69 2.96 14.57
CA ILE C 453 -45.27 2.11 15.61
C ILE C 453 -46.80 2.21 15.56
N THR C 454 -47.31 3.43 15.37
CA THR C 454 -48.75 3.62 15.23
C THR C 454 -49.26 2.88 14.00
N LEU C 455 -48.61 3.11 12.86
CA LEU C 455 -48.99 2.44 11.62
C LEU C 455 -48.87 0.92 11.75
N THR C 456 -47.94 0.47 12.60
CA THR C 456 -47.65 -0.95 12.72
C THR C 456 -48.55 -1.62 13.75
N LEU C 457 -48.89 -0.91 14.84
CA LEU C 457 -49.75 -1.48 15.86
C LEU C 457 -51.23 -1.41 15.46
N VAL C 458 -51.51 -1.02 14.22
CA VAL C 458 -52.83 -1.17 13.62
C VAL C 458 -52.75 -2.35 12.65
N SER C 459 -51.61 -2.48 11.97
CA SER C 459 -51.47 -3.41 10.84
C SER C 459 -51.48 -4.88 11.25
N TYR C 460 -51.13 -5.18 12.50
CA TYR C 460 -51.01 -6.57 12.96
C TYR C 460 -52.13 -6.93 13.95
N TYR C 461 -53.11 -6.04 14.14
CA TYR C 461 -54.22 -6.33 15.05
C TYR C 461 -55.56 -6.31 14.34
N ARG C 462 -55.81 -5.29 13.52
CA ARG C 462 -57.08 -5.19 12.80
C ARG C 462 -57.07 -6.01 11.50
N PRO C 463 -56.02 -5.93 10.64
CA PRO C 463 -56.01 -6.75 9.43
C PRO C 463 -55.96 -8.25 9.69
N ARG C 464 -55.30 -8.68 10.76
CA ARG C 464 -55.29 -10.09 11.15
C ARG C 464 -56.61 -10.44 11.84
N GLU C 465 -57.73 -10.30 11.12
CA GLU C 465 -59.07 -10.75 11.51
C GLU C 465 -60.00 -10.29 10.39
N GLU C 466 -61.16 -10.90 10.24
CA GLU C 466 -62.15 -10.40 9.29
C GLU C 466 -63.56 -10.76 9.75
N GLU C 467 -64.42 -9.76 9.98
CA GLU C 467 -65.82 -10.03 10.32
C GLU C 467 -66.78 -9.66 9.19
N ALA C 468 -66.90 -8.36 8.93
CA ALA C 468 -67.63 -7.85 7.76
C ALA C 468 -66.74 -6.87 6.99
N ILE C 469 -66.30 -5.83 7.71
CA ILE C 469 -65.40 -4.79 7.20
C ILE C 469 -64.65 -4.23 8.41
N PRO C 470 -63.32 -4.18 8.40
CA PRO C 470 -62.61 -3.23 9.26
C PRO C 470 -62.29 -1.95 8.51
N HIS C 471 -62.52 -0.81 9.17
CA HIS C 471 -61.98 0.47 8.72
C HIS C 471 -60.54 0.57 9.21
N PRO C 472 -59.50 0.43 8.34
CA PRO C 472 -58.13 0.31 8.87
C PRO C 472 -57.60 1.52 9.63
N LEU C 473 -57.60 2.69 8.99
CA LEU C 473 -57.01 3.91 9.54
C LEU C 473 -57.96 5.09 9.47
N ALA C 474 -59.23 4.87 9.16
CA ALA C 474 -60.16 5.96 8.93
C ALA C 474 -60.56 6.60 10.26
N LEU C 475 -61.53 7.52 10.21
CA LEU C 475 -62.12 8.12 11.41
C LEU C 475 -62.68 7.00 12.28
N THR C 476 -62.15 6.87 13.50
CA THR C 476 -62.29 5.64 14.29
C THR C 476 -63.75 5.31 14.59
N HIS C 477 -64.49 6.22 15.25
CA HIS C 477 -65.95 6.11 15.26
C HIS C 477 -66.46 4.81 15.91
N LYS C 478 -66.54 4.78 17.26
CA LYS C 478 -66.66 3.55 18.08
C LYS C 478 -65.30 2.87 18.21
N MET C 479 -64.33 3.61 18.76
CA MET C 479 -63.13 3.06 19.36
C MET C 479 -62.78 3.90 20.58
N GLY C 480 -61.92 3.36 21.44
CA GLY C 480 -61.51 4.05 22.65
C GLY C 480 -60.62 5.25 22.37
N TRP C 481 -60.15 5.93 23.42
CA TRP C 481 -59.32 7.12 23.21
C TRP C 481 -57.96 6.75 22.64
N LEU C 482 -57.40 5.60 23.06
CA LEU C 482 -56.08 5.16 22.62
C LEU C 482 -55.99 5.08 21.11
N GLN C 483 -57.08 4.66 20.47
CA GLN C 483 -57.06 4.44 19.03
C GLN C 483 -57.41 5.70 18.26
N LEU C 484 -58.08 6.65 18.91
CA LEU C 484 -58.41 7.92 18.26
C LEU C 484 -57.13 8.66 17.89
N LEU C 485 -56.33 9.05 18.88
CA LEU C 485 -55.11 9.80 18.60
C LEU C 485 -54.13 8.96 17.78
N GLY C 486 -54.25 7.64 17.85
CA GLY C 486 -53.48 6.77 16.99
C GLY C 486 -53.77 7.04 15.53
N ARG C 487 -54.99 6.75 15.08
CA ARG C 487 -55.34 6.91 13.67
C ARG C 487 -55.20 8.36 13.21
N MET C 488 -55.62 9.30 14.06
CA MET C 488 -55.62 10.71 13.65
C MET C 488 -54.20 11.20 13.44
N PHE C 489 -53.25 10.75 14.26
CA PHE C 489 -51.87 11.17 14.10
C PHE C 489 -51.29 10.66 12.79
N VAL C 490 -51.79 9.52 12.30
CA VAL C 490 -51.27 8.93 11.07
C VAL C 490 -51.63 9.83 9.90
N LEU C 491 -52.91 10.17 9.77
CA LEU C 491 -53.38 10.88 8.58
C LEU C 491 -52.77 12.27 8.48
N ILE C 492 -52.69 12.98 9.61
CA ILE C 492 -52.14 14.34 9.61
C ILE C 492 -50.67 14.30 9.23
N TRP C 493 -49.91 13.43 9.89
CA TRP C 493 -48.48 13.32 9.60
C TRP C 493 -48.23 12.66 8.25
N ALA C 494 -49.17 11.84 7.77
CA ALA C 494 -49.05 11.27 6.44
C ALA C 494 -49.18 12.35 5.38
N MET C 495 -50.20 13.19 5.48
CA MET C 495 -50.32 14.35 4.61
C MET C 495 -49.11 15.26 4.76
N CYS C 496 -48.58 15.34 5.98
CA CYS C 496 -47.50 16.27 6.28
C CYS C 496 -46.25 15.93 5.49
N ILE C 497 -45.86 14.66 5.47
CA ILE C 497 -44.74 14.24 4.61
C ILE C 497 -45.14 14.37 3.15
N SER C 498 -46.39 14.00 2.83
CA SER C 498 -46.87 13.97 1.45
C SER C 498 -46.77 15.35 0.81
N VAL C 499 -47.13 16.40 1.55
CA VAL C 499 -46.92 17.76 1.06
C VAL C 499 -45.44 18.06 0.97
N LYS C 500 -44.75 18.01 2.12
CA LYS C 500 -43.44 18.66 2.28
C LYS C 500 -42.42 18.16 1.27
N GLU C 501 -42.21 16.85 1.22
CA GLU C 501 -41.23 16.29 0.29
C GLU C 501 -41.52 16.70 -1.14
N GLY C 502 -42.80 16.82 -1.50
CA GLY C 502 -43.21 17.28 -2.83
C GLY C 502 -42.62 18.62 -3.23
N ILE C 503 -42.31 19.47 -2.26
CA ILE C 503 -41.63 20.73 -2.54
C ILE C 503 -40.16 20.41 -2.83
N ALA C 504 -39.61 19.43 -2.12
CA ALA C 504 -38.24 18.98 -2.41
C ALA C 504 -38.19 18.28 -3.77
N ILE C 505 -39.30 17.68 -4.20
CA ILE C 505 -39.41 17.12 -5.54
C ILE C 505 -39.31 18.27 -6.55
N PHE C 506 -40.13 19.30 -6.34
CA PHE C 506 -40.25 20.38 -7.31
C PHE C 506 -38.98 21.19 -7.40
N LEU C 507 -38.41 21.59 -6.25
CA LEU C 507 -37.14 22.28 -6.26
C LEU C 507 -36.01 21.26 -6.38
N LEU C 508 -35.95 20.60 -7.54
CA LEU C 508 -34.96 19.58 -7.87
C LEU C 508 -34.42 19.91 -9.26
N ARG C 509 -33.90 21.14 -9.42
CA ARG C 509 -33.06 21.45 -10.58
C ARG C 509 -32.08 20.29 -10.71
N PRO C 510 -32.06 19.56 -11.86
CA PRO C 510 -31.65 18.14 -11.85
C PRO C 510 -30.34 17.84 -11.12
N SER C 511 -30.47 17.15 -9.99
CA SER C 511 -29.30 16.73 -9.22
C SER C 511 -28.48 15.84 -10.14
N ASP C 512 -27.29 16.32 -10.51
CA ASP C 512 -26.56 15.89 -11.70
C ASP C 512 -26.53 14.38 -11.89
N LEU C 513 -26.37 13.63 -10.81
CA LEU C 513 -26.43 12.18 -10.96
C LEU C 513 -27.85 11.74 -11.37
N GLN C 514 -28.77 11.69 -10.39
CA GLN C 514 -30.22 11.50 -10.56
C GLN C 514 -30.78 11.40 -9.13
N SER C 515 -32.00 10.87 -8.99
CA SER C 515 -32.51 10.21 -7.79
C SER C 515 -31.45 9.49 -6.96
N ILE C 516 -30.47 8.89 -7.65
CA ILE C 516 -29.29 8.28 -7.08
C ILE C 516 -28.48 9.36 -6.35
N LEU C 517 -27.31 8.97 -5.82
CA LEU C 517 -26.64 9.58 -4.68
C LEU C 517 -26.58 11.11 -4.60
N SER C 518 -26.20 11.56 -3.39
CA SER C 518 -26.00 12.91 -2.87
C SER C 518 -27.20 13.63 -2.29
N ASP C 519 -28.46 13.27 -2.62
CA ASP C 519 -29.44 13.07 -1.55
C ASP C 519 -30.65 12.24 -1.94
N ALA C 520 -31.07 12.34 -3.21
CA ALA C 520 -32.50 12.25 -3.53
C ALA C 520 -33.03 10.83 -3.52
N TRP C 521 -32.20 9.84 -3.19
CA TRP C 521 -32.69 8.48 -3.00
C TRP C 521 -33.70 8.40 -1.86
N PHE C 522 -33.56 9.30 -0.87
CA PHE C 522 -34.31 9.16 0.37
C PHE C 522 -35.54 10.06 0.40
N HIS C 523 -35.52 11.17 -0.33
CA HIS C 523 -36.68 12.07 -0.34
C HIS C 523 -37.84 11.45 -1.12
N PHE C 524 -37.55 10.48 -1.99
CA PHE C 524 -38.62 9.82 -2.73
C PHE C 524 -39.30 8.76 -1.87
N VAL C 525 -38.52 7.90 -1.21
CA VAL C 525 -39.10 6.85 -0.39
C VAL C 525 -39.90 7.44 0.76
N PHE C 526 -39.47 8.59 1.29
CA PHE C 526 -40.34 9.34 2.19
C PHE C 526 -41.63 9.73 1.50
N PHE C 527 -41.52 10.26 0.27
CA PHE C 527 -42.71 10.66 -0.47
C PHE C 527 -43.59 9.46 -0.78
N ILE C 528 -43.00 8.38 -1.29
CA ILE C 528 -43.77 7.19 -1.64
C ILE C 528 -44.46 6.63 -0.41
N GLN C 529 -43.75 6.62 0.72
CA GLN C 529 -44.34 6.11 1.96
C GLN C 529 -45.58 6.92 2.34
N ALA C 530 -45.52 8.24 2.18
CA ALA C 530 -46.64 9.08 2.55
C ALA C 530 -47.80 8.93 1.58
N VAL C 531 -47.50 8.74 0.29
CA VAL C 531 -48.56 8.58 -0.70
C VAL C 531 -49.32 7.28 -0.47
N LEU C 532 -48.59 6.19 -0.25
CA LEU C 532 -49.22 4.87 -0.16
C LEU C 532 -50.19 4.79 1.02
N VAL C 533 -49.91 5.52 2.10
CA VAL C 533 -50.82 5.53 3.23
C VAL C 533 -52.11 6.27 2.87
N ILE C 534 -52.00 7.50 2.39
CA ILE C 534 -53.18 8.28 2.07
C ILE C 534 -53.89 7.71 0.85
N LEU C 535 -53.12 7.16 -0.10
CA LEU C 535 -53.72 6.50 -1.26
C LEU C 535 -54.65 5.37 -0.83
N SER C 536 -54.26 4.61 0.21
CA SER C 536 -55.07 3.48 0.64
C SER C 536 -56.39 3.94 1.24
N VAL C 537 -56.33 4.94 2.13
CA VAL C 537 -57.53 5.43 2.80
C VAL C 537 -58.53 5.97 1.79
N PHE C 538 -58.04 6.43 0.63
CA PHE C 538 -58.93 6.76 -0.48
C PHE C 538 -59.42 5.50 -1.18
N LEU C 539 -58.54 4.52 -1.42
CA LEU C 539 -58.96 3.27 -2.06
C LEU C 539 -60.02 2.57 -1.23
N TYR C 540 -59.79 2.43 0.08
CA TYR C 540 -60.74 1.72 0.94
C TYR C 540 -62.07 2.44 1.00
N LEU C 541 -62.05 3.77 0.93
CA LEU C 541 -63.26 4.57 1.08
C LEU C 541 -64.28 4.23 0.00
N PHE C 542 -63.85 4.13 -1.25
CA PHE C 542 -64.80 3.85 -2.32
C PHE C 542 -65.40 2.45 -2.14
N ALA C 543 -64.66 1.40 -2.49
CA ALA C 543 -65.00 0.04 -2.05
C ALA C 543 -63.79 -0.87 -1.88
N TYR C 544 -62.64 -0.49 -2.45
CA TYR C 544 -61.64 -1.46 -2.89
C TYR C 544 -60.96 -2.23 -1.77
N LYS C 545 -60.69 -3.52 -2.03
CA LYS C 545 -59.95 -4.40 -1.14
C LYS C 545 -58.44 -4.19 -1.20
N GLU C 546 -57.95 -3.25 -2.00
CA GLU C 546 -56.52 -3.07 -2.23
C GLU C 546 -55.84 -2.36 -1.07
N TYR C 547 -56.59 -2.03 -0.01
CA TYR C 547 -56.04 -1.28 1.12
C TYR C 547 -54.87 -2.01 1.77
N LEU C 548 -54.97 -3.32 1.91
CA LEU C 548 -53.99 -4.05 2.71
C LEU C 548 -52.61 -4.03 2.07
N ALA C 549 -52.55 -4.21 0.74
CA ALA C 549 -51.27 -4.22 0.05
C ALA C 549 -50.53 -2.89 0.19
N CYS C 550 -51.27 -1.81 0.44
CA CYS C 550 -50.66 -0.49 0.54
C CYS C 550 -50.15 -0.22 1.95
N LEU C 551 -50.87 -0.70 2.98
CA LEU C 551 -50.39 -0.55 4.35
C LEU C 551 -49.10 -1.31 4.58
N VAL C 552 -48.91 -2.42 3.86
CA VAL C 552 -47.80 -3.31 4.15
C VAL C 552 -46.51 -2.75 3.56
N LEU C 553 -46.60 -2.19 2.35
CA LEU C 553 -45.47 -1.45 1.82
C LEU C 553 -45.23 -0.20 2.67
N ALA C 554 -46.28 0.40 3.20
CA ALA C 554 -46.14 1.56 4.05
C ALA C 554 -45.37 1.22 5.32
N MET C 555 -45.44 -0.03 5.77
CA MET C 555 -44.60 -0.48 6.87
C MET C 555 -43.16 -0.71 6.40
N ALA C 556 -42.99 -1.62 5.43
CA ALA C 556 -41.67 -2.07 5.04
C ALA C 556 -40.82 -0.92 4.52
N LEU C 557 -41.41 -0.03 3.72
CA LEU C 557 -40.70 1.20 3.35
C LEU C 557 -40.41 2.05 4.57
N GLY C 558 -41.33 2.04 5.55
CA GLY C 558 -41.15 2.89 6.72
C GLY C 558 -40.01 2.42 7.61
N TRP C 559 -39.94 1.12 7.88
CA TRP C 559 -38.91 0.60 8.76
C TRP C 559 -37.53 0.75 8.15
N ALA C 560 -37.40 0.43 6.86
CA ALA C 560 -36.10 0.57 6.19
C ALA C 560 -35.67 2.03 6.12
N ASN C 561 -36.62 2.97 6.19
CA ASN C 561 -36.29 4.38 6.12
C ASN C 561 -35.97 4.96 7.49
N MET C 562 -36.22 4.23 8.57
CA MET C 562 -35.70 4.62 9.87
C MET C 562 -34.18 4.53 9.89
N LEU C 563 -33.61 3.71 9.00
CA LEU C 563 -32.16 3.64 8.81
C LEU C 563 -31.60 5.00 8.42
N TYR C 564 -32.41 5.83 7.77
CA TYR C 564 -32.00 7.18 7.38
C TYR C 564 -31.51 7.97 8.59
N TYR C 565 -32.28 7.95 9.68
CA TYR C 565 -31.94 8.72 10.87
C TYR C 565 -30.80 8.07 11.65
N THR C 566 -29.61 8.04 11.06
CA THR C 566 -28.41 7.52 11.71
C THR C 566 -27.21 8.41 11.42
N ARG C 567 -27.45 9.65 10.99
CA ARG C 567 -26.40 10.52 10.47
C ARG C 567 -25.87 11.52 11.48
N GLY C 568 -26.61 11.81 12.54
CA GLY C 568 -26.14 12.72 13.57
C GLY C 568 -25.69 11.98 14.80
N PHE C 569 -25.04 10.83 14.59
CA PHE C 569 -24.92 9.83 15.63
C PHE C 569 -23.56 9.11 15.58
N GLN C 570 -22.45 9.75 15.15
CA GLN C 570 -21.41 9.18 14.27
C GLN C 570 -21.33 7.63 14.31
N SER C 571 -20.15 7.02 14.21
CA SER C 571 -19.82 5.92 13.29
C SER C 571 -20.96 5.19 12.56
N MET C 572 -22.12 4.98 13.18
CA MET C 572 -23.30 4.54 12.42
C MET C 572 -23.52 5.37 11.16
N GLY C 573 -23.30 6.67 11.19
CA GLY C 573 -23.54 7.53 10.04
C GLY C 573 -22.70 7.14 8.84
N MET C 574 -21.42 6.83 9.08
CA MET C 574 -20.58 6.35 7.99
C MET C 574 -21.06 5.00 7.46
N TYR C 575 -21.73 4.22 8.31
CA TYR C 575 -22.18 2.90 7.90
C TYR C 575 -23.39 2.99 6.97
N SER C 576 -24.25 3.97 7.20
CA SER C 576 -25.42 4.14 6.34
C SER C 576 -25.03 4.74 4.98
N VAL C 577 -23.81 5.25 4.87
CA VAL C 577 -23.30 5.70 3.58
C VAL C 577 -22.80 4.49 2.81
N MET C 578 -22.01 3.64 3.48
CA MET C 578 -21.37 2.51 2.80
C MET C 578 -22.40 1.53 2.25
N ILE C 579 -23.50 1.31 2.98
CA ILE C 579 -24.56 0.49 2.43
C ILE C 579 -25.12 1.10 1.16
N GLN C 580 -25.24 2.43 1.12
CA GLN C 580 -25.91 3.08 -0.01
C GLN C 580 -25.04 3.05 -1.26
N LYS C 581 -23.77 3.44 -1.12
CA LYS C 581 -22.82 3.34 -2.23
C LYS C 581 -22.63 1.92 -2.71
N VAL C 582 -22.96 0.92 -1.89
CA VAL C 582 -22.86 -0.48 -2.27
C VAL C 582 -24.13 -0.95 -2.96
N ILE C 583 -25.31 -0.52 -2.49
CA ILE C 583 -26.51 -0.78 -3.29
C ILE C 583 -26.71 0.41 -4.22
N LEU C 584 -25.75 0.62 -5.12
CA LEU C 584 -25.96 1.41 -6.31
C LEU C 584 -25.08 1.00 -7.49
N HIS C 585 -23.98 0.29 -7.19
CA HIS C 585 -22.79 0.33 -8.03
C HIS C 585 -22.30 -1.06 -8.42
N ASP C 586 -22.37 -2.01 -7.50
CA ASP C 586 -21.81 -3.34 -7.69
C ASP C 586 -22.90 -4.40 -7.68
N VAL C 587 -23.79 -4.35 -6.68
CA VAL C 587 -24.85 -5.35 -6.57
C VAL C 587 -25.83 -5.21 -7.73
N LEU C 588 -26.12 -3.98 -8.16
CA LEU C 588 -27.02 -3.79 -9.29
C LEU C 588 -26.50 -4.49 -10.53
N LYS C 589 -25.18 -4.52 -10.71
CA LYS C 589 -24.60 -5.29 -11.80
C LYS C 589 -24.84 -6.78 -11.59
N PHE C 590 -24.54 -7.25 -10.38
CA PHE C 590 -24.57 -8.68 -10.09
C PHE C 590 -25.95 -9.28 -10.31
N LEU C 591 -27.01 -8.57 -9.93
CA LEU C 591 -28.36 -8.99 -10.28
C LEU C 591 -28.48 -9.14 -11.79
N PHE C 592 -28.19 -8.07 -12.52
CA PHE C 592 -28.46 -7.99 -13.96
C PHE C 592 -27.82 -9.14 -14.73
N VAL C 593 -26.71 -9.67 -14.23
CA VAL C 593 -26.11 -10.87 -14.82
C VAL C 593 -26.63 -12.13 -14.13
N TYR C 594 -27.07 -12.00 -12.87
CA TYR C 594 -27.66 -13.14 -12.19
C TYR C 594 -29.07 -13.43 -12.70
N ILE C 595 -29.76 -12.40 -13.22
CA ILE C 595 -31.05 -12.62 -13.85
C ILE C 595 -30.88 -13.46 -15.11
N VAL C 596 -29.99 -13.04 -16.00
CA VAL C 596 -29.95 -13.62 -17.35
C VAL C 596 -29.55 -15.09 -17.30
N PHE C 597 -28.70 -15.45 -16.34
CA PHE C 597 -28.37 -16.86 -16.16
C PHE C 597 -29.54 -17.63 -15.59
N LEU C 598 -30.16 -17.09 -14.54
CA LEU C 598 -31.30 -17.73 -13.89
C LEU C 598 -32.45 -17.92 -14.88
N LEU C 599 -32.79 -16.87 -15.61
CA LEU C 599 -33.84 -16.97 -16.63
C LEU C 599 -33.36 -17.81 -17.81
N GLY C 600 -32.06 -17.76 -18.10
CA GLY C 600 -31.49 -18.54 -19.17
C GLY C 600 -31.46 -20.01 -18.86
N PHE C 601 -30.72 -20.40 -17.82
CA PHE C 601 -30.69 -21.80 -17.40
C PHE C 601 -32.04 -22.28 -16.91
N GLY C 602 -32.94 -21.37 -16.54
CA GLY C 602 -34.27 -21.76 -16.09
C GLY C 602 -35.07 -22.47 -17.15
N VAL C 603 -35.04 -21.95 -18.38
CA VAL C 603 -35.77 -22.60 -19.48
C VAL C 603 -35.16 -23.95 -19.79
N ALA C 604 -33.83 -24.02 -19.80
CA ALA C 604 -33.11 -25.21 -20.25
C ALA C 604 -33.48 -26.43 -19.43
N LEU C 605 -33.68 -26.25 -18.13
CA LEU C 605 -34.10 -27.35 -17.27
C LEU C 605 -35.62 -27.42 -17.16
N ALA C 606 -36.32 -26.35 -17.53
CA ALA C 606 -37.78 -26.36 -17.51
C ALA C 606 -38.34 -26.99 -18.78
N SER C 607 -37.52 -27.12 -19.82
CA SER C 607 -37.96 -27.74 -21.08
C SER C 607 -37.48 -29.17 -21.21
N LEU C 608 -36.30 -29.49 -20.66
CA LEU C 608 -35.82 -30.87 -20.72
C LEU C 608 -36.74 -31.82 -19.99
N ILE C 609 -37.40 -31.35 -18.93
CA ILE C 609 -38.45 -32.14 -18.31
C ILE C 609 -39.55 -32.40 -19.34
N GLU C 610 -40.18 -33.56 -19.20
CA GLU C 610 -41.15 -34.06 -20.15
C GLU C 610 -42.29 -34.68 -19.33
N LYS C 611 -43.03 -35.61 -19.95
CA LYS C 611 -44.36 -36.06 -19.53
C LYS C 611 -44.56 -36.18 -18.03
N CYS C 612 -45.61 -35.54 -17.53
CA CYS C 612 -46.04 -35.67 -16.15
C CYS C 612 -47.22 -36.64 -16.10
N PRO C 613 -47.00 -37.95 -15.87
CA PRO C 613 -48.14 -38.88 -15.85
C PRO C 613 -49.10 -38.55 -14.72
N LYS C 614 -50.35 -38.22 -15.09
CA LYS C 614 -51.34 -37.77 -14.13
C LYS C 614 -51.60 -38.78 -13.02
N ASP C 615 -51.31 -40.06 -13.26
CA ASP C 615 -51.34 -41.05 -12.19
C ASP C 615 -50.31 -40.74 -11.11
N ASN C 616 -49.25 -40.01 -11.42
CA ASN C 616 -48.17 -39.66 -10.51
C ASN C 616 -47.98 -38.16 -10.35
N LYS C 617 -49.05 -37.42 -10.04
CA LYS C 617 -49.03 -35.96 -10.01
C LYS C 617 -47.94 -35.39 -9.10
N ASP C 618 -47.77 -34.06 -9.15
CA ASP C 618 -46.57 -33.31 -8.75
C ASP C 618 -45.33 -34.11 -9.15
N CYS C 619 -45.27 -34.44 -10.45
CA CYS C 619 -44.27 -35.36 -10.99
C CYS C 619 -42.86 -34.89 -10.70
N SER C 620 -42.64 -33.58 -10.73
CA SER C 620 -41.29 -33.03 -10.60
C SER C 620 -41.36 -31.60 -10.07
N SER C 621 -40.29 -31.18 -9.40
CA SER C 621 -40.16 -29.80 -8.95
C SER C 621 -40.05 -28.89 -10.16
N TYR C 622 -39.08 -29.16 -11.04
CA TYR C 622 -38.99 -28.41 -12.29
C TYR C 622 -40.12 -28.83 -13.21
N GLY C 623 -41.22 -28.09 -13.19
CA GLY C 623 -42.34 -28.31 -14.09
C GLY C 623 -42.45 -27.15 -15.06
N SER C 624 -43.38 -26.24 -14.78
CA SER C 624 -43.45 -25.01 -15.53
C SER C 624 -42.21 -24.15 -15.25
N PHE C 625 -42.08 -23.06 -16.01
CA PHE C 625 -40.92 -22.20 -15.87
C PHE C 625 -40.90 -21.52 -14.51
N SER C 626 -42.07 -21.23 -13.95
CA SER C 626 -42.15 -20.54 -12.67
C SER C 626 -41.51 -21.36 -11.57
N ASP C 627 -41.62 -22.69 -11.65
CA ASP C 627 -41.04 -23.56 -10.63
C ASP C 627 -39.53 -23.68 -10.81
N ALA C 628 -39.04 -23.61 -12.05
CA ALA C 628 -37.62 -23.77 -12.30
C ALA C 628 -36.83 -22.59 -11.74
N VAL C 629 -37.38 -21.39 -11.85
CA VAL C 629 -36.67 -20.20 -11.38
C VAL C 629 -36.50 -20.25 -9.87
N LEU C 630 -37.51 -20.74 -9.16
CA LEU C 630 -37.49 -20.71 -7.70
C LEU C 630 -36.62 -21.82 -7.14
N GLU C 631 -36.81 -23.04 -7.63
CA GLU C 631 -36.02 -24.17 -7.14
C GLU C 631 -34.54 -24.00 -7.46
N LEU C 632 -34.21 -23.18 -8.47
CA LEU C 632 -32.84 -22.71 -8.63
C LEU C 632 -32.53 -21.59 -7.65
N PHE C 633 -33.52 -20.72 -7.39
CA PHE C 633 -33.32 -19.64 -6.43
C PHE C 633 -33.06 -20.16 -5.02
N LYS C 634 -33.76 -21.22 -4.62
CA LYS C 634 -33.53 -21.80 -3.29
C LYS C 634 -32.14 -22.43 -3.22
N LEU C 635 -31.65 -22.94 -4.34
CA LEU C 635 -30.31 -23.53 -4.38
C LEU C 635 -29.23 -22.51 -4.08
N THR C 636 -29.36 -21.30 -4.62
CA THR C 636 -28.30 -20.28 -4.53
C THR C 636 -28.08 -19.87 -3.07
N ILE C 637 -29.17 -19.62 -2.35
CA ILE C 637 -29.10 -19.10 -1.00
C ILE C 637 -28.60 -20.15 -0.01
N GLY C 638 -28.57 -21.42 -0.43
CA GLY C 638 -28.22 -22.50 0.47
C GLY C 638 -29.39 -23.07 1.21
N LEU C 639 -30.45 -23.43 0.51
CA LEU C 639 -31.73 -23.79 1.12
C LEU C 639 -32.43 -24.84 0.27
N GLY C 640 -33.08 -25.78 0.96
CA GLY C 640 -33.97 -26.73 0.31
C GLY C 640 -33.43 -28.14 0.24
N ASP C 641 -33.74 -28.83 -0.85
CA ASP C 641 -33.32 -30.21 -1.05
C ASP C 641 -33.16 -30.45 -2.55
N LEU C 642 -32.30 -31.40 -2.90
CA LEU C 642 -31.96 -31.69 -4.29
C LEU C 642 -31.80 -33.19 -4.48
N ASN C 643 -32.33 -33.70 -5.59
CA ASN C 643 -32.17 -35.10 -5.98
C ASN C 643 -32.18 -35.17 -7.50
N ILE C 644 -31.11 -35.69 -8.09
CA ILE C 644 -31.02 -35.70 -9.54
C ILE C 644 -31.74 -36.97 -10.01
N GLN C 645 -33.07 -36.91 -10.00
CA GLN C 645 -33.94 -37.97 -10.49
C GLN C 645 -35.12 -37.40 -11.26
N GLN C 646 -35.30 -36.07 -11.25
CA GLN C 646 -36.49 -35.39 -11.75
C GLN C 646 -36.81 -35.82 -13.18
N ASN C 647 -38.09 -36.02 -13.47
CA ASN C 647 -38.52 -36.61 -14.73
C ASN C 647 -38.01 -35.79 -15.91
N SER C 648 -37.06 -36.36 -16.65
CA SER C 648 -36.43 -35.69 -17.78
C SER C 648 -36.08 -36.71 -18.85
N LYS C 649 -35.76 -36.19 -20.03
CA LYS C 649 -35.33 -36.99 -21.16
C LYS C 649 -33.87 -37.41 -21.01
N TYR C 650 -33.06 -36.55 -20.41
CA TYR C 650 -31.60 -36.74 -20.33
C TYR C 650 -31.15 -36.47 -18.89
N PRO C 651 -31.10 -37.49 -18.04
CA PRO C 651 -30.56 -37.23 -16.68
C PRO C 651 -29.09 -36.86 -16.68
N ILE C 652 -28.37 -37.13 -17.78
CA ILE C 652 -26.97 -36.74 -17.89
C ILE C 652 -26.86 -35.27 -18.29
N LEU C 653 -27.73 -34.82 -19.19
CA LEU C 653 -27.75 -33.41 -19.58
C LEU C 653 -28.49 -32.57 -18.54
N PHE C 654 -29.48 -33.17 -17.88
CA PHE C 654 -30.26 -32.45 -16.89
C PHE C 654 -29.41 -32.02 -15.69
N LEU C 655 -28.26 -32.68 -15.49
CA LEU C 655 -27.37 -32.32 -14.39
C LEU C 655 -26.28 -31.37 -14.86
N PHE C 656 -25.80 -31.55 -16.10
CA PHE C 656 -24.69 -30.72 -16.58
C PHE C 656 -25.08 -29.25 -16.62
N LEU C 657 -26.36 -28.97 -16.88
CA LEU C 657 -26.84 -27.59 -16.83
C LEU C 657 -27.02 -27.11 -15.40
N LEU C 658 -27.08 -28.05 -14.44
CA LEU C 658 -27.26 -27.67 -13.03
C LEU C 658 -25.92 -27.40 -12.36
N ILE C 659 -24.97 -28.34 -12.48
CA ILE C 659 -23.62 -28.10 -11.98
C ILE C 659 -23.02 -26.89 -12.67
N THR C 660 -23.40 -26.67 -13.93
CA THR C 660 -23.09 -25.41 -14.60
C THR C 660 -23.55 -24.23 -13.76
N TYR C 661 -24.83 -24.18 -13.41
CA TYR C 661 -25.38 -23.03 -12.72
C TYR C 661 -24.74 -22.83 -11.35
N VAL C 662 -24.23 -23.90 -10.75
CA VAL C 662 -23.53 -23.77 -9.47
C VAL C 662 -22.20 -23.04 -9.68
N ILE C 663 -21.44 -23.48 -10.67
CA ILE C 663 -20.13 -22.89 -10.92
C ILE C 663 -20.28 -21.45 -11.39
N LEU C 664 -21.03 -21.24 -12.48
CA LEU C 664 -21.09 -19.92 -13.11
C LEU C 664 -21.63 -18.87 -12.14
N THR C 665 -22.67 -19.23 -11.36
CA THR C 665 -23.09 -18.38 -10.25
C THR C 665 -21.93 -18.09 -9.30
N PHE C 666 -21.25 -19.15 -8.84
CA PHE C 666 -20.20 -19.03 -7.84
C PHE C 666 -19.10 -18.06 -8.29
N VAL C 667 -18.76 -18.08 -9.58
CA VAL C 667 -17.67 -17.24 -10.07
C VAL C 667 -17.99 -15.76 -9.85
N LEU C 668 -19.22 -15.35 -10.15
CA LEU C 668 -19.60 -13.95 -9.97
C LEU C 668 -19.51 -13.53 -8.51
N LEU C 669 -19.93 -14.42 -7.60
CA LEU C 669 -19.86 -14.11 -6.17
C LEU C 669 -18.43 -13.83 -5.72
N LEU C 670 -17.45 -14.36 -6.46
CA LEU C 670 -16.06 -14.04 -6.18
C LEU C 670 -15.66 -12.73 -6.86
N ASN C 671 -16.30 -12.44 -7.99
CA ASN C 671 -16.17 -11.12 -8.59
C ASN C 671 -16.86 -10.07 -7.73
N MET C 672 -17.82 -10.49 -6.91
CA MET C 672 -18.46 -9.57 -5.98
C MET C 672 -17.47 -9.10 -4.92
N LEU C 673 -16.97 -10.04 -4.11
CA LEU C 673 -16.18 -9.67 -2.94
C LEU C 673 -14.90 -8.93 -3.34
N ILE C 674 -14.36 -9.23 -4.52
CA ILE C 674 -13.15 -8.54 -4.97
C ILE C 674 -13.48 -7.16 -5.53
N ALA C 675 -14.66 -7.02 -6.16
CA ALA C 675 -15.02 -5.71 -6.71
C ALA C 675 -15.31 -4.72 -5.59
N LEU C 676 -15.84 -5.19 -4.47
CA LEU C 676 -16.00 -4.34 -3.29
C LEU C 676 -14.67 -4.17 -2.57
N MET C 677 -13.85 -5.22 -2.56
CA MET C 677 -12.48 -5.12 -2.04
C MET C 677 -11.67 -4.07 -2.77
N GLY C 678 -11.79 -4.04 -4.10
CA GLY C 678 -11.16 -2.98 -4.88
C GLY C 678 -11.84 -1.63 -4.76
N GLU C 679 -12.90 -1.53 -3.96
CA GLU C 679 -13.60 -0.27 -3.70
C GLU C 679 -13.34 0.22 -2.28
N THR C 680 -13.20 -0.67 -1.31
CA THR C 680 -13.16 -0.26 0.08
C THR C 680 -11.78 0.22 0.53
N VAL C 681 -10.72 -0.40 0.01
CA VAL C 681 -9.37 -0.08 0.43
C VAL C 681 -8.95 1.29 -0.12
N GLU C 682 -9.65 1.77 -1.15
CA GLU C 682 -9.34 3.06 -1.76
C GLU C 682 -10.17 4.20 -1.16
N ASN C 683 -11.39 3.89 -0.73
CA ASN C 683 -12.41 4.92 -0.53
C ASN C 683 -12.77 5.16 0.93
N VAL C 684 -13.12 4.12 1.70
CA VAL C 684 -13.92 4.23 2.93
C VAL C 684 -13.42 5.29 3.90
N SER C 685 -12.16 5.17 4.33
CA SER C 685 -11.63 6.04 5.38
C SER C 685 -11.69 7.51 4.99
N LYS C 686 -11.66 7.80 3.68
CA LYS C 686 -11.80 9.17 3.20
C LYS C 686 -13.18 9.42 2.62
N GLU C 687 -13.80 8.39 2.04
CA GLU C 687 -15.07 8.60 1.34
C GLU C 687 -16.21 8.80 2.33
N SER C 688 -16.34 7.89 3.30
CA SER C 688 -17.51 7.88 4.17
C SER C 688 -17.51 9.08 5.11
N GLU C 689 -16.37 9.34 5.77
CA GLU C 689 -16.30 10.38 6.79
C GLU C 689 -16.58 11.76 6.22
N ARG C 690 -16.30 11.92 4.91
CA ARG C 690 -16.35 13.25 4.32
C ARG C 690 -17.74 13.56 3.75
N ILE C 691 -18.31 12.63 2.98
CA ILE C 691 -19.68 12.82 2.50
C ILE C 691 -20.66 12.79 3.67
N TRP C 692 -20.29 12.16 4.77
CA TRP C 692 -21.10 12.23 5.98
C TRP C 692 -21.17 13.67 6.50
N ARG C 693 -20.03 14.35 6.54
CA ARG C 693 -20.02 15.77 6.91
C ARG C 693 -20.87 16.58 5.94
N LEU C 694 -20.92 16.16 4.68
CA LEU C 694 -21.72 16.87 3.68
C LEU C 694 -23.21 16.76 3.98
N GLN C 695 -23.74 15.53 4.03
CA GLN C 695 -25.18 15.37 4.20
C GLN C 695 -25.64 15.89 5.55
N ARG C 696 -24.77 15.80 6.56
CA ARG C 696 -25.05 16.41 7.85
C ARG C 696 -25.19 17.92 7.73
N ALA C 697 -24.48 18.53 6.78
CA ALA C 697 -24.56 19.97 6.60
C ALA C 697 -25.92 20.38 6.04
N ARG C 698 -26.46 19.58 5.12
CA ARG C 698 -27.77 19.89 4.55
C ARG C 698 -28.84 19.79 5.63
N THR C 699 -28.70 18.83 6.55
CA THR C 699 -29.67 18.65 7.62
C THR C 699 -29.71 19.87 8.53
N ILE C 700 -28.53 20.45 8.81
CA ILE C 700 -28.45 21.62 9.67
C ILE C 700 -29.17 22.80 9.02
N LEU C 701 -28.82 23.08 7.75
CA LEU C 701 -29.37 24.25 7.08
C LEU C 701 -30.85 24.07 6.80
N GLU C 702 -31.27 22.86 6.41
CA GLU C 702 -32.67 22.60 6.13
C GLU C 702 -33.53 22.88 7.34
N PHE C 703 -33.01 22.60 8.54
CA PHE C 703 -33.70 22.99 9.77
C PHE C 703 -33.65 24.50 9.97
N GLU C 704 -32.55 25.13 9.60
CA GLU C 704 -32.42 26.57 9.79
C GLU C 704 -33.36 27.31 8.85
N LYS C 705 -33.70 26.71 7.72
CA LYS C 705 -34.67 27.29 6.80
C LYS C 705 -36.08 27.22 7.40
N MET C 706 -36.33 26.23 8.26
CA MET C 706 -37.64 26.08 8.87
C MET C 706 -37.93 27.15 9.91
N LEU C 707 -36.91 27.51 10.69
CA LEU C 707 -37.09 28.26 11.92
C LEU C 707 -37.81 29.59 11.68
N PRO C 708 -38.68 30.04 12.58
CA PRO C 708 -39.33 31.34 12.39
C PRO C 708 -38.34 32.48 12.55
N GLU C 709 -38.86 33.70 12.36
CA GLU C 709 -38.02 34.88 12.37
C GLU C 709 -37.41 35.13 13.75
N TRP C 710 -38.23 35.11 14.80
CA TRP C 710 -37.75 35.46 16.13
C TRP C 710 -36.79 34.40 16.67
N LEU C 711 -37.03 33.13 16.34
CA LEU C 711 -36.19 32.06 16.87
C LEU C 711 -34.86 31.99 16.13
N ARG C 712 -34.86 32.32 14.82
CA ARG C 712 -33.62 32.32 14.06
C ARG C 712 -32.68 33.41 14.55
N SER C 713 -33.23 34.60 14.84
CA SER C 713 -32.43 35.73 15.27
C SER C 713 -31.78 35.44 16.62
N ARG C 714 -32.47 34.72 17.50
CA ARG C 714 -31.93 34.36 18.79
C ARG C 714 -30.75 33.42 18.63
N PHE C 715 -30.87 32.45 17.71
CA PHE C 715 -29.84 31.46 17.47
C PHE C 715 -28.81 31.90 16.43
N ARG C 716 -28.84 33.17 16.01
CA ARG C 716 -27.83 33.66 15.06
C ARG C 716 -26.46 33.69 15.74
N MET C 717 -25.47 33.10 15.06
CA MET C 717 -24.10 33.09 15.58
C MET C 717 -23.47 34.47 15.47
N GLY C 718 -22.27 34.62 16.01
CA GLY C 718 -21.44 35.78 15.78
C GLY C 718 -21.33 36.68 16.99
N GLU C 719 -20.36 37.59 16.91
CA GLU C 719 -20.12 38.59 17.94
C GLU C 719 -19.51 39.83 17.30
N LEU C 720 -19.96 41.01 17.72
CA LEU C 720 -19.51 42.24 17.10
C LEU C 720 -18.03 42.47 17.38
N CYS C 721 -17.39 43.30 16.56
CA CYS C 721 -15.95 43.54 16.66
C CYS C 721 -15.68 44.98 16.25
N LYS C 722 -14.67 45.60 16.89
CA LYS C 722 -14.06 46.80 16.37
C LYS C 722 -12.77 46.41 15.64
N VAL C 723 -12.92 45.84 14.44
CA VAL C 723 -11.79 45.38 13.66
C VAL C 723 -10.87 46.55 13.31
N ALA C 724 -11.45 47.73 13.12
CA ALA C 724 -10.69 48.92 12.79
C ALA C 724 -11.43 50.15 13.32
N GLU C 725 -11.01 51.34 12.88
CA GLU C 725 -11.62 52.57 13.37
C GLU C 725 -13.09 52.66 12.96
N ASP C 726 -13.35 52.89 11.67
CA ASP C 726 -14.71 52.99 11.15
C ASP C 726 -15.11 51.67 10.49
N ASP C 727 -15.19 50.62 11.30
CA ASP C 727 -15.54 49.31 10.79
C ASP C 727 -16.04 48.43 11.94
N PHE C 728 -17.33 48.11 11.90
CA PHE C 728 -17.93 47.09 12.77
C PHE C 728 -18.50 45.97 11.92
N ARG C 729 -18.12 44.73 12.21
CA ARG C 729 -18.59 43.57 11.47
C ARG C 729 -18.68 42.36 12.41
N LEU C 730 -19.51 41.40 12.03
CA LEU C 730 -19.65 40.16 12.80
C LEU C 730 -18.34 39.38 12.76
N CYS C 731 -18.20 38.40 13.65
CA CYS C 731 -16.97 37.63 13.75
C CYS C 731 -17.30 36.21 14.18
N LEU C 732 -16.26 35.42 14.37
CA LEU C 732 -16.37 34.09 14.99
C LEU C 732 -14.98 33.71 15.49
N ARG C 733 -14.82 33.65 16.81
CA ARG C 733 -13.53 33.37 17.40
C ARG C 733 -13.17 31.89 17.25
N ILE C 734 -11.95 31.65 16.78
CA ILE C 734 -11.38 30.30 16.69
C ILE C 734 -9.97 30.35 17.27
N ASN C 735 -9.80 29.84 18.48
CA ASN C 735 -8.47 29.74 19.08
C ASN C 735 -7.66 28.66 18.39
N GLU C 736 -6.38 28.58 18.70
CA GLU C 736 -5.52 27.55 18.11
C GLU C 736 -4.23 27.46 18.92
N VAL C 737 -3.42 26.46 18.56
CA VAL C 737 -2.13 26.23 19.18
C VAL C 737 -1.14 25.90 18.06
N LYS C 738 0.06 26.48 18.15
CA LYS C 738 1.08 26.29 17.11
C LYS C 738 2.44 26.51 17.75
N TRP C 739 3.36 25.58 17.51
CA TRP C 739 4.66 25.56 18.16
C TRP C 739 5.84 25.67 17.19
N THR C 740 5.69 25.22 15.95
CA THR C 740 6.85 25.00 15.10
C THR C 740 7.47 26.32 14.61
N GLU C 741 6.62 27.30 14.27
CA GLU C 741 7.08 28.59 13.76
C GLU C 741 6.67 29.69 14.72
N TRP C 742 7.62 30.59 15.03
CA TRP C 742 7.44 31.63 16.03
C TRP C 742 7.62 33.00 15.39
N LYS C 743 7.10 34.02 16.06
CA LYS C 743 7.28 35.39 15.63
C LYS C 743 7.04 36.32 16.82
N THR C 744 7.44 37.57 16.65
CA THR C 744 7.37 38.56 17.72
C THR C 744 6.05 39.31 17.68
N HIS C 745 4.94 38.57 17.82
CA HIS C 745 3.59 38.95 17.38
C HIS C 745 3.27 40.42 17.56
N VAL C 746 2.93 41.09 16.44
CA VAL C 746 2.78 42.53 16.40
C VAL C 746 1.35 42.94 16.06
N SER C 747 0.65 42.11 15.29
CA SER C 747 -0.70 42.42 14.81
C SER C 747 -1.70 42.00 15.89
N PHE C 748 -2.10 42.95 16.71
CA PHE C 748 -3.08 42.77 17.78
C PHE C 748 -4.28 43.66 17.48
N LEU C 749 -5.48 43.13 17.66
CA LEU C 749 -6.68 43.95 17.69
C LEU C 749 -6.77 44.60 19.07
N ASN C 750 -6.82 43.76 20.10
CA ASN C 750 -6.80 44.16 21.50
C ASN C 750 -5.52 43.62 22.14
N GLU C 751 -4.81 44.49 22.86
CA GLU C 751 -3.48 44.17 23.39
C GLU C 751 -3.55 43.18 24.55
N ASP C 752 -4.60 43.24 25.34
CA ASP C 752 -4.77 42.34 26.48
C ASP C 752 -4.87 40.90 26.00
N PRO C 753 -3.89 40.02 26.30
CA PRO C 753 -3.96 38.66 25.72
C PRO C 753 -4.92 37.73 26.44
N GLY C 754 -6.20 37.73 26.03
CA GLY C 754 -7.12 36.69 26.42
C GLY C 754 -8.57 37.13 26.51
N PRO C 755 -9.44 36.20 26.93
CA PRO C 755 -10.86 36.54 27.08
C PRO C 755 -11.07 37.63 28.11
N VAL C 756 -12.31 38.14 28.16
CA VAL C 756 -12.69 39.20 29.09
C VAL C 756 -11.83 40.43 28.82
N ARG D 117 -5.89 63.84 34.54
CA ARG D 117 -5.16 62.67 33.94
C ARG D 117 -4.89 62.86 32.44
N ARG D 118 -4.84 64.12 31.98
CA ARG D 118 -4.53 64.39 30.59
C ARG D 118 -3.09 64.02 30.26
N LEU D 119 -2.17 64.35 31.17
CA LEU D 119 -0.78 63.97 31.00
C LEU D 119 -0.60 62.45 31.03
N LYS D 120 -1.48 61.76 31.75
CA LYS D 120 -1.38 60.30 31.84
C LYS D 120 -1.79 59.65 30.53
N LYS D 121 -2.96 60.00 30.02
CA LYS D 121 -3.50 59.35 28.82
C LYS D 121 -2.60 59.62 27.61
N ARG D 122 -1.97 60.79 27.57
CA ARG D 122 -1.20 61.18 26.38
C ARG D 122 0.15 60.46 26.34
N ILE D 123 0.73 60.19 27.50
CA ILE D 123 2.00 59.44 27.53
C ILE D 123 1.75 57.99 27.14
N PHE D 124 0.59 57.45 27.51
CA PHE D 124 0.22 56.10 27.07
C PHE D 124 0.11 56.07 25.54
N ALA D 125 -0.45 57.11 24.95
CA ALA D 125 -0.50 57.20 23.49
C ALA D 125 0.89 57.42 22.90
N ALA D 126 1.81 57.96 23.70
CA ALA D 126 3.15 58.24 23.19
C ALA D 126 3.96 56.96 23.03
N VAL D 127 3.97 56.13 24.07
CA VAL D 127 4.71 54.87 24.03
C VAL D 127 4.10 53.94 22.96
N SER D 128 2.81 54.09 22.71
CA SER D 128 2.10 53.25 21.75
C SER D 128 2.67 53.39 20.34
N GLU D 129 2.61 54.60 19.79
CA GLU D 129 2.97 54.84 18.40
C GLU D 129 4.46 54.64 18.15
N GLY D 130 5.29 55.36 18.89
CA GLY D 130 6.73 55.38 18.69
C GLY D 130 7.31 56.77 18.57
N CYS D 131 6.53 57.79 18.94
CA CYS D 131 6.95 59.19 18.86
C CYS D 131 7.87 59.49 20.04
N VAL D 132 9.17 59.43 19.78
CA VAL D 132 10.15 59.66 20.83
C VAL D 132 10.22 61.14 21.18
N GLU D 133 10.16 62.01 20.17
CA GLU D 133 10.24 63.45 20.43
C GLU D 133 9.06 63.91 21.27
N GLU D 134 7.86 63.45 20.94
CA GLU D 134 6.67 63.80 21.69
C GLU D 134 6.72 63.25 23.12
N LEU D 135 7.46 62.15 23.32
CA LEU D 135 7.62 61.59 24.66
C LEU D 135 8.52 62.48 25.51
N VAL D 136 9.65 62.90 24.94
CA VAL D 136 10.61 63.73 25.69
C VAL D 136 9.97 65.06 26.05
N GLU D 137 9.02 65.53 25.25
CA GLU D 137 8.32 66.77 25.57
C GLU D 137 7.55 66.63 26.87
N LEU D 138 6.69 65.63 26.97
CA LEU D 138 5.92 65.42 28.19
C LEU D 138 6.78 64.83 29.29
N LEU D 139 7.92 64.22 28.92
CA LEU D 139 8.89 63.78 29.93
C LEU D 139 9.33 64.95 30.79
N VAL D 140 9.58 66.10 30.16
CA VAL D 140 9.96 67.29 30.91
C VAL D 140 8.79 67.79 31.74
N GLU D 141 7.58 67.76 31.19
CA GLU D 141 6.44 68.33 31.89
C GLU D 141 6.14 67.60 33.19
N LEU D 142 6.15 66.26 33.17
CA LEU D 142 5.98 65.52 34.42
C LEU D 142 7.13 65.80 35.37
N GLN D 143 8.32 66.06 34.84
CA GLN D 143 9.47 66.43 35.66
C GLN D 143 9.28 67.86 36.19
N GLU D 144 8.80 68.76 35.35
CA GLU D 144 8.53 70.13 35.77
C GLU D 144 7.34 70.17 36.73
N LEU D 145 6.35 69.31 36.49
CA LEU D 145 5.11 69.31 37.26
C LEU D 145 5.34 68.95 38.73
N CYS D 146 5.96 67.78 38.95
CA CYS D 146 5.94 67.16 40.27
C CYS D 146 6.76 67.95 41.30
N ARG D 147 7.63 68.83 40.84
CA ARG D 147 8.47 69.60 41.75
C ARG D 147 7.63 70.55 42.61
N ARG D 148 6.59 71.16 42.01
CA ARG D 148 5.74 72.11 42.71
C ARG D 148 4.31 71.65 42.86
N ARG D 149 3.82 70.77 41.98
CA ARG D 149 2.47 70.23 42.05
C ARG D 149 2.48 68.91 42.80
N HIS D 150 1.70 68.84 43.88
CA HIS D 150 1.56 67.63 44.68
C HIS D 150 2.91 67.15 45.19
N ASP D 151 3.60 68.04 45.91
CA ASP D 151 4.90 67.75 46.48
C ASP D 151 4.70 67.02 47.80
N GLU D 152 5.79 66.63 48.47
CA GLU D 152 5.83 65.98 49.78
C GLU D 152 5.44 64.50 49.74
N ASP D 153 4.86 64.04 48.64
CA ASP D 153 4.69 62.62 48.37
C ASP D 153 5.06 62.37 46.91
N VAL D 154 6.20 62.92 46.49
CA VAL D 154 6.53 62.98 45.06
C VAL D 154 6.53 61.61 44.40
N PRO D 155 7.30 60.61 44.85
CA PRO D 155 7.40 59.38 44.05
C PRO D 155 6.10 58.59 43.98
N ASP D 156 5.21 58.77 44.95
CA ASP D 156 3.92 58.07 44.90
C ASP D 156 2.99 58.73 43.90
N PHE D 157 2.81 60.05 43.99
CA PHE D 157 1.96 60.75 43.04
C PHE D 157 2.56 60.69 41.64
N LEU D 158 3.88 60.82 41.53
CA LEU D 158 4.55 60.68 40.24
C LEU D 158 4.26 59.31 39.64
N MET D 159 4.39 58.25 40.45
CA MET D 159 4.00 56.92 40.00
C MET D 159 2.53 56.87 39.66
N HIS D 160 1.67 57.50 40.49
CA HIS D 160 0.23 57.50 40.26
C HIS D 160 -0.12 58.13 38.91
N LYS D 161 0.70 59.07 38.45
CA LYS D 161 0.51 59.63 37.11
C LYS D 161 1.13 58.75 36.03
N LEU D 162 1.63 57.56 36.38
CA LEU D 162 2.07 56.56 35.42
C LEU D 162 1.28 55.26 35.51
N THR D 163 0.55 55.04 36.60
CA THR D 163 -0.26 53.84 36.78
C THR D 163 -1.57 54.02 36.02
N ALA D 164 -1.88 53.05 35.16
CA ALA D 164 -3.22 52.93 34.60
C ALA D 164 -4.08 52.17 35.60
N SER D 165 -4.51 52.86 36.66
CA SER D 165 -5.24 52.23 37.75
C SER D 165 -6.49 51.54 37.26
N ASP D 166 -6.93 50.52 38.01
CA ASP D 166 -7.93 49.51 37.63
C ASP D 166 -7.31 48.45 36.73
N THR D 167 -6.04 48.62 36.33
CA THR D 167 -5.30 47.57 35.64
C THR D 167 -3.90 47.36 36.20
N GLY D 168 -3.30 48.35 36.83
CA GLY D 168 -1.91 48.25 37.27
C GLY D 168 -0.90 48.45 36.15
N LYS D 169 -1.37 48.68 34.93
CA LYS D 169 -0.50 48.80 33.77
C LYS D 169 0.24 50.14 33.78
N THR D 170 1.56 50.08 33.82
CA THR D 170 2.39 51.28 33.73
C THR D 170 2.78 51.55 32.28
N CYS D 171 3.57 52.61 32.08
CA CYS D 171 3.98 52.98 30.73
C CYS D 171 4.93 51.95 30.15
N LEU D 172 5.85 51.42 30.97
CA LEU D 172 6.83 50.47 30.46
C LEU D 172 6.16 49.20 29.95
N MET D 173 5.13 48.73 30.67
CA MET D 173 4.34 47.61 30.18
C MET D 173 3.66 47.97 28.86
N LYS D 174 3.01 49.13 28.82
CA LYS D 174 2.32 49.58 27.62
C LYS D 174 3.29 49.69 26.44
N ALA D 175 4.56 49.99 26.73
CA ALA D 175 5.55 50.12 25.67
C ALA D 175 5.86 48.76 25.03
N LEU D 176 6.06 47.74 25.87
CA LEU D 176 6.55 46.45 25.36
C LEU D 176 5.43 45.52 24.95
N LEU D 177 4.21 45.72 25.45
CA LEU D 177 3.08 44.97 24.91
C LEU D 177 2.86 45.23 23.43
N ASN D 178 3.22 46.43 22.96
CA ASN D 178 2.94 46.89 21.59
C ASN D 178 4.27 47.25 20.95
N ILE D 179 4.90 46.27 20.31
CA ILE D 179 6.23 46.46 19.77
C ILE D 179 6.15 47.16 18.42
N ASN D 180 7.07 48.09 18.20
CA ASN D 180 7.26 48.84 16.97
C ASN D 180 8.76 48.96 16.74
N PRO D 181 9.22 49.29 15.50
CA PRO D 181 10.67 49.30 15.26
C PRO D 181 11.40 50.37 16.07
N ASN D 182 10.66 51.30 16.65
CA ASN D 182 11.18 52.31 17.56
C ASN D 182 10.63 52.03 18.96
N THR D 183 11.28 51.09 19.66
CA THR D 183 10.90 50.68 21.02
C THR D 183 12.07 50.65 21.99
N LYS D 184 13.28 50.34 21.50
CA LYS D 184 14.46 50.38 22.37
C LYS D 184 14.65 51.77 22.96
N GLU D 185 14.26 52.80 22.20
CA GLU D 185 14.35 54.17 22.69
C GLU D 185 13.45 54.39 23.91
N ILE D 186 12.13 54.25 23.71
CA ILE D 186 11.15 54.74 24.69
C ILE D 186 11.34 54.07 26.05
N VAL D 187 11.89 52.85 26.05
CA VAL D 187 12.26 52.20 27.31
C VAL D 187 13.28 53.05 28.05
N ARG D 188 14.35 53.45 27.35
CA ARG D 188 15.49 54.09 27.99
C ARG D 188 15.12 55.43 28.60
N ILE D 189 14.24 56.19 27.94
CA ILE D 189 13.86 57.49 28.48
C ILE D 189 13.05 57.32 29.76
N LEU D 190 12.28 56.23 29.86
CA LEU D 190 11.51 55.98 31.08
C LEU D 190 12.40 55.43 32.19
N LEU D 191 13.45 54.69 31.82
CA LEU D 191 14.33 54.11 32.85
C LEU D 191 15.22 55.18 33.46
N ALA D 192 15.83 56.02 32.62
CA ALA D 192 16.62 57.14 33.13
C ALA D 192 15.73 58.08 33.95
N PHE D 193 14.47 58.21 33.56
CA PHE D 193 13.51 58.99 34.33
C PHE D 193 13.27 58.36 35.69
N ALA D 194 13.18 57.03 35.73
CA ALA D 194 13.00 56.33 37.01
C ALA D 194 14.22 56.51 37.89
N GLU D 195 15.40 56.69 37.29
CA GLU D 195 16.63 56.87 38.04
C GLU D 195 16.64 58.23 38.72
N GLU D 196 16.22 59.27 37.99
CA GLU D 196 16.25 60.63 38.51
C GLU D 196 15.29 60.80 39.68
N ASN D 197 14.01 60.51 39.45
CA ASN D 197 12.99 60.69 40.48
C ASN D 197 12.99 59.55 41.50
N ASP D 198 13.86 58.55 41.32
CA ASP D 198 14.03 57.45 42.27
C ASP D 198 12.73 56.70 42.50
N ILE D 199 12.22 56.05 41.44
CA ILE D 199 11.04 55.18 41.53
C ILE D 199 11.36 53.80 41.00
N LEU D 200 12.65 53.52 40.75
CA LEU D 200 13.06 52.38 39.94
C LEU D 200 12.62 51.06 40.56
N GLY D 201 12.47 51.02 41.88
CA GLY D 201 11.97 49.83 42.53
C GLY D 201 10.54 49.53 42.14
N ARG D 202 9.62 50.39 42.54
CA ARG D 202 8.20 50.15 42.28
C ARG D 202 7.87 50.29 40.79
N PHE D 203 8.71 51.02 40.05
CA PHE D 203 8.46 51.24 38.63
C PHE D 203 8.51 49.93 37.85
N ILE D 204 9.57 49.15 38.05
CA ILE D 204 9.71 47.89 37.32
C ILE D 204 8.97 46.76 38.04
N ASN D 205 8.99 46.78 39.37
CA ASN D 205 8.37 45.70 40.13
C ASN D 205 6.85 45.82 40.23
N ALA D 206 6.25 46.82 39.60
CA ALA D 206 4.81 46.91 39.57
C ALA D 206 4.22 45.75 38.78
N GLU D 207 2.98 45.40 39.10
CA GLU D 207 2.31 44.26 38.51
C GLU D 207 0.85 44.64 38.26
N TYR D 208 0.18 43.82 37.46
CA TYR D 208 -1.26 43.98 37.27
C TYR D 208 -1.98 43.68 38.58
N THR D 209 -3.29 43.96 38.62
CA THR D 209 -4.06 43.90 39.86
C THR D 209 -5.29 43.01 39.73
N GLU D 210 -5.84 42.89 38.53
CA GLU D 210 -7.05 42.11 38.33
C GLU D 210 -6.74 40.62 38.39
N GLU D 211 -7.72 39.84 38.84
CA GLU D 211 -7.53 38.41 39.05
C GLU D 211 -7.27 37.68 37.74
N ALA D 212 -7.84 38.18 36.64
CA ALA D 212 -7.63 37.56 35.33
C ALA D 212 -6.16 37.61 34.93
N TYR D 213 -5.46 38.66 35.36
CA TYR D 213 -4.05 38.86 35.03
C TYR D 213 -3.36 39.40 36.27
N GLU D 214 -2.69 38.52 36.99
CA GLU D 214 -1.94 38.88 38.18
C GLU D 214 -0.48 38.44 38.02
N GLY D 215 0.42 39.27 38.53
CA GLY D 215 1.82 38.93 38.56
C GLY D 215 2.59 39.24 37.29
N GLN D 216 1.88 39.42 36.18
CA GLN D 216 2.52 39.71 34.90
C GLN D 216 3.28 41.03 34.99
N THR D 217 4.61 40.96 34.99
CA THR D 217 5.49 42.11 35.14
C THR D 217 6.14 42.45 33.82
N ALA D 218 7.04 43.44 33.85
CA ALA D 218 7.73 43.88 32.65
C ALA D 218 8.60 42.77 32.07
N LEU D 219 9.34 42.08 32.94
CA LEU D 219 10.20 40.99 32.49
C LEU D 219 9.37 39.86 31.89
N ASN D 220 8.13 39.70 32.38
CA ASN D 220 7.24 38.67 31.84
C ASN D 220 6.81 39.03 30.42
N ILE D 221 6.67 40.33 30.13
CA ILE D 221 6.21 40.75 28.82
C ILE D 221 7.37 40.70 27.81
N ALA D 222 8.54 41.16 28.24
CA ALA D 222 9.68 41.26 27.32
C ALA D 222 10.13 39.88 26.85
N ILE D 223 10.06 38.88 27.73
CA ILE D 223 10.50 37.54 27.37
C ILE D 223 9.53 36.90 26.37
N GLU D 224 8.29 37.40 26.30
CA GLU D 224 7.32 36.82 25.39
C GLU D 224 7.42 37.43 23.99
N ARG D 225 7.63 38.74 23.92
CA ARG D 225 7.61 39.44 22.65
C ARG D 225 8.96 39.42 21.94
N ARG D 226 9.84 38.49 22.33
CA ARG D 226 11.08 38.22 21.60
C ARG D 226 12.07 39.38 21.61
N GLN D 227 11.82 40.41 22.42
CA GLN D 227 12.78 41.51 22.54
C GLN D 227 13.84 41.12 23.56
N GLY D 228 14.70 40.16 23.20
CA GLY D 228 15.68 39.66 24.13
C GLY D 228 16.71 40.70 24.54
N ASP D 229 16.97 41.68 23.67
CA ASP D 229 17.89 42.76 24.02
C ASP D 229 17.35 43.58 25.18
N ILE D 230 16.08 43.99 25.12
CA ILE D 230 15.50 44.80 26.19
C ILE D 230 15.43 44.00 27.48
N ALA D 231 15.35 42.67 27.39
CA ALA D 231 15.32 41.85 28.58
C ALA D 231 16.60 42.01 29.41
N ALA D 232 17.75 42.06 28.72
CA ALA D 232 19.03 42.21 29.39
C ALA D 232 19.10 43.54 30.15
N LEU D 233 18.40 44.56 29.65
CA LEU D 233 18.40 45.86 30.30
C LEU D 233 17.56 45.83 31.57
N LEU D 234 16.36 45.25 31.47
CA LEU D 234 15.42 45.29 32.59
C LEU D 234 15.90 44.40 33.74
N ILE D 235 16.61 43.33 33.42
CA ILE D 235 17.20 42.47 34.45
C ILE D 235 18.24 43.28 35.19
N ALA D 236 19.15 43.91 34.44
CA ALA D 236 20.23 44.68 35.05
C ALA D 236 19.70 45.88 35.83
N ALA D 237 18.54 46.40 35.43
CA ALA D 237 17.94 47.53 36.13
C ALA D 237 17.39 47.14 37.50
N GLY D 238 17.25 45.84 37.77
CA GLY D 238 16.80 45.36 39.07
C GLY D 238 15.42 44.74 39.04
N ALA D 239 15.08 44.07 37.94
CA ALA D 239 13.82 43.36 37.85
C ALA D 239 13.83 42.13 38.74
N ASP D 240 12.70 41.88 39.41
CA ASP D 240 12.56 40.72 40.28
C ASP D 240 12.51 39.48 39.39
N VAL D 241 13.62 38.75 39.38
CA VAL D 241 13.82 37.66 38.43
C VAL D 241 12.92 36.47 38.75
N ASN D 242 12.69 36.22 40.04
CA ASN D 242 11.85 35.09 40.47
C ASN D 242 10.42 35.54 40.67
N ALA D 243 9.87 36.18 39.63
CA ALA D 243 8.50 36.66 39.65
C ALA D 243 7.52 35.51 39.52
N HIS D 244 6.22 35.83 39.55
CA HIS D 244 5.16 34.82 39.45
C HIS D 244 3.98 35.37 38.69
N ALA D 245 3.04 34.49 38.30
CA ALA D 245 1.80 34.93 37.65
C ALA D 245 0.71 33.93 37.99
N LYS D 246 -0.03 34.22 39.08
CA LYS D 246 -1.05 33.33 39.62
C LYS D 246 -2.45 33.71 39.16
N GLY D 247 -2.60 34.26 37.96
CA GLY D 247 -3.91 34.67 37.49
C GLY D 247 -4.74 33.53 36.93
N ALA D 248 -5.67 33.85 36.03
CA ALA D 248 -6.54 32.87 35.40
C ALA D 248 -6.04 32.50 34.01
N PHE D 249 -5.63 33.49 33.22
CA PHE D 249 -5.01 33.26 31.92
C PHE D 249 -3.69 32.50 32.08
N PHE D 250 -3.07 32.59 33.25
CA PHE D 250 -1.77 31.98 33.49
C PHE D 250 -1.89 30.65 34.23
N ASN D 251 -3.08 30.35 34.77
CA ASN D 251 -3.41 29.01 35.25
C ASN D 251 -4.81 28.61 34.79
N PRO D 252 -5.02 28.39 33.49
CA PRO D 252 -6.31 27.84 33.04
C PRO D 252 -6.49 26.40 33.50
N LYS D 253 -7.74 25.94 33.37
CA LYS D 253 -8.08 24.54 33.60
C LYS D 253 -8.35 23.92 32.24
N TYR D 254 -9.25 24.47 31.43
CA TYR D 254 -9.46 23.98 30.08
C TYR D 254 -8.43 24.56 29.13
N GLN D 255 -8.34 23.98 27.94
CA GLN D 255 -7.42 24.50 26.92
C GLN D 255 -8.02 25.72 26.24
N HIS D 256 -7.18 26.44 25.48
CA HIS D 256 -7.50 27.71 24.83
C HIS D 256 -8.30 28.67 25.73
N GLU D 257 -7.91 28.78 27.00
CA GLU D 257 -8.12 29.99 27.78
C GLU D 257 -6.80 30.63 28.22
N GLY D 258 -5.69 29.97 27.98
CA GLY D 258 -4.40 30.58 28.24
C GLY D 258 -3.27 29.60 28.11
N PHE D 259 -2.14 29.99 28.70
CA PHE D 259 -0.86 29.34 28.51
C PHE D 259 -0.17 29.13 29.84
N TYR D 260 0.17 27.87 30.14
CA TYR D 260 0.81 27.51 31.40
C TYR D 260 2.31 27.33 31.17
N PHE D 261 3.08 28.34 31.60
CA PHE D 261 4.53 28.27 31.50
C PHE D 261 5.17 27.82 32.81
N GLY D 262 4.59 28.20 33.95
CA GLY D 262 5.05 27.73 35.25
C GLY D 262 5.31 28.81 36.28
N GLU D 263 4.79 30.03 36.09
CA GLU D 263 4.88 31.09 37.10
C GLU D 263 6.32 31.46 37.45
N THR D 264 7.22 31.34 36.49
CA THR D 264 8.57 31.90 36.61
C THR D 264 8.96 32.51 35.26
N PRO D 265 9.63 33.66 35.22
CA PRO D 265 10.13 34.16 33.92
C PRO D 265 11.06 33.19 33.21
N LEU D 266 11.77 32.36 33.97
CA LEU D 266 12.70 31.40 33.39
C LEU D 266 11.96 30.37 32.54
N ALA D 267 10.78 29.95 32.99
CA ALA D 267 10.04 28.92 32.28
C ALA D 267 9.53 29.43 30.94
N LEU D 268 9.03 30.67 30.91
CA LEU D 268 8.52 31.23 29.66
C LEU D 268 9.64 31.36 28.64
N ALA D 269 10.87 31.59 29.10
CA ALA D 269 12.01 31.64 28.20
C ALA D 269 12.40 30.26 27.70
N ALA D 270 12.18 29.23 28.52
CA ALA D 270 12.56 27.87 28.14
C ALA D 270 11.44 27.19 27.36
N CYS D 271 10.19 27.41 27.77
CA CYS D 271 9.04 26.81 27.11
C CYS D 271 8.86 27.37 25.70
N THR D 272 9.30 28.61 25.47
CA THR D 272 9.11 29.28 24.19
C THR D 272 10.42 29.31 23.39
N ASN D 273 11.38 28.49 23.81
CA ASN D 273 12.63 28.32 23.08
C ASN D 273 13.41 29.62 22.94
N GLN D 274 13.84 30.20 24.06
CA GLN D 274 14.69 31.39 24.08
C GLN D 274 15.96 31.08 24.86
N PRO D 275 16.83 30.22 24.32
CA PRO D 275 17.99 29.75 25.10
C PRO D 275 18.94 30.85 25.53
N GLU D 276 19.04 31.92 24.74
CA GLU D 276 19.92 33.03 25.13
C GLU D 276 19.44 33.70 26.40
N ILE D 277 18.11 33.85 26.54
CA ILE D 277 17.56 34.47 27.75
C ILE D 277 17.62 33.49 28.91
N VAL D 278 17.43 32.20 28.63
CA VAL D 278 17.48 31.19 29.69
C VAL D 278 18.87 31.16 30.31
N GLN D 279 19.90 31.21 29.47
CA GLN D 279 21.27 31.25 29.98
C GLN D 279 21.52 32.49 30.81
N LEU D 280 21.03 33.64 30.34
CA LEU D 280 21.27 34.90 31.04
C LEU D 280 20.55 34.93 32.38
N LEU D 281 19.27 34.54 32.40
CA LEU D 281 18.55 34.45 33.65
C LEU D 281 19.18 33.45 34.59
N MET D 282 19.69 32.35 34.05
CA MET D 282 20.27 31.26 34.83
C MET D 282 21.52 31.71 35.56
N GLU D 283 22.41 32.45 34.88
CA GLU D 283 23.66 32.87 35.48
C GLU D 283 23.44 33.92 36.57
N HIS D 284 22.44 34.78 36.39
CA HIS D 284 22.20 35.86 37.34
C HIS D 284 21.74 35.30 38.67
N GLU D 285 22.37 35.76 39.75
CA GLU D 285 21.95 35.39 41.09
C GLU D 285 20.58 36.01 41.38
N GLN D 286 19.99 35.58 42.51
CA GLN D 286 18.58 35.74 42.86
C GLN D 286 17.66 34.91 41.96
N THR D 287 18.23 34.08 41.07
CA THR D 287 17.43 33.21 40.22
C THR D 287 17.24 31.86 40.90
N ASP D 288 16.25 31.76 41.78
CA ASP D 288 16.04 30.53 42.53
C ASP D 288 15.54 29.42 41.62
N ILE D 289 16.46 28.57 41.17
CA ILE D 289 16.11 27.45 40.28
C ILE D 289 15.35 26.36 41.00
N THR D 290 15.43 26.30 42.33
CA THR D 290 14.67 25.35 43.14
C THR D 290 13.31 25.90 43.54
N SER D 291 12.80 26.90 42.83
CA SER D 291 11.53 27.51 43.18
C SER D 291 10.38 26.56 42.87
N ARG D 292 9.19 26.95 43.34
CA ARG D 292 7.98 26.15 43.17
C ARG D 292 6.80 27.08 42.94
N ASP D 293 5.91 26.66 42.05
CA ASP D 293 4.79 27.49 41.61
C ASP D 293 3.52 27.20 42.41
N SER D 294 2.39 27.75 41.96
CA SER D 294 1.11 27.61 42.65
C SER D 294 0.72 26.15 42.83
N ARG D 295 0.76 25.36 41.75
CA ARG D 295 0.43 23.94 41.83
C ARG D 295 1.65 23.10 42.23
N GLY D 296 2.69 23.72 42.78
CA GLY D 296 3.80 23.00 43.35
C GLY D 296 4.91 22.62 42.39
N ASN D 297 4.72 22.84 41.10
CA ASN D 297 5.72 22.44 40.12
C ASN D 297 6.95 23.34 40.17
N ASN D 298 8.12 22.72 40.01
CA ASN D 298 9.36 23.43 39.77
C ASN D 298 9.56 23.62 38.27
N ILE D 299 10.75 24.04 37.86
CA ILE D 299 10.98 24.38 36.46
C ILE D 299 10.95 23.13 35.58
N LEU D 300 11.32 21.97 36.14
CA LEU D 300 11.40 20.77 35.30
C LEU D 300 10.03 20.18 35.03
N HIS D 301 9.13 20.21 36.02
CA HIS D 301 7.78 19.71 35.81
C HIS D 301 7.08 20.47 34.69
N ALA D 302 7.25 21.80 34.67
CA ALA D 302 6.57 22.62 33.68
C ALA D 302 7.04 22.29 32.28
N LEU D 303 8.32 21.95 32.12
CA LEU D 303 8.81 21.56 30.81
C LEU D 303 8.22 20.22 30.38
N VAL D 304 7.99 19.33 31.34
CA VAL D 304 7.27 18.09 31.05
C VAL D 304 5.83 18.38 30.70
N THR D 305 5.24 19.43 31.28
CA THR D 305 3.86 19.76 31.00
C THR D 305 3.67 20.18 29.55
N VAL D 306 4.37 21.22 29.12
CA VAL D 306 4.26 21.72 27.75
C VAL D 306 5.27 21.02 26.86
N ALA D 307 4.91 19.84 26.37
CA ALA D 307 5.80 19.05 25.52
C ALA D 307 4.96 18.03 24.75
N GLU D 308 4.90 18.21 23.43
CA GLU D 308 4.15 17.34 22.53
C GLU D 308 5.12 16.50 21.71
N ASP D 309 4.60 15.72 20.77
CA ASP D 309 5.40 14.81 19.96
C ASP D 309 6.04 15.56 18.80
N PHE D 310 6.80 14.82 17.98
CA PHE D 310 7.63 15.40 16.93
C PHE D 310 6.81 16.00 15.78
N LYS D 311 5.57 15.54 15.59
CA LYS D 311 4.70 16.10 14.57
C LYS D 311 4.47 17.57 14.90
N THR D 312 4.21 17.81 16.18
CA THR D 312 4.13 19.12 16.80
C THR D 312 5.55 19.37 17.32
N GLN D 313 5.68 20.15 18.41
CA GLN D 313 6.89 20.73 18.97
C GLN D 313 8.16 19.91 18.74
N ASN D 314 9.18 20.54 18.14
CA ASN D 314 10.24 19.80 17.44
C ASN D 314 11.07 18.92 18.36
N ASP D 315 11.98 19.51 19.15
CA ASP D 315 12.67 18.75 20.18
C ASP D 315 13.14 19.58 21.36
N PHE D 316 12.86 20.88 21.38
CA PHE D 316 13.67 21.78 22.19
C PHE D 316 13.45 21.59 23.68
N VAL D 317 12.34 20.97 24.08
CA VAL D 317 12.16 20.65 25.50
C VAL D 317 13.18 19.60 25.92
N LYS D 318 13.45 18.63 25.04
CA LYS D 318 14.49 17.64 25.30
C LYS D 318 15.84 18.31 25.47
N ARG D 319 16.08 19.37 24.70
CA ARG D 319 17.36 20.08 24.79
C ARG D 319 17.38 21.00 25.99
N MET D 320 16.25 21.63 26.31
CA MET D 320 16.21 22.58 27.41
C MET D 320 16.00 21.88 28.74
N TYR D 321 15.37 20.70 28.74
CA TYR D 321 15.32 19.88 29.94
C TYR D 321 16.71 19.42 30.33
N ASP D 322 17.59 19.25 29.33
CA ASP D 322 18.98 18.89 29.59
C ASP D 322 19.76 20.05 30.17
N MET D 323 19.64 21.23 29.55
CA MET D 323 20.48 22.38 29.89
C MET D 323 20.34 22.77 31.35
N ILE D 324 19.11 22.74 31.87
CA ILE D 324 18.87 23.18 33.25
C ILE D 324 19.38 22.14 34.22
N LEU D 325 19.27 20.86 33.86
CA LEU D 325 19.63 19.79 34.79
C LEU D 325 21.15 19.64 34.90
N LEU D 326 21.86 19.78 33.78
CA LEU D 326 23.30 19.67 33.80
C LEU D 326 23.93 20.71 34.70
N ARG D 327 23.43 21.95 34.61
CA ARG D 327 24.02 23.05 35.35
C ARG D 327 23.60 23.04 36.81
N SER D 328 22.42 22.48 37.10
CA SER D 328 21.92 22.41 38.47
C SER D 328 22.86 21.61 39.35
N GLY D 329 23.35 20.48 38.85
CA GLY D 329 24.38 19.74 39.53
C GLY D 329 23.96 18.98 40.76
N ASN D 330 22.66 18.73 40.95
CA ASN D 330 22.17 18.07 42.15
C ASN D 330 20.92 17.25 41.84
N TRP D 331 20.67 16.26 42.69
CA TRP D 331 19.46 15.44 42.63
C TRP D 331 18.35 16.08 43.45
N GLU D 332 18.02 17.33 43.12
CA GLU D 332 17.05 18.12 43.88
C GLU D 332 15.75 18.31 43.11
N LEU D 333 15.82 18.87 41.90
CA LEU D 333 14.61 19.20 41.16
C LEU D 333 13.93 17.95 40.64
N GLU D 334 14.72 16.93 40.31
CA GLU D 334 14.20 15.65 39.81
C GLU D 334 13.61 14.81 40.94
N THR D 335 13.73 15.28 42.20
CA THR D 335 13.19 14.56 43.35
C THR D 335 12.16 15.38 44.13
N THR D 336 11.49 16.34 43.50
CA THR D 336 10.55 17.23 44.16
C THR D 336 9.12 16.79 43.82
N ARG D 337 8.30 16.64 44.87
CA ARG D 337 6.90 16.29 44.68
C ARG D 337 6.05 17.56 44.66
N ASN D 338 5.30 17.76 43.57
CA ASN D 338 4.68 19.06 43.34
C ASN D 338 3.62 19.41 44.39
N ASN D 339 2.44 18.79 44.35
CA ASN D 339 1.56 18.73 45.51
C ASN D 339 0.89 17.38 45.68
N ASP D 340 0.64 16.67 44.57
CA ASP D 340 -0.07 15.40 44.58
C ASP D 340 0.89 14.23 44.70
N GLY D 341 2.18 14.51 44.91
CA GLY D 341 3.14 13.46 45.19
C GLY D 341 3.86 12.96 43.96
N LEU D 342 4.12 13.85 43.00
CA LEU D 342 4.63 13.46 41.69
C LEU D 342 5.94 14.18 41.39
N THR D 343 6.94 13.43 40.97
CA THR D 343 8.19 13.93 40.45
C THR D 343 8.04 14.25 38.97
N PRO D 344 9.03 14.92 38.35
CA PRO D 344 8.95 15.16 36.91
C PRO D 344 8.90 13.87 36.11
N LEU D 345 9.61 12.86 36.63
CA LEU D 345 9.63 11.53 36.02
C LEU D 345 8.23 10.92 36.04
N GLN D 346 7.59 10.88 37.20
CA GLN D 346 6.25 10.34 37.34
C GLN D 346 5.25 11.18 36.57
N LEU D 347 5.43 12.51 36.58
CA LEU D 347 4.50 13.40 35.88
C LEU D 347 4.54 13.13 34.38
N ALA D 348 5.71 12.86 33.84
CA ALA D 348 5.86 12.53 32.43
C ALA D 348 5.15 11.23 32.10
N ALA D 349 5.04 10.33 33.07
CA ALA D 349 4.42 9.04 32.84
C ALA D 349 2.90 9.15 32.81
N LYS D 350 2.34 9.88 33.78
CA LYS D 350 0.89 9.98 33.90
C LYS D 350 0.27 10.70 32.70
N MET D 351 0.88 11.82 32.29
CA MET D 351 0.32 12.60 31.19
C MET D 351 0.53 11.94 29.83
N GLY D 352 1.48 11.00 29.72
CA GLY D 352 1.71 10.24 28.51
C GLY D 352 2.76 10.85 27.60
N LYS D 353 3.70 11.62 28.15
CA LYS D 353 4.75 12.22 27.35
C LYS D 353 5.87 11.21 27.12
N ALA D 354 5.94 10.65 25.91
CA ALA D 354 6.85 9.54 25.65
C ALA D 354 8.26 10.03 25.35
N GLU D 355 8.38 11.12 24.60
CA GLU D 355 9.68 11.59 24.16
C GLU D 355 10.56 12.00 25.35
N ILE D 356 9.96 12.69 26.31
CA ILE D 356 10.73 13.13 27.48
C ILE D 356 11.06 11.95 28.38
N LEU D 357 10.18 10.95 28.44
CA LEU D 357 10.46 9.78 29.28
C LEU D 357 11.63 8.99 28.72
N LYS D 358 11.74 8.94 27.39
CA LYS D 358 12.87 8.26 26.76
C LYS D 358 14.20 8.88 27.18
N TYR D 359 14.21 10.18 27.48
CA TYR D 359 15.44 10.87 27.83
C TYR D 359 15.78 10.69 29.30
N ILE D 360 14.77 10.78 30.17
CA ILE D 360 14.99 10.77 31.62
C ILE D 360 15.61 9.44 32.03
N LEU D 361 15.14 8.35 31.43
CA LEU D 361 15.62 7.03 31.82
C LEU D 361 16.98 6.75 31.18
N SER D 362 17.09 6.95 29.88
CA SER D 362 18.34 6.69 29.15
C SER D 362 19.15 7.99 28.98
N ARG D 363 19.59 8.52 30.12
CA ARG D 363 20.40 9.73 30.17
C ARG D 363 21.84 9.33 30.48
N GLU D 364 22.75 9.67 29.56
CA GLU D 364 24.19 9.53 29.79
C GLU D 364 24.81 10.92 29.74
N ILE D 365 25.44 11.31 30.86
CA ILE D 365 26.21 12.54 30.93
C ILE D 365 27.67 12.10 30.92
N LYS D 366 28.24 12.02 29.72
CA LYS D 366 29.58 11.47 29.56
C LYS D 366 30.63 12.39 30.17
N GLU D 367 30.37 13.69 30.16
CA GLU D 367 31.31 14.65 30.73
C GLU D 367 31.45 14.41 32.23
N LYS D 368 32.69 14.27 32.70
CA LYS D 368 32.94 13.98 34.10
C LYS D 368 32.56 15.19 34.95
N ARG D 369 32.49 14.98 36.27
CA ARG D 369 31.92 15.88 37.29
C ARG D 369 30.39 15.89 37.27
N LEU D 370 29.77 15.30 36.25
CA LEU D 370 28.31 15.20 36.17
C LEU D 370 27.89 13.82 35.69
N ARG D 371 28.81 12.85 35.73
CA ARG D 371 28.44 11.46 35.51
C ARG D 371 27.54 10.92 36.60
N SER D 372 27.56 11.53 37.79
CA SER D 372 26.69 11.13 38.88
C SER D 372 25.21 11.34 38.53
N LEU D 373 24.92 12.27 37.62
CA LEU D 373 23.55 12.62 37.26
C LEU D 373 23.01 11.77 36.13
N SER D 374 23.54 10.57 35.94
CA SER D 374 23.20 9.71 34.82
C SER D 374 22.41 8.49 35.29
N ARG D 375 21.84 7.78 34.30
CA ARG D 375 21.12 6.53 34.52
C ARG D 375 21.48 5.53 33.41
N LYS D 376 22.65 5.70 32.80
CA LYS D 376 23.13 4.84 31.72
C LYS D 376 24.60 4.51 31.94
N PHE D 377 24.96 4.04 33.13
CA PHE D 377 26.34 3.71 33.41
C PHE D 377 26.78 2.49 32.60
N THR D 378 27.68 2.73 31.66
CA THR D 378 28.26 1.66 30.86
C THR D 378 29.23 0.85 31.71
N ASP D 379 28.94 -0.44 31.84
CA ASP D 379 29.78 -1.33 32.65
C ASP D 379 31.12 -1.53 31.95
N TRP D 380 31.07 -1.73 30.64
CA TRP D 380 32.26 -1.97 29.85
C TRP D 380 31.94 -1.89 28.36
N ALA D 381 32.96 -2.04 27.54
CA ALA D 381 32.80 -2.06 26.09
C ALA D 381 34.04 -2.64 25.43
N TYR D 382 33.85 -3.65 24.59
CA TYR D 382 34.92 -4.26 23.81
C TYR D 382 34.50 -4.30 22.35
N GLY D 383 34.79 -3.21 21.64
CA GLY D 383 34.41 -3.09 20.26
C GLY D 383 32.90 -2.89 20.12
N PRO D 384 32.20 -3.73 19.33
CA PRO D 384 30.77 -3.47 19.11
C PRO D 384 29.91 -3.82 20.33
N VAL D 385 30.33 -4.82 21.09
CA VAL D 385 29.56 -5.32 22.22
C VAL D 385 29.80 -4.37 23.38
N SER D 386 28.74 -4.04 24.12
CA SER D 386 28.82 -3.20 25.29
C SER D 386 27.75 -3.64 26.29
N SER D 387 27.89 -3.15 27.53
CA SER D 387 26.98 -3.50 28.62
C SER D 387 26.58 -2.21 29.33
N SER D 388 25.30 -1.87 29.25
CA SER D 388 24.77 -0.63 29.82
C SER D 388 23.92 -0.96 31.04
N LEU D 389 24.36 -0.49 32.22
CA LEU D 389 23.63 -0.70 33.46
C LEU D 389 22.64 0.45 33.66
N TYR D 390 21.41 0.24 33.19
CA TYR D 390 20.34 1.18 33.49
C TYR D 390 20.00 1.09 34.97
N ASP D 391 19.17 2.03 35.43
CA ASP D 391 18.83 2.17 36.84
C ASP D 391 17.36 1.88 37.06
N LEU D 392 17.03 1.44 38.27
CA LEU D 392 15.66 1.08 38.65
C LEU D 392 15.33 1.65 40.03
N THR D 393 15.64 2.93 40.21
CA THR D 393 15.34 3.60 41.48
C THR D 393 13.83 3.69 41.73
N ASN D 394 13.12 4.37 40.83
CA ASN D 394 11.67 4.58 40.96
C ASN D 394 10.96 4.11 39.70
N VAL D 395 11.32 2.91 39.24
CA VAL D 395 10.73 2.30 38.05
C VAL D 395 10.08 0.97 38.43
N ASP D 396 10.58 0.34 39.50
CA ASP D 396 10.06 -0.94 39.97
C ASP D 396 8.97 -0.67 40.99
N THR D 397 8.15 -1.70 41.27
CA THR D 397 7.02 -1.56 42.18
C THR D 397 7.41 -1.79 43.64
N THR D 398 8.69 -1.68 43.96
CA THR D 398 9.14 -1.83 45.35
C THR D 398 8.51 -0.76 46.24
N THR D 399 8.53 0.48 45.77
CA THR D 399 7.96 1.61 46.49
C THR D 399 6.52 1.87 46.04
N ASP D 400 6.00 3.04 46.35
CA ASP D 400 4.65 3.46 45.94
C ASP D 400 4.68 3.84 44.45
N ASN D 401 3.67 4.56 43.98
CA ASN D 401 3.42 4.85 42.57
C ASN D 401 4.67 5.12 41.74
N SER D 402 4.87 4.30 40.72
CA SER D 402 6.05 4.35 39.87
C SER D 402 5.64 4.33 38.40
N VAL D 403 6.65 4.33 37.52
CA VAL D 403 6.37 4.26 36.08
C VAL D 403 5.64 2.97 35.75
N LEU D 404 6.11 1.86 36.28
CA LEU D 404 5.58 0.56 35.88
C LEU D 404 4.16 0.36 36.37
N GLU D 405 3.77 1.09 37.43
CA GLU D 405 2.39 1.06 37.90
C GLU D 405 1.54 2.10 37.18
N ILE D 406 2.09 3.30 36.99
CA ILE D 406 1.34 4.37 36.32
C ILE D 406 1.18 4.04 34.84
N THR D 407 2.26 3.61 34.19
CA THR D 407 2.23 3.39 32.75
C THR D 407 1.24 2.30 32.36
N VAL D 408 1.02 1.33 33.25
CA VAL D 408 0.19 0.18 32.92
C VAL D 408 -1.27 0.43 33.32
N TYR D 409 -1.49 0.80 34.58
CA TYR D 409 -2.84 0.90 35.13
C TYR D 409 -3.55 2.20 34.77
N ASN D 410 -2.90 3.12 34.06
CA ASN D 410 -3.55 4.36 33.66
C ASN D 410 -4.47 4.11 32.48
N THR D 411 -5.54 4.91 32.39
CA THR D 411 -6.49 4.84 31.30
C THR D 411 -6.87 6.19 30.71
N ASN D 412 -6.57 7.29 31.38
CA ASN D 412 -6.93 8.63 30.90
C ASN D 412 -6.04 9.11 29.75
N ILE D 413 -5.05 8.33 29.31
CA ILE D 413 -4.23 8.67 28.16
C ILE D 413 -4.41 7.57 27.11
N ASP D 414 -3.73 7.70 25.97
CA ASP D 414 -3.97 6.84 24.83
C ASP D 414 -2.70 6.16 24.30
N ASN D 415 -1.54 6.72 24.61
CA ASN D 415 -0.26 6.25 24.04
C ASN D 415 0.53 5.40 25.04
N ARG D 416 -0.14 4.57 25.82
CA ARG D 416 0.56 3.69 26.75
C ARG D 416 1.32 2.59 26.02
N HIS D 417 0.97 2.31 24.77
CA HIS D 417 1.68 1.29 24.01
C HIS D 417 3.10 1.73 23.69
N GLU D 418 3.26 2.95 23.19
CA GLU D 418 4.57 3.41 22.73
C GLU D 418 5.57 3.53 23.87
N MET D 419 5.08 3.66 25.11
CA MET D 419 5.96 3.87 26.25
C MET D 419 6.64 2.58 26.68
N LEU D 420 5.97 1.44 26.48
CA LEU D 420 6.45 0.19 27.06
C LEU D 420 7.59 -0.44 26.26
N THR D 421 8.09 0.22 25.21
CA THR D 421 9.37 -0.14 24.61
C THR D 421 10.55 0.44 25.37
N LEU D 422 10.35 1.56 26.07
CA LEU D 422 11.43 2.28 26.73
C LEU D 422 12.01 1.36 27.79
N GLU D 423 13.34 1.20 27.78
CA GLU D 423 13.89 -0.13 28.01
C GLU D 423 14.70 -0.25 29.30
N PRO D 424 14.19 0.27 30.43
CA PRO D 424 14.29 -0.49 31.67
C PRO D 424 12.92 -1.05 32.08
N LEU D 425 11.93 -0.98 31.19
CA LEU D 425 10.63 -1.59 31.43
C LEU D 425 10.48 -2.90 30.67
N HIS D 426 10.67 -2.86 29.34
CA HIS D 426 10.44 -4.02 28.50
C HIS D 426 11.29 -5.21 28.94
N THR D 427 12.57 -4.96 29.24
CA THR D 427 13.39 -6.00 29.85
C THR D 427 12.85 -6.37 31.23
N LEU D 428 12.29 -5.40 31.94
CA LEU D 428 11.82 -5.64 33.30
C LEU D 428 10.48 -6.39 33.31
N LEU D 429 9.65 -6.16 32.29
CA LEU D 429 8.41 -6.92 32.19
C LEU D 429 8.70 -8.38 31.87
N HIS D 430 9.64 -8.62 30.96
CA HIS D 430 9.86 -9.98 30.47
C HIS D 430 10.44 -10.88 31.55
N MET D 431 11.30 -10.34 32.41
CA MET D 431 11.97 -11.16 33.41
C MET D 431 11.02 -11.53 34.54
N LYS D 432 10.07 -10.65 34.85
CA LYS D 432 9.06 -10.97 35.86
C LYS D 432 8.20 -12.14 35.42
N TRP D 433 7.99 -12.29 34.11
CA TRP D 433 7.20 -13.39 33.58
C TRP D 433 7.94 -14.70 33.69
N LYS D 434 9.19 -14.71 33.23
CA LYS D 434 10.02 -15.91 33.29
C LYS D 434 10.19 -16.41 34.71
N LYS D 435 10.14 -15.52 35.69
CA LYS D 435 10.42 -15.89 37.09
C LYS D 435 9.19 -16.49 37.75
N PHE D 436 8.12 -15.70 37.89
CA PHE D 436 6.97 -16.08 38.71
C PHE D 436 5.63 -16.03 37.99
N ALA D 437 5.42 -15.08 37.07
CA ALA D 437 4.08 -14.85 36.55
C ALA D 437 3.71 -15.86 35.47
N LYS D 438 4.71 -16.47 34.84
CA LYS D 438 4.41 -17.54 33.88
C LYS D 438 3.76 -18.71 34.59
N HIS D 439 4.32 -19.11 35.73
CA HIS D 439 3.76 -20.22 36.51
C HIS D 439 2.38 -19.87 37.03
N MET D 440 2.27 -18.75 37.73
CA MET D 440 1.00 -18.37 38.37
C MET D 440 -0.12 -18.23 37.35
N PHE D 441 0.22 -17.86 36.12
CA PHE D 441 -0.78 -17.80 35.07
C PHE D 441 -1.26 -19.20 34.69
N PHE D 442 -0.36 -20.19 34.77
CA PHE D 442 -0.75 -21.56 34.43
C PHE D 442 -1.41 -22.26 35.62
N LEU D 443 -0.94 -22.00 36.83
CA LEU D 443 -1.62 -22.52 38.02
C LEU D 443 -3.03 -21.98 38.11
N SER D 444 -3.24 -20.76 37.60
CA SER D 444 -4.60 -20.23 37.47
C SER D 444 -5.42 -21.09 36.51
N PHE D 445 -4.86 -21.37 35.34
CA PHE D 445 -5.61 -22.05 34.28
C PHE D 445 -5.99 -23.46 34.70
N CYS D 446 -5.16 -24.11 35.50
CA CYS D 446 -5.45 -25.49 35.91
C CYS D 446 -6.62 -25.53 36.87
N PHE D 447 -6.67 -24.59 37.81
CA PHE D 447 -7.78 -24.55 38.76
C PHE D 447 -9.07 -24.08 38.08
N TYR D 448 -8.96 -23.06 37.23
CA TYR D 448 -10.14 -22.61 36.50
C TYR D 448 -10.59 -23.65 35.48
N PHE D 449 -9.67 -24.50 35.04
CA PHE D 449 -10.06 -25.66 34.24
C PHE D 449 -10.80 -26.68 35.10
N PHE D 450 -10.18 -27.10 36.21
CA PHE D 450 -10.79 -28.09 37.09
C PHE D 450 -12.13 -27.61 37.64
N TYR D 451 -12.31 -26.29 37.72
CA TYR D 451 -13.55 -25.73 38.23
C TYR D 451 -14.71 -25.96 37.26
N ASN D 452 -14.54 -25.56 36.01
CA ASN D 452 -15.62 -25.70 35.03
C ASN D 452 -15.96 -27.16 34.79
N ILE D 453 -14.95 -28.02 34.75
CA ILE D 453 -15.19 -29.46 34.61
C ILE D 453 -15.99 -29.98 35.80
N THR D 454 -15.68 -29.49 37.00
CA THR D 454 -16.47 -29.86 38.17
C THR D 454 -17.89 -29.36 38.03
N LEU D 455 -18.06 -28.09 37.71
CA LEU D 455 -19.38 -27.51 37.52
C LEU D 455 -20.13 -28.21 36.38
N THR D 456 -19.39 -28.74 35.41
CA THR D 456 -20.00 -29.34 34.23
C THR D 456 -20.31 -30.82 34.44
N LEU D 457 -19.45 -31.52 35.18
CA LEU D 457 -19.68 -32.95 35.43
C LEU D 457 -20.69 -33.16 36.56
N VAL D 458 -21.34 -32.10 37.01
CA VAL D 458 -22.52 -32.19 37.86
C VAL D 458 -23.73 -31.86 37.00
N SER D 459 -23.57 -30.91 36.07
CA SER D 459 -24.69 -30.35 35.32
C SER D 459 -25.33 -31.32 34.33
N TYR D 460 -24.58 -32.33 33.87
CA TYR D 460 -25.06 -33.24 32.85
C TYR D 460 -25.33 -34.64 33.42
N TYR D 461 -25.25 -34.80 34.74
CA TYR D 461 -25.52 -36.09 35.36
C TYR D 461 -26.67 -36.04 36.36
N ARG D 462 -26.69 -35.03 37.22
CA ARG D 462 -27.76 -34.89 38.21
C ARG D 462 -28.98 -34.18 37.63
N PRO D 463 -28.84 -33.03 36.92
CA PRO D 463 -30.04 -32.38 36.33
C PRO D 463 -30.74 -33.23 35.27
N ARG D 464 -30.00 -34.03 34.50
CA ARG D 464 -30.61 -34.94 33.54
C ARG D 464 -31.15 -36.17 34.26
N GLU D 465 -32.11 -35.96 35.18
CA GLU D 465 -32.91 -36.99 35.84
C GLU D 465 -33.80 -36.23 36.82
N GLU D 466 -34.92 -36.83 37.26
CA GLU D 466 -35.71 -36.23 38.32
C GLU D 466 -36.46 -37.32 39.09
N GLU D 467 -36.22 -37.40 40.42
CA GLU D 467 -36.97 -38.34 41.25
C GLU D 467 -37.93 -37.63 42.19
N ALA D 468 -37.40 -36.91 43.18
CA ALA D 468 -38.16 -36.02 44.03
C ALA D 468 -37.54 -34.64 44.05
N ILE D 469 -36.27 -34.60 44.45
CA ILE D 469 -35.43 -33.39 44.49
C ILE D 469 -33.98 -33.84 44.35
N PRO D 470 -33.22 -33.31 43.40
CA PRO D 470 -31.75 -33.31 43.55
C PRO D 470 -31.26 -32.02 44.18
N HIS D 471 -30.32 -32.18 45.14
CA HIS D 471 -29.53 -31.06 45.61
C HIS D 471 -28.36 -30.85 44.64
N PRO D 472 -28.38 -29.79 43.78
CA PRO D 472 -27.38 -29.74 42.70
C PRO D 472 -25.93 -29.64 43.14
N LEU D 473 -25.59 -28.61 43.93
CA LEU D 473 -24.22 -28.31 44.34
C LEU D 473 -24.09 -28.11 45.85
N ALA D 474 -25.12 -28.45 46.62
CA ALA D 474 -25.14 -28.16 48.05
C ALA D 474 -24.21 -29.13 48.79
N LEU D 475 -24.24 -29.07 50.12
CA LEU D 475 -23.54 -30.03 50.96
C LEU D 475 -24.00 -31.43 50.63
N THR D 476 -23.08 -32.28 50.15
CA THR D 476 -23.43 -33.51 49.44
C THR D 476 -24.27 -34.46 50.27
N HIS D 477 -23.76 -34.89 51.44
CA HIS D 477 -24.64 -35.52 52.43
C HIS D 477 -25.31 -36.81 51.92
N LYS D 478 -24.60 -37.95 51.98
CA LYS D 478 -24.91 -39.19 51.23
C LYS D 478 -24.49 -39.06 49.77
N MET D 479 -23.19 -38.81 49.59
CA MET D 479 -22.49 -39.08 48.33
C MET D 479 -21.09 -39.57 48.65
N GLY D 480 -20.43 -40.17 47.67
CA GLY D 480 -19.09 -40.70 47.86
C GLY D 480 -18.05 -39.61 48.03
N TRP D 481 -16.77 -39.99 48.16
CA TRP D 481 -15.72 -39.00 48.37
C TRP D 481 -15.50 -38.16 47.11
N LEU D 482 -15.62 -38.77 45.93
CA LEU D 482 -15.39 -38.09 44.65
C LEU D 482 -16.27 -36.85 44.52
N GLN D 483 -17.50 -36.93 45.02
CA GLN D 483 -18.45 -35.84 44.84
C GLN D 483 -18.35 -34.82 45.95
N LEU D 484 -17.79 -35.20 47.11
CA LEU D 484 -17.60 -34.25 48.20
C LEU D 484 -16.65 -33.14 47.78
N LEU D 485 -15.40 -33.47 47.46
CA LEU D 485 -14.43 -32.45 47.07
C LEU D 485 -14.85 -31.75 45.80
N GLY D 486 -15.65 -32.42 44.98
CA GLY D 486 -16.24 -31.79 43.80
C GLY D 486 -17.09 -30.59 44.19
N ARG D 487 -18.21 -30.83 44.88
CA ARG D 487 -19.12 -29.75 45.22
C ARG D 487 -18.46 -28.71 46.11
N MET D 488 -17.65 -29.15 47.07
CA MET D 488 -17.05 -28.22 48.02
C MET D 488 -16.08 -27.27 47.33
N PHE D 489 -15.34 -27.78 46.33
CA PHE D 489 -14.40 -26.92 45.60
C PHE D 489 -15.14 -25.85 44.82
N VAL D 490 -16.38 -26.13 44.40
CA VAL D 490 -17.15 -25.18 43.61
C VAL D 490 -17.49 -23.98 44.47
N LEU D 491 -18.08 -24.22 45.64
CA LEU D 491 -18.62 -23.13 46.46
C LEU D 491 -17.50 -22.22 46.96
N ILE D 492 -16.40 -22.81 47.41
CA ILE D 492 -15.29 -22.01 47.93
C ILE D 492 -14.69 -21.15 46.83
N TRP D 493 -14.41 -21.76 45.68
CA TRP D 493 -13.84 -21.02 44.56
C TRP D 493 -14.87 -20.10 43.92
N ALA D 494 -16.15 -20.43 44.04
CA ALA D 494 -17.19 -19.54 43.54
C ALA D 494 -17.24 -18.25 44.36
N MET D 495 -17.26 -18.39 45.69
CA MET D 495 -17.15 -17.22 46.56
C MET D 495 -15.83 -16.49 46.31
N CYS D 496 -14.79 -17.24 45.97
CA CYS D 496 -13.46 -16.67 45.83
C CYS D 496 -13.40 -15.67 44.67
N ILE D 497 -13.96 -16.05 43.52
CA ILE D 497 -14.07 -15.10 42.41
C ILE D 497 -15.07 -14.00 42.78
N SER D 498 -16.17 -14.39 43.43
CA SER D 498 -17.25 -13.46 43.76
C SER D 498 -16.75 -12.30 44.61
N VAL D 499 -15.90 -12.61 45.60
CA VAL D 499 -15.27 -11.55 46.38
C VAL D 499 -14.31 -10.77 45.49
N LYS D 500 -13.29 -11.46 44.97
CA LYS D 500 -12.07 -10.80 44.47
C LYS D 500 -12.38 -9.79 43.38
N GLU D 501 -13.06 -10.22 42.31
CA GLU D 501 -13.38 -9.32 41.21
C GLU D 501 -14.14 -8.10 41.69
N GLY D 502 -14.99 -8.25 42.69
CA GLY D 502 -15.70 -7.14 43.30
C GLY D 502 -14.82 -6.00 43.77
N ILE D 503 -13.58 -6.31 44.14
CA ILE D 503 -12.61 -5.27 44.51
C ILE D 503 -12.15 -4.61 43.22
N ALA D 504 -12.01 -5.39 42.14
CA ALA D 504 -11.68 -4.81 40.85
C ALA D 504 -12.84 -3.98 40.31
N ILE D 505 -14.07 -4.32 40.72
CA ILE D 505 -15.24 -3.50 40.40
C ILE D 505 -15.09 -2.16 41.10
N PHE D 506 -14.82 -2.20 42.40
CA PHE D 506 -14.81 -1.00 43.22
C PHE D 506 -13.66 -0.08 42.84
N LEU D 507 -12.45 -0.62 42.72
CA LEU D 507 -11.32 0.18 42.26
C LEU D 507 -11.37 0.28 40.74
N LEU D 508 -12.40 0.97 40.23
CA LEU D 508 -12.63 1.18 38.81
C LEU D 508 -12.93 2.66 38.63
N ARG D 509 -12.01 3.52 39.08
CA ARG D 509 -12.03 4.92 38.67
C ARG D 509 -12.23 4.92 37.16
N PRO D 510 -13.33 5.56 36.63
CA PRO D 510 -13.92 5.10 35.37
C PRO D 510 -12.95 4.89 34.21
N SER D 511 -12.77 3.61 33.84
CA SER D 511 -11.92 3.27 32.71
C SER D 511 -12.52 3.95 31.50
N ASP D 512 -11.78 4.93 30.96
CA ASP D 512 -12.30 6.00 30.12
C ASP D 512 -13.29 5.53 29.06
N LEU D 513 -13.02 4.38 28.44
CA LEU D 513 -14.00 3.86 27.49
C LEU D 513 -15.29 3.45 28.22
N GLN D 514 -15.27 2.27 28.86
CA GLN D 514 -16.30 1.76 29.79
C GLN D 514 -15.85 0.35 30.15
N SER D 515 -16.77 -0.47 30.67
CA SER D 515 -16.75 -1.94 30.61
C SER D 515 -16.11 -2.50 29.35
N ILE D 516 -16.30 -1.82 28.23
CA ILE D 516 -15.67 -2.09 26.95
C ILE D 516 -14.16 -1.90 27.09
N LEU D 517 -13.43 -2.04 25.99
CA LEU D 517 -12.02 -2.45 25.93
C LEU D 517 -11.04 -1.85 26.93
N SER D 518 -9.86 -2.49 26.97
CA SER D 518 -8.65 -2.25 27.74
C SER D 518 -8.57 -2.89 29.14
N ASP D 519 -9.67 -3.27 29.79
CA ASP D 519 -9.73 -4.61 30.39
C ASP D 519 -11.13 -5.11 30.71
N ALA D 520 -12.03 -4.20 31.06
CA ALA D 520 -13.07 -4.54 32.04
C ALA D 520 -14.20 -5.37 31.45
N TRP D 521 -14.13 -5.73 30.18
CA TRP D 521 -15.10 -6.65 29.61
C TRP D 521 -15.06 -8.01 30.30
N PHE D 522 -13.88 -8.37 30.82
CA PHE D 522 -13.66 -9.75 31.28
C PHE D 522 -13.81 -9.87 32.80
N HIS D 523 -13.56 -8.78 33.54
CA HIS D 523 -13.69 -8.85 34.99
C HIS D 523 -15.16 -8.93 35.41
N PHE D 524 -16.07 -8.52 34.54
CA PHE D 524 -17.49 -8.61 34.84
C PHE D 524 -18.00 -10.04 34.63
N VAL D 525 -17.69 -10.63 33.48
CA VAL D 525 -18.16 -11.98 33.20
C VAL D 525 -17.59 -12.99 34.19
N PHE D 526 -16.36 -12.75 34.67
CA PHE D 526 -15.89 -13.50 35.83
C PHE D 526 -16.79 -13.27 37.02
N PHE D 527 -17.12 -12.01 37.29
CA PHE D 527 -17.98 -11.69 38.43
C PHE D 527 -19.37 -12.29 38.26
N ILE D 528 -19.96 -12.11 37.07
CA ILE D 528 -21.31 -12.63 36.82
C ILE D 528 -21.32 -14.14 36.96
N GLN D 529 -20.27 -14.80 36.44
CA GLN D 529 -20.19 -16.25 36.54
C GLN D 529 -20.18 -16.70 38.00
N ALA D 530 -19.46 -15.97 38.84
CA ALA D 530 -19.38 -16.35 40.25
C ALA D 530 -20.69 -16.08 40.97
N VAL D 531 -21.37 -15.00 40.61
CA VAL D 531 -22.63 -14.67 41.28
C VAL D 531 -23.70 -15.71 40.94
N LEU D 532 -23.80 -16.08 39.66
CA LEU D 532 -24.88 -16.95 39.23
C LEU D 532 -24.80 -18.33 39.89
N VAL D 533 -23.59 -18.78 40.20
CA VAL D 533 -23.43 -20.07 40.89
C VAL D 533 -23.93 -19.95 42.32
N ILE D 534 -23.41 -19.00 43.07
CA ILE D 534 -23.81 -18.86 44.48
C ILE D 534 -25.25 -18.38 44.58
N LEU D 535 -25.69 -17.54 43.63
CA LEU D 535 -27.08 -17.12 43.60
C LEU D 535 -28.03 -18.32 43.51
N SER D 536 -27.67 -19.33 42.72
CA SER D 536 -28.53 -20.49 42.55
C SER D 536 -28.66 -21.28 43.84
N VAL D 537 -27.53 -21.55 44.49
CA VAL D 537 -27.52 -22.37 45.70
C VAL D 537 -28.34 -21.70 46.80
N PHE D 538 -28.47 -20.37 46.74
CA PHE D 538 -29.42 -19.67 47.60
C PHE D 538 -30.84 -19.83 47.09
N LEU D 539 -31.05 -19.70 45.78
CA LEU D 539 -32.40 -19.88 45.22
C LEU D 539 -32.94 -21.27 45.53
N TYR D 540 -32.14 -22.31 45.28
CA TYR D 540 -32.59 -23.67 45.49
C TYR D 540 -32.88 -23.95 46.96
N LEU D 541 -32.12 -23.31 47.84
CA LEU D 541 -32.24 -23.56 49.27
C LEU D 541 -33.64 -23.23 49.77
N PHE D 542 -34.18 -22.07 49.37
CA PHE D 542 -35.50 -21.70 49.87
C PHE D 542 -36.56 -22.68 49.36
N ALA D 543 -36.97 -22.55 48.10
CA ALA D 543 -37.71 -23.62 47.42
C ALA D 543 -37.46 -23.68 45.91
N TYR D 544 -36.92 -22.61 45.33
CA TYR D 544 -37.19 -22.27 43.93
C TYR D 544 -36.62 -23.26 42.92
N LYS D 545 -37.37 -23.47 41.84
CA LYS D 545 -36.97 -24.30 40.71
C LYS D 545 -36.03 -23.58 39.74
N GLU D 546 -35.66 -22.32 40.02
CA GLU D 546 -34.88 -21.51 39.09
C GLU D 546 -33.40 -21.88 39.11
N TYR D 547 -33.03 -22.90 39.89
CA TYR D 547 -31.62 -23.29 40.01
C TYR D 547 -31.01 -23.67 38.67
N LEU D 548 -31.76 -24.39 37.83
CA LEU D 548 -31.18 -24.97 36.62
C LEU D 548 -30.77 -23.89 35.63
N ALA D 549 -31.61 -22.87 35.46
CA ALA D 549 -31.29 -21.80 34.50
C ALA D 549 -30.02 -21.07 34.88
N CYS D 550 -29.65 -21.09 36.17
CA CYS D 550 -28.46 -20.38 36.62
C CYS D 550 -27.20 -21.22 36.44
N LEU D 551 -27.30 -22.54 36.65
CA LEU D 551 -26.14 -23.40 36.42
C LEU D 551 -25.74 -23.41 34.96
N VAL D 552 -26.69 -23.24 34.05
CA VAL D 552 -26.43 -23.41 32.64
C VAL D 552 -25.72 -22.19 32.07
N LEU D 553 -26.14 -21.00 32.51
CA LEU D 553 -25.37 -19.81 32.20
C LEU D 553 -24.00 -19.87 32.86
N ALA D 554 -23.94 -20.46 34.06
CA ALA D 554 -22.66 -20.60 34.76
C ALA D 554 -21.70 -21.48 33.97
N MET D 555 -22.23 -22.42 33.18
CA MET D 555 -21.39 -23.17 32.26
C MET D 555 -20.99 -22.33 31.06
N ALA D 556 -21.99 -21.87 30.31
CA ALA D 556 -21.74 -21.22 29.03
C ALA D 556 -20.87 -19.97 29.18
N LEU D 557 -21.14 -19.18 30.23
CA LEU D 557 -20.25 -18.07 30.52
C LEU D 557 -18.87 -18.59 30.93
N GLY D 558 -18.82 -19.74 31.59
CA GLY D 558 -17.55 -20.27 32.04
C GLY D 558 -16.66 -20.75 30.92
N TRP D 559 -17.24 -21.50 29.97
CA TRP D 559 -16.46 -22.04 28.87
C TRP D 559 -15.94 -20.93 27.96
N ALA D 560 -16.80 -19.97 27.63
CA ALA D 560 -16.38 -18.86 26.77
C ALA D 560 -15.32 -18.01 27.46
N ASN D 561 -15.26 -18.04 28.79
CA ASN D 561 -14.27 -17.24 29.52
C ASN D 561 -12.96 -17.99 29.71
N MET D 562 -12.92 -19.29 29.39
CA MET D 562 -11.63 -19.97 29.29
C MET D 562 -10.82 -19.43 28.11
N LEU D 563 -11.50 -18.84 27.13
CA LEU D 563 -10.84 -18.16 26.04
C LEU D 563 -9.95 -17.04 26.54
N TYR D 564 -10.28 -16.46 27.70
CA TYR D 564 -9.47 -15.41 28.31
C TYR D 564 -8.03 -15.87 28.51
N TYR D 565 -7.86 -17.07 29.06
CA TYR D 565 -6.52 -17.58 29.36
C TYR D 565 -5.82 -18.04 28.09
N THR D 566 -5.50 -17.11 27.19
CA THR D 566 -4.75 -17.39 25.97
C THR D 566 -3.72 -16.31 25.70
N ARG D 567 -3.37 -15.52 26.72
CA ARG D 567 -2.58 -14.32 26.54
C ARG D 567 -1.10 -14.50 26.85
N GLY D 568 -0.73 -15.53 27.60
CA GLY D 568 0.67 -15.80 27.90
C GLY D 568 1.19 -16.95 27.07
N PHE D 569 0.75 -17.01 25.81
CA PHE D 569 0.84 -18.24 25.04
C PHE D 569 1.15 -17.98 23.55
N GLN D 570 1.89 -16.94 23.18
CA GLN D 570 1.63 -16.05 22.02
C GLN D 570 0.80 -16.71 20.91
N SER D 571 1.03 -16.42 19.64
CA SER D 571 0.05 -16.03 18.63
C SER D 571 -1.45 -16.17 18.95
N MET D 572 -1.87 -17.23 19.67
CA MET D 572 -3.23 -17.25 20.21
C MET D 572 -3.61 -15.96 20.93
N GLY D 573 -2.68 -15.35 21.66
CA GLY D 573 -2.98 -14.13 22.40
C GLY D 573 -3.42 -12.99 21.52
N MET D 574 -2.77 -12.82 20.38
CA MET D 574 -3.19 -11.81 19.42
C MET D 574 -4.56 -12.15 18.84
N TYR D 575 -4.92 -13.43 18.81
CA TYR D 575 -6.20 -13.84 18.22
C TYR D 575 -7.36 -13.51 19.16
N SER D 576 -7.13 -13.60 20.47
CA SER D 576 -8.18 -13.29 21.43
C SER D 576 -8.39 -11.79 21.55
N VAL D 577 -7.48 -10.99 21.00
CA VAL D 577 -7.66 -9.55 20.92
C VAL D 577 -8.55 -9.25 19.71
N MET D 578 -8.22 -9.85 18.57
CA MET D 578 -8.92 -9.53 17.32
C MET D 578 -10.38 -9.90 17.40
N ILE D 579 -10.71 -11.01 18.06
CA ILE D 579 -12.13 -11.33 18.26
C ILE D 579 -12.80 -10.26 19.09
N GLN D 580 -12.12 -9.70 20.08
CA GLN D 580 -12.75 -8.76 21.00
C GLN D 580 -13.01 -7.42 20.34
N LYS D 581 -11.99 -6.86 19.67
CA LYS D 581 -12.15 -5.64 18.91
C LYS D 581 -13.16 -5.78 17.78
N VAL D 582 -13.46 -7.00 17.36
CA VAL D 582 -14.45 -7.26 16.31
C VAL D 582 -15.84 -7.39 16.90
N ILE D 583 -15.99 -8.04 18.07
CA ILE D 583 -17.28 -7.96 18.76
C ILE D 583 -17.23 -6.77 19.71
N LEU D 584 -17.08 -5.58 19.14
CA LEU D 584 -17.42 -4.35 19.83
C LEU D 584 -17.84 -3.23 18.89
N HIS D 585 -17.48 -3.34 17.60
CA HIS D 585 -17.27 -2.18 16.76
C HIS D 585 -18.04 -2.26 15.45
N ASP D 586 -18.10 -3.46 14.86
CA ASP D 586 -18.70 -3.64 13.54
C ASP D 586 -19.93 -4.54 13.61
N VAL D 587 -19.81 -5.66 14.30
CA VAL D 587 -20.94 -6.59 14.39
C VAL D 587 -22.07 -5.98 15.18
N LEU D 588 -21.76 -5.21 16.23
CA LEU D 588 -22.81 -4.57 17.02
C LEU D 588 -23.65 -3.64 16.14
N LYS D 589 -23.03 -2.99 15.16
CA LYS D 589 -23.79 -2.21 14.20
C LYS D 589 -24.68 -3.11 13.36
N PHE D 590 -24.10 -4.19 12.84
CA PHE D 590 -24.78 -5.05 11.88
C PHE D 590 -26.05 -5.65 12.46
N LEU D 591 -25.99 -6.08 13.74
CA LEU D 591 -27.21 -6.49 14.43
C LEU D 591 -28.25 -5.38 14.39
N PHE D 592 -27.87 -4.21 14.91
CA PHE D 592 -28.80 -3.11 15.14
C PHE D 592 -29.57 -2.71 13.89
N VAL D 593 -28.97 -2.93 12.72
CA VAL D 593 -29.68 -2.73 11.45
C VAL D 593 -30.31 -4.03 10.99
N TYR D 594 -29.77 -5.17 11.40
CA TYR D 594 -30.38 -6.45 11.06
C TYR D 594 -31.63 -6.69 11.89
N ILE D 595 -31.71 -6.10 13.08
CA ILE D 595 -32.93 -6.19 13.87
C ILE D 595 -34.07 -5.46 13.16
N VAL D 596 -33.84 -4.19 12.79
CA VAL D 596 -34.93 -3.33 12.36
C VAL D 596 -35.55 -3.85 11.06
N PHE D 597 -34.73 -4.46 10.20
CA PHE D 597 -35.26 -5.07 8.99
C PHE D 597 -36.05 -6.33 9.33
N LEU D 598 -35.47 -7.19 10.16
CA LEU D 598 -36.12 -8.43 10.56
C LEU D 598 -37.46 -8.15 11.26
N LEU D 599 -37.44 -7.24 12.22
CA LEU D 599 -38.68 -6.86 12.90
C LEU D 599 -39.59 -6.07 11.97
N GLY D 600 -38.99 -5.31 11.05
CA GLY D 600 -39.76 -4.54 10.09
C GLY D 600 -40.44 -5.42 9.07
N PHE D 601 -39.64 -6.14 8.27
CA PHE D 601 -40.20 -7.07 7.29
C PHE D 601 -40.97 -8.21 7.96
N GLY D 602 -40.72 -8.47 9.24
CA GLY D 602 -41.44 -9.51 9.95
C GLY D 602 -42.93 -9.27 10.04
N VAL D 603 -43.32 -8.04 10.37
CA VAL D 603 -44.74 -7.70 10.44
C VAL D 603 -45.38 -7.79 9.07
N ALA D 604 -44.68 -7.29 8.04
CA ALA D 604 -45.23 -7.15 6.70
C ALA D 604 -45.69 -8.49 6.15
N LEU D 605 -44.94 -9.55 6.43
CA LEU D 605 -45.33 -10.88 5.99
C LEU D 605 -46.17 -11.60 7.05
N ALA D 606 -46.15 -11.11 8.29
CA ALA D 606 -46.96 -11.70 9.34
C ALA D 606 -48.39 -11.15 9.32
N SER D 607 -48.60 -10.03 8.61
CA SER D 607 -49.94 -9.45 8.51
C SER D 607 -50.59 -9.76 7.18
N LEU D 608 -49.80 -9.89 6.11
CA LEU D 608 -50.37 -10.23 4.81
C LEU D 608 -51.03 -11.60 4.83
N ILE D 609 -50.51 -12.52 5.65
CA ILE D 609 -51.22 -13.78 5.88
C ILE D 609 -52.58 -13.48 6.49
N GLU D 610 -53.54 -14.32 6.16
CA GLU D 610 -54.94 -14.15 6.53
C GLU D 610 -55.46 -15.52 6.93
N LYS D 611 -56.79 -15.71 6.83
CA LYS D 611 -57.56 -16.76 7.50
C LYS D 611 -56.87 -18.11 7.58
N CYS D 612 -56.80 -18.65 8.78
CA CYS D 612 -56.31 -20.00 9.02
C CYS D 612 -57.51 -20.92 9.22
N PRO D 613 -58.05 -21.58 8.17
CA PRO D 613 -59.22 -22.44 8.36
C PRO D 613 -58.91 -23.60 9.31
N LYS D 614 -59.64 -23.64 10.43
CA LYS D 614 -59.36 -24.61 11.48
C LYS D 614 -59.47 -26.05 10.98
N ASP D 615 -60.21 -26.28 9.90
CA ASP D 615 -60.19 -27.59 9.25
C ASP D 615 -58.80 -27.96 8.72
N ASN D 616 -57.96 -26.96 8.44
CA ASN D 616 -56.62 -27.15 7.91
C ASN D 616 -55.54 -26.56 8.79
N LYS D 617 -55.51 -26.91 10.09
CA LYS D 617 -54.62 -26.29 11.07
C LYS D 617 -53.14 -26.38 10.67
N ASP D 618 -52.28 -25.70 11.45
CA ASP D 618 -50.94 -25.23 11.10
C ASP D 618 -50.95 -24.77 9.64
N CYS D 619 -51.85 -23.82 9.36
CA CYS D 619 -52.16 -23.40 8.00
C CYS D 619 -50.91 -22.88 7.29
N SER D 620 -50.03 -22.21 8.02
CA SER D 620 -48.88 -21.55 7.42
C SER D 620 -47.77 -21.40 8.45
N SER D 621 -46.53 -21.35 7.97
CA SER D 621 -45.38 -21.07 8.82
C SER D 621 -45.49 -19.66 9.36
N TYR D 622 -45.60 -18.68 8.45
CA TYR D 622 -45.83 -17.30 8.88
C TYR D 622 -47.26 -17.18 9.40
N GLY D 623 -47.42 -17.31 10.72
CA GLY D 623 -48.69 -17.09 11.38
C GLY D 623 -48.64 -15.85 12.24
N SER D 624 -48.46 -16.05 13.54
CA SER D 624 -48.20 -14.94 14.42
C SER D 624 -46.83 -14.32 14.12
N PHE D 625 -46.56 -13.18 14.76
CA PHE D 625 -45.31 -12.47 14.50
C PHE D 625 -44.11 -13.29 14.96
N SER D 626 -44.28 -14.08 16.02
CA SER D 626 -43.17 -14.85 16.57
C SER D 626 -42.66 -15.87 15.54
N ASP D 627 -43.56 -16.39 14.72
CA ASP D 627 -43.15 -17.38 13.71
C ASP D 627 -42.49 -16.70 12.53
N ALA D 628 -42.88 -15.47 12.21
CA ALA D 628 -42.32 -14.78 11.05
C ALA D 628 -40.86 -14.42 11.29
N VAL D 629 -40.52 -14.02 12.51
CA VAL D 629 -39.14 -13.63 12.82
C VAL D 629 -38.21 -14.82 12.67
N LEU D 630 -38.66 -16.00 13.08
CA LEU D 630 -37.78 -17.17 13.10
C LEU D 630 -37.62 -17.76 11.71
N GLU D 631 -38.74 -17.95 11.00
CA GLU D 631 -38.67 -18.54 9.67
C GLU D 631 -37.92 -17.62 8.70
N LEU D 632 -37.85 -16.32 9.01
CA LEU D 632 -36.89 -15.45 8.33
C LEU D 632 -35.49 -15.66 8.88
N PHE D 633 -35.38 -15.89 10.20
CA PHE D 633 -34.07 -16.12 10.80
C PHE D 633 -33.42 -17.39 10.27
N LYS D 634 -34.20 -18.45 10.05
CA LYS D 634 -33.65 -19.69 9.51
C LYS D 634 -33.21 -19.49 8.07
N LEU D 635 -33.88 -18.60 7.34
CA LEU D 635 -33.49 -18.29 5.97
C LEU D 635 -32.11 -17.68 5.88
N THR D 636 -31.78 -16.77 6.79
CA THR D 636 -30.52 -16.00 6.71
C THR D 636 -29.32 -16.91 6.86
N ILE D 637 -29.36 -17.83 7.83
CA ILE D 637 -28.23 -18.68 8.15
C ILE D 637 -28.00 -19.74 7.07
N GLY D 638 -28.98 -19.93 6.19
CA GLY D 638 -28.90 -20.99 5.20
C GLY D 638 -29.46 -22.30 5.68
N LEU D 639 -30.68 -22.29 6.19
CA LEU D 639 -31.25 -23.44 6.88
C LEU D 639 -32.77 -23.46 6.66
N GLY D 640 -33.30 -24.67 6.51
CA GLY D 640 -34.73 -24.90 6.50
C GLY D 640 -35.29 -25.24 5.14
N ASP D 641 -36.51 -24.77 4.88
CA ASP D 641 -37.20 -25.03 3.63
C ASP D 641 -38.13 -23.85 3.34
N LEU D 642 -38.41 -23.64 2.06
CA LEU D 642 -39.19 -22.50 1.60
C LEU D 642 -40.09 -22.92 0.45
N ASN D 643 -41.35 -22.44 0.47
CA ASN D 643 -42.31 -22.65 -0.61
C ASN D 643 -43.23 -21.45 -0.66
N ILE D 644 -43.27 -20.77 -1.80
CA ILE D 644 -44.08 -19.57 -1.89
C ILE D 644 -45.50 -20.00 -2.24
N GLN D 645 -46.20 -20.50 -1.22
CA GLN D 645 -47.59 -20.89 -1.32
C GLN D 645 -48.38 -20.47 -0.08
N GLN D 646 -47.69 -19.99 0.96
CA GLN D 646 -48.24 -19.75 2.29
C GLN D 646 -49.50 -18.89 2.22
N ASN D 647 -50.51 -19.25 3.01
CA ASN D 647 -51.83 -18.64 2.92
C ASN D 647 -51.73 -17.12 3.09
N SER D 648 -51.98 -16.39 2.01
CA SER D 648 -51.87 -14.94 1.99
C SER D 648 -52.90 -14.37 1.02
N LYS D 649 -53.08 -13.06 1.14
CA LYS D 649 -53.97 -12.31 0.25
C LYS D 649 -53.32 -12.05 -1.10
N TYR D 650 -52.00 -11.84 -1.10
CA TYR D 650 -51.25 -11.43 -2.27
C TYR D 650 -50.01 -12.31 -2.40
N PRO D 651 -50.08 -13.42 -3.14
CA PRO D 651 -48.85 -14.21 -3.34
C PRO D 651 -47.80 -13.48 -4.17
N ILE D 652 -48.20 -12.42 -4.89
CA ILE D 652 -47.23 -11.62 -5.63
C ILE D 652 -46.54 -10.62 -4.71
N LEU D 653 -47.28 -10.02 -3.78
CA LEU D 653 -46.68 -9.11 -2.81
C LEU D 653 -46.00 -9.88 -1.69
N PHE D 654 -46.53 -11.06 -1.37
CA PHE D 654 -45.97 -11.88 -0.29
C PHE D 654 -44.55 -12.34 -0.60
N LEU D 655 -44.18 -12.34 -1.89
CA LEU D 655 -42.82 -12.73 -2.29
C LEU D 655 -41.91 -11.52 -2.43
N PHE D 656 -42.46 -10.40 -2.93
CA PHE D 656 -41.64 -9.22 -3.18
C PHE D 656 -41.02 -8.70 -1.88
N LEU D 657 -41.71 -8.88 -0.76
CA LEU D 657 -41.13 -8.51 0.53
C LEU D 657 -40.13 -9.55 1.01
N LEU D 658 -40.16 -10.75 0.42
CA LEU D 658 -39.23 -11.82 0.82
C LEU D 658 -37.93 -11.73 0.04
N ILE D 659 -38.02 -11.66 -1.29
CA ILE D 659 -36.83 -11.44 -2.12
C ILE D 659 -36.18 -10.13 -1.73
N THR D 660 -36.98 -9.14 -1.32
CA THR D 660 -36.46 -7.94 -0.69
C THR D 660 -35.53 -8.29 0.46
N TYR D 661 -36.03 -9.06 1.43
CA TYR D 661 -35.25 -9.36 2.63
C TYR D 661 -33.97 -10.13 2.31
N VAL D 662 -33.97 -10.89 1.22
CA VAL D 662 -32.75 -11.60 0.80
C VAL D 662 -31.71 -10.59 0.33
N ILE D 663 -32.11 -9.68 -0.54
CA ILE D 663 -31.17 -8.71 -1.09
C ILE D 663 -30.68 -7.77 0.00
N LEU D 664 -31.60 -7.08 0.68
CA LEU D 664 -31.21 -6.03 1.63
C LEU D 664 -30.35 -6.59 2.75
N THR D 665 -30.69 -7.78 3.25
CA THR D 665 -29.78 -8.48 4.16
C THR D 665 -28.42 -8.68 3.52
N PHE D 666 -28.39 -9.24 2.30
CA PHE D 666 -27.15 -9.59 1.63
C PHE D 666 -26.22 -8.40 1.49
N VAL D 667 -26.78 -7.22 1.22
CA VAL D 667 -25.96 -6.03 0.99
C VAL D 667 -25.13 -5.69 2.24
N LEU D 668 -25.75 -5.77 3.42
CA LEU D 668 -25.04 -5.45 4.65
C LEU D 668 -23.89 -6.43 4.88
N LEU D 669 -24.13 -7.72 4.59
CA LEU D 669 -23.09 -8.73 4.77
C LEU D 669 -21.86 -8.41 3.92
N LEU D 670 -22.04 -7.67 2.84
CA LEU D 670 -20.90 -7.21 2.04
C LEU D 670 -20.31 -5.95 2.64
N ASN D 671 -21.14 -5.14 3.29
CA ASN D 671 -20.64 -4.03 4.09
C ASN D 671 -19.90 -4.56 5.32
N MET D 672 -20.22 -5.79 5.74
CA MET D 672 -19.50 -6.40 6.85
C MET D 672 -18.05 -6.68 6.46
N LEU D 673 -17.86 -7.54 5.46
CA LEU D 673 -16.52 -8.03 5.15
C LEU D 673 -15.59 -6.89 4.71
N ILE D 674 -16.16 -5.85 4.11
CA ILE D 674 -15.33 -4.71 3.69
C ILE D 674 -15.02 -3.80 4.88
N ALA D 675 -15.96 -3.67 5.81
CA ALA D 675 -15.71 -2.82 6.96
C ALA D 675 -14.64 -3.41 7.86
N LEU D 676 -14.56 -4.73 7.95
CA LEU D 676 -13.48 -5.39 8.66
C LEU D 676 -12.20 -5.39 7.82
N MET D 677 -12.36 -5.53 6.50
CA MET D 677 -11.23 -5.38 5.56
C MET D 677 -10.58 -4.02 5.69
N GLY D 678 -11.39 -2.96 5.79
CA GLY D 678 -10.86 -1.63 6.04
C GLY D 678 -10.38 -1.42 7.46
N GLU D 679 -10.46 -2.44 8.32
CA GLU D 679 -9.95 -2.39 9.68
C GLU D 679 -8.69 -3.23 9.85
N THR D 680 -8.59 -4.35 9.15
CA THR D 680 -7.51 -5.30 9.41
C THR D 680 -6.20 -4.92 8.73
N VAL D 681 -6.26 -4.34 7.54
CA VAL D 681 -5.07 -4.02 6.78
C VAL D 681 -4.34 -2.83 7.41
N GLU D 682 -5.05 -2.05 8.23
CA GLU D 682 -4.47 -0.89 8.88
C GLU D 682 -3.91 -1.22 10.26
N ASN D 683 -4.53 -2.17 10.95
CA ASN D 683 -4.38 -2.30 12.40
C ASN D 683 -3.60 -3.52 12.84
N VAL D 684 -3.96 -4.72 12.39
CA VAL D 684 -3.64 -6.00 13.05
C VAL D 684 -2.17 -6.14 13.43
N SER D 685 -1.28 -6.05 12.44
CA SER D 685 0.14 -6.33 12.66
C SER D 685 0.76 -5.40 13.69
N LYS D 686 0.18 -4.20 13.86
CA LYS D 686 0.63 -3.28 14.90
C LYS D 686 -0.33 -3.23 16.07
N GLU D 687 -1.63 -3.44 15.82
CA GLU D 687 -2.62 -3.28 16.87
C GLU D 687 -2.57 -4.45 17.85
N SER D 688 -2.62 -5.68 17.33
CA SER D 688 -2.78 -6.84 18.20
C SER D 688 -1.52 -7.11 19.02
N GLU D 689 -0.35 -7.09 18.37
CA GLU D 689 0.89 -7.45 19.04
C GLU D 689 1.22 -6.49 20.18
N ARG D 690 0.72 -5.26 20.08
CA ARG D 690 1.13 -4.22 21.03
C ARG D 690 0.21 -4.17 22.24
N ILE D 691 -1.11 -4.16 22.02
CA ILE D 691 -2.05 -4.22 23.14
C ILE D 691 -1.95 -5.56 23.85
N TRP D 692 -1.46 -6.60 23.14
CA TRP D 692 -1.18 -7.86 23.81
C TRP D 692 -0.07 -7.70 24.84
N ARG D 693 1.00 -6.99 24.49
CA ARG D 693 2.06 -6.68 25.44
C ARG D 693 1.50 -5.88 26.61
N LEU D 694 0.49 -5.04 26.34
CA LEU D 694 -0.11 -4.24 27.40
C LEU D 694 -0.84 -5.12 28.42
N GLN D 695 -1.83 -5.88 27.98
CA GLN D 695 -2.65 -6.65 28.91
C GLN D 695 -1.81 -7.71 29.61
N ARG D 696 -0.80 -8.24 28.92
CA ARG D 696 0.15 -9.14 29.56
C ARG D 696 0.90 -8.44 30.69
N ALA D 697 1.11 -7.13 30.59
CA ALA D 697 1.82 -6.41 31.63
C ALA D 697 0.96 -6.31 32.89
N ARG D 698 -0.34 -6.10 32.73
CA ARG D 698 -1.22 -6.03 33.89
C ARG D 698 -1.27 -7.36 34.62
N THR D 699 -1.22 -8.46 33.86
CA THR D 699 -1.25 -9.78 34.46
C THR D 699 -0.02 -10.04 35.33
N ILE D 700 1.13 -9.55 34.87
CA ILE D 700 2.38 -9.72 35.63
C ILE D 700 2.28 -8.96 36.95
N LEU D 701 1.92 -7.68 36.87
CA LEU D 701 1.91 -6.84 38.07
C LEU D 701 0.81 -7.27 39.03
N GLU D 702 -0.36 -7.63 38.49
CA GLU D 702 -1.47 -8.05 39.34
C GLU D 702 -1.08 -9.27 40.17
N PHE D 703 -0.26 -10.15 39.61
CA PHE D 703 0.29 -11.25 40.39
C PHE D 703 1.32 -10.76 41.40
N GLU D 704 2.12 -9.76 41.02
CA GLU D 704 3.14 -9.25 41.91
C GLU D 704 2.51 -8.54 43.10
N LYS D 705 1.30 -7.99 42.91
CA LYS D 705 0.57 -7.39 44.01
C LYS D 705 0.09 -8.44 45.00
N MET D 706 -0.13 -9.67 44.52
CA MET D 706 -0.62 -10.75 45.37
C MET D 706 0.45 -11.24 46.33
N LEU D 707 1.69 -11.33 45.84
CA LEU D 707 2.76 -12.08 46.49
C LEU D 707 2.99 -11.60 47.91
N PRO D 708 3.29 -12.48 48.87
CA PRO D 708 3.58 -12.02 50.23
C PRO D 708 4.90 -11.28 50.29
N GLU D 709 5.22 -10.81 51.50
CA GLU D 709 6.40 -9.98 51.70
C GLU D 709 7.69 -10.76 51.44
N TRP D 710 7.81 -11.95 52.04
CA TRP D 710 9.06 -12.69 51.94
C TRP D 710 9.30 -13.21 50.52
N LEU D 711 8.22 -13.58 49.83
CA LEU D 711 8.37 -14.14 48.48
C LEU D 711 8.63 -13.04 47.46
N ARG D 712 8.08 -11.85 47.67
CA ARG D 712 8.34 -10.75 46.76
C ARG D 712 9.79 -10.30 46.83
N SER D 713 10.34 -10.25 48.04
CA SER D 713 11.72 -9.82 48.23
C SER D 713 12.70 -10.77 47.57
N ARG D 714 12.39 -12.07 47.59
CA ARG D 714 13.23 -13.07 46.96
C ARG D 714 13.24 -12.87 45.46
N PHE D 715 12.08 -12.59 44.88
CA PHE D 715 11.93 -12.42 43.44
C PHE D 715 12.16 -10.98 42.98
N ARG D 716 12.65 -10.10 43.86
CA ARG D 716 12.96 -8.74 43.46
C ARG D 716 14.14 -8.74 42.48
N MET D 717 13.97 -8.05 41.36
CA MET D 717 15.02 -7.95 40.36
C MET D 717 16.13 -7.02 40.84
N GLY D 718 17.21 -6.94 40.07
CA GLY D 718 18.22 -5.91 40.25
C GLY D 718 19.52 -6.49 40.80
N GLU D 719 20.55 -5.65 40.71
CA GLU D 719 21.87 -5.96 41.23
C GLU D 719 22.58 -4.68 41.63
N LEU D 720 23.27 -4.69 42.77
CA LEU D 720 23.89 -3.48 43.27
C LEU D 720 25.02 -3.04 42.36
N CYS D 721 25.40 -1.76 42.46
CA CYS D 721 26.41 -1.18 41.57
C CYS D 721 27.18 -0.12 42.34
N LYS D 722 28.47 0.00 42.04
CA LYS D 722 29.23 1.19 42.41
C LYS D 722 29.30 2.12 41.20
N VAL D 723 28.19 2.79 40.90
CA VAL D 723 28.10 3.68 39.75
C VAL D 723 29.10 4.81 39.88
N ALA D 724 29.36 5.24 41.11
CA ALA D 724 30.31 6.32 41.37
C ALA D 724 30.92 6.13 42.75
N GLU D 725 31.60 7.16 43.25
CA GLU D 725 32.27 7.05 44.54
C GLU D 725 31.27 6.85 45.67
N ASP D 726 30.51 7.90 46.02
CA ASP D 726 29.49 7.85 47.07
C ASP D 726 28.12 7.66 46.44
N ASP D 727 27.92 6.51 45.80
CA ASP D 727 26.64 6.23 45.16
C ASP D 727 26.51 4.73 44.92
N PHE D 728 25.58 4.11 45.65
CA PHE D 728 25.15 2.74 45.40
C PHE D 728 23.67 2.73 45.04
N ARG D 729 23.32 2.11 43.91
CA ARG D 729 21.93 2.03 43.46
C ARG D 729 21.71 0.72 42.71
N LEU D 730 20.45 0.29 42.65
CA LEU D 730 20.09 -0.92 41.91
C LEU D 730 20.35 -0.71 40.43
N CYS D 731 20.37 -1.80 39.66
CA CYS D 731 20.66 -1.73 38.24
C CYS D 731 19.89 -2.82 37.52
N LEU D 732 20.10 -2.91 36.21
CA LEU D 732 19.62 -4.02 35.39
C LEU D 732 20.47 -4.05 34.12
N ARG D 733 21.28 -5.10 33.98
CA ARG D 733 22.18 -5.19 32.85
C ARG D 733 21.42 -5.56 31.57
N ILE D 734 21.69 -4.80 30.51
CA ILE D 734 21.17 -5.08 29.18
C ILE D 734 22.32 -4.99 28.19
N ASN D 735 22.81 -6.12 27.72
CA ASN D 735 23.85 -6.14 26.71
C ASN D 735 23.26 -5.73 25.36
N GLU D 736 24.12 -5.52 24.36
CA GLU D 736 23.66 -5.14 23.04
C GLU D 736 24.78 -5.33 22.04
N VAL D 737 24.45 -5.16 20.76
CA VAL D 737 25.39 -5.25 19.66
C VAL D 737 25.12 -4.10 18.70
N LYS D 738 26.17 -3.45 18.23
CA LYS D 738 26.04 -2.30 17.36
C LYS D 738 27.31 -2.18 16.51
N TRP D 739 27.13 -2.03 15.20
CA TRP D 739 28.23 -2.06 14.24
C TRP D 739 28.40 -0.77 13.46
N THR D 740 27.33 0.00 13.24
CA THR D 740 27.36 1.06 12.23
C THR D 740 28.20 2.25 12.68
N GLU D 741 28.11 2.62 13.96
CA GLU D 741 28.84 3.77 14.50
C GLU D 741 29.82 3.30 15.58
N TRP D 742 31.05 3.80 15.49
CA TRP D 742 32.14 3.35 16.34
C TRP D 742 32.69 4.53 17.14
N LYS D 743 33.37 4.22 18.23
CA LYS D 743 34.05 5.23 19.03
C LYS D 743 35.15 4.56 19.85
N THR D 744 36.02 5.39 20.41
CA THR D 744 37.19 4.91 21.15
C THR D 744 36.86 4.76 22.63
N HIS D 745 35.89 3.88 22.93
CA HIS D 745 35.10 3.88 24.17
C HIS D 745 35.88 4.25 25.43
N VAL D 746 35.44 5.31 26.11
CA VAL D 746 36.19 5.89 27.22
C VAL D 746 35.42 5.79 28.52
N SER D 747 34.10 5.78 28.46
CA SER D 747 33.25 5.78 29.66
C SER D 747 33.05 4.34 30.10
N PHE D 748 33.88 3.92 31.05
CA PHE D 748 33.82 2.58 31.66
C PHE D 748 33.51 2.75 33.14
N LEU D 749 32.63 1.90 33.66
CA LEU D 749 32.46 1.77 35.09
C LEU D 749 33.59 0.88 35.62
N ASN D 750 33.65 -0.33 35.08
CA ASN D 750 34.72 -1.29 35.36
C ASN D 750 35.48 -1.55 34.06
N GLU D 751 36.81 -1.48 34.15
CA GLU D 751 37.67 -1.54 32.97
C GLU D 751 37.72 -2.93 32.35
N ASP D 752 37.64 -3.96 33.17
CA ASP D 752 37.67 -5.34 32.69
C ASP D 752 36.48 -5.62 31.77
N PRO D 753 36.68 -5.85 30.45
CA PRO D 753 35.51 -5.99 29.57
C PRO D 753 34.82 -7.35 29.64
N GLY D 754 33.87 -7.51 30.57
CA GLY D 754 32.97 -8.63 30.54
C GLY D 754 32.46 -9.08 31.89
N PRO D 755 31.67 -10.16 31.90
CA PRO D 755 31.16 -10.70 33.17
C PRO D 755 32.28 -11.15 34.08
N VAL D 756 31.91 -11.45 35.33
CA VAL D 756 32.85 -11.90 36.34
C VAL D 756 33.91 -10.82 36.56
N POV E . -23.43 -44.68 16.63
P POV E . -22.24 -41.45 18.81
C1 POV E . -22.64 -39.00 17.82
C2 POV E . -21.62 -38.16 17.13
C3 POV E . -20.37 -38.95 16.83
C210 POV E . -14.73 -28.76 13.58
C310 POV E . -11.43 -35.11 13.67
C11 POV E . -23.26 -42.10 16.42
O11 POV E . -21.98 -39.87 18.76
C211 POV E . -14.94 -29.28 12.19
C311 POV E . -10.64 -33.83 13.45
C12 POV E . -23.22 -43.46 15.75
O12 POV E . -22.09 -41.86 17.27
C212 POV E . -15.07 -28.17 11.16
C312 POV E . -9.73 -33.92 12.24
C13 POV E . -24.59 -44.50 17.56
O13 POV E . -21.14 -42.09 19.57
C213 POV E . -16.17 -27.17 11.47
C313 POV E . -8.66 -32.84 12.19
C14 POV E . -22.21 -44.99 17.42
O14 POV E . -23.64 -41.66 19.25
C214 POV E . -16.62 -26.37 10.26
C314 POV E . -7.84 -32.87 10.91
C15 POV E . -23.73 -45.85 15.73
C215 POV E . -15.66 -25.26 9.89
C315 POV E . -7.87 -31.58 10.11
C216 POV E . -15.96 -24.62 8.54
C316 POV E . -6.93 -30.53 10.67
C217 POV E . -17.38 -24.09 8.37
C218 POV E . -17.76 -23.04 9.39
C21 POV E . -20.61 -35.95 17.65
O21 POV E . -21.28 -37.05 18.05
C22 POV E . -20.59 -35.72 16.16
O22 POV E . -20.05 -35.21 18.42
C23 POV E . -20.11 -34.33 15.75
C24 POV E . -18.63 -34.10 15.96
C25 POV E . -18.14 -32.81 15.34
C26 POV E . -17.13 -32.09 16.20
C27 POV E . -16.66 -30.77 15.59
C28 POV E . -15.30 -30.81 14.92
C29 POV E . -14.81 -29.43 14.70
C31 POV E . -18.16 -39.12 17.70
O31 POV E . -19.41 -38.69 17.87
C32 POV E . -17.30 -38.77 18.87
O32 POV E . -17.80 -39.72 16.72
C33 POV E . -15.95 -38.19 18.46
C34 POV E . -14.97 -39.26 18.02
C35 POV E . -13.53 -38.78 17.86
C36 POV E . -13.18 -38.24 16.48
C37 POV E . -13.44 -36.75 16.30
C38 POV E . -13.31 -36.31 14.85
C39 POV E . -12.60 -34.98 14.62
H29 POV E . -14.49 -28.97 15.51
H1 POV E . -23.28 -38.44 18.30
H1A POV E . -23.13 -39.50 17.15
H2 POV E . -22.04 -37.91 16.29
H3 POV E . -20.57 -39.90 16.76
H3A POV E . -19.98 -38.64 15.99
H310 POV E . -11.75 -35.44 12.81
H31A POV E . -10.81 -35.79 14.02
H210 POV E . -14.53 -27.81 13.63
H11 POV E . -23.21 -41.43 15.71
H11A POV E . -24.10 -41.92 16.87
H211 POV E . -14.15 -29.82 11.97
H21A POV E . -15.69 -29.89 12.13
H311 POV E . -11.27 -33.08 13.33
H31B POV E . -10.12 -33.63 14.25
H12 POV E . -22.35 -43.59 15.31
H12A POV E . -23.92 -43.49 15.06
H22 POV E . -20.01 -36.38 15.74
H212 POV E . -14.22 -27.69 11.09
H22A POV E . -21.49 -35.79 15.81
H21B POV E . -15.23 -28.57 10.27
H32 POV E . -17.79 -38.11 19.40
H312 POV E . -9.30 -34.79 12.23
H32A POV E . -17.16 -39.58 19.40
H31C POV E . -10.27 -33.86 11.43
H13 POV E . -24.89 -45.38 17.86
H13A POV E . -24.30 -43.96 18.32
H13B POV E . -25.32 -44.03 17.09
H23 POV E . -20.32 -34.18 14.81
H213 POV E . -16.94 -27.63 11.85
H23A POV E . -20.61 -33.65 16.24
H21C POV E . -15.84 -26.55 12.15
H33 POV E . -16.07 -37.55 17.74
H313 POV E . -9.08 -31.96 12.27
H33A POV E . -15.57 -37.70 19.22
H31D POV E . -8.06 -32.94 12.95
H14 POV E . -22.38 -45.78 17.97
H14A POV E . -21.46 -45.16 16.81
H14B POV E . -22.00 -44.22 18.00
H24 POV E . -18.42 -34.10 16.91
H214 POV E . -16.74 -26.97 9.50
H24A POV E . -18.12 -34.85 15.56
H21D POV E . -17.50 -25.98 10.46
H34 POV E . -14.97 -39.98 18.69
H314 POV E . -6.91 -33.10 11.13
H34A POV E . -15.28 -39.65 17.19
H31E POV E . -8.17 -33.61 10.34
H15 POV E . -23.72 -46.68 16.24
H15A POV E . -24.62 -45.73 15.34
H15B POV E . -23.06 -45.87 15.02
H25 POV E . -17.76 -32.99 14.46
H215 POV E . -15.67 -24.57 10.58
H25A POV E . -18.91 -32.22 15.20
H21E POV E . -14.74 -25.62 9.87
H35 POV E . -13.35 -38.09 18.53
H315 POV E . -7.63 -31.76 9.18
H35A POV E . -12.93 -39.53 18.07
H31F POV E . -8.78 -31.22 10.10
H26 POV E . -17.51 -31.90 17.07
H216 POV E . -15.33 -23.88 8.42
H26A POV E . -16.36 -32.67 16.34
H21F POV E . -15.77 -25.26 7.83
H36 POV E . -12.25 -38.42 16.30
H316 POV E . -6.98 -29.71 10.12
H36A POV E . -13.68 -38.74 15.80
H31G POV E . -7.17 -30.30 11.59
H31H POV E . -6.01 -30.85 10.66
H27 POV E . -17.33 -30.47 14.94
H217 POV E . -17.47 -23.71 7.48
H27A POV E . -16.65 -30.09 16.29
H21G POV E . -18.02 -24.83 8.43
H37 POV E . -14.35 -36.54 16.62
H37A POV E . -12.82 -36.27 16.88
H28 POV E . -14.68 -31.34 15.46
H218 POV E . -18.66 -22.70 9.23
H28A POV E . -15.37 -31.28 14.06
H21H POV E . -17.72 -23.40 10.30
H21J POV E . -17.13 -22.27 9.35
H38 POV E . -12.84 -37.01 14.35
H38A POV E . -14.21 -36.25 14.46
H39 POV E . -12.28 -34.61 15.47
H39A POV E . -13.24 -34.34 14.25
N POV F . 9.65 -37.90 -4.35
P POV F . 7.99 -41.60 -3.62
C1 POV F . 8.59 -42.57 -6.03
C2 POV F . 10.03 -42.26 -6.40
C3 POV F . 10.26 -42.24 -7.89
C210 POV F . 16.30 -44.31 -9.13
C310 POV F . 16.42 -42.34 -16.03
C11 POV F . 9.86 -39.93 -2.69
O11 POV F . 8.03 -41.52 -5.22
C211 POV F . 15.69 -44.56 -10.47
C311 POV F . 15.56 -41.28 -16.70
C12 POV F . 10.52 -38.97 -3.65
O12 POV F . 9.50 -41.16 -3.38
C212 POV F . 16.72 -44.82 -11.56
C312 POV F . 16.34 -40.36 -17.63
C13 POV F . 10.50 -36.68 -4.49
O13 POV F . 7.06 -40.58 -3.07
C213 POV F . 16.69 -46.23 -12.12
C313 POV F . 15.45 -39.41 -18.43
C14 POV F . 9.27 -38.37 -5.72
O14 POV F . 7.83 -43.01 -3.22
C214 POV F . 17.61 -46.43 -13.30
C314 POV F . 16.08 -38.06 -18.74
C15 POV F . 8.40 -37.52 -3.63
C215 POV F . 17.32 -47.68 -14.12
C315 POV F . 16.04 -37.65 -20.21
C216 POV F . 18.09 -47.75 -15.43
C316 POV F . 17.14 -38.30 -21.01
C217 POV F . 17.54 -46.83 -16.51
C218 POV F . 18.55 -46.55 -17.60
C21 POV F . 11.14 -43.82 -4.88
O21 POV F . 10.97 -43.33 -6.11
C22 POV F . 12.25 -44.82 -4.87
O22 POV F . 10.44 -43.52 -3.94
C23 POV F . 11.82 -46.25 -4.65
C24 POV F . 12.45 -47.21 -5.66
C25 POV F . 13.97 -47.25 -5.66
C26 POV F . 14.56 -47.25 -7.06
C27 POV F . 16.08 -47.32 -7.09
C28 POV F . 16.69 -46.70 -8.35
C29 POV F . 16.72 -45.21 -8.25
C31 POV F . 12.42 -42.31 -9.10
O31 POV F . 11.68 -41.99 -8.02
C32 POV F . 11.68 -42.86 -10.30
O32 POV F . 13.62 -42.18 -9.13
C33 POV F . 11.76 -44.38 -10.42
C34 POV F . 11.23 -44.89 -11.76
C35 POV F . 12.31 -45.47 -12.69
C36 POV F . 13.18 -44.43 -13.40
C37 POV F . 13.96 -45.01 -14.58
C38 POV F . 14.52 -43.96 -15.55
C39 POV F . 15.69 -43.17 -14.99
H29 POV F . 17.11 -44.87 -7.42
H1 POV F . 8.04 -42.62 -6.85
H1A POV F . 8.54 -43.42 -5.56
H2 POV F . 10.32 -41.41 -6.04
H3 POV F . 9.99 -43.12 -8.24
H3A POV F . 9.77 -41.53 -8.32
H310 POV F . 16.78 -42.93 -16.71
H31A POV F . 17.19 -41.89 -15.62
H210 POV F . 16.40 -43.37 -8.90
H11 POV F . 10.54 -40.19 -2.04
H11A POV F . 9.14 -39.58 -2.14
H211 POV F . 15.10 -45.34 -10.38
H21A POV F . 15.11 -43.82 -10.74
H311 POV F . 14.84 -41.72 -17.21
H31B POV F . 15.13 -40.74 -16.01
H12 POV F . 10.93 -39.49 -4.38
H12A POV F . 11.25 -38.50 -3.19
H22 POV F . 12.66 -44.75 -5.76
H212 POV F . 16.58 -44.18 -12.29
H22A POV F . 12.92 -44.56 -4.22
H21B POV F . 17.62 -44.64 -11.20
H32 POV F . 10.76 -42.54 -10.42
H312 POV F . 16.98 -39.85 -17.09
H32A POV F . 12.18 -42.51 -11.07
H31C POV F . 16.86 -40.90 -18.24
H13 POV F . 10.01 -36.02 -5.01
H13A POV F . 10.68 -36.32 -3.59
H13B POV F . 11.34 -36.91 -4.92
H23 POV F . 12.06 -46.54 -3.74
H213 POV F . 16.94 -46.86 -11.41
H23A POV F . 10.84 -46.31 -4.71
H21C POV F . 15.78 -46.45 -12.38
H33 POV F . 12.69 -44.67 -10.30
H313 POV F . 15.22 -39.85 -19.28
H33A POV F . 11.24 -44.79 -9.69
H31D POV F . 14.61 -39.27 -17.95
H14 POV F . 8.73 -37.68 -6.15
H14A POV F . 10.09 -38.52 -6.25
H14B POV F . 8.77 -39.21 -5.64
H24 POV F . 12.12 -48.12 -5.50
H214 POV F . 17.56 -45.64 -13.89
H24A POV F . 12.14 -46.96 -6.56
H21D POV F . 18.53 -46.47 -12.98
H34 POV F . 10.56 -45.57 -11.60
H314 POV F . 15.60 -37.37 -18.22
H34A POV F . 10.78 -44.15 -12.22
H31E POV F . 17.01 -38.02 -18.43
H15 POV F . 7.92 -36.85 -4.15
H15A POV F . 7.82 -38.29 -3.54
H15B POV F . 8.64 -37.18 -2.73
H25 POV F . 14.35 -46.49 -5.16
H215 POV F . 17.54 -48.47 -13.58
H25A POV F . 14.27 -48.05 -5.19
H21E POV F . 16.37 -47.72 -14.30
H35 POV F . 12.88 -46.08 -12.18
H315 POV F . 15.17 -37.88 -20.59
H35A POV F . 11.87 -46.03 -13.36
H31F POV F . 16.12 -36.68 -20.28
H26 POV F . 14.19 -48.00 -7.55
H216 POV F . 19.02 -47.54 -15.26
H26A POV F . 14.27 -46.43 -7.53
H21F POV F . 18.06 -48.67 -15.76
H36 POV F . 12.61 -43.69 -13.70
H316 POV F . 17.08 -38.01 -21.95
H36A POV F . 13.81 -44.06 -12.75
H31G POV F . 18.02 -38.04 -20.67
H31H POV F . 17.06 -39.27 -20.99
H27 POV F . 16.44 -46.87 -6.31
H217 POV F . 16.75 -47.24 -16.91
H27A POV F . 16.35 -48.26 -7.03
H21G POV F . 17.26 -45.98 -16.12
H37 POV F . 14.69 -45.56 -14.25
H37A POV F . 13.36 -45.61 -15.09
H28 POV F . 17.58 -47.08 -8.51
H218 POV F . 18.17 -45.96 -18.29
H28A POV F . 16.15 -46.96 -9.13
H21H POV F . 19.36 -46.12 -17.24
H21J POV F . 18.83 -47.38 -18.03
H38 POV F . 14.80 -44.41 -16.37
H38A POV F . 13.80 -43.35 -15.80
H39 POV F . 16.33 -43.79 -14.58
H39A POV F . 15.38 -42.58 -14.27
C1 I8E G . -3.74 -31.47 0.87
C10 I8E G . -6.55 -37.31 5.19
C11 I8E G . -6.86 -37.16 6.66
C12 I8E G . -6.06 -36.06 7.38
C13 I8E G . -5.42 -35.06 6.41
C14 I8E G . -4.66 -33.89 7.05
C16 I8E G . -3.68 -33.54 4.83
C17 I8E G . -3.01 -32.63 4.02
C18 I8E G . -3.41 -34.34 7.80
C19 I8E G . -5.55 -33.04 7.94
C2 I8E G . -2.44 -30.98 1.47
C20 I8E G . -7.48 -38.18 4.41
C3 I8E G . -1.58 -32.10 2.02
C4 I8E G . -2.30 -33.08 2.92
C5 I8E G . -2.29 -34.43 2.63
C6 I8E G . -2.96 -35.34 3.43
C7 I8E G . -3.69 -34.91 4.55
C8 I8E G . -4.54 -35.84 5.40
C9 I8E G . -5.51 -36.70 4.64
O15 I8E G . -4.25 -33.00 5.96
O21 I8E G . -2.79 -36.64 3.13
H1A I8E G . -4.14 -30.75 0.35
H1C I8E G . -4.39 -31.74 1.56
H1B I8E G . -3.61 -32.23 0.27
H11B I8E G . -6.65 -38.01 7.09
H11A I8E G . -7.81 -36.99 6.78
H12A I8E G . -6.68 -35.61 7.99
H12B I8E G . -5.38 -36.48 7.92
H13 I8E G . -6.14 -34.63 5.90
H17 I8E G . -3.05 -31.67 4.25
H18C I8E G . -2.65 -34.51 7.22
H18B I8E G . -3.58 -35.13 8.34
H18A I8E G . -3.13 -33.62 8.40
H19A I8E G . -5.08 -32.26 8.28
H19C I8E G . -5.85 -33.56 8.71
H19B I8E G . -6.35 -32.76 7.46
H2B I8E G . -2.63 -30.32 2.16
H2A I8E G . -1.94 -30.51 0.77
H20C I8E G . -7.11 -39.08 4.30
H20B I8E G . -7.64 -37.80 3.52
H20A I8E G . -8.35 -38.27 4.85
H3B I8E G . -0.84 -31.71 2.53
H3A I8E G . -1.17 -32.59 1.29
H5 I8E G . -1.80 -34.75 1.84
H8 I8E G . -3.92 -36.44 5.87
H9 I8E G . -5.36 -36.82 3.68
H21 I8E G . -3.20 -37.16 3.66
N POV H . -25.21 -46.30 -12.09
P POV H . -20.82 -47.66 -10.19
C1 POV H . -18.20 -47.33 -10.29
C2 POV H . -17.34 -46.79 -11.40
C3 POV H . -15.94 -47.33 -11.32
C210 POV H . -16.80 -36.84 -12.57
C310 POV H . -7.67 -38.35 -9.98
C11 POV H . -23.17 -46.49 -10.51
O11 POV H . -19.52 -46.75 -10.39
C211 POV H . -16.62 -35.37 -12.43
C311 POV H . -7.38 -36.86 -10.12
C12 POV H . -24.15 -47.16 -11.44
O12 POV H . -21.82 -46.73 -11.00
C212 POV H . -16.37 -34.66 -13.76
C312 POV H . -5.96 -36.59 -10.55
C13 POV H . -24.60 -45.18 -12.88
O13 POV H . -21.17 -47.73 -8.75
C213 POV H . -14.94 -34.19 -13.95
C313 POV H . -5.33 -35.38 -9.90
C14 POV H . -26.02 -47.15 -13.01
O14 POV H . -20.64 -48.91 -10.94
C214 POV H . -13.93 -35.30 -14.15
C314 POV H . -3.89 -35.17 -10.34
C15 POV H . -26.12 -45.72 -11.04
C215 POV H . -12.49 -34.85 -13.95
C315 POV H . -3.13 -34.15 -9.51
C216 POV H . -11.47 -35.99 -14.02
C316 POV H . -1.95 -33.57 -10.26
C217 POV H . -10.32 -35.87 -13.03
C218 POV H . -9.61 -34.52 -13.06
C21 POV H . -17.62 -44.49 -12.24
O21 POV H . -17.24 -45.33 -11.27
C22 POV H . -19.02 -44.73 -12.77
O22 POV H . -16.91 -43.61 -12.65
C23 POV H . -20.09 -44.03 -11.95
C24 POV H . -20.57 -42.73 -12.58
C25 POV H . -19.55 -41.61 -12.59
C26 POV H . -19.18 -41.09 -11.21
C27 POV H . -18.93 -39.59 -11.13
C28 POV H . -17.95 -39.04 -12.17
C29 POV H . -17.75 -37.56 -12.03
C31 POV H . -14.92 -46.11 -9.53
O31 POV H . -15.09 -46.26 -10.85
C32 POV H . -14.04 -44.95 -9.22
O32 POV H . -15.41 -46.85 -8.71
C33 POV H . -12.73 -45.33 -8.56
C34 POV H . -11.55 -44.53 -9.09
C35 POV H . -11.58 -43.05 -8.75
C36 POV H . -10.79 -42.21 -9.74
C37 POV H . -10.56 -40.77 -9.33
C38 POV H . -9.42 -40.14 -10.09
C39 POV H . -9.12 -38.70 -9.72
H29 POV H . -18.42 -37.11 -11.46
H1 POV H . -18.29 -48.31 -10.35
H1A POV H . -17.80 -47.11 -9.43
H2 POV H . -17.67 -47.08 -12.27
H3 POV H . -15.91 -48.11 -10.73
H3A POV H . -15.63 -47.58 -12.21
H310 POV H . -7.34 -38.81 -10.77
H31A POV H . -7.12 -38.67 -9.23
H210 POV H . -16.15 -37.30 -13.13
H11 POV H . -23.31 -45.51 -10.51
H11A POV H . -23.30 -46.77 -9.59
H211 POV H . -17.44 -35.01 -12.03
H21A POV H . -15.90 -35.15 -11.80
H311 POV H . -8.00 -36.48 -10.79
H31B POV H . -7.57 -36.42 -9.27
H12 POV H . -24.62 -47.87 -10.95
H12A POV H . -23.65 -47.58 -12.18
H22 POV H . -19.02 -44.34 -13.67
H212 POV H . -16.60 -35.26 -14.49
H22A POV H . -19.26 -45.68 -12.87
H21B POV H . -16.97 -33.89 -13.83
H32 POV H . -13.86 -44.48 -10.07
H312 POV H . -5.41 -37.39 -10.35
H32A POV H . -14.54 -44.35 -8.64
H31C POV H . -5.93 -36.48 -11.53
H13 POV H . -25.24 -44.92 -13.57
H13A POV H . -24.42 -44.43 -12.28
H13B POV H . -23.77 -45.48 -13.29
H23 POV H . -20.86 -44.63 -11.85
H213 POV H . -14.90 -33.58 -14.72
H23A POV H . -19.76 -43.86 -11.04
H21C POV H . -14.67 -33.65 -13.16
H33 POV H . -12.80 -45.21 -7.60
H313 POV H . -5.85 -34.59 -10.13
H33A POV H . -12.56 -46.29 -8.70
H31D POV H . -5.35 -35.49 -8.92
H14 POV H . -26.79 -46.65 -13.32
H14A POV H . -25.46 -47.40 -13.78
H14B POV H . -26.31 -47.95 -12.53
H24 POV H . -20.86 -42.91 -13.50
H214 POV H . -14.13 -36.03 -13.53
H24A POV H . -21.37 -42.43 -12.09
H21D POV H . -14.02 -35.65 -15.06
H34 POV H . -10.72 -44.92 -8.74
H314 POV H . -3.42 -36.02 -10.28
H34A POV H . -11.51 -44.63 -10.06
H31E POV H . -3.87 -34.90 -11.28
H15 POV H . -26.86 -45.24 -11.47
H15A POV H . -26.49 -46.46 -10.52
H15B POV H . -25.61 -45.13 -10.45
H25 POV H . -18.74 -41.92 -13.03
H215 POV H . -12.26 -34.19 -14.63
H25A POV H . -19.89 -40.87 -13.13
H21E POV H . -12.42 -34.40 -13.09
H35 POV H . -12.50 -42.72 -8.73
H315 POV H . -3.73 -33.42 -9.23
H35A POV H . -11.21 -42.92 -7.86
H31F POV H . -2.81 -34.56 -8.69
H26 POV H . -19.89 -41.33 -10.58
H216 POV H . -11.93 -36.84 -13.86
H26A POV H . -18.38 -41.56 -10.90
H21F POV H . -11.11 -36.03 -14.92
H36 POV H . -9.93 -42.64 -9.90
H316 POV H . -1.51 -32.89 -9.72
H36A POV H . -11.26 -42.23 -10.60
H31G POV H . -1.29 -34.27 -10.46
H31H POV H . -2.23 -33.17 -11.10
H27 POV H . -19.79 -39.12 -11.22
H217 POV H . -10.65 -36.03 -12.12
H27A POV H . -18.61 -39.37 -10.24
H21G POV H . -9.66 -36.58 -13.21
H37 POV H . -11.38 -40.26 -9.48
H37A POV H . -10.37 -40.73 -8.37
H28 POV H . -17.10 -39.53 -12.10
H218 POV H . -8.80 -34.55 -12.51
H28A POV H . -18.28 -39.20 -13.07
H21H POV H . -9.35 -34.28 -13.97
H21J POV H . -10.19 -33.81 -12.71
H38 POV H . -8.61 -40.68 -9.96
H38A POV H . -9.61 -40.19 -11.05
H39 POV H . -9.33 -38.55 -8.78
H39A POV H . -9.69 -38.11 -10.25
NA NA I . -28.88 -25.18 3.88
NA NA J . -24.50 -21.36 3.30
NA NA K . -12.79 -11.15 1.72
N POV L . -29.98 -41.81 -13.31
P POV L . -26.14 -41.73 -11.96
C1 POV L . -25.48 -40.04 -10.01
C2 POV L . -24.80 -38.71 -10.20
C3 POV L . -24.73 -38.32 -11.65
C210 POV L . -17.41 -29.12 -8.78
C310 POV L . -19.26 -30.62 -15.55
C11 POV L . -28.48 -40.47 -11.67
O11 POV L . -25.08 -40.92 -11.08
C211 POV L . -18.63 -28.29 -9.01
C311 POV L . -18.20 -29.59 -15.23
C12 POV L . -29.65 -40.48 -12.63
O12 POV L . -27.19 -40.59 -12.35
C212 POV L . -18.65 -27.02 -8.17
C312 POV L . -18.43 -28.29 -15.98
C13 POV L . -29.97 -42.94 -12.34
O13 POV L . -25.47 -42.18 -13.20
C213 POV L . -18.52 -27.27 -6.67
C313 POV L . -17.23 -27.36 -16.01
C14 POV L . -29.01 -42.11 -14.41
O14 POV L . -26.78 -42.74 -11.09
C214 POV L . -19.00 -26.12 -5.82
C314 POV L . -17.55 -26.01 -16.64
C15 POV L . -31.36 -41.70 -13.90
C215 POV L . -18.02 -24.96 -5.77
C315 POV L . -17.25 -24.81 -15.76
C216 POV L . -18.58 -23.71 -5.13
C316 POV L . -15.78 -24.47 -15.70
C217 POV L . -19.17 -23.89 -3.73
C218 POV L . -18.17 -24.43 -2.73
C21 POV L . -22.62 -37.81 -9.39
O21 POV L . -23.43 -38.86 -9.66
C22 POV L . -23.33 -36.49 -9.28
O22 POV L . -21.42 -37.91 -9.28
C23 POV L . -22.49 -35.38 -8.67
C24 POV L . -21.39 -34.88 -9.59
C25 POV L . -20.71 -33.63 -9.05
C26 POV L . -19.23 -33.58 -9.32
C27 POV L . -18.54 -32.37 -8.75
C28 POV L . -18.17 -31.31 -9.77
C29 POV L . -17.20 -30.35 -9.17
C31 POV L . -23.09 -38.25 -13.36
O31 POV L . -23.43 -38.70 -12.15
C32 POV L . -21.72 -38.72 -13.73
O32 POV L . -23.80 -37.56 -14.04
C33 POV L . -20.83 -37.62 -14.32
C34 POV L . -21.18 -37.33 -15.77
C35 POV L . -20.17 -36.44 -16.48
C36 POV L . -20.45 -34.94 -16.39
C37 POV L . -19.84 -34.26 -15.17
C38 POV L . -20.34 -32.84 -14.98
C39 POV L . -19.29 -31.81 -14.60
H29 POV L . -16.29 -30.71 -9.06
H1 POV L . -25.23 -40.44 -9.16
H1A POV L . -26.44 -39.90 -10.01
H2 POV L . -25.38 -38.08 -9.72
H3 POV L . -25.45 -38.75 -12.16
H3A POV L . -24.81 -37.36 -11.73
H310 POV L . -20.14 -30.19 -15.54
H31A POV L . -19.12 -30.96 -16.45
H210 POV L . -16.71 -28.68 -8.26
H11 POV L . -28.47 -39.59 -11.26
H11A POV L . -28.58 -41.09 -10.93
H211 POV L . -18.63 -28.04 -9.96
H21A POV L . -19.45 -28.80 -8.87
H311 POV L . -18.18 -29.42 -14.27
H31B POV L . -17.32 -29.94 -15.48
H12 POV L . -29.50 -39.85 -13.36
H12A POV L . -30.46 -40.21 -12.15
H22 POV L . -23.64 -36.21 -10.15
H212 POV L . -17.92 -26.43 -8.45
H22A POV L . -24.10 -36.59 -8.67
H21B POV L . -19.48 -26.54 -8.34
H32 POV L . -21.30 -39.08 -12.92
H312 POV L . -18.71 -28.48 -16.89
H32A POV L . -21.82 -39.44 -14.38
H31C POV L . -19.18 -27.82 -15.54
H13 POV L . -30.50 -43.68 -12.72
H13A POV L . -29.04 -43.23 -12.19
H13B POV L . -30.37 -42.66 -11.49
H23 POV L . -23.07 -34.63 -8.43
H213 POV L . -19.01 -28.08 -6.42
H23A POV L . -22.09 -35.70 -7.83
H21C POV L . -17.58 -27.45 -6.47
H33 POV L . -20.93 -36.82 -13.79
H313 POV L . -16.90 -27.22 -15.10
H33A POV L . -19.89 -37.89 -14.25
H31D POV L . -16.51 -27.79 -16.51
H14 POV L . -29.25 -42.96 -14.82
H14A POV L . -29.07 -41.39 -15.07
H14B POV L . -28.10 -42.15 -14.04
H24 POV L . -20.72 -35.58 -9.72
H214 POV L . -19.86 -25.80 -6.16
H24A POV L . -21.77 -34.68 -10.46
H21D POV L . -19.16 -26.44 -4.91
H34 POV L . -21.23 -38.18 -16.26
H314 POV L . -17.03 -25.92 -17.48
H34A POV L . -22.06 -36.92 -15.81
H31E POV L . -18.48 -25.99 -16.90
H15 POV L . -31.54 -42.47 -14.47
H15A POV L . -32.00 -41.70 -13.16
H15B POV L . -31.41 -40.86 -14.39
H25 POV L . -21.13 -32.84 -9.43
H215 POV L . -17.21 -25.24 -5.28
H25A POV L . -20.86 -33.59 -8.08
H21E POV L . -17.73 -24.75 -6.68
H35 POV L . -19.27 -36.62 -16.13
H315 POV L . -17.75 -24.04 -16.06
H35A POV L . -20.14 -36.70 -17.43
H31F POV L . -17.55 -25.00 -14.84
H26 POV L . -18.82 -34.39 -8.94
H216 POV L . -17.86 -23.04 -5.08
H26A POV L . -19.08 -33.63 -10.29
H21F POV L . -19.27 -23.33 -5.72
H36 POV L . -20.10 -34.51 -17.19
H316 POV L . -15.63 -23.70 -15.12
H36A POV L . -21.42 -34.79 -16.38
H31G POV L . -15.24 -25.22 -15.36
H31H POV L . -15.45 -24.24 -16.60
H27 POV L . -19.13 -31.96 -8.08
H217 POV L . -19.50 -23.03 -3.40
H27A POV L . -17.74 -32.66 -8.28
H21G POV L . -19.94 -24.50 -3.77
H37 POV L . -20.05 -34.78 -14.38
H37A POV L . -18.86 -34.28 -15.27
H28 POV L . -17.80 -31.73 -10.57
H218 POV L . -18.58 -24.50 -1.83
H28A POV L . -18.96 -30.82 -10.06
H21H POV L . -17.85 -25.33 -2.98
H21J POV L . -17.39 -23.84 -2.65
H38 POV L . -20.78 -32.55 -15.81
H38A POV L . -21.04 -32.85 -14.29
H39 POV L . -18.40 -32.21 -14.57
H39A POV L . -19.48 -31.49 -13.69
N POV M . -19.48 -8.90 -33.01
P POV M . -22.18 -11.72 -34.33
C1 POV M . -23.81 -9.93 -35.45
C2 POV M . -23.03 -8.93 -36.29
C3 POV M . -23.75 -7.63 -36.46
C210 POV M . -22.29 -5.14 -42.30
C310 POV M . -25.05 1.38 -41.10
C11 POV M . -19.61 -11.04 -34.55
O11 POV M . -23.02 -10.36 -34.32
C211 POV M . -23.57 -4.40 -42.03
C311 POV M . -25.29 2.05 -39.76
C12 POV M . -19.22 -9.58 -34.38
O12 POV M . -20.92 -11.14 -35.14
C212 POV M . -23.76 -3.22 -42.98
C312 POV M . -24.85 3.49 -39.70
C13 POV M . -18.36 -7.94 -32.80
O13 POV M . -21.78 -12.10 -32.95
C213 POV M . -24.94 -3.37 -43.92
C313 POV M . -25.25 4.21 -38.42
C14 POV M . -20.77 -8.13 -33.07
O14 POV M . -22.88 -12.71 -35.17
C214 POV M . -25.22 -2.13 -44.74
C314 POV M . -24.28 5.28 -37.94
C15 POV M . -19.54 -9.82 -31.83
C215 POV M . -26.59 -2.12 -45.39
C315 POV M . -24.91 6.64 -37.65
C216 POV M . -26.97 -0.78 -46.01
C316 POV M . -25.14 7.45 -38.90
C217 POV M . -27.35 0.29 -45.00
C218 POV M . -27.24 1.69 -45.55
C21 POV M . -22.45 -10.42 -38.15
O21 POV M . -22.95 -9.26 -37.71
C22 POV M . -22.41 -10.41 -39.64
O22 POV M . -22.12 -11.33 -37.43
C23 POV M . -23.38 -11.37 -40.32
C24 POV M . -24.17 -10.71 -41.44
C25 POV M . -23.32 -10.13 -42.57
C26 POV M . -23.81 -8.76 -43.01
C27 POV M . -23.02 -8.17 -44.17
C28 POV M . -23.04 -6.64 -44.21
C29 POV M . -22.07 -6.08 -43.21
C31 POV M . -23.28 -5.82 -38.10
O31 POV M . -22.88 -6.86 -37.33
C32 POV M . -24.72 -5.37 -37.94
O32 POV M . -22.54 -5.29 -38.88
C33 POV M . -25.64 -5.89 -39.04
C34 POV M . -27.01 -5.22 -39.02
C35 POV M . -27.28 -4.29 -40.21
C36 POV M . -26.59 -2.94 -40.15
C37 POV M . -27.18 -1.91 -41.11
C38 POV M . -26.80 -0.46 -40.82
C39 POV M . -25.35 -0.11 -41.12
H29 POV M . -21.18 -6.47 -43.26
H1 POV M . -24.62 -9.51 -35.10
H1A POV M . -24.07 -10.70 -35.99
H2 POV M . -22.15 -8.75 -35.91
H3 POV M . -24.62 -7.82 -36.87
H3A POV M . -23.86 -7.16 -35.62
H310 POV M . -25.60 1.83 -41.77
H31A POV M . -24.11 1.53 -41.35
H210 POV M . -21.55 -4.90 -41.72
H11 POV M . -19.00 -11.42 -35.21
H11A POV M . -19.48 -11.61 -33.76
H211 POV M . -24.31 -5.03 -42.14
H21A POV M . -23.61 -4.09 -41.11
H311 POV M . -26.25 2.00 -39.53
H31B POV M . -24.83 1.54 -39.06
H12 POV M . -19.72 -9.06 -35.03
H12A POV M . -18.27 -9.48 -34.58
H22 POV M . -22.66 -9.50 -39.91
H212 POV M . -23.88 -2.40 -42.44
H22A POV M . -21.50 -10.56 -39.95
H21B POV M . -22.95 -3.09 -43.49
H32 POV M . -25.10 -5.49 -37.07
H312 POV M . -23.88 3.52 -39.81
H32A POV M . -24.67 -4.40 -38.07
H31C POV M . -25.24 3.97 -40.47
H13 POV M . -18.56 -7.42 -31.99
H13A POV M . -17.53 -8.44 -32.67
H13B POV M . -18.27 -7.34 -33.57
H23 POV M . -22.88 -12.14 -40.67
H213 POV M . -24.76 -4.12 -44.53
H23A POV M . -23.99 -11.73 -39.64
H21C POV M . -25.73 -3.61 -43.41
H33 POV M . -25.21 -5.75 -39.92
H313 POV M . -26.13 4.63 -38.55
H33A POV M . -25.74 -6.86 -38.95
H31D POV M . -25.36 3.54 -37.71
H14 POV M . -20.91 -7.70 -32.21
H14A POV M . -20.70 -7.44 -33.77
H14B POV M . -21.49 -8.74 -33.28
H24 POV M . -24.79 -11.36 -41.81
H214 POV M . -25.12 -1.34 -44.17
H24A POV M . -24.71 -9.99 -41.05
H21D POV M . -24.54 -2.05 -45.44
H34 POV M . -27.70 -5.91 -38.99
H314 POV M . -23.84 4.96 -37.12
H34A POV M . -27.08 -4.70 -38.19
H31E POV M . -23.56 5.41 -38.60
H15 POV M . -19.72 -9.29 -31.03
H15A POV M . -20.29 -10.44 -31.94
H15B POV M . -18.70 -10.31 -31.77
H25 POV M . -22.39 -10.07 -42.32
H215 POV M . -26.62 -2.81 -46.09
H25A POV M . -23.37 -10.75 -43.33
H21E POV M . -27.27 -2.36 -44.73
H35 POV M . -27.02 -4.74 -41.04
H315 POV M . -25.76 6.51 -37.19
H35A POV M . -28.25 -4.16 -40.28
H31F POV M . -24.32 7.15 -37.06
H26 POV M . -24.74 -8.83 -43.28
H216 POV M . -26.21 -0.46 -46.55
H26A POV M . -23.76 -8.15 -42.25
H21F POV M . -27.71 -0.92 -46.63
H36 POV M . -26.64 -2.59 -39.23
H316 POV M . -25.54 8.31 -38.67
H36A POV M . -25.63 -3.06 -40.35
H31G POV M . -24.30 7.62 -39.37
H31H POV M . -25.75 6.98 -39.51
H27 POV M . -22.10 -8.49 -44.12
H217 POV M . -28.27 0.14 -44.70
H27A POV M . -23.39 -8.52 -45.02
H21G POV M . -26.78 0.22 -44.20
H37 POV M . -26.90 -2.12 -42.02
H37A POV M . -28.15 -1.98 -41.10
H28 POV M . -22.84 -6.33 -45.11
H218 POV M . -27.51 2.36 -44.88
H28A POV M . -23.94 -6.33 -44.01
H21H POV M . -26.34 1.89 -45.83
H21J POV M . -27.84 1.80 -46.32
H38 POV M . -27.38 0.14 -41.34
H38A POV M . -26.98 -0.26 -39.88
H39 POV M . -25.12 -0.46 -42.00
H39A POV M . -24.77 -0.57 -40.48
C1 I8E N . -20.20 -15.63 -18.80
C10 I8E N . -22.72 -22.75 -20.71
C11 I8E N . -21.96 -23.99 -20.37
C12 I8E N . -20.46 -23.80 -20.18
C13 I8E N . -20.06 -22.33 -19.98
C14 I8E N . -18.58 -22.06 -19.73
C16 I8E N . -19.09 -19.71 -20.21
C17 I8E N . -18.65 -18.41 -20.09
C18 I8E N . -17.70 -22.38 -20.93
C19 I8E N . -18.06 -22.78 -18.49
C2 I8E N . -18.83 -15.40 -19.41
C20 I8E N . -24.22 -22.85 -20.62
C3 I8E N . -18.68 -16.00 -20.80
C4 I8E N . -19.16 -17.43 -20.93
C5 I8E N . -20.11 -17.76 -21.87
C6 I8E N . -20.55 -19.07 -21.99
C7 I8E N . -20.07 -20.08 -21.15
C8 I8E N . -20.61 -21.50 -21.16
C9 I8E N . -22.10 -21.63 -21.06
O15 I8E N . -18.44 -20.63 -19.43
O21 I8E N . -21.42 -19.31 -23.02
H1A I8E N . -20.30 -15.05 -18.01
H1C I8E N . -20.32 -16.55 -18.50
H1B I8E N . -20.91 -15.41 -19.43
H11B I8E N . -22.11 -24.63 -21.09
H11A I8E N . -22.32 -24.40 -19.55
H12A I8E N . -20.18 -24.36 -19.43
H12B I8E N . -20.00 -24.16 -20.97
H13 I8E N . -20.51 -22.02 -19.17
H17 I8E N . -17.98 -18.20 -19.41
H18C I8E N . -17.70 -21.68 -21.62
H18B I8E N . -17.95 -23.22 -21.35
H18A I8E N . -16.77 -22.45 -20.64
H19A I8E N . -17.13 -22.53 -18.28
H19C I8E N . -18.08 -23.75 -18.61
H19B I8E N . -18.62 -22.58 -17.72
H2B I8E N . -18.14 -15.76 -18.81
H2A I8E N . -18.68 -14.43 -19.46
H20C I8E N . -24.60 -22.99 -21.51
H20B I8E N . -24.60 -22.02 -20.26
H20A I8E N . -24.51 -23.58 -20.06
H3B I8E N . -17.74 -15.95 -21.07
H3A I8E N . -19.17 -15.44 -21.44
H5 I8E N . -20.48 -17.06 -22.45
H8 I8E N . -20.33 -21.90 -22.01
H9 I8E N . -22.64 -20.84 -21.25
H21 I8E N . -21.64 -20.12 -23.06
N POV O . -48.54 -19.75 -13.37
P POV O . -45.77 -20.18 -17.49
C1 POV O . -44.18 -18.94 -19.18
C2 POV O . -44.01 -17.47 -19.45
C3 POV O . -43.49 -17.23 -20.85
C210 POV O . -38.51 -12.03 -13.05
C310 POV O . -32.75 -11.25 -20.75
C11 POV O . -46.59 -20.32 -14.97
O11 POV O . -44.63 -19.11 -17.82
C211 POV O . -37.44 -11.45 -12.16
C311 POV O . -31.80 -10.39 -19.94
C12 POV O . -48.09 -20.23 -14.74
O12 POV O . -46.26 -19.51 -16.12
C212 POV O . -37.66 -9.97 -11.88
C312 POV O . -31.09 -9.35 -20.79
C13 POV O . -47.99 -18.39 -13.05
O13 POV O . -45.17 -21.51 -17.25
C213 POV O . -36.68 -9.05 -12.60
C313 POV O . -29.64 -9.12 -20.41
C14 POV O . -50.03 -19.68 -13.38
O14 POV O . -46.86 -20.04 -18.49
C214 POV O . -36.89 -8.97 -14.10
C314 POV O . -28.96 -8.11 -21.30
C15 POV O . -48.11 -20.72 -12.30
C215 POV O . -35.70 -8.38 -14.84
C315 POV O . -27.45 -8.04 -21.16
C216 POV O . -35.84 -8.41 -16.36
C316 POV O . -26.88 -6.72 -21.63
C217 POV O . -34.55 -8.72 -17.12
C218 POV O . -33.37 -7.85 -16.71
C21 POV O . -43.29 -15.91 -17.69
O21 POV O . -43.01 -16.91 -18.55
C22 POV O . -44.52 -16.12 -16.84
O22 POV O . -42.63 -14.91 -17.60
C23 POV O . -44.24 -16.91 -15.57
C24 POV O . -44.10 -16.03 -14.33
C25 POV O . -42.88 -15.14 -14.31
C26 POV O . -41.56 -15.90 -14.21
C27 POV O . -40.49 -15.22 -13.36
C28 POV O . -40.21 -13.76 -13.71
C29 POV O . -39.15 -13.17 -12.84
C31 POV O . -41.17 -17.76 -20.74
O31 POV O . -42.12 -16.82 -20.73
C32 POV O . -39.81 -17.16 -20.59
O32 POV O . -41.40 -18.93 -20.86
C33 POV O . -38.91 -17.35 -21.80
C34 POV O . -38.08 -16.12 -22.11
C35 POV O . -37.03 -15.77 -21.08
C36 POV O . -36.66 -14.31 -21.09
C37 POV O . -35.44 -13.95 -20.29
C38 POV O . -34.85 -12.60 -20.69
C39 POV O . -33.62 -12.17 -19.93
H29 POV O . -38.93 -13.68 -12.04
H1 POV O . -44.84 -19.33 -19.78
H1A POV O . -43.32 -19.39 -19.31
H2 POV O . -44.87 -17.00 -19.42
H3 POV O . -43.60 -18.03 -21.40
H3A POV O . -43.99 -16.49 -21.26
H310 POV O . -33.31 -10.67 -21.30
H31A POV O . -32.20 -11.78 -21.36
H210 POV O . -38.73 -11.52 -13.85
H11 POV O . -46.09 -19.97 -14.21
H11A POV O . -46.32 -21.25 -15.07
H211 POV O . -37.46 -11.95 -11.32
H21A POV O . -36.56 -11.59 -12.55
H311 POV O . -32.30 -9.93 -19.22
H31B POV O . -31.14 -10.96 -19.48
H12 POV O . -48.49 -21.12 -14.87
H12A POV O . -48.48 -19.61 -15.39
H22 POV O . -44.82 -15.23 -16.58
H212 POV O . -38.57 -9.71 -12.13
H22A POV O . -45.27 -16.54 -17.30
H21B POV O . -37.58 -9.82 -10.91
H32 POV O . -39.92 -16.20 -20.41
H312 POV O . -31.12 -9.63 -21.72
H32A POV O . -39.39 -17.58 -19.80
H31C POV O . -31.58 -8.51 -20.74
H13 POV O . -48.60 -17.97 -12.41
H13A POV O . -47.10 -18.48 -12.67
H13B POV O . -47.94 -17.86 -13.87
H23 POV O . -44.95 -17.55 -15.42
H213 POV O . -36.74 -8.15 -12.22
H23A POV O . -43.42 -17.44 -15.69
H21C POV O . -35.77 -9.36 -12.42
H33 POV O . -38.32 -18.12 -21.65
H313 POV O . -29.59 -8.81 -19.49
H33A POV O . -39.47 -17.58 -22.57
H31D POV O . -29.14 -9.97 -20.46
H14 POV O . -50.35 -19.51 -12.46
H14A POV O . -50.31 -18.94 -13.96
H14B POV O . -50.40 -20.52 -13.71
H24 POV O . -44.90 -15.47 -14.26
H214 POV O . -37.08 -9.86 -14.45
H24A POV O . -44.10 -16.60 -13.54
H21D POV O . -37.68 -8.42 -14.28
H34 POV O . -37.65 -16.25 -22.97
H314 POV O . -29.16 -8.32 -22.24
H34A POV O . -38.69 -15.35 -22.22
H31E POV O . -29.34 -7.22 -21.15
H15 POV O . -48.49 -20.46 -11.44
H15A POV O . -48.46 -21.60 -12.54
H15B POV O . -47.13 -20.74 -12.28
H25 POV O . -42.87 -14.59 -15.12
H215 POV O . -35.58 -7.46 -14.56
H25A POV O . -42.95 -14.52 -13.56
H21E POV O . -34.89 -8.86 -14.57
H35 POV O . -37.34 -16.01 -20.18
H315 POV O . -27.19 -8.19 -20.22
H35A POV O . -36.23 -16.32 -21.24
H31F POV O . -27.04 -8.76 -21.67
H26 POV O . -41.74 -16.79 -13.84
H216 POV O . -36.51 -9.09 -16.61
H26A POV O . -41.20 -16.03 -15.12
H21F POV O . -36.19 -7.56 -16.66
H36 POV O . -36.52 -14.03 -22.03
H316 POV O . -25.92 -6.70 -21.49
H36A POV O . -37.43 -13.79 -20.76
H31G POV O . -27.05 -6.60 -22.58
H31H POV O . -27.28 -5.97 -21.14
H27 POV O . -40.74 -15.29 -12.41
H217 POV O . -34.29 -9.66 -16.97
H27A POV O . -39.66 -15.72 -13.45
H21G POV O . -34.69 -8.62 -18.08
H37 POV O . -35.67 -13.92 -19.33
H37A POV O . -34.76 -14.64 -20.39
H28 POV O . -39.98 -13.68 -14.66
H218 POV O . -32.61 -7.99 -17.31
H28A POV O . -41.02 -13.22 -13.58
H21H POV O . -33.62 -6.89 -16.74
H21J POV O . -33.08 -8.06 -15.80
H38 POV O . -34.63 -12.63 -21.64
H38A POV O . -35.54 -11.91 -20.59
H39 POV O . -33.10 -12.97 -19.67
H39A POV O . -33.89 -11.72 -19.11
N POV P . -49.28 -18.70 -6.83
P POV P . -46.30 -18.28 -9.57
C1 POV P . -43.80 -18.88 -8.88
C2 POV P . -42.74 -17.91 -8.47
C3 POV P . -43.31 -16.53 -8.28
C210 POV P . -32.09 -12.07 -7.28
C310 POV P . -37.93 -7.92 -7.04
C11 POV P . -46.70 -18.88 -7.00
O11 POV P . -44.72 -18.24 -9.79
C211 POV P . -32.42 -12.00 -5.83
C311 POV P . -36.54 -7.31 -7.10
C12 POV P . -47.93 -18.56 -6.16
O12 POV P . -46.44 -17.88 -8.02
C212 POV P . -31.19 -12.16 -4.94
C312 POV P . -36.33 -6.23 -6.05
C13 POV P . -49.39 -19.98 -7.60
O13 POV P . -46.90 -17.19 -10.39
C213 POV P . -30.41 -13.44 -5.21
C313 POV P . -35.12 -5.34 -6.28
C14 POV P . -49.55 -17.55 -7.75
O14 POV P . -46.76 -19.67 -9.77
C214 POV P . -29.49 -13.83 -4.06
C314 POV P . -34.87 -4.37 -5.14
C15 POV P . -50.33 -18.71 -5.75
C215 POV P . -28.23 -12.99 -3.98
C315 POV P . -33.49 -4.47 -4.54
C216 POV P . -27.43 -13.20 -2.70
C316 POV P . -32.43 -3.79 -5.36
C217 POV P . -27.07 -14.64 -2.39
C218 POV P . -26.24 -15.30 -3.47
C21 POV P . -40.52 -17.32 -9.44
O21 POV P . -41.76 -17.88 -9.56
C22 POV P . -40.07 -17.14 -8.02
O22 POV P . -39.84 -17.03 -10.38
C23 POV P . -38.59 -16.83 -7.87
C24 POV P . -38.20 -15.44 -8.34
C25 POV P . -36.77 -15.08 -7.98
C26 POV P . -36.08 -14.23 -9.01
C27 POV P . -34.63 -13.92 -8.67
C28 POV P . -34.39 -12.48 -8.24
C29 POV P . -32.93 -12.19 -8.29
C31 POV P . -43.32 -14.46 -9.43
O31 POV P . -43.09 -15.77 -9.49
C32 POV P . -43.04 -13.81 -10.76
O32 POV P . -43.71 -13.88 -8.45
C33 POV P . -42.24 -12.52 -10.65
C34 POV P . -43.09 -11.35 -10.22
C35 POV P . -42.41 -9.98 -10.35
C36 POV P . -41.62 -9.55 -9.12
C37 POV P . -40.18 -9.99 -9.10
C38 POV P . -39.51 -9.76 -7.75
C39 POV P . -38.09 -9.21 -7.80
H29 POV P . -32.57 -12.07 -9.19
H1 POV P . -43.40 -19.66 -9.32
H1A POV P . -44.26 -19.20 -8.07
H2 POV P . -42.42 -18.24 -7.62
H3 POV P . -44.26 -16.57 -8.05
H3A POV P . -42.84 -16.07 -7.55
H310 POV P . -38.17 -8.07 -6.10
H31A POV P . -38.57 -7.27 -7.39
H210 POV P . -31.14 -12.02 -7.50
H11 POV P . -45.93 -18.85 -6.40
H11A POV P . -46.70 -19.80 -7.33
H211 POV P . -32.82 -11.12 -5.67
H21A POV P . -33.11 -12.65 -5.58
H311 POV P . -35.87 -8.02 -6.98
H31B POV P . -36.40 -6.93 -7.98
H12 POV P . -47.88 -17.64 -5.84
H12A POV P . -47.95 -19.16 -5.39
H22 POV P . -40.58 -16.40 -7.62
H212 POV P . -30.60 -11.40 -5.07
H22A POV P . -40.21 -17.96 -7.51
H21B POV P . -31.47 -12.14 -4.00
H32 POV P . -42.55 -14.46 -11.30
H312 POV P . -37.13 -5.68 -5.98
H32A POV P . -43.90 -13.64 -11.20
H31C POV P . -36.23 -6.67 -5.17
H13 POV P . -50.34 -20.19 -7.73
H13A POV P . -48.95 -19.86 -8.48
H13B POV P . -48.95 -20.70 -7.12
H23 POV P . -38.34 -16.91 -6.93
H213 POV P . -31.01 -14.17 -5.40
H23A POV P . -38.06 -17.49 -8.34
H21C POV P . -29.86 -13.30 -6.00
H33 POV P . -41.51 -12.65 -10.01
H313 POV P . -34.34 -5.90 -6.41
H33A POV P . -41.82 -12.33 -11.52
H31D POV P . -35.26 -4.84 -7.10
H14 POV P . -50.43 -17.67 -8.16
H14A POV P . -49.55 -16.72 -7.23
H14B POV P . -48.86 -17.52 -8.44
H24 POV P . -38.30 -15.38 -9.31
H214 POV P . -29.98 -13.75 -3.22
H24A POV P . -38.80 -14.77 -7.96
H21D POV P . -29.25 -14.78 -4.16
H34 POV P . -43.89 -11.33 -10.77
H314 POV P . -35.02 -3.46 -5.47
H34A POV P . -43.38 -11.48 -9.30
H31E POV P . -35.54 -4.52 -4.44
H15 POV P . -51.22 -18.64 -6.14
H15A POV P . -50.27 -19.56 -5.27
H15B POV P . -50.15 -17.97 -5.15
H25 POV P . -36.77 -14.61 -7.13
H215 POV P . -27.67 -13.20 -4.75
H25A POV P . -36.27 -15.91 -7.84
H21E POV P . -28.47 -12.05 -4.06
H35 POV P . -41.81 -10.01 -11.12
H315 POV P . -33.49 -4.08 -3.64
H35A POV P . -43.10 -9.32 -10.55
H31F POV P . -33.25 -5.42 -4.42
H26 POV P . -36.10 -14.71 -9.87
H216 POV P . -26.62 -12.67 -2.77
H26A POV P . -36.59 -13.41 -9.15
H21F POV P . -27.94 -12.83 -1.95
H36 POV P . -41.65 -8.57 -9.08
H316 POV P . -31.55 -3.88 -4.93
H36A POV P . -42.08 -9.87 -8.32
H31G POV P . -32.37 -4.18 -6.26
H31H POV P . -32.62 -2.84 -5.46
H27 POV P . -34.36 -14.50 -7.94
H217 POV P . -26.56 -14.67 -1.55
H27A POV P . -34.07 -14.12 -9.43
H21G POV P . -27.88 -15.17 -2.24
H37 POV P . -40.13 -10.95 -9.30
H37A POV P . -39.70 -9.53 -9.82
H28 POV P . -34.90 -11.87 -8.81
H218 POV P . -25.99 -16.22 -3.21
H28A POV P . -34.72 -12.34 -7.33
H21H POV P . -26.73 -15.35 -4.31
H21J POV P . -25.41 -14.80 -3.62
H38 POV P . -40.06 -9.14 -7.23
H38A POV P . -39.51 -10.60 -7.24
H39 POV P . -37.80 -9.07 -8.73
H39A POV P . -37.48 -9.88 -7.42
N POV Q . -35.30 15.55 7.81
P POV Q . -39.25 14.36 7.84
C1 POV Q . -39.76 15.41 10.25
C2 POV Q . -39.22 16.82 10.35
C3 POV Q . -38.95 17.24 11.76
C210 POV Q . -40.04 23.64 12.34
C310 POV Q . -37.03 24.37 18.82
C11 POV Q . -37.53 15.82 6.43
O11 POV Q . -38.92 14.60 9.39
C211 POV Q . -40.16 23.24 13.77
C311 POV Q . -36.00 23.46 19.47
C12 POV Q . -36.36 16.47 7.14
O12 POV Q . -38.67 15.75 7.31
C212 POV Q . -40.11 24.43 14.72
C312 POV Q . -34.86 24.21 20.14
C13 POV Q . -33.98 16.23 7.65
O13 POV Q . -38.45 13.22 7.32
C213 POV Q . -41.41 24.69 15.47
C313 POV Q . -33.92 23.31 20.93
C14 POV Q . -35.60 15.43 9.28
O14 POV Q . -40.71 14.36 7.66
C214 POV Q . -41.31 25.77 16.52
C314 POV Q . -32.47 23.76 20.95
C15 POV Q . -35.20 14.16 7.25
C215 POV Q . -42.45 25.78 17.51
C315 POV Q . -31.85 23.87 22.35
C216 POV Q . -42.22 26.71 18.69
C316 POV Q . -32.22 25.14 23.06
C217 POV Q . -41.22 26.18 19.72
C218 POV Q . -40.66 27.27 20.60
C21 POV Q . -40.84 17.92 8.89
O21 POV Q . -40.20 17.87 10.05
C22 POV Q . -41.68 19.17 8.84
O22 POV Q . -40.77 17.09 8.04
C23 POV Q . -43.17 18.93 8.89
C24 POV Q . -43.88 19.82 9.91
C25 POV Q . -43.73 21.32 9.69
C26 POV Q . -43.44 22.08 10.96
C27 POV Q . -43.32 23.58 10.78
C28 POV Q . -42.45 24.26 11.84
C29 POV Q . -40.99 24.05 11.53
C31 POV Q . -38.57 19.53 12.64
O31 POV Q . -38.51 18.62 11.64
C32 POV Q . -39.01 19.04 13.99
O32 POV Q . -38.28 20.69 12.46
C33 POV Q . -40.47 19.36 14.30
C34 POV Q . -40.83 19.10 15.76
C35 POV Q . -41.13 20.35 16.58
C36 POV Q . -39.89 21.15 17.01
C37 POV Q . -40.18 22.14 18.13
C38 POV Q . -38.94 22.68 18.85
C39 POV Q . -38.10 23.63 18.02
H29 POV Q . -40.74 24.27 10.61
H1 POV Q . -39.76 14.98 11.13
H1A POV Q . -40.68 15.42 9.90
H2 POV Q . -38.40 16.93 9.83
H3 POV Q . -39.79 17.14 12.26
H3A POV Q . -38.24 16.72 12.17
H310 POV Q . -37.47 24.90 19.51
H31A POV Q . -36.56 25.00 18.24
H210 POV Q . -39.14 23.56 11.97
H11 POV Q . -37.80 16.45 5.71
H11A POV Q . -37.35 14.99 5.95
H211 POV Q . -41.00 22.76 13.89
H21A POV Q . -39.45 22.60 14.03
H311 POV Q . -36.44 22.89 20.13
H31B POV Q . -35.63 22.86 18.79
H12 POV Q . -36.70 17.03 7.86
H12A POV Q . -35.86 17.04 6.52
H22 POV Q . -41.43 19.68 9.65
H212 POV Q . -39.40 24.30 15.37
H22A POV Q . -41.44 19.71 8.07
H21B POV Q . -39.88 25.24 14.21
H32 POV Q . -38.80 18.11 14.21
H312 POV Q . -34.36 24.69 19.45
H32A POV Q . -38.49 19.58 14.62
H31C POV Q . -35.23 24.88 20.73
H13 POV Q . -33.32 15.71 8.17
H13A POV Q . -33.74 16.23 6.71
H13B POV Q . -34.03 17.14 7.99
H23 POV Q . -43.56 19.09 8.00
H213 POV Q . -42.11 24.93 14.82
H23A POV Q . -43.35 17.99 9.10
H21C POV Q . -41.70 23.84 15.89
H33 POV Q . -40.66 20.29 14.09
H313 POV Q . -34.25 23.25 21.86
H33A POV Q . -41.05 18.82 13.72
H31D POV Q . -33.96 22.40 20.56
H14 POV Q . -34.94 14.85 9.68
H14A POV Q . -35.57 16.31 9.69
H14B POV Q . -36.50 15.04 9.38
H24 POV Q . -44.84 19.60 9.91
H214 POV Q . -40.45 25.68 16.98
H24A POV Q . -43.54 19.60 10.80
H21D POV Q . -41.28 26.64 16.06
H34 POV Q . -41.62 18.50 15.79
H314 POV Q . -31.94 23.13 20.43
H34A POV Q . -40.10 18.61 16.18
H31E POV Q . -32.37 24.63 20.52
H15 POV Q . -34.52 13.67 7.73
H15A POV Q . -36.04 13.70 7.35
H15B POV Q . -34.98 14.24 6.29
H25 POV Q . -43.01 21.51 9.04
H215 POV Q . -43.28 26.04 17.06
H25A POV Q . -44.55 21.66 9.28
H21E POV Q . -42.58 24.87 17.85
H35 POV Q . -41.73 20.94 16.07
H315 POV Q . -32.13 23.09 22.89
H35A POV Q . -41.63 20.08 17.38
H31F POV Q . -30.88 23.81 22.28
H26 POV Q . -44.15 21.90 11.61
H216 POV Q . -41.92 27.58 18.36
H26A POV Q . -42.61 21.74 11.36
H21F POV Q . -43.08 26.86 19.15
H36 POV Q . -39.20 20.53 17.29
H316 POV Q . -31.81 25.17 23.94
H36A POV Q . -39.55 21.63 16.23
H31G POV Q . -31.92 25.92 22.56
H31H POV Q . -33.20 25.20 23.18
H27 POV Q . -42.96 23.76 9.89
H217 POV Q . -41.66 25.53 20.29
H27A POV Q . -44.21 23.98 10.80
H21G POV Q . -40.48 25.73 19.26
H37 POV Q . -40.67 22.91 17.76
H37A POV Q . -40.76 21.72 18.79
H28 POV Q . -42.68 25.21 11.90
H218 POV Q . -40.02 26.91 21.25
H28A POV Q . -42.65 23.87 12.71
H21H POV Q . -40.19 27.95 20.06
H21J POV Q . -41.37 27.73 21.09
H38 POV Q . -39.21 23.13 19.67
H38A POV Q . -38.38 21.92 19.12
H39 POV Q . -38.69 24.29 17.60
H39A POV Q . -37.67 23.14 17.29
C1 I8E R . -31.47 0.79 3.88
C10 I8E R . -38.20 -1.67 0.84
C11 I8E R . -38.31 -2.20 -0.57
C12 I8E R . -37.25 -1.68 -1.54
C13 I8E R . -36.04 -1.06 -0.82
C14 I8E R . -34.91 -0.57 -1.71
C16 I8E R . -34.09 0.63 0.26
C17 I8E R . -33.00 1.26 0.83
C18 I8E R . -35.29 0.62 -2.58
C19 I8E R . -34.31 -1.67 -2.57
C2 I8E R . -30.92 1.92 3.03
C20 I8E R . -39.06 -2.37 1.87
C3 I8E R . -31.99 2.85 2.50
C4 I8E R . -33.17 2.16 1.87
C5 I8E R . -34.46 2.42 2.33
C6 I8E R . -35.55 1.79 1.75
C7 I8E R . -35.40 0.86 0.72
C8 I8E R . -36.54 0.05 0.14
C9 I8E R . -37.39 -0.68 1.15
O15 I8E R . -33.80 -0.16 -0.83
O21 I8E R . -36.76 2.18 2.21
H1A I8E R . -30.73 0.35 4.35
H1C I8E R . -31.91 0.11 3.34
H1B I8E R . -32.11 1.12 4.55
H11B I8E R . -39.20 -1.93 -0.91
H11A I8E R . -38.28 -3.17 -0.56
H12A I8E R . -36.99 -2.42 -2.11
H12B I8E R . -37.66 -1.01 -2.12
H13 I8E R . -35.64 -1.76 -0.27
H17 I8E R . -32.09 1.06 0.49
H18C I8E R . -35.27 1.47 -2.11
H18B I8E R . -36.18 0.51 -2.99
H18A I8E R . -34.64 0.71 -3.31
H19A I8E R . -33.53 -1.38 -3.07
H19C I8E R . -34.98 -2.00 -3.21
H19B I8E R . -34.07 -2.45 -2.02
H2B I8E R . -30.40 1.55 2.29
H2A I8E R . -30.29 2.43 3.57
H20C I8E R . -39.87 -1.85 2.03
H20B I8E R . -38.56 -2.46 2.70
H20A I8E R . -39.33 -3.27 1.57
H3B I8E R . -31.59 3.46 1.85
H3A I8E R . -32.31 3.42 3.23
H5 I8E R . -34.59 3.05 3.07
H8 I8E R . -37.12 0.68 -0.34
H9 I8E R . -37.34 -0.39 2.07
H21 I8E R . -37.41 1.79 1.82
N POV S . -46.70 -16.44 21.77
P POV S . -47.77 -12.18 19.40
C1 POV S . -47.13 -9.64 19.12
C2 POV S . -46.31 -8.72 19.98
C3 POV S . -46.69 -7.29 19.75
C210 POV S . -36.32 -9.48 19.72
C310 POV S . -37.05 -0.64 15.99
C11 POV S . -46.87 -14.62 19.95
O11 POV S . -46.70 -11.01 19.34
C211 POV S . -34.86 -9.54 19.35
C311 POV S . -35.55 -0.56 15.90
C12 POV S . -47.52 -15.35 21.10
O12 POV S . -46.86 -13.20 20.24
C212 POV S . -33.94 -9.23 20.53
C312 POV S . -35.04 0.86 16.07
C13 POV S . -45.41 -15.91 22.30
O13 POV S . -48.05 -12.70 18.05
C213 POV S . -33.26 -7.87 20.43
C313 POV S . -33.87 1.21 15.18
C14 POV S . -47.51 -16.99 22.91
O14 POV S . -48.89 -11.75 20.27
C214 POV S . -34.20 -6.69 20.63
C314 POV S . -33.40 2.65 15.37
C15 POV S . -46.43 -17.55 20.79
C215 POV S . -33.62 -5.37 20.16
C315 POV S . -32.43 3.13 14.32
C216 POV S . -34.59 -4.20 20.22
C316 POV S . -31.60 4.31 14.79
C217 POV S . -34.47 -3.21 19.06
C218 POV S . -33.07 -2.70 18.81
C21 POV S . -43.96 -9.23 20.54
O21 POV S . -44.90 -8.85 19.64
C22 POV S . -44.30 -10.50 21.29
O22 POV S . -42.95 -8.62 20.74
C23 POV S . -43.87 -11.75 20.55
C24 POV S . -42.56 -12.33 21.07
C25 POV S . -41.33 -11.48 20.78
C26 POV S . -40.99 -11.37 19.30
C27 POV S . -39.50 -11.35 18.99
C28 POV S . -38.68 -10.33 19.78
C29 POV S . -37.23 -10.38 19.41
C31 POV S . -45.64 -6.70 17.69
O31 POV S . -45.60 -6.67 19.02
C32 POV S . -44.42 -6.06 17.09
O32 POV S . -46.54 -7.20 17.05
C33 POV S . -44.75 -4.80 16.30
C34 POV S . -43.73 -3.69 16.54
C35 POV S . -42.33 -3.97 16.01
C36 POV S . -41.27 -3.18 16.74
C37 POV S . -39.89 -3.22 16.11
C38 POV S . -39.01 -2.09 16.61
C39 POV S . -37.62 -2.05 16.01
H29 POV S . -36.95 -11.16 18.91
H1 POV S . -48.08 -9.58 19.33
H1A POV S . -46.99 -9.39 18.18
H2 POV S . -46.51 -8.88 20.93
H3 POV S . -47.54 -7.22 19.28
H3A POV S . -46.76 -6.82 20.62
H310 POV S . -37.35 -0.16 16.79
H31A POV S . -37.42 -0.17 15.22
H210 POV S . -36.59 -8.70 20.23
H11 POV S . -45.94 -14.90 19.83
H11A POV S . -47.32 -14.83 19.10
H211 POV S . -34.68 -10.45 19.03
H21A POV S . -34.66 -8.95 18.60
H311 POV S . -35.15 -1.13 16.59
H31B POV S . -35.25 -0.91 15.04
H12 POV S . -48.35 -15.77 20.79
H12A POV S . -47.74 -14.70 21.80
H22 POV S . -43.80 -10.44 22.13
H212 POV S . -34.44 -9.27 21.36
H22A POV S . -45.24 -10.59 21.54
H21B POV S . -33.25 -9.92 20.58
H32 POV S . -43.81 -5.83 17.83
H312 POV S . -35.77 1.48 15.90
H32A POV S . -43.98 -6.71 16.51
H31C POV S . -34.77 0.99 17.01
H13 POV S . -45.12 -16.50 23.04
H13A POV S . -44.74 -15.92 21.59
H13B POV S . -45.52 -14.99 22.63
H23 POV S . -44.56 -12.43 20.65
H213 POV S . -32.55 -7.81 21.11
H23A POV S . -43.79 -11.56 19.59
H21C POV S . -32.83 -7.79 19.56
H33 POV S . -44.77 -5.01 15.34
H313 POV S . -33.12 0.61 15.37
H33A POV S . -45.63 -4.48 16.54
H31D POV S . -34.12 1.08 14.25
H14 POV S . -47.05 -17.78 23.26
H14A POV S . -47.56 -16.30 23.60
H14B POV S . -48.40 -17.23 22.59
H24 POV S . -42.63 -12.47 22.04
H214 POV S . -35.04 -6.86 20.15
H24A POV S . -42.43 -13.22 20.68
H21D POV S . -34.42 -6.61 21.58
H34 POV S . -44.05 -2.87 16.12
H314 POV S . -34.19 3.23 15.37
H34A POV S . -43.68 -3.51 17.50
H31E POV S . -32.99 2.75 16.26
H15 POV S . -46.00 -18.30 21.26
H15A POV S . -47.28 -17.86 20.44
H15B POV S . -45.87 -17.22 20.07
H25 POV S . -41.46 -10.58 21.15
H215 POV S . -32.83 -5.15 20.70
H25A POV S . -40.57 -11.86 21.26
H21E POV S . -33.29 -5.47 19.24
H35 POV S . -42.13 -4.93 16.08
H315 POV S . -31.84 2.41 14.03
H35A POV S . -42.30 -3.76 15.06
H31F POV S . -32.92 3.41 13.53
H26 POV S . -41.41 -12.12 18.83
H216 POV S . -35.51 -4.55 20.25
H26A POV S . -41.40 -10.56 18.95
H21F POV S . -34.45 -3.72 21.06
H36 POV S . -41.56 -2.25 16.83
H316 POV S . -30.96 4.57 14.11
H36A POV S . -41.20 -3.53 17.66
H31G POV S . -32.17 5.08 15.00
H31H POV S . -31.11 4.08 15.61
H27 POV S . -39.13 -12.25 19.13
H217 POV S . -34.81 -3.64 18.24
H27A POV S . -39.39 -11.16 18.03
H21G POV S . -35.06 -2.45 19.23
H37 POV S . -39.46 -4.07 16.31
H37A POV S . -39.98 -3.16 15.14
H28 POV S . -39.05 -9.43 19.65
H218 POV S . -33.08 -1.99 18.14
H28A POV S . -38.74 -10.52 20.73
H21H POV S . -32.66 -2.38 19.63
H21J POV S . -32.50 -3.42 18.46
H38 POV S . -39.45 -1.24 16.42
H38A POV S . -38.93 -2.15 17.58
H39 POV S . -37.65 -2.40 15.10
H39A POV S . -37.02 -2.62 16.53
N POV T . -23.42 -42.93 23.05
P POV T . -22.85 -39.59 26.71
C1 POV T . -21.13 -38.05 27.97
C2 POV T . -19.63 -38.03 28.03
C3 POV T . -19.12 -37.37 29.28
C210 POV T . -14.63 -34.27 20.19
C310 POV T . -11.97 -27.73 26.73
C11 POV T . -23.49 -40.73 24.40
O11 POV T . -21.56 -38.65 26.74
C211 POV T . -14.07 -33.43 19.10
C311 POV T . -11.13 -27.02 25.69
C12 POV T . -23.63 -42.24 24.39
O12 POV T . -22.47 -40.37 25.37
C212 POV T . -12.68 -33.88 18.65
C312 POV T . -9.92 -26.36 26.30
C13 POV T . -22.05 -42.64 22.50
O13 POV T . -24.07 -38.78 26.53
C213 POV T . -11.55 -32.96 19.09
C313 POV T . -9.56 -25.01 25.69
C14 POV T . -23.53 -44.41 23.27
O14 POV T . -22.75 -40.54 27.84
C214 POV T . -11.27 -32.99 20.58
C314 POV T . -8.34 -24.38 26.33
C15 POV T . -24.46 -42.52 22.07
C215 POV T . -10.44 -31.80 21.06
C315 POV T . -8.11 -22.94 25.94
C216 POV T . -10.25 -31.74 22.56
C316 POV T . -6.68 -22.51 26.15
C217 POV T . -10.28 -30.32 23.14
C218 POV T . -9.33 -29.35 22.45
C21 POV T . -18.31 -37.79 25.97
O21 POV T . -19.10 -37.25 26.90
C22 POV T . -18.82 -39.07 25.35
O22 POV T . -17.25 -37.29 25.63
C23 POV T . -19.74 -38.84 24.17
C24 POV T . -19.06 -39.02 22.82
C25 POV T . -18.03 -37.94 22.49
C26 POV T . -18.62 -36.55 22.30
C27 POV T . -17.95 -35.72 21.22
C28 POV T . -16.44 -35.62 21.32
C29 POV T . -15.85 -34.78 20.23
C31 POV T . -19.40 -35.03 28.88
O31 POV T . -18.58 -36.08 28.89
C32 POV T . -18.68 -33.79 28.43
O32 POV T . -20.56 -35.07 29.19
C33 POV T . -18.58 -32.72 29.52
C34 POV T . -17.22 -32.05 29.54
C35 POV T . -16.90 -31.20 28.32
C36 POV T . -15.41 -31.07 28.09
C37 POV T . -15.02 -30.03 27.04
C38 POV T . -13.57 -29.62 27.17
C39 POV T . -13.10 -28.57 26.18
H29 POV T . -16.45 -34.58 19.48
H1 POV T . -21.50 -38.56 28.72
H1A POV T . -21.46 -37.12 28.03
H2 POV T . -19.27 -38.95 28.07
H3 POV T . -19.85 -37.29 29.93
H3A POV T . -18.39 -37.90 29.66
H310 POV T . -11.40 -28.28 27.29
H31A POV T . -12.34 -27.04 27.32
H210 POV T . -14.03 -34.46 20.94
H11 POV T . -23.20 -40.40 23.53
H11A POV T . -24.34 -40.30 24.59
H211 POV T . -14.68 -33.47 18.33
H21A POV T . -14.04 -32.48 19.34
H311 POV T . -10.85 -27.67 25.01
H31B POV T . -11.68 -26.36 25.23
H12 POV T . -24.53 -42.49 24.68
H12A POV T . -22.99 -42.63 25.01
H22 POV T . -18.02 -39.54 25.03
H212 POV T . -12.50 -34.79 19.00
H22A POV T . -19.26 -39.68 25.98
H21B POV T . -12.66 -33.96 17.68
H32 POV T . -17.78 -34.05 28.15
H312 POV T . -10.06 -26.24 27.26
H32A POV T . -19.16 -33.43 27.66
H31C POV T . -9.15 -26.97 26.21
H13 POV T . -21.80 -43.38 21.90
H13A POV T . -22.09 -41.80 21.99
H13B POV T . -21.41 -42.55 23.22
H23 POV T . -20.49 -39.47 24.22
H213 POV T . -10.73 -33.21 18.61
H23A POV T . -20.14 -37.94 24.23
H21C POV T . -11.77 -32.05 18.82
H33 POV T . -19.27 -32.06 29.38
H313 POV T . -9.38 -25.13 24.73
H33A POV T . -18.75 -33.14 30.39
H31D POV T . -10.31 -24.41 25.76
H14 POV T . -23.54 -44.86 22.41
H14A POV T . -22.75 -44.71 23.80
H14B POV T . -24.35 -44.59 23.77
H24 POV T . -18.64 -39.89 22.79
H214 POV T . -12.12 -33.00 21.07
H24A POV T . -19.75 -39.02 22.12
H21D POV T . -10.80 -33.81 20.81
H34 POV T . -17.16 -31.48 30.33
H314 POV T . -8.45 -24.43 27.30
H34A POV T . -16.53 -32.73 29.64
H31E POV T . -7.54 -24.90 26.11
H15 POV T . -24.37 -43.03 21.24
H15A POV T . -25.34 -42.70 22.46
H15B POV T . -24.38 -41.55 21.89
H25 POV T . -17.36 -37.91 23.20
H215 POV T . -9.55 -31.85 20.64
H25A POV T . -17.56 -38.21 21.68
H21E POV T . -10.85 -30.98 20.74
H35 POV T . -17.31 -31.59 27.52
H315 POV T . -8.36 -22.79 25.01
H35A POV T . -17.30 -30.32 28.44
H31F POV T . -8.69 -22.37 26.48
H26 POV T . -19.58 -36.64 22.09
H216 POV T . -10.96 -32.27 22.99
H26A POV T . -18.57 -36.07 23.14
H21F POV T . -9.41 -32.16 22.80
H36 POV T . -14.98 -30.84 28.94
H316 POV T . -6.55 -21.59 25.86
H36A POV T . -15.06 -31.93 27.82
H31G POV T . -6.43 -22.57 27.10
H31H POV T . -6.06 -23.08 25.65
H27 POV T . -18.20 -36.08 20.34
H217 POV T . -11.19 -29.96 23.09
H27A POV T . -18.33 -34.82 21.24
H21G POV T . -10.05 -30.35 24.10
H37 POV T . -15.18 -30.39 26.15
H37A POV T . -15.60 -29.24 27.14
H28 POV T . -16.19 -35.28 22.21
H218 POV T . -9.29 -28.51 22.94
H28A POV T . -16.03 -36.51 21.24
H21H POV T . -8.43 -29.72 22.40
H21J POV T . -9.64 -29.15 21.55
H38 POV T . -13.41 -29.28 28.08
H38A POV T . -13.00 -30.41 27.08
H39 POV T . -13.86 -28.00 25.95
H39A POV T . -12.81 -29.01 25.36
N POV U . -42.73 -21.62 23.10
P POV U . -42.38 -18.03 21.20
C1 POV U . -40.94 -17.90 18.95
C2 POV U . -39.54 -17.38 18.85
C3 POV U . -38.93 -17.17 20.21
C210 POV U . -29.39 -11.71 15.08
C310 POV U . -30.08 -12.40 22.16
C11 POV U . -41.48 -20.55 21.09
O11 POV U . -41.60 -17.23 20.05
C211 POV U . -28.70 -13.00 15.38
C311 POV U . -28.97 -11.55 21.57
C12 POV U . -41.50 -21.58 22.20
O12 POV U . -41.33 -19.19 21.56
C212 POV U . -27.59 -13.32 14.38
C312 POV U . -27.61 -11.88 22.16
C13 POV U . -43.99 -21.57 22.30
O13 POV U . -42.53 -17.14 22.37
C213 POV U . -28.05 -13.35 12.94
C313 POV U . -26.54 -10.83 21.90
C14 POV U . -42.72 -20.48 24.07
O14 POV U . -43.58 -18.64 20.59
C214 POV U . -27.11 -14.08 12.01
C314 POV U . -25.17 -11.25 22.40
C15 POV U . -42.69 -22.91 23.87
C215 POV U . -25.85 -13.29 11.67
C315 POV U . -24.10 -11.25 21.32
C216 POV U . -24.78 -14.11 10.96
C316 POV U . -23.57 -9.88 21.00
C217 POV U . -25.25 -14.84 9.70
C218 POV U . -25.81 -13.93 8.64
C21 POV U . -38.51 -15.48 17.61
O21 POV U . -39.60 -16.10 18.13
C22 POV U . -37.32 -16.39 17.43
O22 POV U . -38.49 -14.32 17.30
C23 POV U . -36.21 -15.80 16.56
C24 POV U . -35.46 -14.65 17.21
C25 POV U . -34.23 -14.25 16.42
C26 POV U . -33.90 -12.78 16.52
C27 POV U . -32.71 -12.38 15.68
C28 POV U . -31.48 -11.99 16.48
C29 POV U . -30.51 -11.26 15.60
C31 POV U . -38.36 -15.34 21.61
O31 POV U . -39.05 -15.77 20.55
C32 POV U . -38.59 -13.87 21.81
O32 POV U . -37.67 -16.03 22.29
C33 POV U . -37.31 -13.08 22.11
C34 POV U . -36.84 -13.26 23.55
C35 POV U . -35.73 -12.31 23.97
C36 POV U . -34.33 -12.83 23.72
C37 POV U . -33.76 -12.48 22.36
C38 POV U . -32.47 -13.23 22.04
C39 POV U . -31.38 -12.40 21.38
H29 POV U . -30.76 -10.34 15.39
H1 POV U . -41.43 -17.71 18.12
H1A POV U . -40.91 -18.86 19.08
H2 POV U . -39.05 -18.10 18.40
H3 POV U . -39.36 -17.73 20.87
H3A POV U . -37.97 -17.38 20.18
H310 POV U . -29.76 -13.32 22.26
H31A POV U . -30.27 -12.08 23.07
H210 POV U . -28.95 -11.15 14.40
H11 POV U . -40.69 -20.73 20.55
H11A POV U . -42.23 -20.67 20.46
H211 POV U . -28.31 -12.91 16.27
H21A POV U . -29.32 -13.74 15.45
H311 POV U . -28.95 -11.68 20.60
H31B POV U . -29.18 -10.61 21.72
H12 POV U . -40.74 -21.42 22.80
H12A POV U . -41.41 -22.47 21.81
H22 POV U . -36.94 -16.59 18.31
H212 POV U . -26.88 -12.66 14.47
H22A POV U . -37.58 -17.20 16.98
H21B POV U . -27.20 -14.18 14.61
H32 POV U . -39.00 -13.52 21.01
H312 POV U . -27.71 -12.01 23.13
H32A POV U . -39.21 -13.77 22.56
H31C POV U . -27.31 -12.73 21.80
H13 POV U . -44.71 -21.93 22.85
H13A POV U . -44.18 -20.64 22.06
H13B POV U . -43.90 -22.11 21.49
H23 POV U . -35.58 -16.50 16.33
H213 POV U . -28.94 -13.73 12.87
H23A POV U . -36.59 -15.49 15.71
H21C POV U . -28.13 -12.42 12.62
H33 POV U . -36.61 -13.39 21.51
H313 POV U . -26.50 -10.64 20.94
H33A POV U . -37.46 -12.14 21.93
H31D POV U . -26.81 -10.00 22.35
H14 POV U . -43.52 -20.53 24.62
H14A POV U . -41.92 -20.55 24.63
H14B POV U . -42.71 -19.63 23.57
H24 POV U . -36.04 -13.88 17.30
H214 POV U . -26.84 -14.93 12.42
H24A POV U . -35.19 -14.91 18.11
H21D POV U . -27.58 -14.30 11.19
H34 POV U . -37.62 -13.12 24.14
H314 POV U . -24.89 -10.66 23.12
H34A POV U . -36.56 -14.19 23.68
H31E POV U . -25.22 -12.14 22.80
H15 POV U . -43.38 -22.91 24.57
H15A POV U . -42.89 -23.64 23.25
H15B POV U . -41.79 -23.01 24.25
H25 POV U . -33.46 -14.78 16.74
H215 POV U . -26.10 -12.53 11.10
H25A POV U . -34.36 -14.49 15.48
H21E POV U . -25.48 -12.92 12.49
H35 POV U . -35.86 -11.46 23.51
H315 POV U . -23.36 -11.82 21.60
H35A POV U . -35.85 -12.13 24.93
H31F POV U . -24.45 -11.65 20.50
H26 POV U . -34.68 -12.27 16.23
H216 POV U . -24.06 -13.51 10.72
H26A POV U . -33.75 -12.55 17.45
H21F POV U . -24.42 -14.75 11.59
H36 POV U . -33.74 -12.45 24.41
H316 POV U . -22.89 -9.93 20.31
H36A POV U . -34.31 -13.80 23.84
H31G POV U . -24.29 -9.29 20.69
H31H POV U . -23.17 -9.47 21.80
H27 POV U . -32.48 -13.12 15.08
H217 POV U . -24.49 -15.34 9.33
H27A POV U . -32.96 -11.63 15.10
H21G POV U . -25.93 -15.50 9.94
H37 POV U . -34.42 -12.69 21.67
H37A POV U . -33.62 -11.51 22.33
H28 POV U . -31.73 -11.45 17.25
H218 POV U . -26.07 -14.43 7.84
H28A POV U . -31.04 -12.79 16.84
H21H POV U . -26.60 -13.45 8.95
H21J POV U . -25.14 -13.26 8.37
H38 POV U . -32.12 -13.60 22.88
H38A POV U . -32.68 -13.99 21.48
H39 POV U . -31.66 -11.47 21.24
H39A POV U . -31.20 -12.77 20.48
N POV V . -6.16 -13.47 36.45
P POV V . -9.04 -15.53 38.53
C1 POV V . -7.31 -17.24 39.65
C2 POV V . -6.11 -16.52 40.23
C3 POV V . -4.89 -17.39 40.32
C210 POV V . -1.40 -15.56 45.49
C310 POV V . 4.47 -19.35 43.87
C11 POV V . -8.03 -13.08 38.25
O11 POV V . -7.81 -16.54 38.48
C211 POV V . -0.87 -16.94 45.33
C311 POV V . 4.89 -19.87 42.49
C12 POV V . -6.57 -12.96 37.86
O12 POV V . -8.22 -14.26 39.06
C212 POV V . 0.41 -17.17 46.12
C312 POV V . 6.35 -19.64 42.18
C13 POV V . -5.10 -12.53 35.95
O13 POV V . -9.57 -15.28 37.18
C213 POV V . 0.26 -18.18 47.25
C313 POV V . 6.81 -20.31 40.89
C14 POV V . -5.53 -14.83 36.59
O14 POV V . -9.97 -15.97 39.60
C214 POV V . 1.56 -18.54 47.93
C314 POV V . 7.91 -19.57 40.13
C15 POV V . -7.24 -13.56 35.43
C215 POV V . 1.50 -19.79 48.78
C315 POV V . 9.11 -20.43 39.78
C216 POV V . 2.86 -20.27 49.26
C316 POV V . 10.07 -20.60 40.93
C217 POV V . 3.71 -20.94 48.18
C218 POV V . 5.18 -20.97 48.53
C21 POV V . -7.21 -15.48 42.16
O21 POV V . -6.22 -16.23 41.66
C22 POV V . -6.97 -15.24 43.61
O22 POV V . -8.15 -15.10 41.51
C23 POV V . -7.94 -15.96 44.53
C24 POV V . -7.23 -16.69 45.67
C25 POV V . -6.39 -15.80 46.58
C26 POV V . -5.03 -16.41 46.90
C27 POV V . -4.18 -15.57 47.84
C28 POV V . -2.68 -15.80 47.67
C29 POV V . -2.16 -15.08 46.46
C31 POV V . -2.81 -16.97 41.61
O31 POV V . -3.90 -16.53 40.94
C32 POV V . -2.57 -18.47 41.62
O32 POV V . -2.07 -16.23 42.21
C33 POV V . -3.04 -19.16 42.90
C34 POV V . -2.56 -20.59 43.01
C35 POV V . -1.51 -20.84 44.09
C36 POV V . -0.09 -20.37 43.74
C37 POV V . 0.98 -20.96 44.64
C38 POV V . 2.41 -20.84 44.11
C39 POV V . 2.97 -19.42 44.14
H29 POV V . -2.42 -14.14 46.42
H1 POV V . -7.05 -18.15 39.36
H1A POV V . -8.02 -17.32 40.32
H2 POV V . -5.89 -15.71 39.71
H3 POV V . -5.13 -18.16 40.87
H3A POV V . -4.57 -17.66 39.45
H310 POV V . 4.95 -19.86 44.55
H31A POV V . 4.77 -18.42 43.96
H210 POV V . -1.15 -14.93 44.78
H11 POV V . -8.22 -12.33 38.85
H11A POV V . -8.70 -12.97 37.55
H211 POV V . -1.57 -17.57 45.62
H21A POV V . -0.71 -17.15 44.39
H311 POV V . 4.69 -20.83 42.43
H31B POV V . 4.34 -19.42 41.81
H12 POV V . -6.04 -13.46 38.49
H12A POV V . -6.30 -12.03 37.90
H22 POV V . -6.08 -15.58 43.79
H212 POV V . 1.11 -17.48 45.52
H22A POV V . -6.97 -14.28 43.79
H21B POV V . 0.72 -16.32 46.50
H32 POV V . -2.88 -18.96 40.84
H312 POV V . 6.53 -18.68 42.14
H32A POV V . -1.60 -18.56 41.62
H31C POV V . 6.89 -19.99 42.92
H13 POV V . -4.75 -12.89 35.11
H13A POV V . -5.52 -11.66 35.79
H13B POV V . -4.39 -12.43 36.61
H23 POV V . -8.58 -15.31 44.90
H213 POV V . -0.36 -17.83 47.92
H23A POV V . -8.47 -16.59 44.02
H21C POV V . -0.16 -19.00 46.89
H33 POV V . -2.72 -18.65 43.68
H313 POV V . 7.12 -21.21 41.09
H33A POV V . -4.03 -19.13 42.95
H31D POV V . 6.04 -20.41 40.30
H14 POV V . -5.26 -15.14 35.71
H14A POV V . -4.74 -14.78 37.18
H14B POV V . -6.19 -15.44 36.99
H24 POV V . -7.89 -17.15 46.22
H214 POV V . 2.26 -18.62 47.25
H24A POV V . -6.66 -17.38 45.29
H21D POV V . 1.83 -17.79 48.50
H34 POV V . -3.32 -21.18 43.18
H314 POV V . 7.53 -19.21 39.31
H34A POV V . -2.19 -20.86 42.15
H31E POV V . 8.22 -18.81 40.65
H15 POV V . -6.87 -13.91 34.59
H15A POV V . -7.93 -14.18 35.73
H15B POV V . -7.63 -12.66 35.31
H25 POV V . -6.25 -14.91 46.19
H215 POV V . 0.92 -19.63 49.55
H25A POV V . -6.87 -15.65 47.41
H21E POV V . 1.08 -20.51 48.26
H35 POV V . -1.79 -20.40 44.93
H315 POV V . 8.82 -21.30 39.46
H35A POV V . -1.49 -21.79 44.29
H31F POV V . 9.59 -20.01 39.03
H26 POV V . -5.17 -17.29 47.30
H216 POV V . 3.35 -19.51 49.64
H26A POV V . -4.54 -16.56 46.06
H21F POV V . 2.73 -20.90 50.00
H36 POV V . 0.10 -20.60 42.81
H316 POV V . 10.84 -21.15 40.66
H36A POV V . -0.06 -19.39 43.80
H31G POV V . 10.40 -19.74 41.24
H31H POV V . 9.63 -21.04 41.69
H27 POV V . -4.38 -14.62 47.69
H217 POV V . 3.40 -21.86 48.06
H27A POV V . -4.43 -15.76 48.77
H21G POV V . 3.59 -20.48 47.33
H37 POV V . 0.95 -20.53 45.52
H37A POV V . 0.79 -21.91 44.78
H28 POV V . -2.21 -15.54 48.49
H218 POV V . 5.69 -21.41 47.83
H28A POV V . -2.51 -16.76 47.56
H21H POV V . 5.53 -20.06 48.64
H21J POV V . 5.33 -21.46 49.36
H38 POV V . 3.00 -21.42 44.62
H38A POV V . 2.43 -21.17 43.19
H39 POV V . 2.79 -19.03 45.02
H39A POV V . 2.50 -18.87 43.48
C1 I8E W . -14.98 -15.07 23.52
C10 I8E W . -21.99 -16.28 26.72
C11 I8E W . -23.17 -15.39 26.43
C12 I8E W . -22.82 -13.96 26.00
C13 I8E W . -21.37 -13.82 25.55
C14 I8E W . -20.96 -12.44 25.04
C16 I8E W . -18.64 -13.22 25.29
C17 I8E W . -17.33 -12.99 24.93
C18 I8E W . -20.97 -11.37 26.13
C19 I8E W . -21.77 -11.98 23.85
C2 I8E W . -14.50 -13.69 23.88
C20 I8E W . -22.29 -17.74 26.87
C3 I8E W . -14.86 -13.28 25.30
C4 I8E W . -16.29 -13.51 25.69
C5 I8E W . -16.60 -14.29 26.80
C6 I8E W . -17.92 -14.51 27.16
C7 I8E W . -18.97 -14.00 26.40
C8 I8E W . -20.44 -14.32 26.68
C9 I8E W . -20.76 -15.78 26.82
O15 I8E W . -19.58 -12.55 24.54
O21 I8E W . -18.11 -15.18 28.33
H1A I8E W . -14.55 -15.36 22.70
H1C I8E W . -15.96 -15.10 23.37
H1B I8E W . -14.77 -15.73 24.23
H11B I8E W . -23.70 -15.34 27.24
H11A I8E W . -23.73 -15.80 25.74
H12A I8E W . -23.45 -13.72 25.29
H12B I8E W . -23.00 -13.36 26.75
H13 I8E W . -21.23 -14.41 24.78
H17 I8E W . -17.14 -12.45 24.13
H18C I8E W . -20.19 -11.38 26.71
H18B I8E W . -21.77 -11.44 26.69
H18A I8E W . -20.97 -10.48 25.72
H19A I8E W . -21.45 -11.14 23.48
H19C I8E W . -22.71 -11.86 24.10
H19B I8E W . -21.77 -12.67 23.14
H2B I8E W . -14.86 -13.04 23.25
H2A I8E W . -13.52 -13.66 23.79
H20C I8E W . -22.34 -17.97 27.82
H20B I8E W . -21.58 -18.27 26.46
H20A I8E W . -23.14 -17.99 26.46
H3B I8E W . -14.65 -12.33 25.43
H3A I8E W . -14.28 -13.75 25.94
H5 I8E W . -15.87 -14.66 27.33
H8 I8E W . -20.67 -13.89 27.52
H9 I8E W . -20.03 -16.40 26.98
H21 I8E W . -18.93 -15.28 28.51
#